data_2HST
#
_entry.id   2HST
#
_entity_poly.entity_id   1
_entity_poly.type   'polypeptide(L)'
_entity_poly.pdbx_seq_one_letter_code
;LSDDSKFGFIVIDGSGALFGTLQGNTREVLHKFTVDLPKKHGRGGQSALRFARLRMEKRHNYVRKVAETAVQLFISGDKV
NVAGLVLAGSADFKTELSQSDMFDQRLQSKVLKLVDISYGGENGFNQAIELSTEVLEHHHHHH
;
_entity_poly.pdbx_strand_id   A
#
# COMPACT_ATOMS: atom_id res chain seq x y z
N LEU A 1 9.06 16.36 -14.89
CA LEU A 1 9.69 17.31 -15.84
C LEU A 1 9.60 16.76 -17.27
N SER A 2 10.64 16.03 -17.68
CA SER A 2 10.65 15.45 -19.03
C SER A 2 11.15 14.00 -18.99
N ASP A 3 10.68 13.20 -19.91
CA ASP A 3 11.10 11.80 -19.96
C ASP A 3 10.76 11.09 -18.66
N ASP A 4 9.60 11.42 -18.09
CA ASP A 4 9.17 10.84 -16.84
C ASP A 4 8.63 9.43 -17.04
N SER A 5 8.76 8.62 -16.00
CA SER A 5 8.30 7.23 -16.04
C SER A 5 7.48 6.96 -14.77
N LYS A 6 6.55 6.03 -14.85
CA LYS A 6 5.61 5.79 -13.76
C LYS A 6 6.26 5.15 -12.52
N PHE A 7 5.87 5.71 -11.36
CA PHE A 7 6.35 5.25 -10.06
C PHE A 7 5.17 4.93 -9.14
N GLY A 8 5.21 3.76 -8.50
CA GLY A 8 4.14 3.36 -7.62
C GLY A 8 4.09 4.15 -6.34
N PHE A 9 2.91 4.14 -5.74
CA PHE A 9 2.74 4.79 -4.48
C PHE A 9 1.86 3.85 -3.69
N ILE A 10 2.26 3.43 -2.48
CA ILE A 10 1.39 2.51 -1.77
C ILE A 10 0.84 3.00 -0.45
N VAL A 11 -0.48 3.21 -0.46
CA VAL A 11 -1.16 3.67 0.75
C VAL A 11 -1.76 2.43 1.38
N ILE A 12 -1.27 2.10 2.58
CA ILE A 12 -1.72 0.88 3.25
C ILE A 12 -2.38 1.18 4.61
N ASP A 13 -3.59 0.65 4.81
CA ASP A 13 -4.28 0.83 6.09
C ASP A 13 -4.99 -0.49 6.46
N GLY A 14 -5.20 -0.71 7.74
CA GLY A 14 -5.78 -1.96 8.25
C GLY A 14 -7.21 -2.30 7.82
N SER A 15 -8.05 -1.30 7.67
CA SER A 15 -9.43 -1.46 7.31
C SER A 15 -9.62 -0.69 6.06
N GLY A 16 -8.90 -1.15 5.10
CA GLY A 16 -8.96 -0.64 3.74
C GLY A 16 -7.61 -0.11 3.30
N ALA A 17 -7.41 -0.06 1.99
CA ALA A 17 -6.14 0.44 1.46
C ALA A 17 -6.33 1.06 0.09
N LEU A 18 -5.52 2.07 -0.24
CA LEU A 18 -5.58 2.73 -1.56
C LEU A 18 -4.25 2.56 -2.28
N PHE A 19 -4.22 2.04 -3.52
CA PHE A 19 -2.92 1.93 -4.18
C PHE A 19 -2.83 2.86 -5.39
N GLY A 20 -1.94 3.86 -5.26
CA GLY A 20 -1.81 4.89 -6.28
C GLY A 20 -0.47 4.86 -6.98
N THR A 21 -0.29 5.81 -7.88
CA THR A 21 0.92 5.91 -8.66
C THR A 21 1.35 7.36 -8.89
N LEU A 22 2.64 7.56 -9.14
CA LEU A 22 3.18 8.88 -9.43
C LEU A 22 3.89 8.85 -10.79
N GLN A 23 3.46 9.69 -11.72
CA GLN A 23 4.11 9.77 -13.03
C GLN A 23 4.45 11.23 -13.32
N GLY A 24 5.73 11.52 -13.51
CA GLY A 24 6.12 12.89 -13.79
C GLY A 24 5.62 13.78 -12.66
N ASN A 25 5.03 14.91 -13.02
CA ASN A 25 4.49 15.80 -12.02
C ASN A 25 2.99 15.56 -11.85
N THR A 26 2.48 14.51 -12.50
CA THR A 26 1.06 14.20 -12.43
C THR A 26 0.81 12.94 -11.61
N ARG A 27 -0.44 12.80 -11.18
CA ARG A 27 -0.84 11.70 -10.29
C ARG A 27 -1.97 10.85 -10.84
N GLU A 28 -1.90 9.55 -10.54
CA GLU A 28 -2.89 8.59 -11.02
C GLU A 28 -3.33 7.62 -9.93
N VAL A 29 -4.52 7.08 -10.14
CA VAL A 29 -5.11 6.09 -9.23
C VAL A 29 -5.21 4.74 -9.95
N LEU A 30 -4.73 3.67 -9.31
CA LEU A 30 -4.81 2.34 -9.91
C LEU A 30 -5.98 1.52 -9.35
N HIS A 31 -6.12 1.55 -8.03
CA HIS A 31 -7.22 0.83 -7.36
C HIS A 31 -7.51 1.50 -6.03
N LYS A 32 -8.70 1.30 -5.46
CA LYS A 32 -9.01 1.84 -4.15
C LYS A 32 -9.81 0.71 -3.47
N PHE A 33 -9.71 0.53 -2.16
CA PHE A 33 -10.52 -0.53 -1.57
C PHE A 33 -10.80 -0.46 -0.08
N THR A 34 -11.79 -1.29 0.26
CA THR A 34 -12.13 -1.54 1.65
C THR A 34 -12.13 -3.05 1.87
N VAL A 35 -11.41 -3.53 2.89
CA VAL A 35 -11.35 -4.98 3.13
C VAL A 35 -11.78 -5.37 4.54
N ASP A 36 -12.67 -6.35 4.64
CA ASP A 36 -13.16 -6.78 5.94
C ASP A 36 -12.20 -7.78 6.61
N LEU A 37 -11.74 -7.34 7.78
CA LEU A 37 -10.80 -8.07 8.64
C LEU A 37 -11.53 -9.30 9.32
N PRO A 38 -11.06 -9.92 10.43
CA PRO A 38 -11.60 -11.21 11.01
C PRO A 38 -12.99 -11.68 10.61
N LYS A 39 -13.18 -12.97 10.78
CA LYS A 39 -14.42 -13.65 10.42
C LYS A 39 -15.67 -13.19 11.19
N LYS A 40 -15.55 -13.03 12.52
CA LYS A 40 -16.70 -12.63 13.32
C LYS A 40 -16.98 -11.16 13.15
N HIS A 41 -18.25 -10.84 12.98
CA HIS A 41 -18.66 -9.46 12.80
C HIS A 41 -19.73 -9.07 13.81
N GLY A 42 -19.44 -9.31 15.09
CA GLY A 42 -20.37 -8.99 16.17
C GLY A 42 -21.41 -10.10 16.38
N ARG A 43 -21.15 -11.27 15.79
CA ARG A 43 -22.05 -12.41 15.94
C ARG A 43 -21.30 -13.59 16.55
N GLY A 44 -20.85 -13.45 17.80
CA GLY A 44 -20.10 -14.54 18.43
C GLY A 44 -19.70 -14.24 19.86
N GLY A 45 -18.88 -15.14 20.39
CA GLY A 45 -18.35 -15.05 21.76
C GLY A 45 -17.48 -13.81 21.93
N GLN A 46 -16.76 -13.47 20.87
CA GLN A 46 -15.86 -12.32 20.92
C GLN A 46 -16.67 -11.04 20.78
N SER A 47 -16.39 -10.04 21.63
CA SER A 47 -17.15 -8.79 21.57
C SER A 47 -16.95 -8.10 20.24
N ALA A 48 -18.01 -7.54 19.70
CA ALA A 48 -17.94 -6.90 18.39
C ALA A 48 -16.96 -5.73 18.33
N LEU A 49 -17.01 -4.78 19.27
CA LEU A 49 -16.06 -3.66 19.23
C LEU A 49 -14.62 -4.11 19.42
N ARG A 50 -14.45 -5.03 20.37
CA ARG A 50 -13.15 -5.59 20.71
C ARG A 50 -12.59 -6.48 19.63
N PHE A 51 -13.45 -6.98 18.76
CA PHE A 51 -13.00 -7.90 17.74
C PHE A 51 -11.97 -7.27 16.83
N ALA A 52 -12.23 -6.06 16.36
CA ALA A 52 -11.30 -5.46 15.44
C ALA A 52 -9.92 -5.28 16.10
N ARG A 53 -9.93 -4.94 17.39
CA ARG A 53 -8.68 -4.75 18.18
C ARG A 53 -7.90 -6.08 18.27
N LEU A 54 -8.67 -7.14 18.38
CA LEU A 54 -8.20 -8.54 18.50
C LEU A 54 -7.45 -8.97 17.24
N ARG A 55 -7.89 -8.42 16.11
CA ARG A 55 -7.34 -8.81 14.82
C ARG A 55 -5.85 -8.53 14.72
N MET A 56 -5.40 -7.40 15.24
CA MET A 56 -4.04 -6.92 14.92
C MET A 56 -3.03 -8.06 14.66
N GLU A 57 -3.18 -9.25 15.21
CA GLU A 57 -2.26 -10.34 14.83
C GLU A 57 -2.49 -10.68 13.33
N LYS A 58 -3.78 -10.67 12.96
CA LYS A 58 -4.32 -10.92 11.60
C LYS A 58 -3.92 -9.83 10.61
N ARG A 59 -3.45 -8.69 11.12
CA ARG A 59 -3.09 -7.58 10.26
C ARG A 59 -1.96 -8.08 9.33
N HIS A 60 -1.08 -8.90 9.86
CA HIS A 60 0.02 -9.44 9.09
C HIS A 60 -0.50 -10.21 7.86
N ASN A 61 -1.51 -11.07 8.04
CA ASN A 61 -2.04 -11.81 6.87
C ASN A 61 -2.64 -10.81 5.89
N TYR A 62 -3.30 -9.87 6.48
CA TYR A 62 -3.94 -8.80 5.69
C TYR A 62 -2.85 -8.05 4.89
N VAL A 63 -1.73 -7.68 5.55
CA VAL A 63 -0.63 -6.96 4.89
C VAL A 63 -0.04 -7.80 3.76
N ARG A 64 0.18 -9.09 3.99
CA ARG A 64 0.73 -9.94 2.95
C ARG A 64 -0.25 -9.92 1.77
N LYS A 65 -1.52 -10.03 2.11
CA LYS A 65 -2.58 -10.04 1.09
C LYS A 65 -2.50 -8.73 0.31
N VAL A 66 -2.30 -7.63 1.04
CA VAL A 66 -2.12 -6.33 0.41
C VAL A 66 -0.86 -6.37 -0.44
N ALA A 67 0.19 -6.97 0.11
CA ALA A 67 1.45 -7.11 -0.62
C ALA A 67 1.23 -7.99 -1.84
N GLU A 68 0.38 -9.00 -1.67
CA GLU A 68 0.05 -9.91 -2.76
C GLU A 68 -0.68 -9.10 -3.82
N THR A 69 -1.52 -8.18 -3.36
CA THR A 69 -2.28 -7.31 -4.26
C THR A 69 -1.31 -6.41 -5.04
N ALA A 70 -0.26 -5.91 -4.37
CA ALA A 70 0.66 -4.98 -5.04
C ALA A 70 1.33 -5.65 -6.25
N VAL A 71 1.73 -6.91 -6.10
CA VAL A 71 2.41 -7.62 -7.19
C VAL A 71 1.50 -7.74 -8.41
N GLN A 72 0.24 -8.08 -8.19
CA GLN A 72 -0.68 -8.18 -9.31
C GLN A 72 -0.83 -6.79 -9.91
N LEU A 73 -0.92 -5.80 -9.03
CA LEU A 73 -1.01 -4.41 -9.42
C LEU A 73 0.24 -3.92 -10.16
N PHE A 74 1.41 -4.31 -9.67
CA PHE A 74 2.68 -3.81 -10.22
C PHE A 74 3.46 -4.79 -11.10
N ILE A 75 2.98 -5.99 -11.18
CA ILE A 75 3.58 -7.01 -12.03
C ILE A 75 2.53 -7.68 -12.90
N SER A 76 2.88 -7.98 -14.13
CA SER A 76 1.96 -8.73 -15.00
C SER A 76 2.75 -9.69 -15.82
N GLY A 77 2.20 -10.88 -16.04
CA GLY A 77 2.90 -11.85 -16.85
C GLY A 77 4.36 -11.95 -16.40
N ASP A 78 5.13 -11.02 -16.94
CA ASP A 78 6.56 -10.85 -16.63
C ASP A 78 6.92 -9.36 -16.73
N LYS A 79 5.85 -8.57 -16.78
CA LYS A 79 5.90 -7.11 -16.84
C LYS A 79 6.12 -6.56 -15.46
N VAL A 80 6.65 -5.35 -15.38
CA VAL A 80 6.69 -4.60 -14.14
C VAL A 80 6.01 -3.27 -14.47
N ASN A 81 5.05 -2.84 -13.68
CA ASN A 81 4.32 -1.62 -14.01
C ASN A 81 4.88 -0.37 -13.33
N VAL A 82 6.04 -0.49 -12.67
CA VAL A 82 6.61 0.65 -11.96
C VAL A 82 8.05 0.93 -12.32
N ALA A 83 8.32 2.21 -12.48
CA ALA A 83 9.67 2.68 -12.73
C ALA A 83 10.48 2.64 -11.43
N GLY A 84 9.81 2.48 -10.27
CA GLY A 84 10.45 2.40 -8.95
C GLY A 84 9.28 2.36 -7.94
N LEU A 85 9.52 2.22 -6.63
CA LEU A 85 8.37 2.18 -5.69
C LEU A 85 8.47 3.16 -4.52
N VAL A 86 7.32 3.72 -4.15
CA VAL A 86 7.22 4.61 -3.00
C VAL A 86 6.19 3.98 -2.03
N LEU A 87 6.56 3.82 -0.75
CA LEU A 87 5.64 3.19 0.22
C LEU A 87 5.05 4.19 1.22
N ALA A 88 3.70 4.19 1.39
CA ALA A 88 3.11 5.12 2.38
C ALA A 88 2.11 4.39 3.31
N GLY A 89 2.21 4.68 4.62
CA GLY A 89 1.32 4.02 5.59
C GLY A 89 1.32 4.68 6.98
N SER A 90 0.34 4.29 7.80
CA SER A 90 0.20 4.81 9.17
C SER A 90 1.23 4.18 10.13
N ALA A 91 1.47 4.86 11.25
CA ALA A 91 2.40 4.36 12.26
C ALA A 91 3.70 3.82 11.65
N ASP A 92 4.13 4.50 10.60
CA ASP A 92 5.36 4.10 9.90
C ASP A 92 5.25 2.69 9.32
N PHE A 93 4.06 2.37 8.85
CA PHE A 93 3.80 1.04 8.31
C PHE A 93 4.71 0.77 7.12
N LYS A 94 4.86 1.74 6.23
CA LYS A 94 5.65 1.48 5.02
C LYS A 94 7.02 0.96 5.45
N THR A 95 7.56 1.65 6.40
CA THR A 95 8.89 1.33 6.87
C THR A 95 8.85 -0.17 7.18
N GLU A 96 7.78 -0.58 7.84
CA GLU A 96 7.48 -1.98 8.16
C GLU A 96 7.16 -2.80 6.92
N LEU A 97 6.54 -2.17 5.93
CA LEU A 97 6.10 -2.89 4.75
C LEU A 97 7.30 -3.50 4.04
N SER A 98 8.44 -2.76 3.91
CA SER A 98 9.63 -3.32 3.25
C SER A 98 9.70 -4.78 3.68
N GLN A 99 10.48 -5.11 4.72
CA GLN A 99 10.51 -6.52 5.17
C GLN A 99 10.31 -7.51 4.00
N SER A 100 11.39 -8.01 3.45
CA SER A 100 11.28 -8.92 2.31
C SER A 100 10.54 -10.24 2.57
N ASP A 101 10.46 -10.71 3.81
CA ASP A 101 9.77 -11.98 4.06
C ASP A 101 8.29 -11.89 3.71
N MET A 102 7.68 -10.75 4.00
CA MET A 102 6.27 -10.58 3.66
C MET A 102 6.10 -9.95 2.29
N PHE A 103 6.78 -8.82 2.06
CA PHE A 103 6.69 -8.12 0.79
C PHE A 103 7.31 -9.00 -0.27
N ASP A 104 7.24 -8.58 -1.51
CA ASP A 104 7.76 -9.39 -2.59
C ASP A 104 9.24 -9.21 -2.74
N GLN A 105 9.87 -10.24 -3.27
CA GLN A 105 11.27 -10.16 -3.53
C GLN A 105 11.52 -9.12 -4.62
N ARG A 106 10.65 -9.13 -5.64
CA ARG A 106 10.76 -8.23 -6.77
C ARG A 106 10.58 -6.73 -6.48
N LEU A 107 9.61 -6.35 -5.64
CA LEU A 107 9.35 -4.95 -5.25
C LEU A 107 10.44 -4.39 -4.37
N GLN A 108 10.96 -5.28 -3.54
CA GLN A 108 11.97 -4.89 -2.56
C GLN A 108 13.18 -4.34 -3.29
N SER A 109 13.43 -4.86 -4.48
CA SER A 109 14.53 -4.40 -5.33
C SER A 109 14.18 -3.07 -6.02
N LYS A 110 12.94 -2.64 -5.85
CA LYS A 110 12.42 -1.39 -6.43
C LYS A 110 12.23 -0.35 -5.30
N VAL A 111 12.88 -0.60 -4.16
CA VAL A 111 12.65 0.27 -3.02
C VAL A 111 13.39 1.62 -3.15
N LEU A 112 12.52 2.59 -3.40
CA LEU A 112 12.89 4.05 -3.57
C LEU A 112 12.69 5.07 -2.36
N LYS A 113 11.45 5.15 -1.82
CA LYS A 113 11.12 6.05 -0.70
C LYS A 113 10.00 5.55 0.18
N LEU A 114 9.98 5.99 1.45
CA LEU A 114 8.88 5.69 2.36
C LEU A 114 8.44 7.03 2.99
N VAL A 115 7.13 7.36 2.97
CA VAL A 115 6.64 8.61 3.57
C VAL A 115 5.34 8.36 4.34
N ASP A 116 4.96 9.20 5.32
CA ASP A 116 3.69 9.03 6.04
C ASP A 116 2.59 9.65 5.17
N ILE A 117 1.31 9.61 5.59
CA ILE A 117 0.22 10.21 4.82
C ILE A 117 -0.52 11.17 5.75
N SER A 118 -1.06 12.30 5.26
CA SER A 118 -1.72 13.17 6.24
C SER A 118 -2.83 12.36 6.87
N TYR A 119 -3.60 11.68 6.03
CA TYR A 119 -4.64 10.79 6.49
C TYR A 119 -4.94 9.75 5.41
N GLY A 120 -5.42 8.57 5.80
CA GLY A 120 -5.81 7.54 4.82
C GLY A 120 -5.15 7.66 3.45
N GLY A 121 -6.01 7.67 2.44
CA GLY A 121 -5.62 7.70 1.04
C GLY A 121 -5.59 9.08 0.39
N GLU A 122 -6.55 9.27 -0.53
CA GLU A 122 -6.62 10.47 -1.37
C GLU A 122 -5.94 11.74 -0.80
N ASN A 123 -6.45 12.35 0.26
CA ASN A 123 -5.80 13.60 0.68
C ASN A 123 -4.35 13.40 1.14
N GLY A 124 -4.08 12.33 1.88
CA GLY A 124 -2.69 12.05 2.27
C GLY A 124 -1.89 11.72 1.05
N PHE A 125 -2.57 10.96 0.21
CA PHE A 125 -2.01 10.49 -1.04
C PHE A 125 -1.62 11.65 -1.95
N ASN A 126 -2.50 12.64 -2.09
CA ASN A 126 -2.17 13.81 -2.91
C ASN A 126 -1.01 14.60 -2.31
N GLN A 127 -1.00 14.76 -0.98
CA GLN A 127 0.05 15.53 -0.29
C GLN A 127 1.43 14.91 -0.42
N ALA A 128 1.48 13.59 -0.32
CA ALA A 128 2.76 12.92 -0.38
C ALA A 128 3.40 13.14 -1.73
N ILE A 129 2.57 13.11 -2.77
CA ILE A 129 3.08 13.32 -4.11
C ILE A 129 3.63 14.76 -4.25
N GLU A 130 2.88 15.72 -3.74
CA GLU A 130 3.35 17.11 -3.87
C GLU A 130 4.69 17.17 -3.14
N LEU A 131 4.70 16.63 -1.94
CA LEU A 131 5.90 16.67 -1.12
C LEU A 131 7.00 15.90 -1.84
N SER A 132 6.65 14.76 -2.42
CA SER A 132 7.58 13.98 -3.21
C SER A 132 7.05 13.93 -4.64
N THR A 133 7.10 15.06 -5.34
CA THR A 133 6.73 15.13 -6.75
C THR A 133 8.00 15.32 -7.58
N GLU A 134 8.90 16.10 -6.99
CA GLU A 134 10.17 16.52 -7.58
C GLU A 134 11.31 15.52 -7.45
N VAL A 135 11.16 14.53 -6.58
CA VAL A 135 12.15 13.48 -6.39
C VAL A 135 11.81 12.33 -7.33
N LEU A 136 10.67 12.49 -8.01
CA LEU A 136 10.17 11.50 -8.95
C LEU A 136 9.73 12.19 -10.24
N LEU A 1 9.69 16.69 -22.73
CA LEU A 1 11.03 17.14 -22.27
C LEU A 1 11.29 16.62 -20.85
N SER A 2 10.22 16.44 -20.10
CA SER A 2 10.32 15.94 -18.74
C SER A 2 10.95 14.55 -18.73
N ASP A 3 10.55 13.73 -19.69
CA ASP A 3 11.07 12.37 -19.80
C ASP A 3 10.84 11.60 -18.50
N ASP A 4 9.71 11.86 -17.86
CA ASP A 4 9.35 11.20 -16.62
C ASP A 4 8.79 9.80 -16.88
N SER A 5 8.91 8.95 -15.87
CA SER A 5 8.43 7.57 -15.96
C SER A 5 7.61 7.24 -14.72
N LYS A 6 6.67 6.31 -14.86
CA LYS A 6 5.71 6.00 -13.79
C LYS A 6 6.32 5.31 -12.57
N PHE A 7 5.91 5.82 -11.40
CA PHE A 7 6.33 5.31 -10.11
C PHE A 7 5.14 4.98 -9.24
N GLY A 8 5.13 3.81 -8.64
CA GLY A 8 4.02 3.41 -7.80
C GLY A 8 3.98 4.19 -6.51
N PHE A 9 2.81 4.17 -5.88
CA PHE A 9 2.69 4.80 -4.60
C PHE A 9 1.83 3.88 -3.78
N ILE A 10 2.23 3.46 -2.57
CA ILE A 10 1.37 2.53 -1.84
C ILE A 10 0.87 3.01 -0.49
N VAL A 11 -0.45 3.23 -0.45
CA VAL A 11 -1.10 3.67 0.78
C VAL A 11 -1.71 2.42 1.39
N ILE A 12 -1.23 2.07 2.59
CA ILE A 12 -1.65 0.83 3.23
C ILE A 12 -2.33 1.08 4.59
N ASP A 13 -3.52 0.54 4.76
CA ASP A 13 -4.22 0.65 6.03
C ASP A 13 -4.91 -0.70 6.34
N GLY A 14 -5.12 -0.97 7.61
CA GLY A 14 -5.69 -2.25 8.08
C GLY A 14 -7.10 -2.58 7.62
N SER A 15 -7.93 -1.59 7.47
CA SER A 15 -9.31 -1.75 7.10
C SER A 15 -9.55 -0.94 5.89
N GLY A 16 -8.82 -1.32 4.90
CA GLY A 16 -8.91 -0.75 3.57
C GLY A 16 -7.58 -0.19 3.13
N ALA A 17 -7.37 -0.11 1.83
CA ALA A 17 -6.10 0.40 1.31
C ALA A 17 -6.32 1.08 -0.04
N LEU A 18 -5.51 2.11 -0.33
CA LEU A 18 -5.59 2.80 -1.61
C LEU A 18 -4.26 2.65 -2.34
N PHE A 19 -4.25 2.14 -3.57
CA PHE A 19 -2.95 2.02 -4.27
C PHE A 19 -2.85 2.94 -5.47
N GLY A 20 -1.96 3.91 -5.36
CA GLY A 20 -1.81 4.94 -6.39
C GLY A 20 -0.48 4.89 -7.10
N THR A 21 -0.31 5.85 -8.01
CA THR A 21 0.91 5.97 -8.79
C THR A 21 1.33 7.43 -8.99
N LEU A 22 2.62 7.64 -9.23
CA LEU A 22 3.13 8.99 -9.47
C LEU A 22 3.85 9.03 -10.81
N GLN A 23 3.39 9.90 -11.71
CA GLN A 23 4.03 10.07 -13.02
C GLN A 23 4.31 11.55 -13.26
N GLY A 24 5.56 11.89 -13.46
CA GLY A 24 5.91 13.28 -13.73
C GLY A 24 5.37 14.14 -12.59
N ASN A 25 4.74 15.25 -12.94
CA ASN A 25 4.12 16.11 -11.95
C ASN A 25 2.63 15.80 -11.84
N THR A 26 2.22 14.75 -12.55
CA THR A 26 0.82 14.33 -12.61
C THR A 26 0.60 13.13 -11.72
N ARG A 27 -0.51 13.12 -10.98
CA ARG A 27 -0.75 12.04 -10.03
C ARG A 27 -2.00 11.23 -10.50
N GLU A 28 -1.97 9.89 -10.34
CA GLU A 28 -3.07 9.01 -10.79
C GLU A 28 -3.45 7.93 -9.76
N VAL A 29 -4.66 7.38 -9.96
CA VAL A 29 -5.21 6.31 -9.08
C VAL A 29 -5.30 4.98 -9.86
N LEU A 30 -4.77 3.90 -9.29
CA LEU A 30 -4.83 2.58 -9.92
C LEU A 30 -6.01 1.71 -9.42
N HIS A 31 -6.16 1.67 -8.10
CA HIS A 31 -7.23 0.88 -7.45
C HIS A 31 -7.51 1.49 -6.10
N LYS A 32 -8.67 1.25 -5.51
CA LYS A 32 -8.95 1.73 -4.16
C LYS A 32 -9.78 0.62 -3.52
N PHE A 33 -9.73 0.44 -2.21
CA PHE A 33 -10.56 -0.60 -1.64
C PHE A 33 -10.82 -0.54 -0.13
N THR A 34 -11.78 -1.38 0.23
CA THR A 34 -12.09 -1.64 1.63
C THR A 34 -12.05 -3.15 1.82
N VAL A 35 -11.32 -3.65 2.82
CA VAL A 35 -11.21 -5.11 3.01
C VAL A 35 -11.63 -5.57 4.41
N ASP A 36 -12.48 -6.57 4.47
CA ASP A 36 -12.94 -7.07 5.76
C ASP A 36 -11.94 -8.08 6.37
N LEU A 37 -11.41 -7.66 7.51
CA LEU A 37 -10.44 -8.40 8.32
C LEU A 37 -11.12 -9.69 8.93
N PRO A 38 -10.62 -10.36 9.99
CA PRO A 38 -11.14 -11.68 10.48
C PRO A 38 -12.55 -12.12 10.05
N LYS A 39 -12.73 -13.40 10.08
CA LYS A 39 -13.96 -14.06 9.65
C LYS A 39 -15.23 -13.76 10.45
N LYS A 40 -15.14 -13.78 11.78
CA LYS A 40 -16.33 -13.56 12.58
C LYS A 40 -16.78 -12.11 12.50
N HIS A 41 -18.06 -11.92 12.23
CA HIS A 41 -18.61 -10.58 12.12
C HIS A 41 -19.69 -10.36 13.18
N GLY A 42 -19.44 -10.92 14.35
CA GLY A 42 -20.36 -10.83 15.48
C GLY A 42 -21.22 -12.08 15.55
N ARG A 43 -21.14 -12.90 14.51
CA ARG A 43 -21.88 -14.15 14.48
C ARG A 43 -21.36 -15.07 15.60
N GLY A 44 -20.04 -15.06 15.74
CA GLY A 44 -19.34 -15.87 16.72
C GLY A 44 -19.24 -15.18 18.07
N GLY A 45 -18.50 -15.82 18.97
CA GLY A 45 -18.29 -15.33 20.33
C GLY A 45 -17.42 -14.09 20.32
N GLN A 46 -17.01 -13.66 19.13
CA GLN A 46 -16.16 -12.48 19.01
C GLN A 46 -17.01 -11.22 19.13
N SER A 47 -16.59 -10.30 19.99
CA SER A 47 -17.34 -9.06 20.17
C SER A 47 -17.13 -8.13 18.98
N ALA A 48 -18.06 -7.23 18.71
CA ALA A 48 -17.80 -6.32 17.60
C ALA A 48 -16.59 -5.44 17.94
N LEU A 49 -16.51 -4.97 19.20
CA LEU A 49 -15.37 -4.16 19.67
C LEU A 49 -14.07 -4.97 19.64
N ARG A 50 -14.20 -6.21 20.11
CA ARG A 50 -13.11 -7.17 20.20
C ARG A 50 -12.54 -7.52 18.84
N PHE A 51 -13.41 -7.61 17.86
CA PHE A 51 -12.96 -8.05 16.56
C PHE A 51 -11.86 -7.11 16.08
N ALA A 52 -12.06 -5.79 16.12
CA ALA A 52 -10.99 -4.92 15.65
C ALA A 52 -9.72 -5.08 16.50
N ARG A 53 -9.85 -5.21 17.81
CA ARG A 53 -8.68 -5.42 18.68
C ARG A 53 -7.98 -6.77 18.41
N LEU A 54 -8.83 -7.78 18.22
CA LEU A 54 -8.45 -9.19 18.01
C LEU A 54 -7.64 -9.45 16.73
N ARG A 55 -8.02 -8.80 15.64
CA ARG A 55 -7.38 -9.02 14.35
C ARG A 55 -5.90 -8.67 14.35
N MET A 56 -5.53 -7.58 14.98
CA MET A 56 -4.18 -7.03 14.77
C MET A 56 -3.13 -8.14 14.50
N GLU A 57 -3.25 -9.32 15.08
CA GLU A 57 -2.31 -10.41 14.71
C GLU A 57 -2.52 -10.80 13.23
N LYS A 58 -3.81 -10.82 12.88
CA LYS A 58 -4.34 -11.07 11.52
C LYS A 58 -3.96 -9.97 10.54
N ARG A 59 -3.46 -8.85 11.04
CA ARG A 59 -3.08 -7.72 10.21
C ARG A 59 -2.02 -8.20 9.22
N HIS A 60 -1.13 -9.05 9.70
CA HIS A 60 -0.05 -9.59 8.87
C HIS A 60 -0.63 -10.30 7.65
N ASN A 61 -1.66 -11.11 7.86
CA ASN A 61 -2.26 -11.84 6.72
C ASN A 61 -2.83 -10.80 5.75
N TYR A 62 -3.44 -9.80 6.36
CA TYR A 62 -4.01 -8.69 5.58
C TYR A 62 -2.86 -8.01 4.78
N VAL A 63 -1.74 -7.72 5.44
CA VAL A 63 -0.59 -7.08 4.78
C VAL A 63 -0.04 -7.96 3.65
N ARG A 64 0.10 -9.26 3.88
CA ARG A 64 0.59 -10.14 2.82
C ARG A 64 -0.39 -10.06 1.66
N LYS A 65 -1.66 -10.09 2.03
CA LYS A 65 -2.73 -10.05 1.03
C LYS A 65 -2.55 -8.75 0.26
N VAL A 66 -2.28 -7.68 0.99
CA VAL A 66 -2.02 -6.39 0.38
C VAL A 66 -0.77 -6.50 -0.48
N ALA A 67 0.26 -7.17 0.05
CA ALA A 67 1.50 -7.35 -0.68
C ALA A 67 1.23 -8.16 -1.93
N GLU A 68 0.33 -9.14 -1.81
CA GLU A 68 -0.03 -9.96 -2.96
C GLU A 68 -0.70 -9.06 -3.99
N THR A 69 -1.51 -8.13 -3.49
CA THR A 69 -2.20 -7.16 -4.35
C THR A 69 -1.19 -6.27 -5.06
N ALA A 70 -0.14 -5.83 -4.37
CA ALA A 70 0.83 -4.93 -4.98
C ALA A 70 1.52 -5.61 -6.19
N VAL A 71 1.91 -6.87 -6.04
CA VAL A 71 2.59 -7.57 -7.13
C VAL A 71 1.68 -7.69 -8.35
N GLN A 72 0.42 -8.02 -8.13
CA GLN A 72 -0.52 -8.14 -9.22
C GLN A 72 -0.71 -6.76 -9.87
N LEU A 73 -0.80 -5.75 -9.01
CA LEU A 73 -0.90 -4.37 -9.49
C LEU A 73 0.36 -3.91 -10.23
N PHE A 74 1.52 -4.28 -9.71
CA PHE A 74 2.80 -3.80 -10.25
C PHE A 74 3.59 -4.81 -11.08
N ILE A 75 3.13 -6.02 -11.11
CA ILE A 75 3.76 -7.07 -11.91
C ILE A 75 2.71 -7.80 -12.74
N SER A 76 3.07 -8.16 -13.95
CA SER A 76 2.16 -8.95 -14.79
C SER A 76 2.95 -9.96 -15.55
N GLY A 77 2.43 -11.17 -15.71
CA GLY A 77 3.15 -12.16 -16.48
C GLY A 77 4.59 -12.25 -16.00
N ASP A 78 5.37 -11.33 -16.57
CA ASP A 78 6.79 -11.15 -16.25
C ASP A 78 7.12 -9.66 -16.43
N LYS A 79 6.05 -8.90 -16.53
CA LYS A 79 6.06 -7.45 -16.68
C LYS A 79 6.25 -6.79 -15.34
N VAL A 80 6.73 -5.56 -15.35
CA VAL A 80 6.75 -4.74 -14.15
C VAL A 80 6.02 -3.45 -14.55
N ASN A 81 5.06 -2.98 -13.77
CA ASN A 81 4.31 -1.77 -14.18
C ASN A 81 4.82 -0.51 -13.52
N VAL A 82 5.97 -0.58 -12.86
CA VAL A 82 6.54 0.56 -12.18
C VAL A 82 7.97 0.86 -12.56
N ALA A 83 8.22 2.14 -12.73
CA ALA A 83 9.56 2.61 -13.01
C ALA A 83 10.39 2.58 -11.72
N GLY A 84 9.72 2.40 -10.56
CA GLY A 84 10.38 2.31 -9.25
C GLY A 84 9.20 2.29 -8.24
N LEU A 85 9.44 2.11 -6.94
CA LEU A 85 8.31 2.07 -5.99
C LEU A 85 8.44 2.99 -4.77
N VAL A 86 7.29 3.56 -4.36
CA VAL A 86 7.23 4.42 -3.18
C VAL A 86 6.20 3.82 -2.19
N LEU A 87 6.59 3.65 -0.92
CA LEU A 87 5.68 3.04 0.08
C LEU A 87 5.12 4.06 1.07
N ALA A 88 3.80 4.09 1.28
CA ALA A 88 3.23 5.01 2.27
C ALA A 88 2.22 4.31 3.19
N GLY A 89 2.29 4.64 4.48
CA GLY A 89 1.39 4.00 5.45
C GLY A 89 1.31 4.70 6.80
N SER A 90 0.26 4.35 7.55
CA SER A 90 0.04 4.91 8.89
C SER A 90 0.99 4.30 9.92
N ALA A 91 1.18 5.01 11.04
CA ALA A 91 2.05 4.50 12.08
C ALA A 91 3.36 3.95 11.49
N ASP A 92 3.81 4.63 10.45
CA ASP A 92 5.03 4.21 9.74
C ASP A 92 4.87 2.81 9.15
N PHE A 93 3.68 2.54 8.68
CA PHE A 93 3.38 1.23 8.11
C PHE A 93 4.30 0.98 6.92
N LYS A 94 4.48 2.00 6.11
CA LYS A 94 5.33 1.86 4.91
C LYS A 94 6.70 1.36 5.35
N THR A 95 7.16 1.99 6.39
CA THR A 95 8.49 1.69 6.90
C THR A 95 8.48 0.20 7.26
N GLU A 96 7.44 -0.23 7.93
CA GLU A 96 7.21 -1.64 8.26
C GLU A 96 6.93 -2.46 7.03
N LEU A 97 6.29 -1.87 6.01
CA LEU A 97 5.90 -2.64 4.84
C LEU A 97 7.12 -3.22 4.17
N SER A 98 8.23 -2.44 4.04
CA SER A 98 9.44 -2.98 3.41
C SER A 98 9.55 -4.41 3.87
N GLN A 99 10.34 -4.73 4.90
CA GLN A 99 10.39 -6.12 5.36
C GLN A 99 10.20 -7.16 4.22
N SER A 100 11.30 -7.68 3.74
CA SER A 100 11.28 -8.61 2.60
C SER A 100 10.48 -9.92 2.83
N ASP A 101 10.50 -10.47 4.04
CA ASP A 101 9.80 -11.74 4.24
C ASP A 101 8.28 -11.64 4.02
N MET A 102 7.67 -10.53 4.40
CA MET A 102 6.23 -10.40 4.13
C MET A 102 6.04 -9.82 2.72
N PHE A 103 6.72 -8.72 2.44
CA PHE A 103 6.62 -8.06 1.15
C PHE A 103 7.16 -8.98 0.07
N ASP A 104 7.08 -8.57 -1.16
CA ASP A 104 7.56 -9.42 -2.24
C ASP A 104 9.04 -9.35 -2.32
N GLN A 105 9.63 -10.42 -2.73
CA GLN A 105 11.05 -10.40 -2.93
C GLN A 105 11.34 -9.46 -4.09
N ARG A 106 10.49 -9.54 -5.14
CA ARG A 106 10.66 -8.74 -6.34
C ARG A 106 10.52 -7.23 -6.19
N LEU A 107 9.53 -6.72 -5.45
CA LEU A 107 9.43 -5.26 -5.38
C LEU A 107 10.67 -4.73 -4.74
N GLN A 108 11.10 -5.37 -3.66
CA GLN A 108 12.22 -4.85 -2.89
C GLN A 108 13.35 -4.41 -3.78
N SER A 109 13.50 -4.97 -4.98
CA SER A 109 14.58 -4.53 -5.86
C SER A 109 14.21 -3.21 -6.55
N LYS A 110 12.98 -2.78 -6.35
CA LYS A 110 12.47 -1.52 -6.90
C LYS A 110 12.29 -0.51 -5.76
N VAL A 111 12.93 -0.78 -4.63
CA VAL A 111 12.69 0.07 -3.46
C VAL A 111 13.40 1.43 -3.58
N LEU A 112 12.53 2.41 -3.82
CA LEU A 112 12.90 3.87 -3.99
C LEU A 112 12.71 4.88 -2.76
N LYS A 113 11.49 4.93 -2.18
CA LYS A 113 11.19 5.82 -1.06
C LYS A 113 10.09 5.32 -0.13
N LEU A 114 10.10 5.78 1.14
CA LEU A 114 9.03 5.46 2.08
C LEU A 114 8.59 6.81 2.71
N VAL A 115 7.29 7.14 2.72
CA VAL A 115 6.82 8.42 3.31
C VAL A 115 5.54 8.22 4.14
N ASP A 116 5.21 9.08 5.12
CA ASP A 116 3.98 8.93 5.91
C ASP A 116 2.84 9.53 5.09
N ILE A 117 1.58 9.49 5.57
CA ILE A 117 0.46 10.08 4.85
C ILE A 117 -0.23 11.07 5.81
N SER A 118 -0.76 12.19 5.33
CA SER A 118 -1.37 13.08 6.33
C SER A 118 -2.48 12.29 7.01
N TYR A 119 -3.28 11.63 6.19
CA TYR A 119 -4.33 10.76 6.69
C TYR A 119 -4.67 9.72 5.62
N GLY A 120 -5.15 8.56 6.02
CA GLY A 120 -5.61 7.54 5.07
C GLY A 120 -5.00 7.68 3.68
N GLY A 121 -5.88 7.66 2.68
CA GLY A 121 -5.49 7.73 1.28
C GLY A 121 -5.54 9.12 0.66
N GLU A 122 -6.55 9.34 -0.18
CA GLU A 122 -6.67 10.56 -0.95
C GLU A 122 -5.95 11.80 -0.38
N ASN A 123 -6.39 12.40 0.72
CA ASN A 123 -5.69 13.63 1.14
C ASN A 123 -4.23 13.35 1.52
N GLY A 124 -3.97 12.26 2.22
CA GLY A 124 -2.58 11.91 2.56
C GLY A 124 -1.82 11.59 1.29
N PHE A 125 -2.54 10.89 0.44
CA PHE A 125 -2.06 10.44 -0.84
C PHE A 125 -1.68 11.62 -1.72
N ASN A 126 -2.54 12.61 -1.79
CA ASN A 126 -2.24 13.79 -2.59
C ASN A 126 -1.04 14.55 -2.04
N GLN A 127 -0.98 14.65 -0.70
CA GLN A 127 0.09 15.39 -0.01
C GLN A 127 1.48 14.81 -0.18
N ALA A 128 1.59 13.49 -0.12
CA ALA A 128 2.91 12.89 -0.19
C ALA A 128 3.56 13.18 -1.53
N ILE A 129 2.76 13.14 -2.58
CA ILE A 129 3.26 13.42 -3.91
C ILE A 129 3.72 14.88 -4.01
N GLU A 130 2.93 15.81 -3.50
CA GLU A 130 3.38 17.18 -3.65
C GLU A 130 4.72 17.22 -2.94
N LEU A 131 4.74 16.66 -1.75
CA LEU A 131 5.95 16.65 -0.96
C LEU A 131 7.03 15.90 -1.72
N SER A 132 6.66 14.77 -2.32
CA SER A 132 7.57 13.99 -3.15
C SER A 132 7.02 13.92 -4.57
N THR A 133 7.06 15.05 -5.29
CA THR A 133 6.68 15.09 -6.70
C THR A 133 7.95 15.27 -7.55
N GLU A 134 8.87 16.05 -6.98
CA GLU A 134 10.14 16.45 -7.59
C GLU A 134 11.28 15.45 -7.42
N VAL A 135 11.15 14.48 -6.54
CA VAL A 135 12.14 13.43 -6.31
C VAL A 135 11.83 12.27 -7.25
N LEU A 136 10.72 12.43 -7.94
CA LEU A 136 10.23 11.45 -8.88
C LEU A 136 9.86 12.11 -10.21
N LEU A 1 10.90 19.02 -18.96
CA LEU A 1 11.42 18.83 -20.35
C LEU A 1 11.91 17.39 -20.50
N SER A 2 12.42 16.84 -19.41
CA SER A 2 12.91 15.48 -19.42
C SER A 2 11.75 14.49 -19.49
N ASP A 3 12.01 13.29 -20.00
CA ASP A 3 10.94 12.30 -20.11
C ASP A 3 10.83 11.49 -18.82
N ASP A 4 9.72 11.71 -18.12
CA ASP A 4 9.44 11.02 -16.87
C ASP A 4 8.87 9.64 -17.08
N SER A 5 9.01 8.82 -16.06
CA SER A 5 8.50 7.45 -16.10
C SER A 5 7.69 7.20 -14.82
N LYS A 6 6.71 6.32 -14.89
CA LYS A 6 5.76 6.09 -13.81
C LYS A 6 6.36 5.37 -12.59
N PHE A 7 5.90 5.83 -11.40
CA PHE A 7 6.31 5.26 -10.11
C PHE A 7 5.07 4.90 -9.27
N GLY A 8 5.06 3.72 -8.66
CA GLY A 8 3.92 3.29 -7.84
C GLY A 8 3.80 4.07 -6.52
N PHE A 9 2.63 3.98 -5.91
CA PHE A 9 2.41 4.62 -4.61
C PHE A 9 1.59 3.68 -3.75
N ILE A 10 2.01 3.33 -2.51
CA ILE A 10 1.18 2.39 -1.74
C ILE A 10 0.62 2.90 -0.39
N VAL A 11 -0.70 3.04 -0.33
CA VAL A 11 -1.37 3.50 0.89
C VAL A 11 -1.99 2.29 1.61
N ILE A 12 -1.50 2.03 2.82
CA ILE A 12 -1.96 0.88 3.61
C ILE A 12 -2.53 1.23 4.99
N ASP A 13 -3.73 0.71 5.23
CA ASP A 13 -4.42 0.85 6.52
C ASP A 13 -5.24 -0.44 6.78
N GLY A 14 -5.61 -0.70 8.03
CA GLY A 14 -6.36 -1.92 8.42
C GLY A 14 -7.83 -1.91 7.94
N SER A 15 -8.16 -0.94 7.11
CA SER A 15 -9.50 -0.80 6.60
C SER A 15 -9.42 -0.25 5.22
N GLY A 16 -8.90 -1.07 4.37
CA GLY A 16 -8.80 -0.75 2.97
C GLY A 16 -7.48 -0.13 2.63
N ALA A 17 -7.22 -0.05 1.35
CA ALA A 17 -5.99 0.54 0.89
C ALA A 17 -6.20 1.21 -0.45
N LEU A 18 -5.45 2.26 -0.69
CA LEU A 18 -5.53 2.97 -1.94
C LEU A 18 -4.15 2.85 -2.56
N PHE A 19 -4.05 2.23 -3.74
CA PHE A 19 -2.75 2.11 -4.35
C PHE A 19 -2.66 3.01 -5.55
N GLY A 20 -1.76 4.00 -5.48
CA GLY A 20 -1.69 5.00 -6.51
C GLY A 20 -0.39 4.98 -7.30
N THR A 21 -0.30 5.91 -8.21
CA THR A 21 0.89 6.03 -9.04
C THR A 21 1.33 7.49 -9.18
N LEU A 22 2.62 7.70 -9.39
CA LEU A 22 3.15 9.04 -9.59
C LEU A 22 3.91 9.07 -10.92
N GLN A 23 3.49 9.97 -11.82
CA GLN A 23 4.17 10.12 -13.11
C GLN A 23 4.44 11.60 -13.42
N GLY A 24 5.69 11.96 -13.66
CA GLY A 24 6.00 13.37 -13.97
C GLY A 24 5.54 14.25 -12.81
N ASN A 25 4.90 15.37 -13.14
CA ASN A 25 4.39 16.25 -12.09
C ASN A 25 2.91 15.96 -11.83
N THR A 26 2.39 14.94 -12.49
CA THR A 26 0.97 14.58 -12.34
C THR A 26 0.79 13.36 -11.44
N ARG A 27 -0.44 13.20 -10.93
CA ARG A 27 -0.70 12.11 -10.01
C ARG A 27 -1.91 11.31 -10.56
N GLU A 28 -1.90 9.99 -10.32
CA GLU A 28 -2.95 9.10 -10.81
C GLU A 28 -3.32 8.07 -9.75
N VAL A 29 -4.50 7.48 -9.90
CA VAL A 29 -4.96 6.45 -8.96
C VAL A 29 -4.90 5.10 -9.64
N LEU A 30 -4.23 4.13 -9.00
CA LEU A 30 -4.12 2.80 -9.59
C LEU A 30 -5.27 1.88 -9.17
N HIS A 31 -5.46 1.70 -7.86
CA HIS A 31 -6.54 0.81 -7.41
C HIS A 31 -7.13 1.14 -6.04
N LYS A 32 -8.45 1.28 -6.04
CA LYS A 32 -9.16 1.61 -4.80
C LYS A 32 -9.96 0.42 -4.31
N PHE A 33 -9.87 0.18 -3.00
CA PHE A 33 -10.62 -0.92 -2.38
C PHE A 33 -10.80 -0.78 -0.88
N THR A 34 -11.73 -1.58 -0.40
CA THR A 34 -11.96 -1.71 1.02
C THR A 34 -11.95 -3.17 1.42
N VAL A 35 -11.18 -3.56 2.45
CA VAL A 35 -11.12 -4.98 2.81
C VAL A 35 -11.52 -5.27 4.23
N ASP A 36 -12.43 -6.21 4.37
CA ASP A 36 -12.89 -6.62 5.67
C ASP A 36 -11.94 -7.66 6.25
N LEU A 37 -11.40 -7.32 7.42
CA LEU A 37 -10.46 -8.16 8.17
C LEU A 37 -11.07 -9.59 8.33
N PRO A 38 -10.64 -10.49 9.24
CA PRO A 38 -11.10 -11.92 9.29
C PRO A 38 -12.37 -12.29 8.54
N LYS A 39 -12.42 -13.54 8.23
CA LYS A 39 -13.53 -14.11 7.44
C LYS A 39 -14.64 -14.75 8.24
N LYS A 40 -14.45 -14.94 9.53
CA LYS A 40 -15.48 -15.62 10.31
C LYS A 40 -16.46 -14.66 10.96
N HIS A 41 -17.69 -14.69 10.47
CA HIS A 41 -18.76 -13.89 11.04
C HIS A 41 -20.05 -14.70 11.07
N GLY A 42 -20.59 -14.85 12.26
CA GLY A 42 -21.82 -15.61 12.47
C GLY A 42 -21.56 -17.11 12.52
N ARG A 43 -20.29 -17.49 12.44
CA ARG A 43 -19.92 -18.90 12.53
C ARG A 43 -20.30 -19.43 13.91
N GLY A 44 -20.03 -18.58 14.89
CA GLY A 44 -20.30 -18.89 16.29
C GLY A 44 -19.04 -19.39 16.96
N GLY A 45 -18.06 -19.77 16.14
CA GLY A 45 -16.77 -20.21 16.67
C GLY A 45 -16.10 -19.05 17.38
N GLN A 46 -16.26 -17.88 16.80
CA GLN A 46 -15.69 -16.65 17.32
C GLN A 46 -16.82 -15.76 17.83
N SER A 47 -16.69 -15.26 19.05
CA SER A 47 -17.72 -14.39 19.61
C SER A 47 -17.77 -13.12 18.79
N ALA A 48 -18.90 -12.44 18.70
CA ALA A 48 -18.92 -11.22 17.90
C ALA A 48 -17.98 -10.21 18.54
N LEU A 49 -17.97 -10.16 19.88
CA LEU A 49 -17.08 -9.28 20.61
C LEU A 49 -15.63 -9.67 20.34
N ARG A 50 -15.41 -10.99 20.33
CA ARG A 50 -14.10 -11.58 20.10
C ARG A 50 -13.58 -11.25 18.71
N PHE A 51 -14.46 -11.23 17.72
CA PHE A 51 -14.03 -11.02 16.35
C PHE A 51 -13.32 -9.67 16.26
N ALA A 52 -13.90 -8.61 16.79
CA ALA A 52 -13.25 -7.32 16.68
C ALA A 52 -11.89 -7.34 17.42
N ARG A 53 -11.84 -7.96 18.57
CA ARG A 53 -10.59 -8.10 19.33
C ARG A 53 -9.55 -8.98 18.60
N LEU A 54 -10.08 -10.03 17.99
CA LEU A 54 -9.31 -11.06 17.29
C LEU A 54 -8.53 -10.56 16.07
N ARG A 55 -9.11 -9.67 15.26
CA ARG A 55 -8.43 -9.20 14.05
C ARG A 55 -7.10 -8.49 14.32
N MET A 56 -7.08 -7.66 15.32
CA MET A 56 -5.92 -6.79 15.55
C MET A 56 -4.58 -7.53 15.18
N GLU A 57 -4.45 -8.81 15.55
CA GLU A 57 -3.25 -9.62 15.15
C GLU A 57 -3.21 -9.86 13.64
N LYS A 58 -4.39 -10.03 13.09
CA LYS A 58 -4.64 -10.31 11.69
C LYS A 58 -4.21 -9.16 10.78
N ARG A 59 -3.71 -8.06 11.34
CA ARG A 59 -3.26 -6.96 10.50
C ARG A 59 -2.13 -7.44 9.59
N HIS A 60 -1.23 -8.25 10.14
CA HIS A 60 -0.10 -8.77 9.38
C HIS A 60 -0.60 -9.56 8.17
N ASN A 61 -1.60 -10.39 8.38
CA ASN A 61 -2.14 -11.17 7.25
C ASN A 61 -2.73 -10.19 6.24
N TYR A 62 -3.38 -9.20 6.82
CA TYR A 62 -3.98 -8.15 6.00
C TYR A 62 -2.87 -7.48 5.18
N VAL A 63 -1.74 -7.11 5.81
CA VAL A 63 -0.62 -6.48 5.10
C VAL A 63 -0.08 -7.41 4.02
N ARG A 64 0.11 -8.70 4.33
CA ARG A 64 0.64 -9.62 3.32
C ARG A 64 -0.33 -9.65 2.14
N LYS A 65 -1.60 -9.70 2.49
CA LYS A 65 -2.65 -9.80 1.47
C LYS A 65 -2.53 -8.57 0.58
N VAL A 66 -2.29 -7.43 1.21
CA VAL A 66 -2.09 -6.22 0.46
C VAL A 66 -0.82 -6.37 -0.38
N ALA A 67 0.24 -6.93 0.19
CA ALA A 67 1.48 -7.11 -0.55
C ALA A 67 1.22 -8.07 -1.71
N GLU A 68 0.38 -9.07 -1.48
CA GLU A 68 0.06 -10.02 -2.53
C GLU A 68 -0.67 -9.26 -3.63
N THR A 69 -1.51 -8.33 -3.20
CA THR A 69 -2.25 -7.49 -4.13
C THR A 69 -1.26 -6.60 -4.90
N ALA A 70 -0.19 -6.13 -4.23
CA ALA A 70 0.75 -5.23 -4.92
C ALA A 70 1.39 -5.92 -6.13
N VAL A 71 1.75 -7.19 -5.99
CA VAL A 71 2.40 -7.92 -7.09
C VAL A 71 1.51 -8.02 -8.32
N GLN A 72 0.23 -8.33 -8.12
CA GLN A 72 -0.69 -8.40 -9.24
C GLN A 72 -0.84 -7.02 -9.87
N LEU A 73 -0.88 -6.02 -8.99
CA LEU A 73 -0.98 -4.63 -9.40
C LEU A 73 0.23 -4.13 -10.19
N PHE A 74 1.43 -4.51 -9.76
CA PHE A 74 2.66 -4.01 -10.41
C PHE A 74 3.42 -5.04 -11.24
N ILE A 75 3.02 -6.27 -11.15
CA ILE A 75 3.63 -7.36 -11.91
C ILE A 75 2.56 -8.12 -12.71
N SER A 76 2.85 -8.48 -13.95
CA SER A 76 1.92 -9.30 -14.71
C SER A 76 2.70 -10.31 -15.50
N GLY A 77 2.22 -11.56 -15.55
CA GLY A 77 2.93 -12.56 -16.31
C GLY A 77 4.40 -12.58 -15.89
N ASP A 78 5.11 -11.68 -16.53
CA ASP A 78 6.55 -11.46 -16.30
C ASP A 78 6.88 -9.97 -16.53
N LYS A 79 5.82 -9.20 -16.53
CA LYS A 79 5.85 -7.76 -16.70
C LYS A 79 6.14 -7.13 -15.35
N VAL A 80 6.69 -5.93 -15.36
CA VAL A 80 6.78 -5.11 -14.16
C VAL A 80 6.13 -3.79 -14.56
N ASN A 81 5.20 -3.26 -13.78
CA ASN A 81 4.49 -2.05 -14.19
C ASN A 81 5.02 -0.74 -13.58
N VAL A 82 6.21 -0.75 -12.93
CA VAL A 82 6.72 0.50 -12.33
C VAL A 82 8.20 0.80 -12.61
N ALA A 83 8.48 2.10 -12.54
CA ALA A 83 9.82 2.69 -12.67
C ALA A 83 10.42 2.82 -11.27
N GLY A 84 9.69 2.27 -10.30
CA GLY A 84 10.11 2.27 -8.90
C GLY A 84 8.87 2.30 -7.99
N LEU A 85 9.08 2.24 -6.66
CA LEU A 85 7.94 2.25 -5.74
C LEU A 85 8.06 3.26 -4.60
N VAL A 86 6.92 3.82 -4.22
CA VAL A 86 6.85 4.75 -3.10
C VAL A 86 5.85 4.15 -2.09
N LEU A 87 6.23 4.00 -0.81
CA LEU A 87 5.35 3.39 0.18
C LEU A 87 4.83 4.40 1.18
N ALA A 88 3.50 4.41 1.40
CA ALA A 88 2.93 5.30 2.39
C ALA A 88 1.98 4.54 3.34
N GLY A 89 2.15 4.79 4.63
CA GLY A 89 1.32 4.08 5.61
C GLY A 89 1.33 4.64 7.04
N SER A 90 0.35 4.15 7.80
CA SER A 90 0.17 4.49 9.21
C SER A 90 1.11 3.65 10.08
N ALA A 91 1.25 4.03 11.34
CA ALA A 91 2.12 3.28 12.27
C ALA A 91 3.46 2.93 11.61
N ASP A 92 3.84 3.76 10.65
CA ASP A 92 5.07 3.55 9.92
C ASP A 92 5.04 2.22 9.16
N PHE A 93 3.89 1.94 8.59
CA PHE A 93 3.70 0.70 7.85
C PHE A 93 4.67 0.63 6.68
N LYS A 94 4.83 1.73 5.95
CA LYS A 94 5.70 1.72 4.77
C LYS A 94 7.11 1.28 5.21
N THR A 95 7.43 1.85 6.31
CA THR A 95 8.71 1.61 6.93
C THR A 95 8.79 0.10 7.21
N GLU A 96 7.71 -0.47 7.75
CA GLU A 96 7.63 -1.93 8.01
C GLU A 96 7.23 -2.73 6.74
N LEU A 97 6.72 -2.05 5.71
CA LEU A 97 6.29 -2.74 4.49
C LEU A 97 7.45 -3.42 3.85
N SER A 98 8.63 -2.77 3.81
CA SER A 98 9.78 -3.42 3.19
C SER A 98 9.82 -4.82 3.73
N GLN A 99 10.65 -5.13 4.72
CA GLN A 99 10.63 -6.51 5.25
C GLN A 99 10.47 -7.52 4.08
N SER A 100 11.58 -8.05 3.61
CA SER A 100 11.53 -8.91 2.43
C SER A 100 10.70 -10.18 2.52
N ASP A 101 10.69 -10.90 3.62
CA ASP A 101 9.92 -12.12 3.58
C ASP A 101 8.43 -11.88 3.26
N MET A 102 7.78 -10.96 3.95
CA MET A 102 6.37 -10.70 3.61
C MET A 102 6.26 -10.09 2.20
N PHE A 103 7.13 -9.11 1.96
CA PHE A 103 7.16 -8.35 0.72
C PHE A 103 7.80 -9.18 -0.37
N ASP A 104 7.52 -8.82 -1.58
CA ASP A 104 7.98 -9.60 -2.72
C ASP A 104 9.44 -9.45 -2.95
N GLN A 105 10.00 -10.50 -3.49
CA GLN A 105 11.41 -10.51 -3.83
C GLN A 105 11.59 -9.46 -4.92
N ARG A 106 10.62 -9.42 -5.81
CA ARG A 106 10.61 -8.48 -6.90
C ARG A 106 10.45 -6.98 -6.57
N LEU A 107 9.60 -6.54 -5.60
CA LEU A 107 9.41 -5.08 -5.37
C LEU A 107 10.38 -4.39 -4.41
N GLN A 108 10.93 -5.12 -3.43
CA GLN A 108 11.87 -4.48 -2.50
C GLN A 108 13.12 -4.01 -3.25
N SER A 109 13.37 -4.66 -4.37
CA SER A 109 14.48 -4.34 -5.26
C SER A 109 14.12 -3.09 -6.09
N LYS A 110 12.89 -2.63 -5.92
CA LYS A 110 12.37 -1.43 -6.58
C LYS A 110 12.11 -0.35 -5.52
N VAL A 111 12.80 -0.49 -4.38
CA VAL A 111 12.52 0.42 -3.27
C VAL A 111 13.15 1.80 -3.48
N LEU A 112 12.24 2.73 -3.78
CA LEU A 112 12.55 4.18 -4.01
C LEU A 112 12.38 5.21 -2.83
N LYS A 113 11.17 5.26 -2.21
CA LYS A 113 10.88 6.21 -1.11
C LYS A 113 9.82 5.69 -0.14
N LEU A 114 9.88 6.15 1.12
CA LEU A 114 8.88 5.82 2.13
C LEU A 114 8.39 7.16 2.72
N VAL A 115 7.09 7.45 2.77
CA VAL A 115 6.61 8.72 3.34
C VAL A 115 5.39 8.49 4.23
N ASP A 116 5.09 9.38 5.21
CA ASP A 116 3.91 9.23 6.07
C ASP A 116 2.72 9.74 5.25
N ILE A 117 1.47 9.72 5.76
CA ILE A 117 0.32 10.23 5.03
C ILE A 117 -0.40 11.22 5.94
N SER A 118 -0.97 12.31 5.43
CA SER A 118 -1.59 13.21 6.41
C SER A 118 -2.65 12.39 7.12
N TYR A 119 -3.44 11.67 6.33
CA TYR A 119 -4.41 10.74 6.87
C TYR A 119 -4.70 9.66 5.80
N GLY A 120 -5.13 8.48 6.23
CA GLY A 120 -5.54 7.42 5.29
C GLY A 120 -4.98 7.57 3.87
N GLY A 121 -5.93 7.55 2.92
CA GLY A 121 -5.68 7.63 1.47
C GLY A 121 -5.67 9.02 0.88
N GLU A 122 -6.65 9.22 0.01
CA GLU A 122 -6.80 10.42 -0.79
C GLU A 122 -6.12 11.68 -0.23
N ASN A 123 -6.56 12.27 0.88
CA ASN A 123 -5.89 13.52 1.29
C ASN A 123 -4.41 13.32 1.64
N GLY A 124 -4.08 12.22 2.36
CA GLY A 124 -2.67 11.93 2.65
C GLY A 124 -1.96 11.63 1.37
N PHE A 125 -2.69 10.90 0.58
CA PHE A 125 -2.20 10.41 -0.69
C PHE A 125 -1.84 11.58 -1.60
N ASN A 126 -2.69 12.58 -1.71
CA ASN A 126 -2.36 13.72 -2.53
C ASN A 126 -1.15 14.50 -2.00
N GLN A 127 -1.05 14.71 -0.67
CA GLN A 127 0.04 15.50 -0.07
C GLN A 127 1.44 14.92 -0.19
N ALA A 128 1.61 13.62 -0.04
CA ALA A 128 2.96 13.05 -0.07
C ALA A 128 3.61 13.29 -1.41
N ILE A 129 2.82 13.17 -2.46
CA ILE A 129 3.29 13.39 -3.81
C ILE A 129 3.71 14.83 -4.01
N GLU A 130 2.92 15.78 -3.55
CA GLU A 130 3.33 17.16 -3.81
C GLU A 130 4.70 17.31 -3.16
N LEU A 131 4.82 16.88 -1.92
CA LEU A 131 6.09 17.03 -1.20
C LEU A 131 7.15 16.21 -1.94
N SER A 132 6.77 15.02 -2.38
CA SER A 132 7.66 14.17 -3.15
C SER A 132 7.06 14.03 -4.53
N THR A 133 7.10 15.12 -5.31
CA THR A 133 6.66 15.09 -6.71
C THR A 133 7.89 15.18 -7.62
N GLU A 134 8.85 15.97 -7.11
CA GLU A 134 10.08 16.33 -7.79
C GLU A 134 11.22 15.32 -7.71
N VAL A 135 11.16 14.36 -6.81
CA VAL A 135 12.18 13.33 -6.67
C VAL A 135 11.81 12.13 -7.53
N LEU A 136 10.63 12.22 -8.11
CA LEU A 136 10.11 11.15 -8.95
C LEU A 136 9.73 11.67 -10.33
N LEU A 1 6.44 9.30 -25.28
CA LEU A 1 5.49 9.58 -24.16
C LEU A 1 5.97 10.79 -23.35
N SER A 2 6.89 10.53 -22.42
CA SER A 2 7.41 11.60 -21.59
C SER A 2 8.78 11.24 -21.03
N ASP A 3 9.54 12.25 -20.59
CA ASP A 3 10.87 12.04 -20.02
C ASP A 3 10.80 11.23 -18.73
N ASP A 4 9.74 11.46 -17.95
CA ASP A 4 9.55 10.78 -16.68
C ASP A 4 9.01 9.37 -16.87
N SER A 5 9.16 8.58 -15.82
CA SER A 5 8.70 7.19 -15.83
C SER A 5 7.87 6.93 -14.58
N LYS A 6 6.92 6.01 -14.68
CA LYS A 6 5.95 5.75 -13.62
C LYS A 6 6.54 5.06 -12.38
N PHE A 7 6.11 5.59 -11.23
CA PHE A 7 6.49 5.06 -9.93
C PHE A 7 5.21 4.74 -9.15
N GLY A 8 5.15 3.56 -8.56
CA GLY A 8 3.96 3.17 -7.85
C GLY A 8 3.81 3.93 -6.55
N PHE A 9 2.62 3.85 -6.01
CA PHE A 9 2.35 4.46 -4.75
C PHE A 9 1.49 3.50 -3.96
N ILE A 10 1.84 3.25 -2.73
CA ILE A 10 1.06 2.35 -1.89
C ILE A 10 0.57 3.11 -0.68
N VAL A 11 -0.72 3.05 -0.33
CA VAL A 11 -1.19 3.67 0.89
C VAL A 11 -1.74 2.47 1.64
N ILE A 12 -1.29 2.23 2.87
CA ILE A 12 -1.72 1.03 3.59
C ILE A 12 -2.39 1.35 4.92
N ASP A 13 -3.58 0.79 5.09
CA ASP A 13 -4.32 0.92 6.34
C ASP A 13 -5.01 -0.43 6.63
N GLY A 14 -5.28 -0.68 7.89
CA GLY A 14 -5.86 -1.95 8.35
C GLY A 14 -7.27 -2.31 7.83
N SER A 15 -8.11 -1.32 7.64
CA SER A 15 -9.47 -1.51 7.21
C SER A 15 -9.64 -0.70 6.01
N GLY A 16 -8.88 -1.08 5.04
CA GLY A 16 -8.92 -0.51 3.71
C GLY A 16 -7.56 0.01 3.27
N ALA A 17 -7.35 0.09 1.97
CA ALA A 17 -6.09 0.58 1.42
C ALA A 17 -6.31 1.19 0.04
N LEU A 18 -5.48 2.19 -0.32
CA LEU A 18 -5.59 2.84 -1.64
C LEU A 18 -4.29 2.66 -2.39
N PHE A 19 -4.29 2.10 -3.62
CA PHE A 19 -3.00 1.96 -4.31
C PHE A 19 -2.90 2.85 -5.54
N GLY A 20 -1.98 3.80 -5.41
CA GLY A 20 -1.81 4.83 -6.43
C GLY A 20 -0.46 4.78 -7.14
N THR A 21 -0.28 5.74 -8.06
CA THR A 21 0.96 5.85 -8.84
C THR A 21 1.43 7.31 -8.94
N LEU A 22 2.73 7.52 -9.12
CA LEU A 22 3.28 8.87 -9.31
C LEU A 22 4.08 8.91 -10.63
N GLN A 23 3.70 9.81 -11.54
CA GLN A 23 4.45 9.95 -12.80
C GLN A 23 4.74 11.42 -13.06
N GLY A 24 6.02 11.74 -13.23
CA GLY A 24 6.39 13.13 -13.48
C GLY A 24 5.85 13.96 -12.33
N ASN A 25 5.23 15.09 -12.66
CA ASN A 25 4.62 15.92 -11.64
C ASN A 25 3.12 15.63 -11.60
N THR A 26 2.70 14.61 -12.35
CA THR A 26 1.29 14.26 -12.42
C THR A 26 0.97 13.03 -11.57
N ARG A 27 -0.31 12.89 -11.21
CA ARG A 27 -0.69 11.82 -10.30
C ARG A 27 -1.80 10.94 -10.94
N GLU A 28 -1.79 9.62 -10.64
CA GLU A 28 -2.76 8.67 -11.17
C GLU A 28 -3.23 7.68 -10.09
N VAL A 29 -4.39 7.08 -10.35
CA VAL A 29 -4.98 6.09 -9.42
C VAL A 29 -4.98 4.70 -10.11
N LEU A 30 -4.47 3.67 -9.43
CA LEU A 30 -4.48 2.32 -10.02
C LEU A 30 -5.71 1.51 -9.58
N HIS A 31 -5.96 1.54 -8.26
CA HIS A 31 -7.07 0.85 -7.64
C HIS A 31 -7.38 1.52 -6.33
N LYS A 32 -8.57 1.33 -5.76
CA LYS A 32 -8.87 1.89 -4.45
C LYS A 32 -9.67 0.79 -3.73
N PHE A 33 -9.55 0.66 -2.42
CA PHE A 33 -10.34 -0.39 -1.79
C PHE A 33 -10.62 -0.27 -0.30
N THR A 34 -11.58 -1.12 0.06
CA THR A 34 -11.95 -1.35 1.45
C THR A 34 -11.94 -2.86 1.69
N VAL A 35 -11.27 -3.34 2.75
CA VAL A 35 -11.21 -4.80 2.98
C VAL A 35 -11.70 -5.22 4.35
N ASP A 36 -12.59 -6.22 4.39
CA ASP A 36 -13.11 -6.71 5.65
C ASP A 36 -12.14 -7.71 6.29
N LEU A 37 -11.63 -7.31 7.44
CA LEU A 37 -10.68 -8.07 8.25
C LEU A 37 -11.35 -9.42 8.73
N PRO A 38 -10.90 -10.16 9.76
CA PRO A 38 -11.38 -11.54 10.15
C PRO A 38 -12.76 -12.03 9.69
N LYS A 39 -12.96 -13.33 9.89
CA LYS A 39 -14.18 -14.04 9.46
C LYS A 39 -15.50 -13.64 10.11
N LYS A 40 -15.50 -13.48 11.43
CA LYS A 40 -16.74 -13.16 12.14
C LYS A 40 -17.15 -11.73 11.89
N HIS A 41 -18.42 -11.53 11.63
CA HIS A 41 -18.92 -10.18 11.39
C HIS A 41 -20.07 -9.86 12.35
N GLY A 42 -19.86 -10.26 13.60
CA GLY A 42 -20.82 -10.04 14.67
C GLY A 42 -21.70 -11.28 14.89
N ARG A 43 -21.61 -12.20 13.96
CA ARG A 43 -22.35 -13.45 14.05
C ARG A 43 -21.90 -14.29 15.25
N GLY A 44 -20.59 -14.29 15.47
CA GLY A 44 -19.99 -15.08 16.54
C GLY A 44 -20.03 -14.39 17.91
N GLY A 45 -19.42 -15.08 18.87
CA GLY A 45 -19.37 -14.62 20.25
C GLY A 45 -18.44 -13.44 20.40
N GLN A 46 -17.85 -13.01 19.29
CA GLN A 46 -16.92 -11.90 19.29
C GLN A 46 -17.68 -10.58 19.36
N SER A 47 -17.22 -9.67 20.22
CA SER A 47 -17.90 -8.39 20.34
C SER A 47 -17.67 -7.57 19.09
N ALA A 48 -18.64 -6.76 18.69
CA ALA A 48 -18.41 -5.98 17.49
C ALA A 48 -17.24 -5.01 17.71
N LEU A 49 -17.18 -4.37 18.88
CA LEU A 49 -16.07 -3.48 19.17
C LEU A 49 -14.72 -4.21 19.25
N ARG A 50 -14.78 -5.37 19.91
CA ARG A 50 -13.61 -6.22 20.13
C ARG A 50 -13.12 -6.92 18.88
N PHE A 51 -13.96 -7.02 17.85
CA PHE A 51 -13.56 -7.76 16.68
C PHE A 51 -12.32 -7.09 16.10
N ALA A 52 -12.33 -5.78 15.95
CA ALA A 52 -11.16 -5.09 15.41
C ALA A 52 -9.96 -5.26 16.36
N ARG A 53 -10.19 -5.22 17.68
CA ARG A 53 -9.10 -5.41 18.65
C ARG A 53 -8.48 -6.80 18.52
N LEU A 54 -9.35 -7.77 18.34
CA LEU A 54 -8.98 -9.19 18.20
C LEU A 54 -8.12 -9.41 16.96
N ARG A 55 -8.47 -8.75 15.89
CA ARG A 55 -7.75 -8.90 14.62
C ARG A 55 -6.26 -8.51 14.70
N MET A 56 -5.96 -7.43 15.40
CA MET A 56 -4.61 -6.82 15.27
C MET A 56 -3.50 -7.86 15.00
N GLU A 57 -3.57 -9.09 15.50
CA GLU A 57 -2.55 -10.09 15.11
C GLU A 57 -2.69 -10.41 13.61
N LYS A 58 -3.96 -10.47 13.20
CA LYS A 58 -4.42 -10.71 11.82
C LYS A 58 -4.04 -9.58 10.88
N ARG A 59 -3.59 -8.46 11.41
CA ARG A 59 -3.24 -7.32 10.57
C ARG A 59 -2.13 -7.75 9.63
N HIS A 60 -1.21 -8.57 10.13
CA HIS A 60 -0.09 -9.05 9.32
C HIS A 60 -0.58 -9.79 8.08
N ASN A 61 -1.59 -10.66 8.26
CA ASN A 61 -2.13 -11.42 7.11
C ASN A 61 -2.72 -10.41 6.13
N TYR A 62 -3.38 -9.45 6.74
CA TYR A 62 -4.01 -8.39 5.93
C TYR A 62 -2.90 -7.70 5.12
N VAL A 63 -1.78 -7.35 5.78
CA VAL A 63 -0.66 -6.69 5.09
C VAL A 63 -0.11 -7.59 3.98
N ARG A 64 0.07 -8.89 4.25
CA ARG A 64 0.58 -9.79 3.22
C ARG A 64 -0.42 -9.78 2.07
N LYS A 65 -1.68 -9.82 2.45
CA LYS A 65 -2.76 -9.85 1.47
C LYS A 65 -2.64 -8.58 0.64
N VAL A 66 -2.37 -7.48 1.32
CA VAL A 66 -2.15 -6.20 0.65
C VAL A 66 -0.89 -6.29 -0.23
N ALA A 67 0.16 -6.90 0.29
CA ALA A 67 1.39 -7.06 -0.47
C ALA A 67 1.12 -7.90 -1.69
N GLU A 68 0.26 -8.90 -1.53
CA GLU A 68 -0.10 -9.79 -2.62
C GLU A 68 -0.82 -8.96 -3.68
N THR A 69 -1.62 -8.01 -3.23
CA THR A 69 -2.33 -7.13 -4.12
C THR A 69 -1.34 -6.29 -4.95
N ALA A 70 -0.26 -5.79 -4.33
CA ALA A 70 0.68 -4.93 -5.06
C ALA A 70 1.36 -5.67 -6.22
N VAL A 71 1.74 -6.93 -6.04
CA VAL A 71 2.44 -7.67 -7.10
C VAL A 71 1.56 -7.83 -8.33
N GLN A 72 0.30 -8.15 -8.10
CA GLN A 72 -0.62 -8.29 -9.22
C GLN A 72 -0.78 -6.93 -9.89
N LEU A 73 -0.86 -5.91 -9.04
CA LEU A 73 -0.93 -4.53 -9.49
C LEU A 73 0.34 -4.09 -10.22
N PHE A 74 1.50 -4.50 -9.68
CA PHE A 74 2.79 -4.03 -10.22
C PHE A 74 3.59 -5.04 -11.05
N ILE A 75 3.12 -6.24 -11.12
CA ILE A 75 3.72 -7.27 -11.96
C ILE A 75 2.66 -7.95 -12.82
N SER A 76 3.02 -8.27 -14.05
CA SER A 76 2.12 -9.00 -14.93
C SER A 76 2.87 -10.04 -15.69
N GLY A 77 2.28 -11.21 -15.93
CA GLY A 77 2.99 -12.23 -16.69
C GLY A 77 4.44 -12.32 -16.25
N ASP A 78 5.22 -11.41 -16.79
CA ASP A 78 6.64 -11.26 -16.50
C ASP A 78 7.01 -9.78 -16.62
N LYS A 79 5.96 -8.98 -16.68
CA LYS A 79 6.01 -7.54 -16.77
C LYS A 79 6.23 -6.94 -15.40
N VAL A 80 6.75 -5.72 -15.39
CA VAL A 80 6.78 -4.93 -14.17
C VAL A 80 6.08 -3.62 -14.53
N ASN A 81 5.12 -3.17 -13.73
CA ASN A 81 4.40 -1.95 -14.08
C ASN A 81 4.97 -0.70 -13.41
N VAL A 82 6.14 -0.81 -12.78
CA VAL A 82 6.72 0.34 -12.10
C VAL A 82 8.13 0.66 -12.52
N ALA A 83 8.35 1.95 -12.73
CA ALA A 83 9.67 2.45 -13.01
C ALA A 83 10.48 2.46 -11.71
N GLY A 84 9.78 2.30 -10.57
CA GLY A 84 10.37 2.30 -9.24
C GLY A 84 9.18 2.31 -8.27
N LEU A 85 9.37 2.21 -6.95
CA LEU A 85 8.20 2.20 -6.03
C LEU A 85 8.29 3.18 -4.86
N VAL A 86 7.13 3.71 -4.49
CA VAL A 86 7.01 4.59 -3.34
C VAL A 86 6.03 3.95 -2.37
N LEU A 87 6.42 3.78 -1.10
CA LEU A 87 5.55 3.12 -0.13
C LEU A 87 4.97 4.12 0.88
N ALA A 88 3.64 4.12 1.08
CA ALA A 88 3.05 5.03 2.07
C ALA A 88 2.09 4.32 3.02
N GLY A 89 2.19 4.64 4.32
CA GLY A 89 1.36 3.96 5.32
C GLY A 89 1.36 4.68 6.67
N SER A 90 0.40 4.29 7.52
CA SER A 90 0.28 4.86 8.87
C SER A 90 1.34 4.28 9.84
N ALA A 91 1.62 5.02 10.90
CA ALA A 91 2.59 4.57 11.92
C ALA A 91 3.90 4.04 11.33
N ASP A 92 4.37 4.71 10.29
CA ASP A 92 5.62 4.32 9.60
C ASP A 92 5.53 2.92 9.00
N PHE A 93 4.35 2.58 8.52
CA PHE A 93 4.11 1.28 7.93
C PHE A 93 5.00 1.04 6.71
N LYS A 94 5.16 2.01 5.85
CA LYS A 94 5.88 1.74 4.60
C LYS A 94 7.25 1.10 4.93
N THR A 95 7.94 1.74 5.82
CA THR A 95 9.28 1.31 6.18
C THR A 95 9.14 -0.14 6.66
N GLU A 96 8.14 -0.40 7.47
CA GLU A 96 7.83 -1.76 7.93
C GLU A 96 7.37 -2.64 6.77
N LEU A 97 6.64 -2.07 5.81
CA LEU A 97 6.12 -2.86 4.70
C LEU A 97 7.25 -3.44 3.90
N SER A 98 8.32 -2.65 3.64
CA SER A 98 9.51 -3.16 2.91
C SER A 98 9.62 -4.62 3.27
N GLN A 99 10.44 -4.94 4.28
CA GLN A 99 10.56 -6.34 4.72
C GLN A 99 10.23 -7.36 3.62
N SER A 100 11.24 -7.89 2.99
CA SER A 100 11.03 -8.84 1.89
C SER A 100 10.34 -10.13 2.34
N ASP A 101 10.37 -10.47 3.63
CA ASP A 101 9.74 -11.73 4.04
C ASP A 101 8.22 -11.72 3.81
N MET A 102 7.58 -10.57 4.06
CA MET A 102 6.14 -10.49 3.77
C MET A 102 5.94 -9.90 2.39
N PHE A 103 6.60 -8.77 2.14
CA PHE A 103 6.52 -8.07 0.87
C PHE A 103 7.13 -8.98 -0.19
N ASP A 104 7.08 -8.58 -1.43
CA ASP A 104 7.59 -9.43 -2.50
C ASP A 104 9.08 -9.29 -2.58
N GLN A 105 9.71 -10.34 -3.04
CA GLN A 105 11.13 -10.27 -3.23
C GLN A 105 11.40 -9.25 -4.32
N ARG A 106 10.58 -9.27 -5.37
CA ARG A 106 10.70 -8.40 -6.49
C ARG A 106 10.56 -6.91 -6.22
N LEU A 107 9.57 -6.47 -5.42
CA LEU A 107 9.46 -5.04 -5.25
C LEU A 107 10.69 -4.52 -4.58
N GLN A 108 11.15 -5.19 -3.51
CA GLN A 108 12.26 -4.64 -2.76
C GLN A 108 13.36 -4.12 -3.64
N SER A 109 13.53 -4.64 -4.84
CA SER A 109 14.60 -4.15 -5.70
C SER A 109 14.19 -2.85 -6.38
N LYS A 110 12.92 -2.47 -6.21
CA LYS A 110 12.38 -1.24 -6.77
C LYS A 110 12.17 -0.21 -5.66
N VAL A 111 12.81 -0.45 -4.52
CA VAL A 111 12.56 0.43 -3.38
C VAL A 111 13.29 1.78 -3.50
N LEU A 112 12.41 2.75 -3.81
CA LEU A 112 12.78 4.21 -3.95
C LEU A 112 12.56 5.20 -2.72
N LYS A 113 11.32 5.23 -2.15
CA LYS A 113 10.96 6.11 -1.02
C LYS A 113 9.89 5.52 -0.13
N LEU A 114 9.87 5.95 1.13
CA LEU A 114 8.83 5.56 2.08
C LEU A 114 8.30 6.88 2.72
N VAL A 115 6.98 7.15 2.71
CA VAL A 115 6.46 8.41 3.33
C VAL A 115 5.21 8.14 4.17
N ASP A 116 4.87 8.97 5.18
CA ASP A 116 3.64 8.76 5.95
C ASP A 116 2.50 9.39 5.17
N ILE A 117 1.23 9.34 5.62
CA ILE A 117 0.14 9.98 4.91
C ILE A 117 -0.59 10.90 5.90
N SER A 118 -1.12 12.05 5.47
CA SER A 118 -1.78 12.87 6.48
C SER A 118 -2.92 12.05 7.08
N TYR A 119 -3.69 11.41 6.22
CA TYR A 119 -4.75 10.52 6.64
C TYR A 119 -5.07 9.54 5.53
N GLY A 120 -5.60 8.36 5.89
CA GLY A 120 -6.04 7.37 4.90
C GLY A 120 -5.39 7.52 3.52
N GLY A 121 -6.23 7.53 2.51
CA GLY A 121 -5.79 7.61 1.11
C GLY A 121 -5.83 8.99 0.50
N GLU A 122 -6.79 9.20 -0.38
CA GLU A 122 -6.89 10.42 -1.17
C GLU A 122 -6.21 11.64 -0.55
N ASN A 123 -6.72 12.24 0.51
CA ASN A 123 -6.07 13.46 0.98
C ASN A 123 -4.64 13.23 1.44
N GLY A 124 -4.38 12.13 2.16
CA GLY A 124 -3.02 11.80 2.57
C GLY A 124 -2.18 11.50 1.33
N PHE A 125 -2.86 10.82 0.42
CA PHE A 125 -2.29 10.36 -0.83
C PHE A 125 -1.82 11.55 -1.67
N ASN A 126 -2.67 12.58 -1.81
CA ASN A 126 -2.30 13.79 -2.55
C ASN A 126 -1.16 14.53 -1.86
N GLN A 127 -1.18 14.61 -0.52
CA GLN A 127 -0.20 15.37 0.24
C GLN A 127 1.22 14.83 0.15
N ALA A 128 1.35 13.50 0.17
CA ALA A 128 2.69 12.93 0.15
C ALA A 128 3.37 13.29 -1.16
N ILE A 129 2.61 13.29 -2.24
CA ILE A 129 3.16 13.63 -3.53
C ILE A 129 3.65 15.07 -3.58
N GLU A 130 2.86 16.00 -3.05
CA GLU A 130 3.33 17.38 -3.16
C GLU A 130 4.67 17.38 -2.42
N LEU A 131 4.66 16.77 -1.25
CA LEU A 131 5.86 16.73 -0.45
C LEU A 131 6.95 15.97 -1.21
N SER A 132 6.56 14.87 -1.85
CA SER A 132 7.50 14.10 -2.67
C SER A 132 6.97 14.01 -4.09
N THR A 133 6.99 15.14 -4.79
CA THR A 133 6.62 15.20 -6.21
C THR A 133 7.89 15.36 -7.04
N GLU A 134 8.81 16.12 -6.44
CA GLU A 134 10.09 16.51 -7.02
C GLU A 134 11.21 15.48 -6.85
N VAL A 135 11.03 14.48 -6.00
CA VAL A 135 11.99 13.42 -5.78
C VAL A 135 11.70 12.29 -6.75
N LEU A 136 10.61 12.48 -7.48
CA LEU A 136 10.15 11.50 -8.46
C LEU A 136 9.83 12.17 -9.78
N LEU A 1 15.76 17.42 -18.14
CA LEU A 1 16.88 16.45 -17.98
C LEU A 1 16.55 15.17 -18.73
N SER A 2 15.71 14.36 -18.11
CA SER A 2 15.30 13.08 -18.70
C SER A 2 13.79 12.90 -18.55
N ASP A 3 13.19 12.17 -19.49
CA ASP A 3 11.75 11.93 -19.44
C ASP A 3 11.41 11.09 -18.23
N ASP A 4 10.28 11.40 -17.61
CA ASP A 4 9.84 10.69 -16.43
C ASP A 4 9.22 9.35 -16.77
N SER A 5 9.29 8.47 -15.78
CA SER A 5 8.74 7.13 -15.90
C SER A 5 7.89 6.93 -14.65
N LYS A 6 6.88 6.07 -14.73
CA LYS A 6 5.90 5.91 -13.65
C LYS A 6 6.44 5.19 -12.40
N PHE A 7 6.03 5.71 -11.22
CA PHE A 7 6.46 5.16 -9.93
C PHE A 7 5.28 4.77 -9.04
N GLY A 8 5.33 3.57 -8.47
CA GLY A 8 4.24 3.10 -7.62
C GLY A 8 4.13 3.88 -6.35
N PHE A 9 2.93 3.85 -5.80
CA PHE A 9 2.68 4.51 -4.56
C PHE A 9 1.80 3.58 -3.74
N ILE A 10 2.17 3.23 -2.50
CA ILE A 10 1.28 2.36 -1.75
C ILE A 10 0.78 2.95 -0.44
N VAL A 11 -0.50 3.31 -0.47
CA VAL A 11 -1.14 3.89 0.70
C VAL A 11 -1.85 2.75 1.40
N ILE A 12 -1.44 2.46 2.64
CA ILE A 12 -2.00 1.34 3.37
C ILE A 12 -2.50 1.62 4.78
N ASP A 13 -3.64 1.00 5.06
CA ASP A 13 -4.23 1.02 6.38
C ASP A 13 -4.75 -0.40 6.66
N GLY A 14 -4.84 -0.75 7.93
CA GLY A 14 -5.23 -2.09 8.40
C GLY A 14 -6.65 -2.52 8.02
N SER A 15 -7.54 -1.55 7.96
CA SER A 15 -8.92 -1.75 7.66
C SER A 15 -9.20 -0.94 6.45
N GLY A 16 -8.49 -1.32 5.42
CA GLY A 16 -8.62 -0.74 4.08
C GLY A 16 -7.29 -0.20 3.57
N ALA A 17 -7.15 -0.13 2.23
CA ALA A 17 -5.91 0.35 1.60
C ALA A 17 -6.20 1.00 0.23
N LEU A 18 -5.39 2.00 -0.17
CA LEU A 18 -5.55 2.63 -1.48
C LEU A 18 -4.24 2.49 -2.27
N PHE A 19 -4.26 1.99 -3.52
CA PHE A 19 -2.98 1.90 -4.26
C PHE A 19 -2.89 2.83 -5.47
N GLY A 20 -1.98 3.79 -5.37
CA GLY A 20 -1.83 4.84 -6.40
C GLY A 20 -0.50 4.78 -7.13
N THR A 21 -0.30 5.75 -8.03
CA THR A 21 0.93 5.82 -8.81
C THR A 21 1.40 7.28 -8.99
N LEU A 22 2.70 7.46 -9.21
CA LEU A 22 3.27 8.78 -9.46
C LEU A 22 4.00 8.79 -10.80
N GLN A 23 3.59 9.71 -11.69
CA GLN A 23 4.26 9.86 -12.97
C GLN A 23 4.61 11.33 -13.21
N GLY A 24 5.89 11.61 -13.40
CA GLY A 24 6.30 12.99 -13.64
C GLY A 24 5.86 13.85 -12.46
N ASN A 25 5.27 14.99 -12.76
CA ASN A 25 4.80 15.90 -11.72
C ASN A 25 3.32 15.65 -11.42
N THR A 26 2.77 14.56 -11.97
CA THR A 26 1.35 14.26 -11.76
C THR A 26 1.13 12.83 -11.25
N ARG A 27 -0.06 12.59 -10.68
CA ARG A 27 -0.39 11.29 -10.08
C ARG A 27 -1.68 10.69 -10.61
N GLU A 28 -1.73 9.36 -10.56
CA GLU A 28 -2.87 8.60 -11.05
C GLU A 28 -3.33 7.57 -10.01
N VAL A 29 -4.57 7.15 -10.15
CA VAL A 29 -5.19 6.18 -9.25
C VAL A 29 -5.36 4.87 -10.02
N LEU A 30 -4.90 3.77 -9.42
CA LEU A 30 -5.00 2.46 -10.07
C LEU A 30 -6.11 1.60 -9.48
N HIS A 31 -6.18 1.56 -8.14
CA HIS A 31 -7.23 0.77 -7.46
C HIS A 31 -7.45 1.38 -6.08
N LYS A 32 -8.60 1.15 -5.45
CA LYS A 32 -8.83 1.65 -4.12
C LYS A 32 -9.59 0.54 -3.40
N PHE A 33 -9.44 0.38 -2.09
CA PHE A 33 -10.23 -0.68 -1.45
C PHE A 33 -10.46 -0.57 0.05
N THR A 34 -11.44 -1.38 0.44
CA THR A 34 -11.75 -1.59 1.84
C THR A 34 -11.78 -3.09 2.10
N VAL A 35 -11.06 -3.59 3.12
CA VAL A 35 -11.04 -5.03 3.35
C VAL A 35 -11.49 -5.39 4.77
N ASP A 36 -12.42 -6.34 4.87
CA ASP A 36 -12.91 -6.74 6.18
C ASP A 36 -11.97 -7.78 6.80
N LEU A 37 -11.41 -7.38 7.93
CA LEU A 37 -10.47 -8.17 8.73
C LEU A 37 -11.18 -9.48 9.25
N PRO A 38 -10.73 -10.20 10.30
CA PRO A 38 -11.28 -11.54 10.70
C PRO A 38 -12.72 -11.88 10.30
N LYS A 39 -12.92 -13.17 10.17
CA LYS A 39 -14.17 -13.82 9.72
C LYS A 39 -15.42 -13.72 10.61
N LYS A 40 -15.28 -13.93 11.93
CA LYS A 40 -16.45 -13.95 12.81
C LYS A 40 -17.03 -12.57 13.00
N HIS A 41 -18.34 -12.50 12.91
CA HIS A 41 -19.03 -11.24 13.07
C HIS A 41 -20.09 -11.36 14.15
N GLY A 42 -19.69 -11.92 15.30
CA GLY A 42 -20.58 -12.12 16.43
C GLY A 42 -21.17 -13.53 16.44
N ARG A 43 -20.91 -14.28 15.38
CA ARG A 43 -21.38 -15.65 15.28
C ARG A 43 -20.76 -16.50 16.37
N GLY A 44 -19.48 -16.28 16.59
CA GLY A 44 -18.72 -17.03 17.58
C GLY A 44 -18.81 -16.41 18.97
N GLY A 45 -18.07 -17.02 19.89
CA GLY A 45 -18.05 -16.57 21.28
C GLY A 45 -17.25 -15.28 21.40
N GLN A 46 -16.66 -14.85 20.28
CA GLN A 46 -15.87 -13.62 20.27
C GLN A 46 -16.81 -12.42 20.19
N SER A 47 -16.60 -11.42 21.04
CA SER A 47 -17.49 -10.25 21.06
C SER A 47 -17.28 -9.41 19.81
N ALA A 48 -18.34 -8.75 19.34
CA ALA A 48 -18.17 -7.93 18.15
C ALA A 48 -17.21 -6.76 18.40
N LEU A 49 -17.33 -6.11 19.57
CA LEU A 49 -16.42 -5.01 19.91
C LEU A 49 -14.97 -5.49 20.08
N ARG A 50 -14.86 -6.62 20.77
CA ARG A 50 -13.57 -7.26 21.09
C ARG A 50 -12.88 -7.83 19.86
N PHE A 51 -13.64 -8.08 18.82
CA PHE A 51 -13.10 -8.73 17.64
C PHE A 51 -11.99 -7.92 16.99
N ALA A 52 -12.20 -6.63 16.81
CA ALA A 52 -11.19 -5.87 16.12
C ALA A 52 -9.88 -5.89 16.91
N ARG A 53 -9.96 -5.85 18.22
CA ARG A 53 -8.77 -5.89 19.10
C ARG A 53 -8.02 -7.23 18.91
N LEU A 54 -8.81 -8.27 18.77
CA LEU A 54 -8.35 -9.66 18.60
C LEU A 54 -7.52 -9.86 17.31
N ARG A 55 -7.95 -9.20 16.24
CA ARG A 55 -7.30 -9.37 14.92
C ARG A 55 -5.83 -8.99 14.93
N MET A 56 -5.48 -7.91 15.59
CA MET A 56 -4.17 -7.29 15.39
C MET A 56 -3.06 -8.30 15.01
N GLU A 57 -3.11 -9.56 15.49
CA GLU A 57 -2.13 -10.57 15.04
C GLU A 57 -2.35 -10.89 13.54
N LYS A 58 -3.62 -10.92 13.17
CA LYS A 58 -4.14 -11.16 11.82
C LYS A 58 -3.73 -10.07 10.84
N ARG A 59 -3.20 -8.95 11.34
CA ARG A 59 -2.81 -7.85 10.47
C ARG A 59 -1.74 -8.33 9.48
N HIS A 60 -0.85 -9.17 9.97
CA HIS A 60 0.23 -9.70 9.12
C HIS A 60 -0.37 -10.43 7.91
N ASN A 61 -1.43 -11.21 8.12
CA ASN A 61 -2.06 -11.91 7.00
C ASN A 61 -2.60 -10.85 6.02
N TYR A 62 -3.18 -9.84 6.65
CA TYR A 62 -3.71 -8.69 5.89
C TYR A 62 -2.55 -8.04 5.10
N VAL A 63 -1.41 -7.80 5.75
CA VAL A 63 -0.26 -7.18 5.09
C VAL A 63 0.25 -8.05 3.94
N ARG A 64 0.35 -9.36 4.13
CA ARG A 64 0.81 -10.24 3.05
C ARG A 64 -0.19 -10.12 1.90
N LYS A 65 -1.46 -10.11 2.29
CA LYS A 65 -2.55 -10.03 1.33
C LYS A 65 -2.37 -8.73 0.54
N VAL A 66 -2.01 -7.66 1.23
CA VAL A 66 -1.74 -6.40 0.58
C VAL A 66 -0.54 -6.54 -0.34
N ALA A 67 0.49 -7.23 0.12
CA ALA A 67 1.68 -7.43 -0.68
C ALA A 67 1.33 -8.21 -1.93
N GLU A 68 0.43 -9.17 -1.78
CA GLU A 68 0.00 -9.97 -2.92
C GLU A 68 -0.71 -9.06 -3.91
N THR A 69 -1.46 -8.11 -3.38
CA THR A 69 -2.17 -7.14 -4.21
C THR A 69 -1.18 -6.28 -4.99
N ALA A 70 -0.08 -5.83 -4.36
CA ALA A 70 0.87 -4.95 -5.06
C ALA A 70 1.47 -5.66 -6.27
N VAL A 71 1.82 -6.94 -6.15
CA VAL A 71 2.42 -7.65 -7.28
C VAL A 71 1.46 -7.73 -8.47
N GLN A 72 0.22 -8.05 -8.17
CA GLN A 72 -0.76 -8.11 -9.24
C GLN A 72 -0.94 -6.73 -9.86
N LEU A 73 -0.96 -5.73 -8.99
CA LEU A 73 -1.05 -4.34 -9.41
C LEU A 73 0.19 -3.87 -10.19
N PHE A 74 1.37 -4.29 -9.71
CA PHE A 74 2.64 -3.80 -10.27
C PHE A 74 3.41 -4.77 -11.16
N ILE A 75 2.91 -5.97 -11.29
CA ILE A 75 3.51 -6.97 -12.17
C ILE A 75 2.46 -7.62 -13.06
N SER A 76 2.82 -7.89 -14.31
CA SER A 76 1.90 -8.59 -15.22
C SER A 76 2.65 -9.57 -16.05
N GLY A 77 2.08 -10.74 -16.29
CA GLY A 77 2.77 -11.70 -17.13
C GLY A 77 4.22 -11.85 -16.67
N ASP A 78 5.02 -10.92 -17.18
CA ASP A 78 6.45 -10.80 -16.87
C ASP A 78 6.84 -9.32 -16.93
N LYS A 79 5.81 -8.52 -16.95
CA LYS A 79 5.86 -7.07 -16.98
C LYS A 79 6.05 -6.53 -15.58
N VAL A 80 6.57 -5.32 -15.48
CA VAL A 80 6.59 -4.58 -14.24
C VAL A 80 5.89 -3.26 -14.53
N ASN A 81 4.95 -2.83 -13.72
CA ASN A 81 4.22 -1.59 -14.02
C ASN A 81 4.82 -0.35 -13.36
N VAL A 82 6.00 -0.46 -12.74
CA VAL A 82 6.61 0.70 -12.10
C VAL A 82 8.10 0.90 -12.40
N ALA A 83 8.47 2.18 -12.35
CA ALA A 83 9.83 2.61 -12.57
C ALA A 83 10.62 2.69 -11.26
N GLY A 84 9.93 2.55 -10.13
CA GLY A 84 10.55 2.61 -8.80
C GLY A 84 9.40 2.46 -7.80
N LEU A 85 9.65 2.60 -6.51
CA LEU A 85 8.51 2.42 -5.54
C LEU A 85 8.48 3.35 -4.33
N VAL A 86 7.29 3.90 -4.07
CA VAL A 86 7.10 4.73 -2.89
C VAL A 86 6.05 4.06 -2.00
N LEU A 87 6.39 3.84 -0.73
CA LEU A 87 5.48 3.19 0.20
C LEU A 87 4.94 4.19 1.22
N ALA A 88 3.62 4.26 1.42
CA ALA A 88 3.08 5.19 2.40
C ALA A 88 2.06 4.54 3.32
N GLY A 89 2.18 4.86 4.61
CA GLY A 89 1.26 4.27 5.59
C GLY A 89 1.30 4.93 6.97
N SER A 90 0.29 4.61 7.78
CA SER A 90 0.18 5.12 9.15
C SER A 90 1.16 4.41 10.10
N ALA A 91 1.43 5.04 11.24
CA ALA A 91 2.34 4.46 12.22
C ALA A 91 3.62 3.94 11.58
N ASP A 92 4.09 4.66 10.58
CA ASP A 92 5.31 4.27 9.87
C ASP A 92 5.14 2.90 9.20
N PHE A 93 3.95 2.67 8.70
CA PHE A 93 3.62 1.40 8.06
C PHE A 93 4.54 1.16 6.87
N LYS A 94 4.77 2.18 6.07
CA LYS A 94 5.56 1.98 4.85
C LYS A 94 6.89 1.28 5.20
N THR A 95 7.59 1.84 6.15
CA THR A 95 8.88 1.26 6.54
C THR A 95 8.61 -0.20 6.97
N GLU A 96 7.54 -0.40 7.73
CA GLU A 96 7.13 -1.75 8.16
C GLU A 96 6.70 -2.58 6.95
N LEU A 97 6.10 -1.93 5.99
CA LEU A 97 5.61 -2.60 4.78
C LEU A 97 6.77 -3.20 4.05
N SER A 98 7.91 -2.45 3.96
CA SER A 98 9.09 -3.00 3.27
C SER A 98 9.21 -4.43 3.72
N GLN A 99 10.03 -4.76 4.71
CA GLN A 99 10.12 -6.17 5.16
C GLN A 99 9.96 -7.14 3.96
N SER A 100 11.07 -7.58 3.41
CA SER A 100 11.04 -8.42 2.21
C SER A 100 10.32 -9.75 2.31
N ASP A 101 10.46 -10.50 3.38
CA ASP A 101 9.80 -11.78 3.36
C ASP A 101 8.28 -11.64 3.15
N MET A 102 7.61 -10.80 3.93
CA MET A 102 6.16 -10.67 3.69
C MET A 102 5.93 -10.04 2.33
N PHE A 103 6.69 -8.99 2.05
CA PHE A 103 6.57 -8.21 0.82
C PHE A 103 7.15 -9.01 -0.30
N ASP A 104 6.85 -8.58 -1.49
CA ASP A 104 7.31 -9.33 -2.65
C ASP A 104 8.78 -9.23 -2.71
N GLN A 105 9.39 -10.28 -3.13
CA GLN A 105 10.80 -10.25 -3.29
C GLN A 105 11.09 -9.22 -4.37
N ARG A 106 10.25 -9.24 -5.41
CA ARG A 106 10.39 -8.34 -6.53
C ARG A 106 10.21 -6.86 -6.27
N LEU A 107 9.21 -6.42 -5.49
CA LEU A 107 9.09 -4.97 -5.33
C LEU A 107 10.32 -4.45 -4.67
N GLN A 108 10.75 -5.14 -3.62
CA GLN A 108 11.88 -4.63 -2.84
C GLN A 108 13.05 -4.24 -3.72
N SER A 109 13.18 -4.84 -4.88
CA SER A 109 14.27 -4.47 -5.80
C SER A 109 14.07 -3.07 -6.33
N LYS A 110 12.86 -2.55 -6.16
CA LYS A 110 12.49 -1.21 -6.63
C LYS A 110 12.28 -0.27 -5.43
N VAL A 111 12.86 -0.64 -4.28
CA VAL A 111 12.61 0.18 -3.08
C VAL A 111 13.30 1.54 -3.20
N LEU A 112 12.39 2.48 -3.43
CA LEU A 112 12.68 3.95 -3.66
C LEU A 112 12.57 4.97 -2.44
N LYS A 113 11.36 5.05 -1.83
CA LYS A 113 11.09 5.96 -0.71
C LYS A 113 9.93 5.51 0.18
N LEU A 114 9.91 6.00 1.43
CA LEU A 114 8.77 5.77 2.30
C LEU A 114 8.34 7.16 2.83
N VAL A 115 7.04 7.53 2.76
CA VAL A 115 6.57 8.83 3.28
C VAL A 115 5.27 8.60 4.05
N ASP A 116 4.89 9.45 5.00
CA ASP A 116 3.62 9.27 5.73
C ASP A 116 2.48 9.81 4.86
N ILE A 117 1.24 9.72 5.30
CA ILE A 117 0.09 10.23 4.54
C ILE A 117 -0.65 11.20 5.47
N SER A 118 -1.20 12.31 4.97
CA SER A 118 -1.86 13.17 5.95
C SER A 118 -2.93 12.34 6.61
N TYR A 119 -3.70 11.64 5.77
CA TYR A 119 -4.71 10.73 6.25
C TYR A 119 -5.01 9.70 5.19
N GLY A 120 -5.46 8.52 5.60
CA GLY A 120 -5.88 7.49 4.65
C GLY A 120 -5.26 7.59 3.27
N GLY A 121 -6.12 7.51 2.27
CA GLY A 121 -5.79 7.53 0.86
C GLY A 121 -5.68 8.91 0.22
N GLU A 122 -6.53 9.08 -0.77
CA GLU A 122 -6.56 10.24 -1.63
C GLU A 122 -5.93 11.52 -1.04
N ASN A 123 -6.51 12.13 -0.01
CA ASN A 123 -5.87 13.38 0.44
C ASN A 123 -4.45 13.15 0.96
N GLY A 124 -4.24 12.08 1.72
CA GLY A 124 -2.87 11.80 2.19
C GLY A 124 -2.01 11.48 0.99
N PHE A 125 -2.64 10.73 0.12
CA PHE A 125 -2.01 10.27 -1.09
C PHE A 125 -1.59 11.43 -1.97
N ASN A 126 -2.48 12.40 -2.17
CA ASN A 126 -2.12 13.56 -2.97
C ASN A 126 -1.00 14.38 -2.33
N GLN A 127 -1.05 14.56 -1.00
CA GLN A 127 -0.04 15.36 -0.30
C GLN A 127 1.35 14.76 -0.34
N ALA A 128 1.45 13.45 -0.19
CA ALA A 128 2.75 12.81 -0.18
C ALA A 128 3.45 13.00 -1.51
N ILE A 129 2.66 12.93 -2.57
CA ILE A 129 3.22 13.11 -3.90
C ILE A 129 3.75 14.54 -4.10
N GLU A 130 2.95 15.51 -3.67
CA GLU A 130 3.41 16.88 -3.91
C GLU A 130 4.71 17.02 -3.12
N LEU A 131 4.66 16.60 -1.86
CA LEU A 131 5.84 16.69 -1.01
C LEU A 131 6.95 15.82 -1.61
N SER A 132 6.57 14.64 -2.08
CA SER A 132 7.52 13.73 -2.72
C SER A 132 7.14 13.58 -4.20
N THR A 133 7.31 14.66 -4.95
CA THR A 133 7.17 14.65 -6.40
C THR A 133 8.58 14.88 -6.95
N GLU A 134 9.31 15.55 -6.07
CA GLU A 134 10.70 16.02 -6.22
C GLU A 134 11.77 14.93 -6.28
N VAL A 135 11.56 13.83 -5.57
CA VAL A 135 12.45 12.69 -5.51
C VAL A 135 12.18 11.72 -6.66
N LEU A 136 11.17 12.04 -7.46
CA LEU A 136 10.81 11.22 -8.60
C LEU A 136 10.68 12.08 -9.85
N LEU A 1 6.27 9.71 -25.90
CA LEU A 1 5.53 9.95 -24.62
C LEU A 1 6.32 10.94 -23.77
N SER A 2 5.94 11.04 -22.50
CA SER A 2 6.62 11.96 -21.58
C SER A 2 8.00 11.46 -21.18
N ASP A 3 8.87 12.40 -20.83
CA ASP A 3 10.23 12.07 -20.38
C ASP A 3 10.16 11.29 -19.08
N ASP A 4 9.17 11.63 -18.26
CA ASP A 4 8.99 11.01 -16.98
C ASP A 4 8.38 9.62 -17.14
N SER A 5 8.56 8.79 -16.12
CA SER A 5 8.05 7.43 -16.13
C SER A 5 7.33 7.14 -14.82
N LYS A 6 6.38 6.20 -14.86
CA LYS A 6 5.54 5.92 -13.70
C LYS A 6 6.24 5.24 -12.54
N PHE A 7 5.87 5.76 -11.35
CA PHE A 7 6.35 5.25 -10.08
C PHE A 7 5.13 4.88 -9.22
N GLY A 8 5.14 3.69 -8.63
CA GLY A 8 4.00 3.25 -7.83
C GLY A 8 3.89 3.98 -6.52
N PHE A 9 2.72 3.87 -5.90
CA PHE A 9 2.53 4.49 -4.60
C PHE A 9 1.69 3.54 -3.73
N ILE A 10 2.07 3.22 -2.48
CA ILE A 10 1.20 2.32 -1.70
C ILE A 10 0.69 2.88 -0.35
N VAL A 11 -0.62 3.09 -0.30
CA VAL A 11 -1.26 3.60 0.92
C VAL A 11 -1.89 2.40 1.65
N ILE A 12 -1.40 2.13 2.86
CA ILE A 12 -1.88 0.97 3.64
C ILE A 12 -2.49 1.26 5.00
N ASP A 13 -3.68 0.73 5.20
CA ASP A 13 -4.39 0.83 6.46
C ASP A 13 -5.17 -0.50 6.66
N GLY A 14 -5.53 -0.83 7.90
CA GLY A 14 -6.21 -2.11 8.21
C GLY A 14 -7.70 -2.13 7.82
N SER A 15 -8.17 -1.03 7.26
CA SER A 15 -9.55 -0.91 6.86
C SER A 15 -9.55 -0.24 5.54
N GLY A 16 -8.94 -0.94 4.64
CA GLY A 16 -8.87 -0.56 3.25
C GLY A 16 -7.52 0.00 2.90
N ALA A 17 -7.25 0.01 1.60
CA ALA A 17 -5.99 0.53 1.11
C ALA A 17 -6.19 1.16 -0.26
N LEU A 18 -5.43 2.20 -0.53
CA LEU A 18 -5.48 2.86 -1.82
C LEU A 18 -4.12 2.72 -2.46
N PHE A 19 -4.04 2.18 -3.67
CA PHE A 19 -2.73 2.07 -4.30
C PHE A 19 -2.64 3.02 -5.47
N GLY A 20 -1.77 4.01 -5.38
CA GLY A 20 -1.69 5.03 -6.40
C GLY A 20 -0.40 5.02 -7.17
N THR A 21 -0.31 5.97 -8.09
CA THR A 21 0.87 6.10 -8.89
C THR A 21 1.32 7.54 -9.00
N LEU A 22 2.62 7.73 -9.21
CA LEU A 22 3.16 9.06 -9.40
C LEU A 22 3.91 9.10 -10.73
N GLN A 23 3.49 10.01 -11.61
CA GLN A 23 4.16 10.18 -12.91
C GLN A 23 4.44 11.65 -13.17
N GLY A 24 5.70 12.00 -13.40
CA GLY A 24 6.03 13.38 -13.69
C GLY A 24 5.57 14.29 -12.56
N ASN A 25 4.94 15.39 -12.93
CA ASN A 25 4.45 16.34 -11.95
C ASN A 25 2.99 16.09 -11.61
N THR A 26 2.43 14.99 -12.11
CA THR A 26 1.00 14.68 -11.92
C THR A 26 0.79 13.34 -11.23
N ARG A 27 -0.44 13.13 -10.75
CA ARG A 27 -0.76 11.93 -9.99
C ARG A 27 -1.93 11.16 -10.58
N GLU A 28 -1.85 9.83 -10.42
CA GLU A 28 -2.85 8.90 -10.92
C GLU A 28 -3.17 7.84 -9.86
N VAL A 29 -4.30 7.16 -10.04
CA VAL A 29 -4.73 6.13 -9.09
C VAL A 29 -4.64 4.74 -9.74
N LEU A 30 -3.97 3.80 -9.06
CA LEU A 30 -3.88 2.44 -9.59
C LEU A 30 -5.06 1.61 -9.12
N HIS A 31 -5.25 1.53 -7.80
CA HIS A 31 -6.36 0.72 -7.30
C HIS A 31 -6.88 1.10 -5.91
N LYS A 32 -8.18 1.30 -5.87
CA LYS A 32 -8.86 1.68 -4.63
C LYS A 32 -9.69 0.50 -4.14
N PHE A 33 -9.64 0.26 -2.83
CA PHE A 33 -10.44 -0.83 -2.25
C PHE A 33 -10.68 -0.69 -0.74
N THR A 34 -11.66 -1.48 -0.31
CA THR A 34 -11.95 -1.60 1.13
C THR A 34 -12.01 -3.07 1.51
N VAL A 35 -11.28 -3.48 2.57
CA VAL A 35 -11.27 -4.90 2.94
C VAL A 35 -11.70 -5.19 4.38
N ASP A 36 -12.63 -6.12 4.53
CA ASP A 36 -13.11 -6.48 5.85
C ASP A 36 -12.17 -7.51 6.49
N LEU A 37 -11.56 -7.11 7.60
CA LEU A 37 -10.64 -7.94 8.38
C LEU A 37 -11.36 -9.29 8.81
N PRO A 38 -10.93 -10.07 9.83
CA PRO A 38 -11.45 -11.44 10.16
C PRO A 38 -12.79 -11.93 9.60
N LYS A 39 -12.85 -13.24 9.66
CA LYS A 39 -13.96 -14.07 9.20
C LYS A 39 -15.30 -13.90 9.92
N LYS A 40 -15.29 -13.76 11.25
CA LYS A 40 -16.58 -13.71 11.94
C LYS A 40 -17.22 -12.34 11.95
N HIS A 41 -18.13 -12.17 11.01
CA HIS A 41 -18.93 -10.97 10.88
C HIS A 41 -20.40 -11.36 10.95
N GLY A 42 -20.99 -11.07 12.10
CA GLY A 42 -22.40 -11.35 12.36
C GLY A 42 -22.65 -12.81 12.74
N ARG A 43 -21.57 -13.60 12.86
CA ARG A 43 -21.74 -15.01 13.22
C ARG A 43 -22.36 -15.14 14.61
N GLY A 44 -21.87 -14.33 15.53
CA GLY A 44 -22.33 -14.31 16.90
C GLY A 44 -21.44 -15.19 17.77
N GLY A 45 -20.62 -16.02 17.13
CA GLY A 45 -19.69 -16.89 17.85
C GLY A 45 -18.64 -16.07 18.59
N GLN A 46 -18.24 -14.99 17.94
CA GLN A 46 -17.24 -14.08 18.46
C GLN A 46 -17.92 -12.80 18.98
N SER A 47 -17.46 -12.33 20.13
CA SER A 47 -18.06 -11.13 20.70
C SER A 47 -17.85 -9.96 19.74
N ALA A 48 -18.77 -9.03 19.67
CA ALA A 48 -18.56 -7.92 18.76
C ALA A 48 -17.34 -7.10 19.17
N LEU A 49 -17.18 -6.91 20.49
CA LEU A 49 -16.02 -6.19 21.02
C LEU A 49 -14.73 -6.94 20.73
N ARG A 50 -14.81 -8.24 20.92
CA ARG A 50 -13.66 -9.13 20.73
C ARG A 50 -13.20 -9.15 19.30
N PHE A 51 -14.15 -9.14 18.38
CA PHE A 51 -13.78 -9.23 16.98
C PHE A 51 -12.86 -8.06 16.65
N ALA A 52 -13.25 -6.86 17.05
CA ALA A 52 -12.44 -5.70 16.71
C ALA A 52 -11.06 -5.84 17.36
N ARG A 53 -11.04 -6.36 18.57
CA ARG A 53 -9.79 -6.61 19.30
C ARG A 53 -8.94 -7.69 18.59
N LEU A 54 -9.64 -8.70 18.06
CA LEU A 54 -9.00 -9.86 17.42
C LEU A 54 -8.17 -9.53 16.18
N ARG A 55 -8.65 -8.66 15.34
CA ARG A 55 -7.95 -8.38 14.09
C ARG A 55 -6.53 -7.80 14.29
N MET A 56 -6.39 -6.89 15.21
CA MET A 56 -5.10 -6.17 15.35
C MET A 56 -3.88 -7.10 15.05
N GLU A 57 -3.86 -8.33 15.56
CA GLU A 57 -2.75 -9.28 15.22
C GLU A 57 -2.81 -9.68 13.73
N LYS A 58 -4.03 -9.80 13.26
CA LYS A 58 -4.39 -10.15 11.88
C LYS A 58 -3.96 -9.09 10.89
N ARG A 59 -3.44 -7.96 11.38
CA ARG A 59 -3.00 -6.90 10.50
C ARG A 59 -1.90 -7.41 9.57
N HIS A 60 -0.98 -8.21 10.13
CA HIS A 60 0.12 -8.76 9.35
C HIS A 60 -0.41 -9.57 8.17
N ASN A 61 -1.42 -10.42 8.40
CA ASN A 61 -1.99 -11.21 7.29
C ASN A 61 -2.60 -10.24 6.27
N TYR A 62 -3.24 -9.26 6.84
CA TYR A 62 -3.87 -8.22 6.02
C TYR A 62 -2.79 -7.54 5.15
N VAL A 63 -1.66 -7.16 5.76
CA VAL A 63 -0.57 -6.51 5.02
C VAL A 63 -0.02 -7.42 3.91
N ARG A 64 0.20 -8.70 4.20
CA ARG A 64 0.72 -9.60 3.16
C ARG A 64 -0.28 -9.62 2.00
N LYS A 65 -1.54 -9.71 2.38
CA LYS A 65 -2.61 -9.81 1.40
C LYS A 65 -2.52 -8.56 0.53
N VAL A 66 -2.29 -7.42 1.16
CA VAL A 66 -2.10 -6.19 0.42
C VAL A 66 -0.85 -6.30 -0.45
N ALA A 67 0.24 -6.85 0.11
CA ALA A 67 1.48 -7.00 -0.63
C ALA A 67 1.26 -7.95 -1.80
N GLU A 68 0.44 -8.96 -1.58
CA GLU A 68 0.14 -9.93 -2.63
C GLU A 68 -0.60 -9.17 -3.72
N THR A 69 -1.45 -8.26 -3.29
CA THR A 69 -2.19 -7.42 -4.20
C THR A 69 -1.23 -6.51 -4.98
N ALA A 70 -0.16 -6.04 -4.33
CA ALA A 70 0.77 -5.12 -5.01
C ALA A 70 1.40 -5.80 -6.23
N VAL A 71 1.76 -7.07 -6.09
CA VAL A 71 2.44 -7.80 -7.18
C VAL A 71 1.56 -7.90 -8.41
N GLN A 72 0.28 -8.19 -8.21
CA GLN A 72 -0.65 -8.27 -9.33
C GLN A 72 -0.78 -6.89 -9.95
N LEU A 73 -0.82 -5.90 -9.05
CA LEU A 73 -0.90 -4.49 -9.43
C LEU A 73 0.33 -4.00 -10.20
N PHE A 74 1.54 -4.42 -9.77
CA PHE A 74 2.79 -3.93 -10.38
C PHE A 74 3.53 -4.95 -11.23
N ILE A 75 3.08 -6.17 -11.19
CA ILE A 75 3.67 -7.24 -11.99
C ILE A 75 2.59 -7.97 -12.77
N SER A 76 2.88 -8.34 -14.02
CA SER A 76 1.95 -9.17 -14.78
C SER A 76 2.72 -10.16 -15.57
N GLY A 77 2.22 -11.39 -15.68
CA GLY A 77 2.92 -12.38 -16.48
C GLY A 77 4.41 -12.44 -16.10
N ASP A 78 5.12 -11.49 -16.69
CA ASP A 78 6.57 -11.30 -16.48
C ASP A 78 6.90 -9.82 -16.65
N LYS A 79 5.83 -9.03 -16.65
CA LYS A 79 5.87 -7.59 -16.77
C LYS A 79 6.17 -6.99 -15.41
N VAL A 80 6.72 -5.78 -15.41
CA VAL A 80 6.81 -4.99 -14.21
C VAL A 80 6.16 -3.67 -14.57
N ASN A 81 5.24 -3.16 -13.79
CA ASN A 81 4.54 -1.93 -14.18
C ASN A 81 5.11 -0.66 -13.53
N VAL A 82 6.30 -0.72 -12.92
CA VAL A 82 6.85 0.50 -12.28
C VAL A 82 8.31 0.83 -12.58
N ALA A 83 8.56 2.13 -12.46
CA ALA A 83 9.87 2.77 -12.61
C ALA A 83 10.52 2.89 -11.23
N GLY A 84 9.83 2.29 -10.27
CA GLY A 84 10.27 2.25 -8.87
C GLY A 84 9.02 2.27 -7.97
N LEU A 85 9.23 2.13 -6.66
CA LEU A 85 8.10 2.11 -5.73
C LEU A 85 8.24 3.10 -4.57
N VAL A 86 7.08 3.68 -4.20
CA VAL A 86 7.00 4.59 -3.08
C VAL A 86 5.98 3.99 -2.10
N LEU A 87 6.34 3.85 -0.82
CA LEU A 87 5.42 3.25 0.16
C LEU A 87 4.87 4.28 1.13
N ALA A 88 3.53 4.31 1.31
CA ALA A 88 2.94 5.24 2.27
C ALA A 88 2.02 4.51 3.26
N GLY A 89 2.17 4.81 4.55
CA GLY A 89 1.35 4.09 5.54
C GLY A 89 1.32 4.67 6.95
N SER A 90 0.35 4.16 7.72
CA SER A 90 0.15 4.54 9.13
C SER A 90 1.15 3.80 10.03
N ALA A 91 1.30 4.27 11.27
CA ALA A 91 2.21 3.63 12.23
C ALA A 91 3.54 3.25 11.58
N ASP A 92 3.95 4.03 10.61
CA ASP A 92 5.19 3.77 9.88
C ASP A 92 5.16 2.38 9.21
N PHE A 93 3.98 2.04 8.72
CA PHE A 93 3.77 0.75 8.09
C PHE A 93 4.67 0.60 6.86
N LYS A 94 4.77 1.64 6.06
CA LYS A 94 5.59 1.57 4.83
C LYS A 94 7.03 1.17 5.21
N THR A 95 7.43 1.80 6.26
CA THR A 95 8.77 1.64 6.77
C THR A 95 8.94 0.15 7.09
N GLU A 96 7.92 -0.42 7.72
CA GLU A 96 7.88 -1.86 8.02
C GLU A 96 7.41 -2.69 6.81
N LEU A 97 6.83 -2.04 5.79
CA LEU A 97 6.32 -2.78 4.64
C LEU A 97 7.45 -3.50 3.96
N SER A 98 8.62 -2.83 3.82
CA SER A 98 9.74 -3.48 3.13
C SER A 98 9.81 -4.90 3.63
N GLN A 99 10.66 -5.22 4.60
CA GLN A 99 10.67 -6.60 5.11
C GLN A 99 10.41 -7.62 3.97
N SER A 100 11.45 -8.18 3.41
CA SER A 100 11.26 -9.09 2.27
C SER A 100 10.45 -10.35 2.58
N ASP A 101 10.35 -10.77 3.83
CA ASP A 101 9.59 -12.00 4.12
C ASP A 101 8.09 -11.84 3.77
N MET A 102 7.54 -10.66 4.04
CA MET A 102 6.13 -10.43 3.67
C MET A 102 6.05 -9.81 2.28
N PHE A 103 6.86 -8.79 2.08
CA PHE A 103 6.89 -8.05 0.83
C PHE A 103 7.61 -8.89 -0.21
N ASP A 104 7.33 -8.59 -1.45
CA ASP A 104 7.84 -9.40 -2.55
C ASP A 104 9.30 -9.20 -2.78
N GLN A 105 9.90 -10.27 -3.26
CA GLN A 105 11.29 -10.21 -3.60
C GLN A 105 11.46 -9.22 -4.75
N ARG A 106 10.54 -9.28 -5.71
CA ARG A 106 10.60 -8.40 -6.86
C ARG A 106 10.44 -6.90 -6.60
N LEU A 107 9.49 -6.47 -5.72
CA LEU A 107 9.29 -5.07 -5.35
C LEU A 107 10.42 -4.52 -4.52
N GLN A 108 10.93 -5.40 -3.67
CA GLN A 108 11.99 -5.01 -2.74
C GLN A 108 13.17 -4.51 -3.55
N SER A 109 13.35 -5.07 -4.72
CA SER A 109 14.41 -4.68 -5.64
C SER A 109 14.04 -3.37 -6.35
N LYS A 110 12.82 -2.90 -6.11
CA LYS A 110 12.34 -1.64 -6.70
C LYS A 110 12.09 -0.62 -5.58
N VAL A 111 12.77 -0.83 -4.46
CA VAL A 111 12.49 0.05 -3.30
C VAL A 111 13.14 1.44 -3.46
N LEU A 112 12.23 2.39 -3.67
CA LEU A 112 12.56 3.85 -3.88
C LEU A 112 12.41 4.89 -2.69
N LYS A 113 11.20 4.96 -2.08
CA LYS A 113 10.93 5.91 -0.98
C LYS A 113 9.85 5.42 -0.01
N LEU A 114 9.91 5.92 1.22
CA LEU A 114 8.88 5.64 2.22
C LEU A 114 8.43 7.00 2.80
N VAL A 115 7.12 7.31 2.83
CA VAL A 115 6.67 8.61 3.38
C VAL A 115 5.40 8.41 4.24
N ASP A 116 5.07 9.31 5.17
CA ASP A 116 3.84 9.16 5.97
C ASP A 116 2.68 9.69 5.13
N ILE A 117 1.43 9.67 5.63
CA ILE A 117 0.28 10.20 4.89
C ILE A 117 -0.41 11.21 5.83
N SER A 118 -0.95 12.32 5.33
CA SER A 118 -1.57 13.21 6.32
C SER A 118 -2.64 12.40 7.01
N TYR A 119 -3.44 11.70 6.22
CA TYR A 119 -4.43 10.79 6.75
C TYR A 119 -4.81 9.75 5.69
N GLY A 120 -5.29 8.61 6.12
CA GLY A 120 -5.80 7.59 5.21
C GLY A 120 -5.27 7.63 3.80
N GLY A 121 -6.22 7.59 2.88
CA GLY A 121 -5.88 7.48 1.49
C GLY A 121 -5.82 8.73 0.64
N GLU A 122 -6.93 9.23 0.14
CA GLU A 122 -6.78 10.30 -0.84
C GLU A 122 -6.13 11.58 -0.35
N ASN A 123 -6.54 12.18 0.77
CA ASN A 123 -5.89 13.45 1.14
C ASN A 123 -4.41 13.29 1.45
N GLY A 124 -4.02 12.25 2.18
CA GLY A 124 -2.60 12.03 2.48
C GLY A 124 -1.85 11.76 1.20
N PHE A 125 -2.52 10.98 0.39
CA PHE A 125 -1.96 10.53 -0.87
C PHE A 125 -1.66 11.73 -1.76
N ASN A 126 -2.59 12.67 -1.90
CA ASN A 126 -2.30 13.83 -2.73
C ASN A 126 -1.16 14.70 -2.16
N GLN A 127 -1.12 14.91 -0.83
CA GLN A 127 -0.07 15.75 -0.24
C GLN A 127 1.31 15.13 -0.37
N ALA A 128 1.40 13.83 -0.19
CA ALA A 128 2.68 13.17 -0.24
C ALA A 128 3.27 13.30 -1.62
N ILE A 129 2.42 13.20 -2.63
CA ILE A 129 2.89 13.33 -3.99
C ILE A 129 3.41 14.74 -4.24
N GLU A 130 2.65 15.73 -3.79
CA GLU A 130 3.07 17.11 -4.06
C GLU A 130 4.41 17.32 -3.35
N LEU A 131 4.47 16.99 -2.07
CA LEU A 131 5.70 17.19 -1.32
C LEU A 131 6.78 16.32 -1.93
N SER A 132 6.41 15.10 -2.27
CA SER A 132 7.31 14.16 -2.92
C SER A 132 6.83 13.97 -4.36
N THR A 133 6.92 15.03 -5.17
CA THR A 133 6.68 14.96 -6.61
C THR A 133 8.04 15.19 -7.27
N GLU A 134 8.79 16.03 -6.54
CA GLU A 134 10.12 16.54 -6.86
C GLU A 134 11.24 15.51 -6.86
N VAL A 135 11.17 14.52 -5.99
CA VAL A 135 12.15 13.44 -5.87
C VAL A 135 11.74 12.29 -6.77
N LEU A 136 10.58 12.44 -7.38
CA LEU A 136 10.02 11.43 -8.26
C LEU A 136 9.54 12.03 -9.56
N LEU A 1 9.80 17.72 -22.80
CA LEU A 1 10.61 16.47 -22.86
C LEU A 1 10.99 16.05 -21.44
N SER A 2 9.98 15.80 -20.62
CA SER A 2 10.20 15.38 -19.23
C SER A 2 10.96 14.06 -19.19
N ASP A 3 10.61 13.14 -20.09
CA ASP A 3 11.24 11.83 -20.13
C ASP A 3 11.07 11.12 -18.79
N ASP A 4 9.95 11.40 -18.16
CA ASP A 4 9.61 10.80 -16.88
C ASP A 4 9.02 9.42 -17.07
N SER A 5 9.16 8.61 -16.03
CA SER A 5 8.64 7.24 -16.06
C SER A 5 7.82 7.03 -14.79
N LYS A 6 6.85 6.12 -14.86
CA LYS A 6 5.90 5.92 -13.78
C LYS A 6 6.51 5.26 -12.53
N PHE A 7 6.08 5.78 -11.37
CA PHE A 7 6.52 5.26 -10.07
C PHE A 7 5.30 4.93 -9.21
N GLY A 8 5.29 3.74 -8.60
CA GLY A 8 4.17 3.32 -7.78
C GLY A 8 4.04 4.09 -6.48
N PHE A 9 2.85 4.00 -5.88
CA PHE A 9 2.62 4.64 -4.61
C PHE A 9 1.77 3.67 -3.79
N ILE A 10 2.15 3.29 -2.56
CA ILE A 10 1.30 2.36 -1.83
C ILE A 10 0.75 2.85 -0.47
N VAL A 11 -0.58 3.01 -0.44
CA VAL A 11 -1.25 3.45 0.79
C VAL A 11 -1.88 2.23 1.46
N ILE A 12 -1.39 1.94 2.65
CA ILE A 12 -1.84 0.77 3.43
C ILE A 12 -2.49 1.14 4.76
N ASP A 13 -3.68 0.62 4.97
CA ASP A 13 -4.39 0.81 6.21
C ASP A 13 -5.13 -0.51 6.54
N GLY A 14 -5.44 -0.70 7.82
CA GLY A 14 -6.05 -1.94 8.32
C GLY A 14 -7.44 -2.28 7.78
N SER A 15 -8.23 -1.29 7.48
CA SER A 15 -9.57 -1.47 7.01
C SER A 15 -9.68 -0.68 5.77
N GLY A 16 -8.96 -1.18 4.83
CA GLY A 16 -8.96 -0.67 3.44
C GLY A 16 -7.61 -0.10 3.00
N ALA A 17 -7.41 0.00 1.69
CA ALA A 17 -6.17 0.55 1.15
C ALA A 17 -6.39 1.23 -0.20
N LEU A 18 -5.58 2.24 -0.48
CA LEU A 18 -5.64 2.95 -1.76
C LEU A 18 -4.30 2.78 -2.45
N PHE A 19 -4.25 2.23 -3.67
CA PHE A 19 -2.95 2.11 -4.33
C PHE A 19 -2.81 3.00 -5.54
N GLY A 20 -1.91 3.96 -5.46
CA GLY A 20 -1.74 4.94 -6.50
C GLY A 20 -0.38 4.86 -7.20
N THR A 21 -0.24 5.76 -8.14
CA THR A 21 0.97 5.86 -8.93
C THR A 21 1.37 7.30 -9.20
N LEU A 22 2.67 7.55 -9.39
CA LEU A 22 3.16 8.89 -9.70
C LEU A 22 3.93 8.86 -11.03
N GLN A 23 3.52 9.72 -11.96
CA GLN A 23 4.22 9.83 -13.25
C GLN A 23 4.48 11.29 -13.57
N GLY A 24 5.74 11.63 -13.83
CA GLY A 24 6.08 13.00 -14.15
C GLY A 24 5.65 13.90 -13.00
N ASN A 25 5.05 15.04 -13.35
CA ASN A 25 4.57 15.94 -12.31
C ASN A 25 3.08 15.71 -12.08
N THR A 26 2.54 14.68 -12.74
CA THR A 26 1.12 14.37 -12.63
C THR A 26 0.90 13.16 -11.72
N ARG A 27 -0.31 13.01 -11.21
CA ARG A 27 -0.59 11.93 -10.27
C ARG A 27 -1.80 11.14 -10.76
N GLU A 28 -1.83 9.83 -10.45
CA GLU A 28 -2.92 8.97 -10.88
C GLU A 28 -3.34 7.99 -9.77
N VAL A 29 -4.53 7.46 -9.90
CA VAL A 29 -5.07 6.50 -8.93
C VAL A 29 -5.14 5.13 -9.59
N LEU A 30 -4.59 4.10 -8.91
CA LEU A 30 -4.60 2.76 -9.50
C LEU A 30 -5.66 1.82 -8.92
N HIS A 31 -5.75 1.68 -7.60
CA HIS A 31 -6.77 0.79 -7.06
C HIS A 31 -7.33 1.18 -5.68
N LYS A 32 -8.63 1.36 -5.67
CA LYS A 32 -9.32 1.76 -4.45
C LYS A 32 -10.13 0.56 -3.95
N PHE A 33 -10.07 0.33 -2.63
CA PHE A 33 -10.81 -0.78 -2.05
C PHE A 33 -11.01 -0.69 -0.53
N THR A 34 -11.92 -1.54 -0.07
CA THR A 34 -12.14 -1.75 1.36
C THR A 34 -12.08 -3.24 1.64
N VAL A 35 -11.30 -3.69 2.64
CA VAL A 35 -11.18 -5.13 2.90
C VAL A 35 -11.57 -5.53 4.32
N ASP A 36 -12.43 -6.55 4.43
CA ASP A 36 -12.85 -7.02 5.73
C ASP A 36 -11.82 -8.02 6.29
N LEU A 37 -11.26 -7.63 7.43
CA LEU A 37 -10.25 -8.40 8.17
C LEU A 37 -10.82 -9.84 8.47
N PRO A 38 -10.29 -10.67 9.39
CA PRO A 38 -10.69 -12.11 9.60
C PRO A 38 -12.01 -12.64 9.03
N LYS A 39 -12.03 -13.95 8.94
CA LYS A 39 -13.14 -14.75 8.41
C LYS A 39 -14.44 -14.72 9.19
N LYS A 40 -14.36 -14.84 10.50
CA LYS A 40 -15.57 -14.90 11.30
C LYS A 40 -16.29 -13.56 11.29
N HIS A 41 -17.59 -13.63 11.09
CA HIS A 41 -18.42 -12.44 11.07
C HIS A 41 -19.56 -12.63 12.04
N GLY A 42 -19.25 -13.32 13.13
CA GLY A 42 -20.22 -13.65 14.19
C GLY A 42 -20.73 -15.07 14.00
N ARG A 43 -20.41 -15.66 12.86
CA ARG A 43 -20.79 -17.04 12.57
C ARG A 43 -20.11 -17.99 13.56
N GLY A 44 -18.86 -17.70 13.85
CA GLY A 44 -18.04 -18.53 14.73
C GLY A 44 -18.25 -18.19 16.20
N GLY A 45 -17.48 -18.86 17.06
CA GLY A 45 -17.58 -18.67 18.51
C GLY A 45 -16.93 -17.35 18.92
N GLN A 46 -16.40 -16.62 17.95
CA GLN A 46 -15.74 -15.35 18.22
C GLN A 46 -16.81 -14.28 18.44
N SER A 47 -16.65 -13.51 19.53
CA SER A 47 -17.63 -12.48 19.87
C SER A 47 -17.56 -11.34 18.87
N ALA A 48 -18.64 -10.60 18.67
CA ALA A 48 -18.54 -9.49 17.74
C ALA A 48 -17.54 -8.47 18.28
N LEU A 49 -17.59 -8.24 19.61
CA LEU A 49 -16.65 -7.33 20.26
C LEU A 49 -15.21 -7.83 20.15
N ARG A 50 -15.07 -9.14 20.35
CA ARG A 50 -13.77 -9.81 20.29
C ARG A 50 -13.19 -9.73 18.91
N PHE A 51 -14.04 -9.86 17.91
CA PHE A 51 -13.54 -9.88 16.54
C PHE A 51 -12.78 -8.60 16.26
N ALA A 52 -13.33 -7.44 16.60
CA ALA A 52 -12.60 -6.22 16.28
C ALA A 52 -11.26 -6.19 17.05
N ARG A 53 -11.27 -6.63 18.31
CA ARG A 53 -10.03 -6.69 19.12
C ARG A 53 -9.03 -7.72 18.55
N LEU A 54 -9.59 -8.84 18.14
CA LEU A 54 -8.89 -10.04 17.63
C LEU A 54 -8.07 -9.81 16.35
N ARG A 55 -8.60 -9.06 15.41
CA ARG A 55 -7.92 -8.89 14.12
C ARG A 55 -6.53 -8.26 14.30
N MET A 56 -6.43 -7.26 15.14
CA MET A 56 -5.18 -6.48 15.23
C MET A 56 -3.93 -7.40 15.03
N GLU A 57 -3.90 -8.63 15.55
CA GLU A 57 -2.76 -9.54 15.26
C GLU A 57 -2.75 -9.93 13.77
N LYS A 58 -3.97 -10.12 13.29
CA LYS A 58 -4.29 -10.48 11.90
C LYS A 58 -3.91 -9.37 10.93
N ARG A 59 -3.45 -8.22 11.41
CA ARG A 59 -3.07 -7.12 10.52
C ARG A 59 -1.94 -7.60 9.60
N HIS A 60 -1.01 -8.36 10.17
CA HIS A 60 0.13 -8.86 9.40
C HIS A 60 -0.36 -9.70 8.22
N ASN A 61 -1.36 -10.56 8.43
CA ASN A 61 -1.90 -11.37 7.31
C ASN A 61 -2.53 -10.40 6.28
N TYR A 62 -3.20 -9.42 6.84
CA TYR A 62 -3.85 -8.38 6.02
C TYR A 62 -2.75 -7.67 5.19
N VAL A 63 -1.62 -7.29 5.83
CA VAL A 63 -0.53 -6.60 5.15
C VAL A 63 0.08 -7.48 4.03
N ARG A 64 0.29 -8.77 4.29
CA ARG A 64 0.84 -9.62 3.24
C ARG A 64 -0.14 -9.62 2.07
N LYS A 65 -1.40 -9.71 2.42
CA LYS A 65 -2.45 -9.77 1.41
C LYS A 65 -2.37 -8.51 0.56
N VAL A 66 -2.19 -7.36 1.19
CA VAL A 66 -2.05 -6.13 0.45
C VAL A 66 -0.78 -6.18 -0.43
N ALA A 67 0.32 -6.67 0.13
CA ALA A 67 1.57 -6.79 -0.61
C ALA A 67 1.39 -7.76 -1.77
N GLU A 68 0.63 -8.81 -1.52
CA GLU A 68 0.35 -9.80 -2.55
C GLU A 68 -0.46 -9.13 -3.64
N THR A 69 -1.36 -8.25 -3.23
CA THR A 69 -2.17 -7.49 -4.16
C THR A 69 -1.26 -6.54 -4.97
N ALA A 70 -0.22 -6.01 -4.32
CA ALA A 70 0.66 -5.05 -5.00
C ALA A 70 1.35 -5.70 -6.21
N VAL A 71 1.78 -6.94 -6.07
CA VAL A 71 2.49 -7.66 -7.15
C VAL A 71 1.58 -7.81 -8.37
N GLN A 72 0.34 -8.17 -8.14
CA GLN A 72 -0.60 -8.29 -9.25
C GLN A 72 -0.79 -6.90 -9.87
N LEU A 73 -0.87 -5.91 -9.00
CA LEU A 73 -1.00 -4.50 -9.41
C LEU A 73 0.22 -4.00 -10.19
N PHE A 74 1.44 -4.36 -9.72
CA PHE A 74 2.68 -3.85 -10.34
C PHE A 74 3.48 -4.86 -11.15
N ILE A 75 3.06 -6.09 -11.12
CA ILE A 75 3.69 -7.16 -11.90
C ILE A 75 2.65 -7.92 -12.70
N SER A 76 2.96 -8.27 -13.95
CA SER A 76 2.03 -9.10 -14.73
C SER A 76 2.81 -10.12 -15.50
N GLY A 77 2.31 -11.33 -15.60
CA GLY A 77 3.03 -12.34 -16.37
C GLY A 77 4.50 -12.36 -15.96
N ASP A 78 5.22 -11.43 -16.57
CA ASP A 78 6.64 -11.21 -16.33
C ASP A 78 6.95 -9.73 -16.53
N LYS A 79 5.88 -8.96 -16.56
CA LYS A 79 5.90 -7.52 -16.73
C LYS A 79 6.17 -6.88 -15.38
N VAL A 80 6.69 -5.66 -15.40
CA VAL A 80 6.77 -4.85 -14.22
C VAL A 80 6.09 -3.55 -14.60
N ASN A 81 5.17 -3.05 -13.80
CA ASN A 81 4.44 -1.85 -14.18
C ASN A 81 5.02 -0.57 -13.55
N VAL A 82 6.22 -0.64 -12.93
CA VAL A 82 6.78 0.58 -12.31
C VAL A 82 8.25 0.86 -12.60
N ALA A 83 8.55 2.16 -12.53
CA ALA A 83 9.89 2.74 -12.68
C ALA A 83 10.52 2.86 -11.28
N GLY A 84 9.82 2.26 -10.33
CA GLY A 84 10.24 2.23 -8.93
C GLY A 84 9.00 2.25 -8.04
N LEU A 85 9.20 2.10 -6.72
CA LEU A 85 8.07 2.09 -5.79
C LEU A 85 8.23 3.05 -4.60
N VAL A 86 7.10 3.62 -4.21
CA VAL A 86 7.05 4.51 -3.04
C VAL A 86 6.05 3.89 -2.05
N LEU A 87 6.44 3.69 -0.78
CA LEU A 87 5.55 3.09 0.20
C LEU A 87 5.00 4.12 1.19
N ALA A 88 3.68 4.14 1.40
CA ALA A 88 3.12 5.06 2.38
C ALA A 88 2.11 4.37 3.28
N GLY A 89 2.20 4.69 4.57
CA GLY A 89 1.30 4.06 5.53
C GLY A 89 1.27 4.69 6.92
N SER A 90 0.24 4.27 7.66
CA SER A 90 0.01 4.68 9.04
C SER A 90 0.93 3.89 9.98
N ALA A 91 1.06 4.37 11.21
CA ALA A 91 1.90 3.67 12.20
C ALA A 91 3.22 3.25 11.56
N ASP A 92 3.63 4.02 10.56
CA ASP A 92 4.86 3.75 9.83
C ASP A 92 4.83 2.37 9.17
N PHE A 93 3.65 2.03 8.66
CA PHE A 93 3.44 0.74 8.00
C PHE A 93 4.37 0.62 6.80
N LYS A 94 4.49 1.69 6.03
CA LYS A 94 5.33 1.67 4.83
C LYS A 94 6.72 1.18 5.25
N THR A 95 7.13 1.76 6.32
CA THR A 95 8.46 1.46 6.86
C THR A 95 8.49 -0.04 7.17
N GLU A 96 7.43 -0.54 7.82
CA GLU A 96 7.26 -1.98 8.10
C GLU A 96 7.02 -2.80 6.83
N LEU A 97 6.39 -2.19 5.83
CA LEU A 97 5.99 -2.90 4.61
C LEU A 97 7.18 -3.46 3.93
N SER A 98 8.28 -2.70 3.85
CA SER A 98 9.47 -3.26 3.20
C SER A 98 9.61 -4.67 3.75
N GLN A 99 10.46 -4.95 4.74
CA GLN A 99 10.53 -6.33 5.24
C GLN A 99 10.41 -7.38 4.07
N SER A 100 11.46 -8.00 3.65
CA SER A 100 11.33 -8.88 2.48
C SER A 100 10.38 -10.11 2.65
N ASP A 101 10.07 -10.58 3.85
CA ASP A 101 9.22 -11.79 3.98
C ASP A 101 7.76 -11.64 3.46
N MET A 102 7.15 -10.47 3.68
CA MET A 102 5.80 -10.23 3.14
C MET A 102 5.93 -9.57 1.79
N PHE A 103 6.82 -8.58 1.75
CA PHE A 103 7.06 -7.83 0.55
C PHE A 103 7.84 -8.71 -0.38
N ASP A 104 7.59 -8.50 -1.62
CA ASP A 104 8.17 -9.33 -2.67
C ASP A 104 9.63 -9.11 -2.80
N GLN A 105 10.27 -10.17 -3.20
CA GLN A 105 11.67 -10.09 -3.46
C GLN A 105 11.88 -9.16 -4.63
N ARG A 106 11.00 -9.28 -5.63
CA ARG A 106 11.05 -8.45 -6.82
C ARG A 106 10.78 -6.97 -6.62
N LEU A 107 9.78 -6.55 -5.80
CA LEU A 107 9.50 -5.14 -5.47
C LEU A 107 10.60 -4.55 -4.62
N GLN A 108 11.12 -5.43 -3.77
CA GLN A 108 12.16 -5.02 -2.83
C GLN A 108 13.34 -4.50 -3.64
N SER A 109 13.52 -5.07 -4.81
CA SER A 109 14.60 -4.66 -5.73
C SER A 109 14.19 -3.36 -6.46
N LYS A 110 12.96 -2.93 -6.24
CA LYS A 110 12.40 -1.70 -6.84
C LYS A 110 12.16 -0.66 -5.73
N VAL A 111 12.84 -0.84 -4.59
CA VAL A 111 12.54 0.03 -3.46
C VAL A 111 13.19 1.42 -3.60
N LEU A 112 12.28 2.36 -3.82
CA LEU A 112 12.61 3.82 -3.98
C LEU A 112 12.51 4.82 -2.73
N LYS A 113 11.35 4.83 -2.06
CA LYS A 113 11.08 5.72 -0.92
C LYS A 113 10.03 5.19 0.04
N LEU A 114 10.07 5.67 1.29
CA LEU A 114 9.04 5.38 2.26
C LEU A 114 8.62 6.74 2.85
N VAL A 115 7.32 7.09 2.87
CA VAL A 115 6.87 8.38 3.41
C VAL A 115 5.60 8.19 4.27
N ASP A 116 5.29 9.10 5.22
CA ASP A 116 4.05 8.99 6.02
C ASP A 116 2.91 9.56 5.18
N ILE A 117 1.65 9.56 5.69
CA ILE A 117 0.53 10.15 4.96
C ILE A 117 -0.14 11.17 5.89
N SER A 118 -0.65 12.29 5.39
CA SER A 118 -1.25 13.20 6.38
C SER A 118 -2.35 12.42 7.07
N TYR A 119 -3.15 11.73 6.27
CA TYR A 119 -4.20 10.84 6.79
C TYR A 119 -4.54 9.79 5.74
N GLY A 120 -5.01 8.62 6.18
CA GLY A 120 -5.48 7.58 5.26
C GLY A 120 -4.99 7.73 3.83
N GLY A 121 -5.96 7.68 2.89
CA GLY A 121 -5.70 7.75 1.45
C GLY A 121 -5.70 9.13 0.85
N GLU A 122 -6.65 9.30 -0.08
CA GLU A 122 -6.77 10.49 -0.90
C GLU A 122 -6.10 11.76 -0.33
N ASN A 123 -6.57 12.35 0.75
CA ASN A 123 -5.91 13.59 1.17
C ASN A 123 -4.44 13.34 1.57
N GLY A 124 -4.17 12.24 2.29
CA GLY A 124 -2.78 11.92 2.63
C GLY A 124 -2.02 11.60 1.37
N PHE A 125 -2.74 10.90 0.53
CA PHE A 125 -2.22 10.43 -0.73
C PHE A 125 -1.80 11.61 -1.58
N ASN A 126 -2.67 12.63 -1.69
CA ASN A 126 -2.36 13.84 -2.46
C ASN A 126 -1.18 14.63 -1.86
N GLN A 127 -1.11 14.76 -0.54
CA GLN A 127 -0.08 15.57 0.13
C GLN A 127 1.31 15.01 -0.10
N ALA A 128 1.43 13.70 -0.08
CA ALA A 128 2.72 13.07 -0.25
C ALA A 128 3.26 13.42 -1.63
N ILE A 129 2.37 13.52 -2.61
CA ILE A 129 2.77 13.86 -3.94
C ILE A 129 3.35 15.26 -3.98
N GLU A 130 2.68 16.20 -3.31
CA GLU A 130 3.17 17.59 -3.37
C GLU A 130 4.56 17.58 -2.76
N LEU A 131 4.64 16.96 -1.60
CA LEU A 131 5.92 16.94 -0.89
C LEU A 131 6.93 16.19 -1.77
N SER A 132 6.48 15.10 -2.38
CA SER A 132 7.32 14.35 -3.28
C SER A 132 6.70 14.33 -4.67
N THR A 133 6.74 15.45 -5.40
CA THR A 133 6.30 15.47 -6.79
C THR A 133 7.52 15.47 -7.70
N GLU A 134 8.47 16.29 -7.25
CA GLU A 134 9.70 16.60 -7.95
C GLU A 134 10.85 15.63 -7.72
N VAL A 135 10.76 14.74 -6.75
CA VAL A 135 11.78 13.74 -6.51
C VAL A 135 11.38 12.47 -7.26
N LEU A 136 10.14 12.54 -7.78
CA LEU A 136 9.54 11.43 -8.53
C LEU A 136 9.04 11.93 -9.88
N LEU A 1 11.48 18.58 -18.97
CA LEU A 1 12.76 18.45 -19.73
C LEU A 1 13.04 16.98 -20.01
N SER A 2 13.49 16.28 -18.96
CA SER A 2 13.79 14.85 -19.07
C SER A 2 12.51 14.02 -19.18
N ASP A 3 12.62 12.81 -19.71
CA ASP A 3 11.44 11.96 -19.87
C ASP A 3 11.18 11.19 -18.58
N ASP A 4 10.04 11.50 -17.96
CA ASP A 4 9.64 10.88 -16.72
C ASP A 4 9.04 9.50 -16.95
N SER A 5 9.14 8.65 -15.93
CA SER A 5 8.61 7.30 -15.98
C SER A 5 7.79 7.04 -14.72
N LYS A 6 6.80 6.15 -14.81
CA LYS A 6 5.84 5.91 -13.73
C LYS A 6 6.41 5.22 -12.48
N PHE A 7 5.95 5.72 -11.32
CA PHE A 7 6.34 5.17 -10.02
C PHE A 7 5.09 4.81 -9.20
N GLY A 8 5.05 3.61 -8.61
CA GLY A 8 3.89 3.20 -7.83
C GLY A 8 3.76 3.95 -6.51
N PHE A 9 2.56 3.86 -5.91
CA PHE A 9 2.37 4.49 -4.60
C PHE A 9 1.53 3.53 -3.76
N ILE A 10 1.93 3.16 -2.52
CA ILE A 10 1.07 2.26 -1.74
C ILE A 10 0.56 2.77 -0.38
N VAL A 11 -0.75 2.99 -0.33
CA VAL A 11 -1.40 3.48 0.90
C VAL A 11 -2.04 2.31 1.65
N ILE A 12 -1.55 2.07 2.86
CA ILE A 12 -2.03 0.95 3.67
C ILE A 12 -2.66 1.33 5.01
N ASP A 13 -3.87 0.83 5.23
CA ASP A 13 -4.56 1.04 6.49
C ASP A 13 -5.46 -0.20 6.78
N GLY A 14 -5.93 -0.37 8.02
CA GLY A 14 -6.74 -1.54 8.42
C GLY A 14 -8.19 -1.49 7.90
N SER A 15 -8.44 -0.58 6.97
CA SER A 15 -9.75 -0.43 6.40
C SER A 15 -9.55 0.06 5.00
N GLY A 16 -9.06 -0.84 4.24
CA GLY A 16 -8.84 -0.61 2.83
C GLY A 16 -7.49 -0.03 2.59
N ALA A 17 -7.14 -0.01 1.33
CA ALA A 17 -5.89 0.55 0.93
C ALA A 17 -6.06 1.17 -0.45
N LEU A 18 -5.37 2.26 -0.69
CA LEU A 18 -5.45 2.94 -1.97
C LEU A 18 -4.08 2.85 -2.60
N PHE A 19 -3.99 2.29 -3.80
CA PHE A 19 -2.69 2.17 -4.42
C PHE A 19 -2.61 3.10 -5.60
N GLY A 20 -1.69 4.06 -5.53
CA GLY A 20 -1.61 5.08 -6.55
C GLY A 20 -0.34 5.03 -7.34
N THR A 21 -0.26 5.95 -8.28
CA THR A 21 0.92 6.03 -9.13
C THR A 21 1.38 7.47 -9.33
N LEU A 22 2.69 7.66 -9.45
CA LEU A 22 3.25 8.98 -9.69
C LEU A 22 4.05 8.97 -10.99
N GLN A 23 3.69 9.86 -11.91
CA GLN A 23 4.42 9.98 -13.17
C GLN A 23 4.70 11.47 -13.44
N GLY A 24 5.96 11.84 -13.64
CA GLY A 24 6.28 13.24 -13.90
C GLY A 24 5.76 14.06 -12.74
N ASN A 25 5.09 15.18 -13.04
CA ASN A 25 4.48 15.96 -11.96
C ASN A 25 2.98 15.63 -11.93
N THR A 26 2.58 14.67 -12.78
CA THR A 26 1.18 14.24 -12.85
C THR A 26 0.88 13.16 -11.82
N ARG A 27 -0.40 13.01 -11.48
CA ARG A 27 -0.74 12.03 -10.44
C ARG A 27 -1.86 11.11 -10.92
N GLU A 28 -1.83 9.86 -10.47
CA GLU A 28 -2.83 8.87 -10.87
C GLU A 28 -3.22 7.95 -9.73
N VAL A 29 -4.38 7.32 -9.88
CA VAL A 29 -4.86 6.35 -8.89
C VAL A 29 -4.80 4.98 -9.53
N LEU A 30 -4.15 4.02 -8.87
CA LEU A 30 -4.04 2.68 -9.44
C LEU A 30 -5.22 1.78 -9.04
N HIS A 31 -5.44 1.61 -7.74
CA HIS A 31 -6.53 0.72 -7.32
C HIS A 31 -7.12 1.04 -5.93
N LYS A 32 -8.44 1.22 -5.91
CA LYS A 32 -9.15 1.54 -4.67
C LYS A 32 -10.01 0.36 -4.20
N PHE A 33 -10.01 0.14 -2.90
CA PHE A 33 -10.82 -0.93 -2.31
C PHE A 33 -10.99 -0.83 -0.79
N THR A 34 -11.91 -1.65 -0.29
CA THR A 34 -12.11 -1.77 1.16
C THR A 34 -12.07 -3.23 1.59
N VAL A 35 -11.26 -3.59 2.61
CA VAL A 35 -11.16 -4.99 3.01
C VAL A 35 -11.53 -5.24 4.47
N ASP A 36 -12.42 -6.20 4.70
CA ASP A 36 -12.83 -6.52 6.05
C ASP A 36 -11.85 -7.49 6.71
N LEU A 37 -11.24 -7.01 7.77
CA LEU A 37 -10.28 -7.76 8.55
C LEU A 37 -10.96 -9.09 9.09
N PRO A 38 -10.45 -9.82 10.10
CA PRO A 38 -10.94 -11.19 10.53
C PRO A 38 -12.34 -11.68 10.11
N LYS A 39 -12.55 -12.96 10.34
CA LYS A 39 -13.79 -13.65 9.98
C LYS A 39 -15.08 -13.22 10.70
N LYS A 40 -15.04 -13.04 12.02
CA LYS A 40 -16.26 -12.72 12.76
C LYS A 40 -16.76 -11.32 12.47
N HIS A 41 -18.06 -11.24 12.26
CA HIS A 41 -18.71 -9.96 11.98
C HIS A 41 -20.10 -9.97 12.58
N GLY A 42 -20.98 -10.72 11.94
CA GLY A 42 -22.35 -10.83 12.40
C GLY A 42 -22.54 -12.03 13.34
N ARG A 43 -21.52 -12.89 13.42
CA ARG A 43 -21.60 -14.07 14.27
C ARG A 43 -21.79 -13.72 15.74
N GLY A 44 -21.04 -12.72 16.19
CA GLY A 44 -21.12 -12.27 17.57
C GLY A 44 -20.26 -13.16 18.48
N GLY A 45 -19.52 -14.08 17.86
CA GLY A 45 -18.63 -14.95 18.61
C GLY A 45 -17.55 -14.10 19.25
N GLN A 46 -17.16 -13.09 18.50
CA GLN A 46 -16.14 -12.13 18.92
C GLN A 46 -16.85 -10.84 19.35
N SER A 47 -16.42 -10.25 20.46
CA SER A 47 -17.10 -9.04 20.92
C SER A 47 -16.95 -7.98 19.84
N ALA A 48 -17.94 -7.12 19.69
CA ALA A 48 -17.79 -6.11 18.65
C ALA A 48 -16.60 -5.20 18.98
N LEU A 49 -16.47 -4.83 20.25
CA LEU A 49 -15.35 -3.99 20.68
C LEU A 49 -14.02 -4.72 20.50
N ARG A 50 -14.05 -5.99 20.86
CA ARG A 50 -12.89 -6.87 20.79
C ARG A 50 -12.45 -7.10 19.37
N PHE A 51 -13.39 -7.20 18.45
CA PHE A 51 -13.02 -7.53 17.09
C PHE A 51 -12.04 -6.47 16.61
N ALA A 52 -12.35 -5.19 16.80
CA ALA A 52 -11.42 -4.17 16.31
C ALA A 52 -10.05 -4.28 17.01
N ARG A 53 -10.05 -4.56 18.30
CA ARG A 53 -8.81 -4.76 19.06
C ARG A 53 -8.08 -6.06 18.66
N LEU A 54 -8.89 -7.10 18.45
CA LEU A 54 -8.44 -8.47 18.15
C LEU A 54 -7.66 -8.61 16.82
N ARG A 55 -8.09 -7.93 15.78
CA ARG A 55 -7.45 -8.05 14.48
C ARG A 55 -5.99 -7.62 14.51
N MET A 56 -5.67 -6.55 15.20
CA MET A 56 -4.32 -5.97 15.09
C MET A 56 -3.24 -7.07 14.91
N GLU A 57 -3.35 -8.26 15.53
CA GLU A 57 -2.34 -9.32 15.24
C GLU A 57 -2.50 -9.78 13.77
N LYS A 58 -3.76 -9.86 13.37
CA LYS A 58 -4.21 -10.21 12.02
C LYS A 58 -3.83 -9.15 11.00
N ARG A 59 -3.34 -8.01 11.46
CA ARG A 59 -2.97 -6.94 10.56
C ARG A 59 -1.87 -7.42 9.63
N HIS A 60 -0.95 -8.24 10.15
CA HIS A 60 0.13 -8.77 9.34
C HIS A 60 -0.42 -9.56 8.15
N ASN A 61 -1.45 -10.38 8.37
CA ASN A 61 -2.04 -11.15 7.27
C ASN A 61 -2.63 -10.18 6.25
N TYR A 62 -3.23 -9.17 6.81
CA TYR A 62 -3.85 -8.12 5.99
C TYR A 62 -2.72 -7.47 5.14
N VAL A 63 -1.57 -7.14 5.76
CA VAL A 63 -0.43 -6.54 5.05
C VAL A 63 0.10 -7.49 3.96
N ARG A 64 0.25 -8.78 4.27
CA ARG A 64 0.75 -9.72 3.26
C ARG A 64 -0.24 -9.72 2.10
N LYS A 65 -1.50 -9.74 2.49
CA LYS A 65 -2.58 -9.81 1.52
C LYS A 65 -2.45 -8.61 0.62
N VAL A 66 -2.16 -7.47 1.22
CA VAL A 66 -1.91 -6.26 0.47
C VAL A 66 -0.67 -6.46 -0.41
N ALA A 67 0.38 -7.07 0.13
CA ALA A 67 1.59 -7.30 -0.65
C ALA A 67 1.30 -8.22 -1.83
N GLU A 68 0.44 -9.20 -1.60
CA GLU A 68 0.09 -10.11 -2.68
C GLU A 68 -0.64 -9.32 -3.75
N THR A 69 -1.46 -8.38 -3.29
CA THR A 69 -2.20 -7.50 -4.18
C THR A 69 -1.24 -6.60 -4.97
N ALA A 70 -0.18 -6.11 -4.32
CA ALA A 70 0.73 -5.19 -5.00
C ALA A 70 1.38 -5.88 -6.22
N VAL A 71 1.78 -7.14 -6.07
CA VAL A 71 2.44 -7.86 -7.17
C VAL A 71 1.52 -7.98 -8.39
N GLN A 72 0.26 -8.30 -8.17
CA GLN A 72 -0.68 -8.40 -9.28
C GLN A 72 -0.85 -7.00 -9.90
N LEU A 73 -0.90 -6.02 -9.02
CA LEU A 73 -1.00 -4.61 -9.40
C LEU A 73 0.22 -4.12 -10.17
N PHE A 74 1.41 -4.53 -9.71
CA PHE A 74 2.66 -4.03 -10.30
C PHE A 74 3.43 -5.03 -11.17
N ILE A 75 2.97 -6.25 -11.16
CA ILE A 75 3.57 -7.31 -11.99
C ILE A 75 2.50 -8.04 -12.79
N SER A 76 2.79 -8.35 -14.04
CA SER A 76 1.87 -9.19 -14.82
C SER A 76 2.65 -10.16 -15.63
N GLY A 77 2.16 -11.39 -15.74
CA GLY A 77 2.87 -12.38 -16.56
C GLY A 77 4.34 -12.43 -16.14
N ASP A 78 5.06 -11.50 -16.72
CA ASP A 78 6.50 -11.31 -16.48
C ASP A 78 6.83 -9.82 -16.63
N LYS A 79 5.77 -9.05 -16.63
CA LYS A 79 5.80 -7.59 -16.73
C LYS A 79 6.09 -7.00 -15.36
N VAL A 80 6.63 -5.79 -15.37
CA VAL A 80 6.72 -4.99 -14.16
C VAL A 80 6.06 -3.67 -14.53
N ASN A 81 5.13 -3.17 -13.73
CA ASN A 81 4.42 -1.95 -14.10
C ASN A 81 4.98 -0.68 -13.47
N VAL A 82 6.19 -0.72 -12.88
CA VAL A 82 6.73 0.49 -12.25
C VAL A 82 8.20 0.80 -12.56
N ALA A 83 8.47 2.10 -12.48
CA ALA A 83 9.79 2.70 -12.66
C ALA A 83 10.41 2.85 -11.27
N GLY A 84 9.70 2.27 -10.31
CA GLY A 84 10.10 2.27 -8.90
C GLY A 84 8.83 2.27 -8.04
N LEU A 85 9.01 2.10 -6.74
CA LEU A 85 7.84 2.06 -5.84
C LEU A 85 7.99 3.01 -4.65
N VAL A 86 6.83 3.59 -4.27
CA VAL A 86 6.79 4.48 -3.12
C VAL A 86 5.79 3.89 -2.11
N LEU A 87 6.20 3.73 -0.84
CA LEU A 87 5.33 3.15 0.17
C LEU A 87 4.83 4.19 1.16
N ALA A 88 3.51 4.23 1.40
CA ALA A 88 2.98 5.17 2.40
C ALA A 88 2.03 4.45 3.36
N GLY A 89 2.19 4.74 4.65
CA GLY A 89 1.33 4.05 5.63
C GLY A 89 1.38 4.62 7.04
N SER A 90 0.41 4.17 7.87
CA SER A 90 0.33 4.56 9.27
C SER A 90 1.37 3.81 10.11
N ALA A 91 1.66 4.33 11.29
CA ALA A 91 2.61 3.70 12.21
C ALA A 91 3.91 3.28 11.52
N ASP A 92 4.27 4.00 10.48
CA ASP A 92 5.47 3.65 9.72
C ASP A 92 5.36 2.27 9.08
N PHE A 93 4.18 1.97 8.58
CA PHE A 93 3.91 0.69 7.95
C PHE A 93 4.83 0.53 6.74
N LYS A 94 4.97 1.58 5.95
CA LYS A 94 5.80 1.54 4.76
C LYS A 94 7.21 1.06 5.18
N THR A 95 7.64 1.68 6.23
CA THR A 95 8.97 1.40 6.76
C THR A 95 9.01 -0.09 7.11
N GLU A 96 7.97 -0.57 7.80
CA GLU A 96 7.79 -1.99 8.11
C GLU A 96 7.51 -2.82 6.86
N LEU A 97 6.85 -2.21 5.88
CA LEU A 97 6.42 -2.96 4.70
C LEU A 97 7.60 -3.54 3.98
N SER A 98 8.73 -2.80 3.81
CA SER A 98 9.88 -3.41 3.13
C SER A 98 9.95 -4.84 3.62
N GLN A 99 10.76 -5.14 4.65
CA GLN A 99 10.81 -6.54 5.15
C GLN A 99 10.55 -7.58 4.03
N SER A 100 11.60 -8.12 3.46
CA SER A 100 11.44 -9.04 2.34
C SER A 100 10.66 -10.34 2.66
N ASP A 101 10.59 -10.77 3.92
CA ASP A 101 9.87 -12.02 4.20
C ASP A 101 8.37 -11.92 3.86
N MET A 102 7.79 -10.75 4.13
CA MET A 102 6.36 -10.54 3.79
C MET A 102 6.23 -9.90 2.41
N PHE A 103 7.00 -8.84 2.19
CA PHE A 103 7.01 -8.08 0.95
C PHE A 103 7.72 -8.90 -0.11
N ASP A 104 7.43 -8.59 -1.35
CA ASP A 104 7.94 -9.36 -2.46
C ASP A 104 9.40 -9.13 -2.69
N GLN A 105 10.01 -10.17 -3.21
CA GLN A 105 11.38 -10.08 -3.57
C GLN A 105 11.52 -9.06 -4.71
N ARG A 106 10.57 -9.12 -5.65
CA ARG A 106 10.58 -8.22 -6.81
C ARG A 106 10.39 -6.71 -6.51
N LEU A 107 9.45 -6.32 -5.61
CA LEU A 107 9.21 -4.92 -5.22
C LEU A 107 10.34 -4.36 -4.40
N GLN A 108 10.88 -5.27 -3.61
CA GLN A 108 11.99 -4.94 -2.72
C GLN A 108 13.13 -4.36 -3.56
N SER A 109 13.31 -4.92 -4.75
CA SER A 109 14.34 -4.49 -5.69
C SER A 109 13.92 -3.19 -6.42
N LYS A 110 12.69 -2.76 -6.21
CA LYS A 110 12.16 -1.53 -6.81
C LYS A 110 11.94 -0.47 -5.73
N VAL A 111 12.63 -0.66 -4.61
CA VAL A 111 12.38 0.24 -3.48
C VAL A 111 13.00 1.62 -3.67
N LEU A 112 12.09 2.55 -3.91
CA LEU A 112 12.41 4.01 -4.15
C LEU A 112 12.25 5.06 -2.97
N LYS A 113 11.05 5.14 -2.35
CA LYS A 113 10.79 6.10 -1.25
C LYS A 113 9.71 5.63 -0.28
N LEU A 114 9.76 6.14 0.97
CA LEU A 114 8.74 5.87 1.96
C LEU A 114 8.27 7.22 2.54
N VAL A 115 6.96 7.52 2.56
CA VAL A 115 6.50 8.80 3.13
C VAL A 115 5.27 8.57 4.00
N ASP A 116 4.95 9.44 4.98
CA ASP A 116 3.77 9.28 5.81
C ASP A 116 2.57 9.76 5.01
N ILE A 117 1.34 9.70 5.53
CA ILE A 117 0.17 10.19 4.82
C ILE A 117 -0.55 11.17 5.77
N SER A 118 -1.11 12.27 5.28
CA SER A 118 -1.73 13.16 6.29
C SER A 118 -2.80 12.34 7.02
N TYR A 119 -3.58 11.62 6.23
CA TYR A 119 -4.57 10.72 6.77
C TYR A 119 -4.86 9.65 5.73
N GLY A 120 -5.27 8.46 6.13
CA GLY A 120 -5.66 7.40 5.20
C GLY A 120 -5.10 7.55 3.80
N GLY A 121 -6.04 7.54 2.84
CA GLY A 121 -5.76 7.61 1.41
C GLY A 121 -5.76 9.01 0.79
N GLU A 122 -6.70 9.20 -0.13
CA GLU A 122 -6.83 10.41 -0.94
C GLU A 122 -6.20 11.67 -0.33
N ASN A 123 -6.68 12.23 0.78
CA ASN A 123 -6.03 13.47 1.24
C ASN A 123 -4.56 13.25 1.64
N GLY A 124 -4.27 12.16 2.33
CA GLY A 124 -2.86 11.85 2.69
C GLY A 124 -2.09 11.59 1.43
N PHE A 125 -2.77 10.87 0.59
CA PHE A 125 -2.24 10.44 -0.66
C PHE A 125 -1.86 11.64 -1.52
N ASN A 126 -2.74 12.62 -1.62
CA ASN A 126 -2.40 13.80 -2.40
C ASN A 126 -1.22 14.58 -1.81
N GLN A 127 -1.17 14.74 -0.48
CA GLN A 127 -0.10 15.52 0.16
C GLN A 127 1.30 14.93 0.05
N ALA A 128 1.43 13.61 0.18
CA ALA A 128 2.76 13.00 0.18
C ALA A 128 3.44 13.21 -1.15
N ILE A 129 2.67 13.10 -2.19
CA ILE A 129 3.16 13.29 -3.54
C ILE A 129 3.60 14.73 -3.77
N GLU A 130 2.80 15.69 -3.30
CA GLU A 130 3.17 17.08 -3.55
C GLU A 130 4.54 17.24 -2.90
N LEU A 131 4.63 16.78 -1.67
CA LEU A 131 5.88 16.92 -0.93
C LEU A 131 6.97 16.17 -1.67
N SER A 132 6.64 14.98 -2.17
CA SER A 132 7.59 14.19 -2.94
C SER A 132 8.01 14.95 -4.20
N THR A 133 7.06 15.69 -4.78
CA THR A 133 7.18 16.35 -6.09
C THR A 133 8.30 17.32 -6.09
N GLU A 134 8.43 18.06 -5.03
CA GLU A 134 9.53 18.95 -4.99
C GLU A 134 10.72 18.01 -5.05
N VAL A 135 10.59 16.87 -4.35
CA VAL A 135 11.61 15.83 -4.27
C VAL A 135 11.58 14.89 -5.48
N LEU A 136 10.65 15.13 -6.40
CA LEU A 136 10.53 14.31 -7.58
C LEU A 136 10.15 15.17 -8.79
N LEU A 1 17.42 9.26 -19.96
CA LEU A 1 16.23 8.96 -19.12
C LEU A 1 15.73 10.26 -18.48
N SER A 2 15.90 11.36 -19.19
CA SER A 2 15.47 12.67 -18.69
C SER A 2 13.95 12.66 -18.46
N ASP A 3 13.24 11.99 -19.36
CA ASP A 3 11.79 11.88 -19.27
C ASP A 3 11.40 11.09 -18.02
N ASP A 4 10.28 11.48 -17.41
CA ASP A 4 9.84 10.83 -16.19
C ASP A 4 9.20 9.47 -16.48
N SER A 5 9.25 8.61 -15.48
CA SER A 5 8.70 7.27 -15.57
C SER A 5 7.86 7.00 -14.33
N LYS A 6 6.86 6.15 -14.46
CA LYS A 6 5.89 5.92 -13.40
C LYS A 6 6.47 5.16 -12.20
N PHE A 7 6.06 5.63 -11.02
CA PHE A 7 6.49 5.04 -9.75
C PHE A 7 5.28 4.67 -8.89
N GLY A 8 5.29 3.46 -8.33
CA GLY A 8 4.17 3.01 -7.53
C GLY A 8 4.04 3.79 -6.25
N PHE A 9 2.84 3.72 -5.70
CA PHE A 9 2.58 4.37 -4.45
C PHE A 9 1.73 3.44 -3.62
N ILE A 10 2.10 3.14 -2.37
CA ILE A 10 1.23 2.24 -1.62
C ILE A 10 0.68 2.79 -0.31
N VAL A 11 -0.62 3.07 -0.32
CA VAL A 11 -1.25 3.61 0.88
C VAL A 11 -1.85 2.41 1.62
N ILE A 12 -1.32 2.16 2.81
CA ILE A 12 -1.74 1.00 3.60
C ILE A 12 -2.31 1.36 4.96
N ASP A 13 -3.47 0.81 5.21
CA ASP A 13 -4.13 0.94 6.49
C ASP A 13 -4.82 -0.40 6.78
N GLY A 14 -5.06 -0.68 8.04
CA GLY A 14 -5.63 -1.97 8.49
C GLY A 14 -7.04 -2.29 7.99
N SER A 15 -7.86 -1.29 7.83
CA SER A 15 -9.21 -1.41 7.42
C SER A 15 -9.35 -0.59 6.20
N GLY A 16 -8.70 -1.08 5.22
CA GLY A 16 -8.74 -0.56 3.85
C GLY A 16 -7.42 0.03 3.40
N ALA A 17 -7.21 0.06 2.08
CA ALA A 17 -5.97 0.60 1.52
C ALA A 17 -6.21 1.16 0.11
N LEU A 18 -5.45 2.18 -0.26
CA LEU A 18 -5.54 2.76 -1.61
C LEU A 18 -4.22 2.61 -2.34
N PHE A 19 -4.18 2.01 -3.54
CA PHE A 19 -2.89 1.91 -4.22
C PHE A 19 -2.80 2.84 -5.41
N GLY A 20 -1.89 3.80 -5.29
CA GLY A 20 -1.73 4.84 -6.27
C GLY A 20 -0.41 4.77 -7.01
N THR A 21 -0.22 5.74 -7.90
CA THR A 21 1.00 5.79 -8.68
C THR A 21 1.53 7.23 -8.77
N LEU A 22 2.85 7.39 -8.98
CA LEU A 22 3.43 8.74 -9.14
C LEU A 22 4.15 8.81 -10.48
N GLN A 23 3.74 9.74 -11.35
CA GLN A 23 4.40 9.92 -12.64
C GLN A 23 4.72 11.38 -12.88
N GLY A 24 5.99 11.68 -13.10
CA GLY A 24 6.39 13.05 -13.36
C GLY A 24 5.94 13.94 -12.20
N ASN A 25 5.33 15.07 -12.55
CA ASN A 25 4.82 16.01 -11.57
C ASN A 25 3.34 15.71 -11.25
N THR A 26 2.83 14.60 -11.80
CA THR A 26 1.41 14.24 -11.63
C THR A 26 1.26 12.81 -11.11
N ARG A 27 0.07 12.53 -10.53
CA ARG A 27 -0.20 11.24 -9.91
C ARG A 27 -1.47 10.59 -10.43
N GLU A 28 -1.49 9.25 -10.39
CA GLU A 28 -2.59 8.46 -10.90
C GLU A 28 -3.02 7.38 -9.90
N VAL A 29 -4.25 6.93 -10.07
CA VAL A 29 -4.83 5.90 -9.21
C VAL A 29 -4.98 4.60 -9.98
N LEU A 30 -4.46 3.51 -9.40
CA LEU A 30 -4.59 2.21 -10.02
C LEU A 30 -5.81 1.45 -9.51
N HIS A 31 -5.99 1.50 -8.20
CA HIS A 31 -7.12 0.83 -7.53
C HIS A 31 -7.37 1.50 -6.21
N LYS A 32 -8.55 1.33 -5.63
CA LYS A 32 -8.83 1.85 -4.30
C LYS A 32 -9.58 0.72 -3.59
N PHE A 33 -9.45 0.54 -2.28
CA PHE A 33 -10.24 -0.54 -1.68
C PHE A 33 -10.51 -0.46 -0.17
N THR A 34 -11.49 -1.29 0.17
CA THR A 34 -11.83 -1.54 1.57
C THR A 34 -11.83 -3.04 1.82
N VAL A 35 -11.11 -3.51 2.82
CA VAL A 35 -11.03 -4.95 3.06
C VAL A 35 -11.41 -5.34 4.48
N ASP A 36 -12.27 -6.34 4.63
CA ASP A 36 -12.69 -6.75 5.96
C ASP A 36 -11.69 -7.71 6.63
N LEU A 37 -11.11 -7.21 7.72
CA LEU A 37 -10.15 -7.93 8.57
C LEU A 37 -10.82 -9.25 9.11
N PRO A 38 -10.40 -9.91 10.20
CA PRO A 38 -10.94 -11.23 10.63
C PRO A 38 -12.37 -11.59 10.19
N LYS A 39 -12.66 -12.86 10.23
CA LYS A 39 -13.96 -13.43 9.82
C LYS A 39 -15.16 -13.01 10.64
N LYS A 40 -15.03 -13.02 11.96
CA LYS A 40 -16.19 -12.69 12.79
C LYS A 40 -16.58 -11.25 12.62
N HIS A 41 -17.86 -11.03 12.49
CA HIS A 41 -18.38 -9.67 12.35
C HIS A 41 -19.43 -9.44 13.42
N GLY A 42 -19.15 -10.05 14.58
CA GLY A 42 -20.03 -9.98 15.75
C GLY A 42 -20.93 -11.21 15.79
N ARG A 43 -20.88 -11.98 14.72
CA ARG A 43 -21.65 -13.21 14.60
C ARG A 43 -21.20 -14.23 15.64
N GLY A 44 -19.88 -14.30 15.83
CA GLY A 44 -19.27 -15.25 16.74
C GLY A 44 -19.26 -14.77 18.18
N GLY A 45 -18.63 -15.57 19.04
CA GLY A 45 -18.53 -15.29 20.47
C GLY A 45 -17.58 -14.12 20.72
N GLN A 46 -16.99 -13.61 19.65
CA GLN A 46 -16.06 -12.49 19.76
C GLN A 46 -16.86 -11.20 19.91
N SER A 47 -16.48 -10.37 20.88
CA SER A 47 -17.22 -9.13 21.11
C SER A 47 -17.06 -8.19 19.92
N ALA A 48 -18.09 -7.43 19.58
CA ALA A 48 -17.95 -6.54 18.45
C ALA A 48 -16.84 -5.49 18.66
N LEU A 49 -16.84 -4.83 19.83
CA LEU A 49 -15.80 -3.82 20.11
C LEU A 49 -14.40 -4.43 20.22
N ARG A 50 -14.34 -5.57 20.90
CA ARG A 50 -13.08 -6.29 21.13
C ARG A 50 -12.54 -6.94 19.88
N PHE A 51 -13.39 -7.15 18.89
CA PHE A 51 -12.96 -7.84 17.69
C PHE A 51 -11.84 -7.08 17.00
N ALA A 52 -11.96 -5.78 16.81
CA ALA A 52 -10.91 -5.03 16.13
C ALA A 52 -9.61 -5.06 16.95
N ARG A 53 -9.70 -5.01 18.26
CA ARG A 53 -8.49 -5.07 19.10
C ARG A 53 -7.81 -6.43 18.92
N LEU A 54 -8.65 -7.45 18.83
CA LEU A 54 -8.24 -8.86 18.68
C LEU A 54 -7.48 -9.11 17.38
N ARG A 55 -7.92 -8.46 16.30
CA ARG A 55 -7.30 -8.70 14.99
C ARG A 55 -5.82 -8.38 14.96
N MET A 56 -5.42 -7.29 15.59
CA MET A 56 -4.07 -6.74 15.34
C MET A 56 -3.03 -7.82 15.02
N GLU A 57 -3.14 -9.04 15.54
CA GLU A 57 -2.19 -10.09 15.11
C GLU A 57 -2.42 -10.42 13.61
N LYS A 58 -3.68 -10.44 13.24
CA LYS A 58 -4.18 -10.69 11.87
C LYS A 58 -3.78 -9.58 10.91
N ARG A 59 -3.26 -8.48 11.43
CA ARG A 59 -2.88 -7.35 10.59
C ARG A 59 -1.79 -7.82 9.61
N HIS A 60 -0.90 -8.70 10.08
CA HIS A 60 0.17 -9.22 9.24
C HIS A 60 -0.41 -9.93 8.02
N ASN A 61 -1.46 -10.73 8.21
CA ASN A 61 -2.09 -11.41 7.08
C ASN A 61 -2.66 -10.37 6.12
N TYR A 62 -3.24 -9.37 6.75
CA TYR A 62 -3.83 -8.25 5.98
C TYR A 62 -2.72 -7.61 5.14
N VAL A 63 -1.55 -7.32 5.76
CA VAL A 63 -0.43 -6.70 5.04
C VAL A 63 0.05 -7.61 3.89
N ARG A 64 0.19 -8.92 4.13
CA ARG A 64 0.64 -9.81 3.05
C ARG A 64 -0.39 -9.73 1.93
N LYS A 65 -1.64 -9.75 2.34
CA LYS A 65 -2.75 -9.72 1.39
C LYS A 65 -2.63 -8.46 0.55
N VAL A 66 -2.34 -7.32 1.20
CA VAL A 66 -2.11 -6.09 0.48
C VAL A 66 -0.87 -6.22 -0.40
N ALA A 67 0.20 -6.82 0.13
CA ALA A 67 1.43 -6.99 -0.64
C ALA A 67 1.15 -7.91 -1.84
N GLU A 68 0.30 -8.89 -1.60
CA GLU A 68 -0.07 -9.83 -2.64
C GLU A 68 -0.82 -9.06 -3.72
N THR A 69 -1.61 -8.10 -3.27
CA THR A 69 -2.35 -7.25 -4.19
C THR A 69 -1.35 -6.43 -4.99
N ALA A 70 -0.23 -5.99 -4.36
CA ALA A 70 0.73 -5.13 -5.07
C ALA A 70 1.34 -5.84 -6.31
N VAL A 71 1.68 -7.11 -6.17
CA VAL A 71 2.30 -7.85 -7.27
C VAL A 71 1.37 -7.95 -8.48
N GLN A 72 0.12 -8.23 -8.24
CA GLN A 72 -0.84 -8.30 -9.33
C GLN A 72 -0.98 -6.92 -9.95
N LEU A 73 -1.00 -5.93 -9.06
CA LEU A 73 -1.07 -4.54 -9.47
C LEU A 73 0.17 -4.09 -10.24
N PHE A 74 1.34 -4.53 -9.77
CA PHE A 74 2.61 -4.06 -10.35
C PHE A 74 3.39 -5.06 -11.20
N ILE A 75 2.93 -6.26 -11.28
CA ILE A 75 3.56 -7.28 -12.12
C ILE A 75 2.51 -7.98 -13.00
N SER A 76 2.86 -8.28 -14.24
CA SER A 76 1.98 -9.04 -15.12
C SER A 76 2.78 -10.00 -15.93
N GLY A 77 2.26 -11.20 -16.16
CA GLY A 77 3.00 -12.15 -16.99
C GLY A 77 4.45 -12.22 -16.51
N ASP A 78 5.21 -11.27 -17.01
CA ASP A 78 6.62 -11.09 -16.71
C ASP A 78 6.95 -9.60 -16.78
N LYS A 79 5.86 -8.84 -16.85
CA LYS A 79 5.86 -7.39 -16.93
C LYS A 79 6.05 -6.80 -15.56
N VAL A 80 6.51 -5.56 -15.51
CA VAL A 80 6.53 -4.80 -14.28
C VAL A 80 5.78 -3.51 -14.60
N ASN A 81 4.82 -3.10 -13.79
CA ASN A 81 4.05 -1.91 -14.12
C ASN A 81 4.62 -0.65 -13.47
N VAL A 82 5.80 -0.74 -12.87
CA VAL A 82 6.40 0.45 -12.23
C VAL A 82 7.86 0.68 -12.60
N ALA A 83 8.18 1.96 -12.56
CA ALA A 83 9.54 2.42 -12.82
C ALA A 83 10.31 2.51 -11.50
N GLY A 84 9.61 2.38 -10.35
CA GLY A 84 10.24 2.41 -9.03
C GLY A 84 9.09 2.29 -8.03
N LEU A 85 9.34 2.22 -6.71
CA LEU A 85 8.22 2.12 -5.76
C LEU A 85 8.29 3.12 -4.61
N VAL A 86 7.13 3.63 -4.22
CA VAL A 86 7.03 4.53 -3.06
C VAL A 86 6.03 3.92 -2.06
N LEU A 87 6.41 3.78 -0.79
CA LEU A 87 5.51 3.18 0.21
C LEU A 87 5.01 4.23 1.19
N ALA A 88 3.67 4.30 1.42
CA ALA A 88 3.17 5.23 2.41
C ALA A 88 2.13 4.59 3.31
N GLY A 89 2.22 4.89 4.60
CA GLY A 89 1.32 4.29 5.59
C GLY A 89 1.38 4.94 6.96
N SER A 90 0.39 4.58 7.79
CA SER A 90 0.33 5.05 9.17
C SER A 90 1.28 4.24 10.07
N ALA A 91 1.58 4.77 11.25
CA ALA A 91 2.46 4.09 12.19
C ALA A 91 3.71 3.53 11.50
N ASP A 92 4.14 4.21 10.45
CA ASP A 92 5.30 3.79 9.69
C ASP A 92 5.10 2.40 9.07
N PHE A 93 3.89 2.13 8.65
CA PHE A 93 3.59 0.85 8.03
C PHE A 93 4.45 0.69 6.79
N LYS A 94 4.57 1.76 6.01
CA LYS A 94 5.34 1.71 4.77
C LYS A 94 6.76 1.22 5.14
N THR A 95 7.23 1.84 6.18
CA THR A 95 8.58 1.57 6.65
C THR A 95 8.66 0.07 6.98
N GLU A 96 7.64 -0.39 7.68
CA GLU A 96 7.46 -1.79 8.03
C GLU A 96 7.17 -2.63 6.80
N LEU A 97 6.49 -2.06 5.82
CA LEU A 97 6.10 -2.84 4.66
C LEU A 97 7.31 -3.36 3.96
N SER A 98 8.38 -2.56 3.79
CA SER A 98 9.60 -3.07 3.13
C SER A 98 9.70 -4.53 3.53
N GLN A 99 10.48 -4.86 4.56
CA GLN A 99 10.57 -6.26 5.00
C GLN A 99 10.37 -7.22 3.82
N SER A 100 11.45 -7.70 3.26
CA SER A 100 11.34 -8.55 2.08
C SER A 100 10.59 -9.85 2.25
N ASP A 101 10.72 -10.56 3.35
CA ASP A 101 10.04 -11.82 3.41
C ASP A 101 8.51 -11.68 3.23
N MET A 102 7.85 -10.79 3.97
CA MET A 102 6.40 -10.65 3.75
C MET A 102 6.14 -10.11 2.35
N PHE A 103 6.91 -9.08 2.01
CA PHE A 103 6.80 -8.37 0.75
C PHE A 103 7.41 -9.22 -0.33
N ASP A 104 7.17 -8.84 -1.55
CA ASP A 104 7.65 -9.63 -2.67
C ASP A 104 9.13 -9.49 -2.77
N GLN A 105 9.75 -10.54 -3.20
CA GLN A 105 11.17 -10.46 -3.42
C GLN A 105 11.42 -9.48 -4.54
N ARG A 106 10.57 -9.54 -5.57
CA ARG A 106 10.71 -8.68 -6.74
C ARG A 106 10.51 -7.18 -6.52
N LEU A 107 9.51 -6.74 -5.74
CA LEU A 107 9.35 -5.30 -5.61
C LEU A 107 10.57 -4.76 -4.95
N GLN A 108 11.01 -5.43 -3.88
CA GLN A 108 12.11 -4.91 -3.09
C GLN A 108 13.25 -4.40 -3.95
N SER A 109 13.38 -4.90 -5.15
CA SER A 109 14.45 -4.42 -6.03
C SER A 109 14.08 -3.07 -6.65
N LYS A 110 12.84 -2.65 -6.44
CA LYS A 110 12.31 -1.38 -6.94
C LYS A 110 12.16 -0.37 -5.80
N VAL A 111 12.81 -0.66 -4.67
CA VAL A 111 12.60 0.18 -3.49
C VAL A 111 13.31 1.55 -3.59
N LEU A 112 12.42 2.55 -3.77
CA LEU A 112 12.78 4.00 -3.94
C LEU A 112 12.65 5.05 -2.72
N LYS A 113 11.41 5.16 -2.16
CA LYS A 113 11.10 6.10 -1.05
C LYS A 113 9.97 5.63 -0.13
N LEU A 114 9.95 6.12 1.11
CA LEU A 114 8.86 5.82 2.04
C LEU A 114 8.34 7.17 2.61
N VAL A 115 7.03 7.49 2.56
CA VAL A 115 6.55 8.80 3.10
C VAL A 115 5.24 8.61 3.90
N ASP A 116 4.89 9.48 4.85
CA ASP A 116 3.62 9.34 5.60
C ASP A 116 2.49 9.94 4.73
N ILE A 117 1.22 9.89 5.20
CA ILE A 117 0.09 10.46 4.47
C ILE A 117 -0.66 11.41 5.42
N SER A 118 -1.25 12.52 4.95
CA SER A 118 -1.92 13.36 5.96
C SER A 118 -3.01 12.51 6.62
N TYR A 119 -3.79 11.82 5.81
CA TYR A 119 -4.81 10.91 6.31
C TYR A 119 -5.13 9.86 5.26
N GLY A 120 -5.57 8.67 5.68
CA GLY A 120 -6.00 7.63 4.75
C GLY A 120 -5.36 7.72 3.37
N GLY A 121 -6.24 7.61 2.38
CA GLY A 121 -5.88 7.62 0.97
C GLY A 121 -5.81 8.97 0.31
N GLU A 122 -6.63 9.12 -0.71
CA GLU A 122 -6.68 10.26 -1.58
C GLU A 122 -6.10 11.57 -1.03
N ASN A 123 -6.71 12.20 -0.03
CA ASN A 123 -6.12 13.48 0.36
C ASN A 123 -4.70 13.33 0.91
N GLY A 124 -4.47 12.31 1.72
CA GLY A 124 -3.12 12.08 2.21
C GLY A 124 -2.25 11.72 1.05
N PHE A 125 -2.83 10.90 0.20
CA PHE A 125 -2.14 10.36 -0.93
C PHE A 125 -1.70 11.50 -1.87
N ASN A 126 -2.59 12.42 -2.18
CA ASN A 126 -2.20 13.55 -3.02
C ASN A 126 -1.17 14.47 -2.37
N GLN A 127 -1.32 14.75 -1.06
CA GLN A 127 -0.41 15.68 -0.37
C GLN A 127 1.01 15.18 -0.26
N ALA A 128 1.17 13.91 0.05
CA ALA A 128 2.51 13.39 0.21
C ALA A 128 3.24 13.47 -1.09
N ILE A 129 2.54 13.17 -2.16
CA ILE A 129 3.17 13.21 -3.45
C ILE A 129 3.60 14.62 -3.86
N GLU A 130 2.69 15.60 -3.65
CA GLU A 130 3.04 16.95 -4.11
C GLU A 130 4.23 17.42 -3.29
N LEU A 131 4.11 17.29 -1.99
CA LEU A 131 5.16 17.76 -1.09
C LEU A 131 6.46 16.99 -1.33
N SER A 132 6.34 15.69 -1.53
CA SER A 132 7.51 14.85 -1.73
C SER A 132 7.71 14.42 -3.19
N THR A 133 7.24 15.18 -4.18
CA THR A 133 7.50 14.86 -5.58
C THR A 133 8.70 15.70 -5.98
N GLU A 134 8.80 16.81 -5.27
CA GLU A 134 9.84 17.81 -5.43
C GLU A 134 11.18 17.23 -5.04
N VAL A 135 11.18 16.41 -3.99
CA VAL A 135 12.46 15.87 -3.56
C VAL A 135 13.06 15.07 -4.69
N LEU A 136 12.27 14.22 -5.33
CA LEU A 136 12.76 13.42 -6.43
C LEU A 136 13.57 14.29 -7.38
N LEU A 1 16.70 13.53 -19.14
CA LEU A 1 15.51 12.63 -19.05
C LEU A 1 14.22 13.47 -19.08
N SER A 2 13.94 14.06 -20.23
CA SER A 2 12.73 14.88 -20.40
C SER A 2 11.47 14.05 -20.17
N ASP A 3 11.53 12.80 -20.60
CA ASP A 3 10.38 11.90 -20.47
C ASP A 3 10.32 11.26 -19.08
N ASP A 4 9.26 11.53 -18.37
CA ASP A 4 9.03 11.01 -17.04
C ASP A 4 8.54 9.57 -17.09
N SER A 5 8.78 8.83 -16.00
CA SER A 5 8.35 7.43 -15.93
C SER A 5 7.62 7.16 -14.61
N LYS A 6 6.72 6.18 -14.64
CA LYS A 6 5.84 5.89 -13.51
C LYS A 6 6.52 5.21 -12.30
N PHE A 7 6.13 5.74 -11.14
CA PHE A 7 6.58 5.27 -9.84
C PHE A 7 5.34 4.93 -9.01
N GLY A 8 5.30 3.76 -8.38
CA GLY A 8 4.07 3.37 -7.66
C GLY A 8 4.06 3.64 -6.17
N PHE A 9 3.04 4.36 -5.82
CA PHE A 9 2.89 4.87 -4.47
C PHE A 9 1.91 3.97 -3.74
N ILE A 10 2.31 3.42 -2.59
CA ILE A 10 1.40 2.53 -1.89
C ILE A 10 0.88 3.06 -0.56
N VAL A 11 -0.42 3.32 -0.55
CA VAL A 11 -1.09 3.80 0.65
C VAL A 11 -1.69 2.58 1.31
N ILE A 12 -1.22 2.27 2.51
CA ILE A 12 -1.62 1.06 3.20
C ILE A 12 -2.30 1.37 4.55
N ASP A 13 -3.48 0.81 4.76
CA ASP A 13 -4.17 0.98 6.02
C ASP A 13 -4.86 -0.34 6.37
N GLY A 14 -5.09 -0.54 7.65
CA GLY A 14 -5.64 -1.80 8.19
C GLY A 14 -7.07 -2.17 7.74
N SER A 15 -7.94 -1.18 7.56
CA SER A 15 -9.32 -1.39 7.19
C SER A 15 -9.54 -0.61 5.97
N GLY A 16 -8.82 -1.02 4.99
CA GLY A 16 -8.89 -0.50 3.65
C GLY A 16 -7.55 0.04 3.21
N ALA A 17 -7.33 0.06 1.90
CA ALA A 17 -6.06 0.54 1.37
C ALA A 17 -6.26 1.13 -0.04
N LEU A 18 -5.44 2.13 -0.37
CA LEU A 18 -5.50 2.76 -1.69
C LEU A 18 -4.17 2.60 -2.40
N PHE A 19 -4.12 2.10 -3.65
CA PHE A 19 -2.82 2.00 -4.31
C PHE A 19 -2.74 2.93 -5.51
N GLY A 20 -1.88 3.95 -5.39
CA GLY A 20 -1.77 4.98 -6.42
C GLY A 20 -0.43 4.97 -7.13
N THR A 21 -0.28 5.91 -8.04
CA THR A 21 0.95 6.03 -8.79
C THR A 21 1.36 7.48 -9.02
N LEU A 22 2.68 7.67 -9.20
CA LEU A 22 3.22 8.99 -9.48
C LEU A 22 4.00 8.96 -10.79
N GLN A 23 3.62 9.84 -11.73
CA GLN A 23 4.35 9.94 -13.00
C GLN A 23 4.63 11.40 -13.31
N GLY A 24 5.91 11.74 -13.49
CA GLY A 24 6.26 13.11 -13.79
C GLY A 24 5.76 14.01 -12.68
N ASN A 25 5.17 15.13 -13.06
CA ASN A 25 4.61 16.03 -12.05
C ASN A 25 3.12 15.73 -11.89
N THR A 26 2.66 14.69 -12.59
CA THR A 26 1.24 14.33 -12.56
C THR A 26 0.99 13.14 -11.64
N ARG A 27 -0.27 13.02 -11.22
CA ARG A 27 -0.66 11.97 -10.27
C ARG A 27 -1.84 11.12 -10.78
N GLU A 28 -1.76 9.81 -10.52
CA GLU A 28 -2.77 8.87 -10.99
C GLU A 28 -3.22 7.86 -9.91
N VAL A 29 -4.43 7.35 -10.10
CA VAL A 29 -5.02 6.36 -9.18
C VAL A 29 -5.15 5.00 -9.89
N LEU A 30 -4.64 3.92 -9.28
CA LEU A 30 -4.76 2.59 -9.88
C LEU A 30 -5.94 1.77 -9.35
N HIS A 31 -6.10 1.76 -8.03
CA HIS A 31 -7.19 1.01 -7.39
C HIS A 31 -7.49 1.65 -6.05
N LYS A 32 -8.67 1.41 -5.48
CA LYS A 32 -8.98 1.92 -4.15
C LYS A 32 -9.76 0.79 -3.46
N PHE A 33 -9.68 0.62 -2.15
CA PHE A 33 -10.48 -0.46 -1.56
C PHE A 33 -10.76 -0.39 -0.06
N THR A 34 -11.72 -1.23 0.31
CA THR A 34 -12.04 -1.47 1.72
C THR A 34 -12.03 -2.97 1.99
N VAL A 35 -11.29 -3.44 3.03
CA VAL A 35 -11.23 -4.88 3.31
C VAL A 35 -11.64 -5.25 4.72
N ASP A 36 -12.52 -6.24 4.84
CA ASP A 36 -12.94 -6.67 6.17
C ASP A 36 -11.84 -7.46 6.90
N LEU A 37 -11.79 -7.21 8.20
CA LEU A 37 -10.86 -7.79 9.16
C LEU A 37 -11.62 -8.91 9.96
N PRO A 38 -11.20 -9.38 11.18
CA PRO A 38 -11.79 -10.57 11.90
C PRO A 38 -13.18 -11.10 11.43
N LYS A 39 -13.50 -12.27 11.95
CA LYS A 39 -14.68 -13.02 11.54
C LYS A 39 -15.99 -12.33 11.81
N LYS A 40 -16.15 -11.78 13.02
CA LYS A 40 -17.38 -11.07 13.31
C LYS A 40 -17.06 -9.68 13.80
N HIS A 41 -17.69 -8.79 13.11
CA HIS A 41 -17.58 -7.37 13.28
C HIS A 41 -18.13 -6.86 14.60
N GLY A 42 -19.28 -7.38 15.00
CA GLY A 42 -19.91 -6.95 16.25
C GLY A 42 -21.29 -7.59 16.43
N ARG A 43 -21.93 -7.92 15.33
CA ARG A 43 -23.24 -8.58 15.39
C ARG A 43 -23.07 -9.94 16.07
N GLY A 44 -21.96 -10.57 15.73
CA GLY A 44 -21.59 -11.88 16.26
C GLY A 44 -21.04 -11.79 17.68
N GLY A 45 -20.42 -12.89 18.11
CA GLY A 45 -19.85 -13.04 19.45
C GLY A 45 -18.73 -12.04 19.74
N GLN A 46 -17.95 -11.69 18.71
CA GLN A 46 -16.82 -10.79 18.90
C GLN A 46 -17.31 -9.35 19.09
N SER A 47 -16.77 -8.68 20.11
CA SER A 47 -17.17 -7.31 20.44
C SER A 47 -16.86 -6.33 19.33
N ALA A 48 -17.68 -5.31 19.17
CA ALA A 48 -17.37 -4.31 18.14
C ALA A 48 -16.07 -3.57 18.48
N LEU A 49 -15.88 -3.24 19.76
CA LEU A 49 -14.66 -2.56 20.23
C LEU A 49 -13.44 -3.46 20.02
N ARG A 50 -13.65 -4.72 20.32
CA ARG A 50 -12.63 -5.77 20.23
C ARG A 50 -12.14 -5.95 18.81
N PHE A 51 -13.03 -5.79 17.82
CA PHE A 51 -12.63 -6.13 16.46
C PHE A 51 -11.34 -5.39 16.13
N ALA A 52 -11.28 -4.08 16.32
CA ALA A 52 -10.04 -3.39 15.98
C ALA A 52 -8.89 -3.88 16.86
N ARG A 53 -9.17 -4.11 18.15
CA ARG A 53 -8.12 -4.62 19.05
C ARG A 53 -7.66 -6.03 18.66
N LEU A 54 -8.63 -6.88 18.28
CA LEU A 54 -8.36 -8.30 17.93
C LEU A 54 -7.45 -8.45 16.72
N ARG A 55 -7.66 -7.64 15.71
CA ARG A 55 -6.91 -7.80 14.45
C ARG A 55 -5.41 -7.65 14.60
N MET A 56 -4.98 -6.68 15.38
CA MET A 56 -3.55 -6.32 15.32
C MET A 56 -2.69 -7.60 15.07
N GLU A 57 -3.07 -8.76 15.63
CA GLU A 57 -2.38 -10.03 15.28
C GLU A 57 -2.67 -10.45 13.81
N LYS A 58 -3.92 -10.24 13.39
CA LYS A 58 -4.45 -10.55 12.04
C LYS A 58 -4.07 -9.50 11.01
N ARG A 59 -3.53 -8.37 11.47
CA ARG A 59 -3.14 -7.30 10.58
C ARG A 59 -2.08 -7.84 9.62
N HIS A 60 -1.23 -8.70 10.15
CA HIS A 60 -0.17 -9.28 9.34
C HIS A 60 -0.75 -10.02 8.15
N ASN A 61 -1.84 -10.77 8.36
CA ASN A 61 -2.46 -11.50 7.23
C ASN A 61 -2.98 -10.46 6.24
N TYR A 62 -3.53 -9.43 6.84
CA TYR A 62 -4.06 -8.32 6.04
C TYR A 62 -2.89 -7.72 5.21
N VAL A 63 -1.74 -7.47 5.86
CA VAL A 63 -0.58 -6.89 5.19
C VAL A 63 -0.07 -7.81 4.06
N ARG A 64 0.01 -9.12 4.32
CA ARG A 64 0.47 -10.03 3.27
C ARG A 64 -0.53 -9.94 2.11
N LYS A 65 -1.80 -9.91 2.49
CA LYS A 65 -2.87 -9.86 1.50
C LYS A 65 -2.67 -8.60 0.67
N VAL A 66 -2.32 -7.53 1.35
CA VAL A 66 -2.02 -6.28 0.69
C VAL A 66 -0.79 -6.45 -0.20
N ALA A 67 0.23 -7.14 0.27
CA ALA A 67 1.44 -7.33 -0.52
C ALA A 67 1.10 -8.12 -1.78
N GLU A 68 0.19 -9.06 -1.65
CA GLU A 68 -0.21 -9.87 -2.81
C GLU A 68 -0.90 -8.95 -3.80
N THR A 69 -1.65 -7.99 -3.28
CA THR A 69 -2.33 -7.01 -4.12
C THR A 69 -1.30 -6.17 -4.89
N ALA A 70 -0.22 -5.74 -4.23
CA ALA A 70 0.75 -4.89 -4.92
C ALA A 70 1.41 -5.61 -6.11
N VAL A 71 1.74 -6.88 -5.95
CA VAL A 71 2.41 -7.62 -7.03
C VAL A 71 1.50 -7.74 -8.25
N GLN A 72 0.24 -8.02 -8.03
CA GLN A 72 -0.71 -8.12 -9.14
C GLN A 72 -0.86 -6.75 -9.79
N LEU A 73 -0.91 -5.73 -8.96
CA LEU A 73 -0.99 -4.34 -9.42
C LEU A 73 0.27 -3.91 -10.18
N PHE A 74 1.44 -4.31 -9.66
CA PHE A 74 2.72 -3.86 -10.22
C PHE A 74 3.51 -4.89 -11.02
N ILE A 75 3.05 -6.10 -11.03
CA ILE A 75 3.69 -7.18 -11.81
C ILE A 75 2.64 -7.89 -12.64
N SER A 76 2.98 -8.24 -13.88
CA SER A 76 2.06 -9.03 -14.69
C SER A 76 2.82 -10.06 -15.45
N GLY A 77 2.27 -11.27 -15.59
CA GLY A 77 2.97 -12.29 -16.35
C GLY A 77 4.42 -12.38 -15.89
N ASP A 78 5.20 -11.48 -16.46
CA ASP A 78 6.63 -11.31 -16.16
C ASP A 78 7.00 -9.83 -16.34
N LYS A 79 5.95 -9.03 -16.40
CA LYS A 79 6.00 -7.58 -16.55
C LYS A 79 6.22 -6.96 -15.19
N VAL A 80 6.74 -5.74 -15.20
CA VAL A 80 6.80 -4.92 -14.00
C VAL A 80 6.13 -3.61 -14.37
N ASN A 81 5.19 -3.10 -13.59
CA ASN A 81 4.51 -1.87 -13.98
C ASN A 81 5.06 -0.61 -13.31
N VAL A 82 6.21 -0.70 -12.66
CA VAL A 82 6.79 0.49 -11.98
C VAL A 82 8.19 0.83 -12.40
N ALA A 83 8.39 2.12 -12.62
CA ALA A 83 9.72 2.60 -12.90
C ALA A 83 10.51 2.60 -11.60
N GLY A 84 9.83 2.46 -10.44
CA GLY A 84 10.47 2.44 -9.12
C GLY A 84 9.30 2.37 -8.11
N LEU A 85 9.54 2.23 -6.79
CA LEU A 85 8.40 2.16 -5.84
C LEU A 85 8.47 3.15 -4.69
N VAL A 86 7.30 3.68 -4.31
CA VAL A 86 7.20 4.58 -3.17
C VAL A 86 6.21 3.98 -2.17
N LEU A 87 6.57 3.86 -0.88
CA LEU A 87 5.68 3.24 0.09
C LEU A 87 5.11 4.26 1.07
N ALA A 88 3.77 4.27 1.30
CA ALA A 88 3.20 5.21 2.28
C ALA A 88 2.20 4.52 3.22
N GLY A 89 2.31 4.82 4.52
CA GLY A 89 1.41 4.18 5.50
C GLY A 89 1.45 4.83 6.88
N SER A 90 0.47 4.47 7.71
CA SER A 90 0.39 4.95 9.09
C SER A 90 1.40 4.22 10.00
N ALA A 91 1.71 4.83 11.15
CA ALA A 91 2.63 4.22 12.13
C ALA A 91 3.88 3.64 11.48
N ASP A 92 4.28 4.22 10.37
CA ASP A 92 5.45 3.76 9.62
C ASP A 92 5.31 2.31 9.19
N PHE A 93 4.11 1.97 8.81
CA PHE A 93 3.79 0.60 8.40
C PHE A 93 4.61 0.22 7.17
N LYS A 94 4.71 1.14 6.24
CA LYS A 94 5.42 0.87 5.00
C LYS A 94 6.83 0.33 5.34
N THR A 95 7.46 1.03 6.22
CA THR A 95 8.84 0.70 6.56
C THR A 95 8.87 -0.75 7.05
N GLU A 96 7.94 -1.13 7.93
CA GLU A 96 7.85 -2.53 8.38
C GLU A 96 7.41 -3.46 7.24
N LEU A 97 6.54 -2.97 6.36
CA LEU A 97 6.01 -3.80 5.28
C LEU A 97 7.15 -4.22 4.41
N SER A 98 8.11 -3.30 4.09
CA SER A 98 9.25 -3.66 3.25
C SER A 98 9.54 -5.10 3.51
N GLN A 99 10.51 -5.44 4.37
CA GLN A 99 10.82 -6.86 4.65
C GLN A 99 10.37 -7.78 3.47
N SER A 100 11.30 -8.17 2.64
CA SER A 100 10.98 -8.93 1.45
C SER A 100 10.35 -10.31 1.68
N ASP A 101 10.47 -10.91 2.86
CA ASP A 101 9.90 -12.25 3.03
C ASP A 101 8.36 -12.22 2.86
N MET A 102 7.71 -11.20 3.39
CA MET A 102 6.25 -11.11 3.18
C MET A 102 5.96 -10.37 1.87
N PHE A 103 6.54 -9.17 1.73
CA PHE A 103 6.28 -8.35 0.56
C PHE A 103 6.58 -9.16 -0.71
N ASP A 104 7.77 -9.03 -1.29
CA ASP A 104 8.12 -9.83 -2.44
C ASP A 104 9.59 -9.66 -2.78
N GLN A 105 10.15 -10.63 -3.47
CA GLN A 105 11.54 -10.54 -3.87
C GLN A 105 11.74 -9.39 -4.86
N ARG A 106 10.79 -9.25 -5.76
CA ARG A 106 10.82 -8.27 -6.83
C ARG A 106 10.66 -6.78 -6.46
N LEU A 107 9.77 -6.39 -5.52
CA LEU A 107 9.54 -4.94 -5.27
C LEU A 107 10.50 -4.27 -4.30
N GLN A 108 11.13 -5.02 -3.41
CA GLN A 108 12.03 -4.43 -2.44
C GLN A 108 13.24 -3.84 -3.17
N SER A 109 13.52 -4.41 -4.35
CA SER A 109 14.64 -3.98 -5.19
C SER A 109 14.28 -2.70 -5.94
N LYS A 110 13.04 -2.27 -5.81
CA LYS A 110 12.55 -1.05 -6.43
C LYS A 110 12.32 0.01 -5.35
N VAL A 111 12.95 -0.20 -4.21
CA VAL A 111 12.68 0.70 -3.09
C VAL A 111 13.39 2.06 -3.23
N LEU A 112 12.51 3.01 -3.57
CA LEU A 112 12.84 4.47 -3.76
C LEU A 112 12.64 5.47 -2.52
N LYS A 113 11.42 5.48 -1.93
CA LYS A 113 11.10 6.35 -0.78
C LYS A 113 10.00 5.77 0.11
N LEU A 114 9.99 6.20 1.38
CA LEU A 114 8.92 5.84 2.30
C LEU A 114 8.42 7.18 2.90
N VAL A 115 7.11 7.49 2.86
CA VAL A 115 6.61 8.75 3.42
C VAL A 115 5.31 8.51 4.19
N ASP A 116 4.93 9.38 5.14
CA ASP A 116 3.67 9.21 5.88
C ASP A 116 2.52 9.75 5.02
N ILE A 117 1.27 9.68 5.48
CA ILE A 117 0.11 10.21 4.72
C ILE A 117 -0.62 11.21 5.64
N SER A 118 -1.17 12.31 5.14
CA SER A 118 -1.81 13.18 6.13
C SER A 118 -2.92 12.35 6.80
N TYR A 119 -3.69 11.65 5.98
CA TYR A 119 -4.70 10.74 6.49
C TYR A 119 -5.00 9.70 5.43
N GLY A 120 -5.48 8.52 5.82
CA GLY A 120 -5.90 7.48 4.88
C GLY A 120 -5.31 7.58 3.50
N GLY A 121 -6.23 7.54 2.54
CA GLY A 121 -5.84 7.49 1.16
C GLY A 121 -5.81 8.76 0.35
N GLU A 122 -6.92 9.20 -0.22
CA GLU A 122 -6.78 10.30 -1.18
C GLU A 122 -6.18 11.59 -0.63
N ASN A 123 -6.66 12.14 0.47
CA ASN A 123 -6.06 13.41 0.86
C ASN A 123 -4.58 13.25 1.23
N GLY A 124 -4.24 12.18 1.93
CA GLY A 124 -2.82 11.95 2.26
C GLY A 124 -2.04 11.68 0.99
N PHE A 125 -2.66 10.90 0.13
CA PHE A 125 -2.05 10.50 -1.12
C PHE A 125 -1.75 11.71 -1.98
N ASN A 126 -2.70 12.63 -2.12
CA ASN A 126 -2.43 13.81 -2.92
C ASN A 126 -1.33 14.68 -2.32
N GLN A 127 -1.33 14.86 -0.98
CA GLN A 127 -0.31 15.70 -0.33
C GLN A 127 1.09 15.11 -0.43
N ALA A 128 1.18 13.79 -0.27
CA ALA A 128 2.49 13.15 -0.31
C ALA A 128 3.10 13.30 -1.68
N ILE A 129 2.28 13.21 -2.71
CA ILE A 129 2.79 13.36 -4.05
C ILE A 129 3.32 14.77 -4.25
N GLU A 130 2.53 15.75 -3.80
CA GLU A 130 2.97 17.15 -4.00
C GLU A 130 4.29 17.31 -3.24
N LEU A 131 4.28 16.88 -1.99
CA LEU A 131 5.48 17.03 -1.17
C LEU A 131 6.60 16.22 -1.81
N SER A 132 6.26 15.02 -2.26
CA SER A 132 7.21 14.17 -2.97
C SER A 132 6.75 14.05 -4.42
N THR A 133 6.84 15.15 -5.17
CA THR A 133 6.58 15.14 -6.61
C THR A 133 7.94 15.35 -7.30
N GLU A 134 8.69 16.19 -6.58
CA GLU A 134 10.03 16.68 -6.89
C GLU A 134 11.16 15.66 -6.86
N VAL A 135 11.05 14.65 -6.00
CA VAL A 135 12.03 13.58 -5.86
C VAL A 135 11.66 12.44 -6.80
N LEU A 136 10.52 12.61 -7.47
CA LEU A 136 10.03 11.60 -8.40
C LEU A 136 9.67 12.25 -9.74
N LEU A 1 10.27 18.71 -21.48
CA LEU A 1 10.92 18.43 -20.17
C LEU A 1 11.59 17.06 -20.24
N SER A 2 12.04 16.57 -19.09
CA SER A 2 12.69 15.27 -19.03
C SER A 2 11.63 14.18 -19.22
N ASP A 3 12.04 13.00 -19.66
CA ASP A 3 11.07 11.94 -19.88
C ASP A 3 10.78 11.20 -18.58
N ASP A 4 9.59 11.44 -18.06
CA ASP A 4 9.16 10.82 -16.82
C ASP A 4 8.62 9.41 -17.03
N SER A 5 8.74 8.59 -15.98
CA SER A 5 8.27 7.21 -16.03
C SER A 5 7.43 6.95 -14.77
N LYS A 6 6.49 6.01 -14.85
CA LYS A 6 5.55 5.81 -13.75
C LYS A 6 6.21 5.17 -12.52
N PHE A 7 5.86 5.73 -11.36
CA PHE A 7 6.38 5.27 -10.07
C PHE A 7 5.23 4.91 -9.12
N GLY A 8 5.30 3.75 -8.52
CA GLY A 8 4.24 3.29 -7.63
C GLY A 8 4.15 4.06 -6.34
N PHE A 9 2.98 3.98 -5.75
CA PHE A 9 2.74 4.61 -4.48
C PHE A 9 1.90 3.64 -3.68
N ILE A 10 2.28 3.25 -2.46
CA ILE A 10 1.40 2.34 -1.73
C ILE A 10 0.85 2.86 -0.41
N VAL A 11 -0.44 3.12 -0.42
CA VAL A 11 -1.12 3.62 0.77
C VAL A 11 -1.76 2.42 1.48
N ILE A 12 -1.27 2.17 2.69
CA ILE A 12 -1.72 1.02 3.49
C ILE A 12 -2.34 1.42 4.82
N ASP A 13 -3.53 0.89 5.03
CA ASP A 13 -4.23 1.05 6.28
C ASP A 13 -4.90 -0.28 6.61
N GLY A 14 -5.11 -0.54 7.86
CA GLY A 14 -5.65 -1.82 8.35
C GLY A 14 -7.08 -2.16 7.89
N SER A 15 -7.91 -1.16 7.75
CA SER A 15 -9.29 -1.29 7.37
C SER A 15 -9.50 -0.52 6.13
N GLY A 16 -8.77 -0.97 5.14
CA GLY A 16 -8.86 -0.45 3.78
C GLY A 16 -7.52 0.10 3.28
N ALA A 17 -7.33 0.13 1.95
CA ALA A 17 -6.09 0.63 1.38
C ALA A 17 -6.29 1.20 -0.03
N LEU A 18 -5.46 2.19 -0.38
CA LEU A 18 -5.52 2.79 -1.72
C LEU A 18 -4.17 2.65 -2.44
N PHE A 19 -4.12 2.10 -3.66
CA PHE A 19 -2.81 2.00 -4.33
C PHE A 19 -2.71 2.92 -5.54
N GLY A 20 -1.80 3.90 -5.42
CA GLY A 20 -1.66 4.93 -6.43
C GLY A 20 -0.35 4.85 -7.21
N THR A 21 -0.20 5.77 -8.14
CA THR A 21 1.02 5.82 -8.93
C THR A 21 1.43 7.27 -9.15
N LEU A 22 2.74 7.50 -9.36
CA LEU A 22 3.24 8.85 -9.61
C LEU A 22 3.99 8.90 -10.94
N GLN A 23 3.59 9.81 -11.82
CA GLN A 23 4.25 9.97 -13.10
C GLN A 23 4.61 11.43 -13.36
N GLY A 24 5.88 11.72 -13.53
CA GLY A 24 6.27 13.08 -13.81
C GLY A 24 5.72 13.96 -12.69
N ASN A 25 5.10 15.07 -13.08
CA ASN A 25 4.50 15.95 -12.09
C ASN A 25 3.02 15.62 -11.91
N THR A 26 2.55 14.54 -12.57
CA THR A 26 1.13 14.17 -12.48
C THR A 26 0.92 12.94 -11.59
N ARG A 27 -0.33 12.82 -11.12
CA ARG A 27 -0.70 11.75 -10.18
C ARG A 27 -1.85 10.88 -10.70
N GLU A 28 -1.74 9.57 -10.43
CA GLU A 28 -2.72 8.61 -10.91
C GLU A 28 -3.14 7.57 -9.85
N VAL A 29 -4.32 7.01 -10.08
CA VAL A 29 -4.89 5.98 -9.20
C VAL A 29 -4.96 4.64 -9.94
N LEU A 30 -4.46 3.58 -9.31
CA LEU A 30 -4.53 2.24 -9.91
C LEU A 30 -5.76 1.49 -9.43
N HIS A 31 -5.98 1.56 -8.12
CA HIS A 31 -7.11 0.89 -7.47
C HIS A 31 -7.41 1.58 -6.16
N LYS A 32 -8.60 1.40 -5.59
CA LYS A 32 -8.91 1.95 -4.28
C LYS A 32 -9.70 0.85 -3.60
N PHE A 33 -9.61 0.69 -2.28
CA PHE A 33 -10.41 -0.38 -1.68
C PHE A 33 -10.67 -0.31 -0.18
N THR A 34 -11.65 -1.15 0.19
CA THR A 34 -11.96 -1.38 1.60
C THR A 34 -11.92 -2.90 1.85
N VAL A 35 -11.20 -3.38 2.85
CA VAL A 35 -11.10 -4.82 3.08
C VAL A 35 -11.52 -5.24 4.51
N ASP A 36 -12.38 -6.24 4.61
CA ASP A 36 -12.85 -6.69 5.91
C ASP A 36 -11.85 -7.66 6.57
N LEU A 37 -11.37 -7.21 7.73
CA LEU A 37 -10.41 -7.91 8.60
C LEU A 37 -11.06 -9.23 9.15
N PRO A 38 -10.62 -9.87 10.24
CA PRO A 38 -11.10 -11.23 10.68
C PRO A 38 -12.52 -11.64 10.25
N LYS A 39 -12.68 -12.92 10.17
CA LYS A 39 -13.90 -13.59 9.70
C LYS A 39 -15.15 -13.39 10.56
N LYS A 40 -15.03 -13.51 11.87
CA LYS A 40 -16.21 -13.40 12.73
C LYS A 40 -16.72 -11.97 12.76
N HIS A 41 -18.01 -11.84 12.52
CA HIS A 41 -18.65 -10.53 12.53
C HIS A 41 -19.76 -10.50 13.57
N GLY A 42 -19.50 -11.21 14.67
CA GLY A 42 -20.46 -11.32 15.77
C GLY A 42 -21.28 -12.59 15.65
N ARG A 43 -21.14 -13.27 14.52
CA ARG A 43 -21.82 -14.53 14.32
C ARG A 43 -21.29 -15.55 15.32
N GLY A 44 -19.99 -15.49 15.51
CA GLY A 44 -19.28 -16.36 16.43
C GLY A 44 -19.27 -15.78 17.83
N GLY A 45 -18.52 -16.45 18.71
CA GLY A 45 -18.39 -16.03 20.10
C GLY A 45 -17.58 -14.74 20.20
N GLN A 46 -17.15 -14.24 19.05
CA GLN A 46 -16.35 -13.03 18.98
C GLN A 46 -17.25 -11.82 19.17
N SER A 47 -16.89 -10.92 20.08
CA SER A 47 -17.70 -9.74 20.32
C SER A 47 -17.54 -8.78 19.15
N ALA A 48 -18.56 -8.02 18.82
CA ALA A 48 -18.38 -7.07 17.73
C ALA A 48 -17.34 -6.02 18.15
N LEU A 49 -17.41 -5.56 19.39
CA LEU A 49 -16.45 -4.60 19.91
C LEU A 49 -15.02 -5.16 19.96
N ARG A 50 -14.94 -6.40 20.41
CA ARG A 50 -13.67 -7.13 20.56
C ARG A 50 -13.04 -7.47 19.24
N PHE A 51 -13.83 -7.47 18.18
CA PHE A 51 -13.32 -7.88 16.90
C PHE A 51 -12.16 -6.97 16.50
N ALA A 52 -12.33 -5.67 16.61
CA ALA A 52 -11.24 -4.78 16.21
C ALA A 52 -9.99 -5.00 17.08
N ARG A 53 -10.18 -5.19 18.38
CA ARG A 53 -9.03 -5.45 19.27
C ARG A 53 -8.33 -6.77 18.92
N LEU A 54 -9.16 -7.77 18.63
CA LEU A 54 -8.73 -9.15 18.31
C LEU A 54 -7.87 -9.25 17.04
N ARG A 55 -8.24 -8.53 16.01
CA ARG A 55 -7.52 -8.62 14.72
C ARG A 55 -6.05 -8.24 14.80
N MET A 56 -5.73 -7.20 15.52
CA MET A 56 -4.39 -6.60 15.39
C MET A 56 -3.29 -7.66 15.12
N GLU A 57 -3.36 -8.88 15.66
CA GLU A 57 -2.36 -9.92 15.27
C GLU A 57 -2.57 -10.29 13.78
N LYS A 58 -3.84 -10.35 13.41
CA LYS A 58 -4.33 -10.64 12.05
C LYS A 58 -3.93 -9.55 11.06
N ARG A 59 -3.43 -8.44 11.57
CA ARG A 59 -3.04 -7.32 10.71
C ARG A 59 -1.96 -7.79 9.73
N HIS A 60 -1.05 -8.64 10.20
CA HIS A 60 0.02 -9.15 9.37
C HIS A 60 -0.57 -9.88 8.17
N ASN A 61 -1.63 -10.67 8.38
CA ASN A 61 -2.27 -11.38 7.27
C ASN A 61 -2.84 -10.32 6.31
N TYR A 62 -3.41 -9.30 6.93
CA TYR A 62 -3.99 -8.20 6.15
C TYR A 62 -2.86 -7.58 5.28
N VAL A 63 -1.71 -7.30 5.90
CA VAL A 63 -0.59 -6.71 5.22
C VAL A 63 -0.09 -7.62 4.10
N ARG A 64 0.01 -8.93 4.36
CA ARG A 64 0.46 -9.84 3.32
C ARG A 64 -0.53 -9.76 2.16
N LYS A 65 -1.79 -9.73 2.54
CA LYS A 65 -2.87 -9.72 1.56
C LYS A 65 -2.71 -8.48 0.68
N VAL A 66 -2.40 -7.34 1.30
CA VAL A 66 -2.15 -6.12 0.56
C VAL A 66 -0.90 -6.29 -0.33
N ALA A 67 0.15 -6.90 0.21
CA ALA A 67 1.38 -7.11 -0.54
C ALA A 67 1.11 -8.00 -1.73
N GLU A 68 0.23 -8.97 -1.55
CA GLU A 68 -0.13 -9.89 -2.61
C GLU A 68 -0.85 -9.08 -3.70
N THR A 69 -1.63 -8.11 -3.25
CA THR A 69 -2.35 -7.22 -4.16
C THR A 69 -1.35 -6.39 -4.98
N ALA A 70 -0.26 -5.92 -4.35
CA ALA A 70 0.69 -5.05 -5.07
C ALA A 70 1.31 -5.80 -6.25
N VAL A 71 1.65 -7.08 -6.08
CA VAL A 71 2.30 -7.84 -7.15
C VAL A 71 1.38 -7.94 -8.36
N GLN A 72 0.11 -8.22 -8.14
CA GLN A 72 -0.83 -8.28 -9.25
C GLN A 72 -0.95 -6.91 -9.90
N LEU A 73 -0.98 -5.91 -9.03
CA LEU A 73 -1.03 -4.51 -9.45
C LEU A 73 0.22 -4.06 -10.23
N PHE A 74 1.40 -4.47 -9.76
CA PHE A 74 2.67 -3.99 -10.36
C PHE A 74 3.49 -4.97 -11.16
N ILE A 75 3.06 -6.19 -11.17
CA ILE A 75 3.69 -7.22 -11.97
C ILE A 75 2.65 -7.85 -12.85
N SER A 76 2.97 -8.01 -14.11
CA SER A 76 2.05 -8.64 -15.01
C SER A 76 2.80 -9.57 -15.91
N GLY A 77 2.23 -10.73 -16.22
CA GLY A 77 2.93 -11.68 -17.08
C GLY A 77 4.38 -11.84 -16.63
N ASP A 78 5.16 -10.89 -17.11
CA ASP A 78 6.59 -10.78 -16.81
C ASP A 78 6.98 -9.30 -16.86
N LYS A 79 5.93 -8.51 -16.85
CA LYS A 79 5.99 -7.06 -16.88
C LYS A 79 6.19 -6.54 -15.47
N VAL A 80 6.71 -5.32 -15.39
CA VAL A 80 6.73 -4.58 -14.15
C VAL A 80 6.04 -3.27 -14.51
N ASN A 81 5.07 -2.81 -13.75
CA ASN A 81 4.34 -1.60 -14.13
C ASN A 81 4.83 -0.34 -13.42
N VAL A 82 5.97 -0.45 -12.75
CA VAL A 82 6.54 0.68 -12.02
C VAL A 82 7.98 0.96 -12.37
N ALA A 83 8.26 2.23 -12.52
CA ALA A 83 9.61 2.70 -12.77
C ALA A 83 10.45 2.67 -11.49
N GLY A 84 9.79 2.48 -10.32
CA GLY A 84 10.44 2.43 -9.02
C GLY A 84 9.30 2.36 -7.99
N LEU A 85 9.57 2.21 -6.69
CA LEU A 85 8.45 2.13 -5.72
C LEU A 85 8.53 3.11 -4.55
N VAL A 86 7.38 3.67 -4.19
CA VAL A 86 7.25 4.57 -3.04
C VAL A 86 6.24 3.95 -2.07
N LEU A 87 6.59 3.79 -0.79
CA LEU A 87 5.66 3.18 0.18
C LEU A 87 5.14 4.20 1.17
N ALA A 88 3.81 4.26 1.38
CA ALA A 88 3.26 5.19 2.36
C ALA A 88 2.26 4.48 3.28
N GLY A 89 2.36 4.76 4.57
CA GLY A 89 1.48 4.10 5.52
C GLY A 89 1.46 4.73 6.90
N SER A 90 0.44 4.33 7.67
CA SER A 90 0.27 4.77 9.05
C SER A 90 1.22 3.98 9.97
N ALA A 91 1.44 4.51 11.18
CA ALA A 91 2.31 3.84 12.14
C ALA A 91 3.60 3.34 11.49
N ASP A 92 4.02 4.05 10.45
CA ASP A 92 5.24 3.70 9.72
C ASP A 92 5.15 2.30 9.09
N PHE A 93 3.96 1.98 8.61
CA PHE A 93 3.69 0.69 7.98
C PHE A 93 4.59 0.52 6.77
N LYS A 94 4.74 1.58 5.99
CA LYS A 94 5.56 1.51 4.79
C LYS A 94 6.95 0.98 5.20
N THR A 95 7.43 1.59 6.24
CA THR A 95 8.77 1.26 6.75
C THR A 95 8.76 -0.24 7.13
N GLU A 96 7.73 -0.66 7.83
CA GLU A 96 7.51 -2.10 8.17
C GLU A 96 7.20 -2.93 6.94
N LEU A 97 6.53 -2.33 5.97
CA LEU A 97 6.08 -3.06 4.78
C LEU A 97 7.24 -3.60 4.04
N SER A 98 8.33 -2.83 3.89
CA SER A 98 9.51 -3.36 3.18
C SER A 98 9.66 -4.79 3.62
N GLN A 99 10.48 -5.11 4.62
CA GLN A 99 10.55 -6.53 5.08
C GLN A 99 10.34 -7.53 3.92
N SER A 100 11.40 -8.04 3.37
CA SER A 100 11.27 -8.95 2.24
C SER A 100 10.52 -10.25 2.53
N ASP A 101 10.43 -10.69 3.79
CA ASP A 101 9.71 -11.93 4.06
C ASP A 101 8.21 -11.84 3.69
N MET A 102 7.60 -10.69 3.97
CA MET A 102 6.18 -10.53 3.60
C MET A 102 6.06 -9.90 2.20
N PHE A 103 6.81 -8.81 2.01
CA PHE A 103 6.77 -8.08 0.76
C PHE A 103 7.47 -8.93 -0.29
N ASP A 104 7.29 -8.56 -1.53
CA ASP A 104 7.84 -9.37 -2.60
C ASP A 104 9.30 -9.17 -2.75
N GLN A 105 9.93 -10.19 -3.25
CA GLN A 105 11.35 -10.10 -3.51
C GLN A 105 11.58 -9.07 -4.61
N ARG A 106 10.71 -9.10 -5.62
CA ARG A 106 10.80 -8.18 -6.77
C ARG A 106 10.56 -6.70 -6.48
N LEU A 107 9.58 -6.33 -5.65
CA LEU A 107 9.27 -4.95 -5.26
C LEU A 107 10.34 -4.34 -4.38
N GLN A 108 10.88 -5.20 -3.55
CA GLN A 108 11.90 -4.81 -2.58
C GLN A 108 13.10 -4.25 -3.32
N SER A 109 13.34 -4.77 -4.51
CA SER A 109 14.47 -4.33 -5.34
C SER A 109 14.18 -2.99 -6.04
N LYS A 110 12.94 -2.52 -5.89
CA LYS A 110 12.48 -1.25 -6.47
C LYS A 110 12.31 -0.22 -5.34
N VAL A 111 12.96 -0.48 -4.22
CA VAL A 111 12.74 0.41 -3.07
C VAL A 111 13.45 1.78 -3.23
N LEU A 112 12.57 2.74 -3.48
CA LEU A 112 12.93 4.20 -3.69
C LEU A 112 12.71 5.24 -2.50
N LYS A 113 11.48 5.32 -1.98
CA LYS A 113 11.15 6.26 -0.88
C LYS A 113 10.05 5.72 0.03
N LEU A 114 10.06 6.18 1.30
CA LEU A 114 9.02 5.81 2.24
C LEU A 114 8.50 7.14 2.88
N VAL A 115 7.18 7.44 2.85
CA VAL A 115 6.67 8.70 3.47
C VAL A 115 5.36 8.45 4.24
N ASP A 116 4.95 9.30 5.21
CA ASP A 116 3.68 9.12 5.95
C ASP A 116 2.54 9.65 5.08
N ILE A 117 1.28 9.57 5.53
CA ILE A 117 0.12 10.06 4.77
C ILE A 117 -0.64 11.05 5.69
N SER A 118 -1.19 12.14 5.18
CA SER A 118 -1.87 13.01 6.16
C SER A 118 -2.98 12.19 6.81
N TYR A 119 -3.74 11.49 5.99
CA TYR A 119 -4.75 10.56 6.47
C TYR A 119 -5.04 9.54 5.38
N GLY A 120 -5.49 8.34 5.77
CA GLY A 120 -5.88 7.31 4.81
C GLY A 120 -5.24 7.46 3.43
N GLY A 121 -6.10 7.43 2.44
CA GLY A 121 -5.74 7.49 1.04
C GLY A 121 -5.67 8.88 0.43
N GLU A 122 -6.57 9.10 -0.52
CA GLU A 122 -6.64 10.29 -1.35
C GLU A 122 -5.99 11.54 -0.74
N ASN A 123 -6.50 12.14 0.31
CA ASN A 123 -5.85 13.38 0.74
C ASN A 123 -4.41 13.13 1.21
N GLY A 124 -4.15 12.06 1.96
CA GLY A 124 -2.77 11.76 2.37
C GLY A 124 -1.96 11.44 1.15
N PHE A 125 -2.63 10.70 0.29
CA PHE A 125 -2.05 10.24 -0.95
C PHE A 125 -1.65 11.44 -1.83
N ASN A 126 -2.53 12.41 -1.98
CA ASN A 126 -2.21 13.59 -2.77
C ASN A 126 -1.08 14.41 -2.14
N GLN A 127 -1.11 14.57 -0.81
CA GLN A 127 -0.10 15.37 -0.12
C GLN A 127 1.29 14.76 -0.24
N ALA A 128 1.35 13.45 -0.14
CA ALA A 128 2.64 12.76 -0.23
C ALA A 128 3.25 13.00 -1.60
N ILE A 129 2.41 13.01 -2.63
CA ILE A 129 2.90 13.25 -3.97
C ILE A 129 3.45 14.68 -4.06
N GLU A 130 2.70 15.63 -3.51
CA GLU A 130 3.17 17.01 -3.61
C GLU A 130 4.52 17.04 -2.88
N LEU A 131 4.52 16.43 -1.70
CA LEU A 131 5.74 16.45 -0.89
C LEU A 131 6.84 15.74 -1.67
N SER A 132 6.47 14.63 -2.29
CA SER A 132 7.41 13.88 -3.14
C SER A 132 6.85 13.85 -4.56
N THR A 133 6.87 14.99 -5.24
CA THR A 133 6.48 15.08 -6.65
C THR A 133 7.74 15.31 -7.50
N GLU A 134 8.64 16.08 -6.87
CA GLU A 134 9.90 16.53 -7.46
C GLU A 134 11.04 15.53 -7.37
N VAL A 135 10.89 14.51 -6.54
CA VAL A 135 11.87 13.44 -6.35
C VAL A 135 11.60 12.33 -7.35
N LEU A 136 10.51 12.52 -8.10
CA LEU A 136 10.09 11.56 -9.12
C LEU A 136 9.82 12.27 -10.44
N LEU A 1 12.73 13.38 -26.81
CA LEU A 1 12.45 11.92 -26.78
C LEU A 1 12.36 11.45 -25.32
N SER A 2 13.07 12.13 -24.43
CA SER A 2 13.06 11.77 -23.02
C SER A 2 11.73 12.15 -22.38
N ASP A 3 11.32 11.41 -21.35
CA ASP A 3 10.05 11.70 -20.68
C ASP A 3 10.02 11.10 -19.26
N ASP A 4 8.97 11.44 -18.51
CA ASP A 4 8.79 10.94 -17.15
C ASP A 4 8.27 9.51 -17.18
N SER A 5 8.53 8.77 -16.11
CA SER A 5 8.10 7.39 -16.02
C SER A 5 7.37 7.17 -14.70
N LYS A 6 6.45 6.22 -14.70
CA LYS A 6 5.56 5.98 -13.58
C LYS A 6 6.26 5.30 -12.38
N PHE A 7 5.92 5.82 -11.18
CA PHE A 7 6.47 5.29 -9.90
C PHE A 7 5.34 4.82 -8.98
N GLY A 8 5.50 3.63 -8.41
CA GLY A 8 4.49 3.04 -7.54
C GLY A 8 4.28 3.81 -6.27
N PHE A 9 3.06 3.70 -5.75
CA PHE A 9 2.73 4.36 -4.49
C PHE A 9 1.84 3.42 -3.69
N ILE A 10 2.16 3.08 -2.43
CA ILE A 10 1.23 2.21 -1.70
C ILE A 10 0.70 2.79 -0.38
N VAL A 11 -0.62 3.03 -0.37
CA VAL A 11 -1.26 3.56 0.82
C VAL A 11 -1.89 2.39 1.54
N ILE A 12 -1.39 2.13 2.75
CA ILE A 12 -1.82 0.97 3.55
C ILE A 12 -2.42 1.32 4.88
N ASP A 13 -3.60 0.76 5.10
CA ASP A 13 -4.29 0.91 6.35
C ASP A 13 -5.01 -0.41 6.64
N GLY A 14 -5.36 -0.60 7.90
CA GLY A 14 -5.94 -1.85 8.40
C GLY A 14 -7.30 -2.26 7.80
N SER A 15 -8.13 -1.32 7.45
CA SER A 15 -9.43 -1.57 6.93
C SER A 15 -9.55 -0.78 5.69
N GLY A 16 -8.84 -1.29 4.74
CA GLY A 16 -8.87 -0.83 3.36
C GLY A 16 -7.55 -0.18 2.96
N ALA A 17 -7.29 -0.12 1.65
CA ALA A 17 -6.06 0.47 1.15
C ALA A 17 -6.27 1.06 -0.26
N LEU A 18 -5.50 2.10 -0.57
CA LEU A 18 -5.56 2.75 -1.89
C LEU A 18 -4.19 2.60 -2.55
N PHE A 19 -4.07 2.05 -3.76
CA PHE A 19 -2.73 1.98 -4.36
C PHE A 19 -2.61 2.93 -5.53
N GLY A 20 -1.74 3.92 -5.43
CA GLY A 20 -1.62 4.91 -6.49
C GLY A 20 -0.30 4.82 -7.21
N THR A 21 -0.15 5.72 -8.16
CA THR A 21 1.07 5.78 -8.92
C THR A 21 1.47 7.24 -9.19
N LEU A 22 2.77 7.50 -9.39
CA LEU A 22 3.25 8.84 -9.66
C LEU A 22 4.01 8.92 -10.99
N GLN A 23 3.59 9.82 -11.87
CA GLN A 23 4.28 10.01 -13.15
C GLN A 23 4.57 11.50 -13.39
N GLY A 24 5.82 11.83 -13.59
CA GLY A 24 6.18 13.23 -13.84
C GLY A 24 5.73 14.11 -12.67
N ASN A 25 5.10 15.23 -13.00
CA ASN A 25 4.62 16.18 -11.99
C ASN A 25 3.15 15.92 -11.64
N THR A 26 2.60 14.81 -12.13
CA THR A 26 1.19 14.49 -11.90
C THR A 26 1.02 13.10 -11.28
N ARG A 27 -0.16 12.87 -10.70
CA ARG A 27 -0.44 11.61 -10.01
C ARG A 27 -1.71 10.95 -10.48
N GLU A 28 -1.73 9.63 -10.36
CA GLU A 28 -2.85 8.82 -10.78
C GLU A 28 -3.23 7.82 -9.70
N VAL A 29 -4.47 7.34 -9.78
CA VAL A 29 -5.01 6.37 -8.83
C VAL A 29 -5.12 5.04 -9.53
N LEU A 30 -4.57 3.99 -8.90
CA LEU A 30 -4.61 2.67 -9.52
C LEU A 30 -5.66 1.73 -8.93
N HIS A 31 -5.71 1.57 -7.60
CA HIS A 31 -6.72 0.65 -7.08
C HIS A 31 -7.29 0.97 -5.70
N LYS A 32 -8.61 1.08 -5.68
CA LYS A 32 -9.33 1.37 -4.44
C LYS A 32 -10.12 0.15 -4.00
N PHE A 33 -10.06 -0.10 -2.70
CA PHE A 33 -10.82 -1.22 -2.12
C PHE A 33 -10.98 -1.13 -0.61
N THR A 34 -11.87 -1.97 -0.14
CA THR A 34 -12.09 -2.13 1.29
C THR A 34 -12.04 -3.61 1.66
N VAL A 35 -11.25 -3.99 2.66
CA VAL A 35 -11.13 -5.41 3.00
C VAL A 35 -11.53 -5.74 4.43
N ASP A 36 -12.41 -6.72 4.58
CA ASP A 36 -12.86 -7.11 5.89
C ASP A 36 -11.87 -8.09 6.55
N LEU A 37 -11.34 -7.64 7.66
CA LEU A 37 -10.40 -8.38 8.49
C LEU A 37 -11.06 -9.76 8.92
N PRO A 38 -10.60 -10.50 9.95
CA PRO A 38 -11.07 -11.90 10.28
C PRO A 38 -12.46 -12.36 9.79
N LYS A 39 -12.67 -13.67 9.91
CA LYS A 39 -13.90 -14.37 9.49
C LYS A 39 -15.18 -14.01 10.23
N LYS A 40 -15.14 -13.94 11.55
CA LYS A 40 -16.37 -13.67 12.30
C LYS A 40 -16.84 -12.28 12.01
N HIS A 41 -18.12 -12.13 11.79
CA HIS A 41 -18.68 -10.80 11.50
C HIS A 41 -19.85 -10.50 12.43
N GLY A 42 -19.62 -10.72 13.72
CA GLY A 42 -20.64 -10.46 14.74
C GLY A 42 -21.61 -11.63 14.89
N ARG A 43 -21.28 -12.76 14.26
CA ARG A 43 -22.09 -13.96 14.38
C ARG A 43 -21.16 -15.14 14.63
N GLY A 44 -20.90 -15.41 15.88
CA GLY A 44 -20.01 -16.51 16.24
C GLY A 44 -19.61 -16.48 17.70
N GLY A 45 -18.62 -17.31 18.01
CA GLY A 45 -18.07 -17.42 19.35
C GLY A 45 -17.42 -16.11 19.79
N GLN A 46 -16.82 -15.40 18.82
CA GLN A 46 -16.12 -14.16 19.13
C GLN A 46 -17.12 -13.02 19.35
N SER A 47 -16.91 -12.26 20.43
CA SER A 47 -17.80 -11.16 20.72
C SER A 47 -17.69 -10.11 19.61
N ALA A 48 -18.76 -9.40 19.31
CA ALA A 48 -18.62 -8.42 18.25
C ALA A 48 -17.63 -7.30 18.65
N LEU A 49 -17.68 -6.85 19.91
CA LEU A 49 -16.74 -5.82 20.38
C LEU A 49 -15.29 -6.31 20.38
N ARG A 50 -15.12 -7.55 20.84
CA ARG A 50 -13.80 -8.18 20.94
C ARG A 50 -13.21 -8.49 19.57
N PHE A 51 -14.05 -8.54 18.56
CA PHE A 51 -13.57 -8.89 17.23
C PHE A 51 -12.52 -7.86 16.81
N ALA A 52 -12.80 -6.58 16.96
CA ALA A 52 -11.83 -5.57 16.52
C ALA A 52 -10.51 -5.70 17.31
N ARG A 53 -10.61 -6.01 18.61
CA ARG A 53 -9.42 -6.22 19.44
C ARG A 53 -8.64 -7.46 18.96
N LEU A 54 -9.41 -8.47 18.58
CA LEU A 54 -8.90 -9.78 18.12
C LEU A 54 -8.06 -9.68 16.83
N ARG A 55 -8.47 -8.86 15.89
CA ARG A 55 -7.76 -8.77 14.59
C ARG A 55 -6.30 -8.35 14.74
N MET A 56 -6.08 -7.38 15.59
CA MET A 56 -4.76 -6.72 15.62
C MET A 56 -3.60 -7.72 15.31
N GLU A 57 -3.65 -8.96 15.79
CA GLU A 57 -2.60 -9.96 15.42
C GLU A 57 -2.71 -10.30 13.91
N LYS A 58 -3.95 -10.39 13.48
CA LYS A 58 -4.36 -10.68 12.10
C LYS A 58 -3.95 -9.58 11.14
N ARG A 59 -3.45 -8.45 11.63
CA ARG A 59 -3.04 -7.35 10.77
C ARG A 59 -1.93 -7.81 9.82
N HIS A 60 -1.01 -8.62 10.32
CA HIS A 60 0.08 -9.12 9.51
C HIS A 60 -0.47 -9.86 8.30
N ASN A 61 -1.51 -10.66 8.50
CA ASN A 61 -2.13 -11.39 7.36
C ASN A 61 -2.69 -10.36 6.38
N TYR A 62 -3.29 -9.33 6.96
CA TYR A 62 -3.84 -8.24 6.14
C TYR A 62 -2.69 -7.61 5.32
N VAL A 63 -1.55 -7.31 5.96
CA VAL A 63 -0.40 -6.71 5.28
C VAL A 63 0.15 -7.62 4.18
N ARG A 64 0.28 -8.93 4.44
CA ARG A 64 0.80 -9.82 3.40
C ARG A 64 -0.14 -9.77 2.21
N LYS A 65 -1.43 -9.81 2.53
CA LYS A 65 -2.46 -9.83 1.50
C LYS A 65 -2.32 -8.57 0.65
N VAL A 66 -2.08 -7.44 1.30
CA VAL A 66 -1.87 -6.21 0.56
C VAL A 66 -0.61 -6.38 -0.30
N ALA A 67 0.44 -6.97 0.25
CA ALA A 67 1.67 -7.14 -0.52
C ALA A 67 1.41 -8.05 -1.72
N GLU A 68 0.57 -9.05 -1.53
CA GLU A 68 0.24 -9.96 -2.63
C GLU A 68 -0.53 -9.16 -3.68
N THR A 69 -1.36 -8.25 -3.21
CA THR A 69 -2.14 -7.38 -4.09
C THR A 69 -1.22 -6.48 -4.91
N ALA A 70 -0.16 -5.95 -4.30
CA ALA A 70 0.72 -5.03 -5.03
C ALA A 70 1.37 -5.71 -6.24
N VAL A 71 1.79 -6.96 -6.10
CA VAL A 71 2.45 -7.68 -7.19
C VAL A 71 1.53 -7.85 -8.39
N GLN A 72 0.29 -8.19 -8.14
CA GLN A 72 -0.66 -8.32 -9.23
C GLN A 72 -0.83 -6.95 -9.88
N LEU A 73 -0.89 -5.96 -9.01
CA LEU A 73 -0.99 -4.57 -9.46
C LEU A 73 0.23 -4.11 -10.24
N PHE A 74 1.43 -4.50 -9.76
CA PHE A 74 2.68 -4.02 -10.35
C PHE A 74 3.43 -5.03 -11.22
N ILE A 75 2.96 -6.24 -11.26
CA ILE A 75 3.55 -7.29 -12.10
C ILE A 75 2.48 -7.97 -12.96
N SER A 76 2.81 -8.25 -14.22
CA SER A 76 1.87 -9.01 -15.06
C SER A 76 2.62 -9.99 -15.88
N GLY A 77 2.09 -11.19 -16.06
CA GLY A 77 2.80 -12.17 -16.88
C GLY A 77 4.26 -12.27 -16.44
N ASP A 78 5.02 -11.35 -17.00
CA ASP A 78 6.45 -11.19 -16.73
C ASP A 78 6.80 -9.71 -16.83
N LYS A 79 5.76 -8.91 -16.80
CA LYS A 79 5.82 -7.47 -16.87
C LYS A 79 6.09 -6.92 -15.48
N VAL A 80 6.64 -5.73 -15.43
CA VAL A 80 6.72 -4.96 -14.20
C VAL A 80 6.08 -3.63 -14.56
N ASN A 81 5.15 -3.12 -13.76
CA ASN A 81 4.46 -1.88 -14.14
C ASN A 81 5.03 -0.62 -13.51
N VAL A 82 6.21 -0.67 -12.89
CA VAL A 82 6.75 0.53 -12.26
C VAL A 82 8.22 0.84 -12.57
N ALA A 83 8.47 2.14 -12.48
CA ALA A 83 9.79 2.78 -12.63
C ALA A 83 10.43 2.91 -11.25
N GLY A 84 9.72 2.38 -10.26
CA GLY A 84 10.18 2.37 -8.88
C GLY A 84 8.98 2.24 -7.94
N LEU A 85 9.23 2.21 -6.63
CA LEU A 85 8.13 2.08 -5.68
C LEU A 85 8.22 3.06 -4.51
N VAL A 86 7.07 3.65 -4.17
CA VAL A 86 6.97 4.56 -3.03
C VAL A 86 5.96 3.95 -2.03
N LEU A 87 6.33 3.82 -0.76
CA LEU A 87 5.43 3.22 0.23
C LEU A 87 4.89 4.27 1.19
N ALA A 88 3.57 4.32 1.40
CA ALA A 88 3.02 5.28 2.35
C ALA A 88 2.03 4.60 3.32
N GLY A 89 2.18 4.92 4.60
CA GLY A 89 1.32 4.29 5.59
C GLY A 89 1.32 4.89 6.99
N SER A 90 0.33 4.47 7.76
CA SER A 90 0.17 4.86 9.16
C SER A 90 1.13 4.07 10.05
N ALA A 91 1.35 4.55 11.27
CA ALA A 91 2.22 3.86 12.22
C ALA A 91 3.53 3.43 11.57
N ASP A 92 3.95 4.18 10.54
CA ASP A 92 5.16 3.87 9.81
C ASP A 92 5.08 2.48 9.17
N PHE A 93 3.90 2.17 8.67
CA PHE A 93 3.65 0.87 8.05
C PHE A 93 4.57 0.65 6.88
N LYS A 94 4.71 1.65 6.06
CA LYS A 94 5.54 1.56 4.85
C LYS A 94 6.94 1.07 5.28
N THR A 95 7.40 1.69 6.30
CA THR A 95 8.75 1.42 6.80
C THR A 95 8.77 -0.10 7.16
N GLU A 96 7.73 -0.56 7.85
CA GLU A 96 7.52 -1.99 8.16
C GLU A 96 7.22 -2.80 6.90
N LEU A 97 6.57 -2.20 5.92
CA LEU A 97 6.16 -2.95 4.72
C LEU A 97 7.36 -3.51 4.01
N SER A 98 8.50 -2.77 3.87
CA SER A 98 9.66 -3.35 3.18
C SER A 98 9.74 -4.80 3.67
N GLN A 99 10.55 -5.11 4.68
CA GLN A 99 10.59 -6.52 5.17
C GLN A 99 10.31 -7.57 4.04
N SER A 100 11.33 -8.18 3.51
CA SER A 100 11.13 -9.11 2.39
C SER A 100 10.25 -10.35 2.67
N ASP A 101 10.06 -10.77 3.93
CA ASP A 101 9.23 -11.97 4.16
C ASP A 101 7.77 -11.80 3.74
N MET A 102 7.20 -10.63 3.98
CA MET A 102 5.84 -10.38 3.53
C MET A 102 5.88 -9.74 2.15
N PHE A 103 6.75 -8.75 2.03
CA PHE A 103 6.90 -7.99 0.79
C PHE A 103 7.64 -8.84 -0.22
N ASP A 104 7.36 -8.57 -1.47
CA ASP A 104 7.88 -9.36 -2.57
C ASP A 104 9.34 -9.11 -2.82
N GLN A 105 9.95 -10.14 -3.35
CA GLN A 105 11.33 -10.03 -3.71
C GLN A 105 11.44 -9.01 -4.84
N ARG A 106 10.50 -9.06 -5.80
CA ARG A 106 10.50 -8.14 -6.92
C ARG A 106 10.30 -6.67 -6.60
N LEU A 107 9.37 -6.29 -5.70
CA LEU A 107 9.13 -4.90 -5.27
C LEU A 107 10.27 -4.36 -4.46
N GLN A 108 10.83 -5.28 -3.66
CA GLN A 108 11.93 -4.97 -2.78
C GLN A 108 13.08 -4.40 -3.60
N SER A 109 13.27 -4.96 -4.77
CA SER A 109 14.33 -4.51 -5.69
C SER A 109 13.97 -3.19 -6.40
N LYS A 110 12.73 -2.72 -6.21
CA LYS A 110 12.24 -1.46 -6.77
C LYS A 110 12.05 -0.41 -5.65
N VAL A 111 12.69 -0.66 -4.52
CA VAL A 111 12.45 0.22 -3.37
C VAL A 111 13.08 1.62 -3.56
N LEU A 112 12.15 2.56 -3.81
CA LEU A 112 12.47 4.02 -4.04
C LEU A 112 12.38 5.03 -2.81
N LYS A 113 11.20 5.09 -2.16
CA LYS A 113 10.97 6.01 -1.03
C LYS A 113 9.88 5.52 -0.07
N LEU A 114 9.94 6.01 1.17
CA LEU A 114 8.89 5.75 2.16
C LEU A 114 8.43 7.14 2.67
N VAL A 115 7.13 7.47 2.64
CA VAL A 115 6.66 8.79 3.12
C VAL A 115 5.39 8.62 3.95
N ASP A 116 5.05 9.53 4.87
CA ASP A 116 3.80 9.41 5.65
C ASP A 116 2.63 9.90 4.80
N ILE A 117 1.38 9.83 5.31
CA ILE A 117 0.22 10.34 4.58
C ILE A 117 -0.50 11.31 5.52
N SER A 118 -1.08 12.40 5.02
CA SER A 118 -1.73 13.28 5.99
C SER A 118 -2.81 12.48 6.71
N TYR A 119 -3.60 11.76 5.92
CA TYR A 119 -4.60 10.86 6.47
C TYR A 119 -4.93 9.81 5.41
N GLY A 120 -5.40 8.65 5.85
CA GLY A 120 -5.85 7.61 4.92
C GLY A 120 -5.26 7.68 3.53
N GLY A 121 -6.17 7.64 2.58
CA GLY A 121 -5.78 7.57 1.20
C GLY A 121 -5.72 8.83 0.39
N GLU A 122 -6.84 9.31 -0.15
CA GLU A 122 -6.70 10.41 -1.12
C GLU A 122 -6.08 11.70 -0.58
N ASN A 123 -6.53 12.26 0.53
CA ASN A 123 -5.90 13.52 0.92
C ASN A 123 -4.41 13.34 1.26
N GLY A 124 -4.07 12.26 1.98
CA GLY A 124 -2.65 11.99 2.29
C GLY A 124 -1.88 11.70 1.03
N PHE A 125 -2.53 10.96 0.18
CA PHE A 125 -1.94 10.52 -1.06
C PHE A 125 -1.56 11.74 -1.89
N ASN A 126 -2.47 12.71 -2.00
CA ASN A 126 -2.14 13.91 -2.76
C ASN A 126 -0.99 14.70 -2.11
N GLN A 127 -0.97 14.85 -0.77
CA GLN A 127 0.08 15.62 -0.10
C GLN A 127 1.46 15.00 -0.23
N ALA A 128 1.56 13.69 -0.13
CA ALA A 128 2.88 13.05 -0.21
C ALA A 128 3.48 13.29 -1.56
N ILE A 129 2.66 13.24 -2.59
CA ILE A 129 3.15 13.46 -3.93
C ILE A 129 3.66 14.89 -4.07
N GLU A 130 2.88 15.82 -3.54
CA GLU A 130 3.32 17.20 -3.71
C GLU A 130 4.67 17.32 -3.02
N LEU A 131 4.72 16.87 -1.78
CA LEU A 131 5.96 16.98 -1.03
C LEU A 131 7.08 16.18 -1.70
N SER A 132 6.75 14.97 -2.16
CA SER A 132 7.72 14.15 -2.86
C SER A 132 8.18 14.82 -4.17
N THR A 133 7.20 15.41 -4.84
CA THR A 133 7.35 15.99 -6.16
C THR A 133 8.33 17.08 -6.11
N GLU A 134 8.22 17.90 -5.10
CA GLU A 134 9.18 18.92 -5.01
C GLU A 134 10.48 18.16 -4.81
N VAL A 135 10.44 17.09 -3.99
CA VAL A 135 11.72 16.40 -3.78
C VAL A 135 12.22 15.82 -5.08
N LEU A 136 11.34 15.18 -5.85
CA LEU A 136 11.73 14.60 -7.13
C LEU A 136 12.30 15.68 -8.04
N LEU A 1 11.45 19.08 -20.99
CA LEU A 1 12.87 18.84 -21.45
C LEU A 1 13.29 17.42 -21.09
N SER A 2 12.51 16.77 -20.23
CA SER A 2 12.83 15.40 -19.82
C SER A 2 11.59 14.51 -19.83
N ASP A 3 11.78 13.22 -20.12
CA ASP A 3 10.67 12.26 -20.15
C ASP A 3 10.55 11.50 -18.83
N ASP A 4 9.44 11.74 -18.12
CA ASP A 4 9.19 11.06 -16.84
C ASP A 4 8.70 9.64 -17.05
N SER A 5 8.90 8.81 -16.02
CA SER A 5 8.47 7.42 -16.05
C SER A 5 7.69 7.10 -14.79
N LYS A 6 6.77 6.15 -14.88
CA LYS A 6 5.83 5.84 -13.81
C LYS A 6 6.45 5.18 -12.57
N PHE A 7 5.99 5.66 -11.41
CA PHE A 7 6.40 5.15 -10.11
C PHE A 7 5.16 4.81 -9.28
N GLY A 8 5.14 3.63 -8.66
CA GLY A 8 3.98 3.22 -7.87
C GLY A 8 3.90 3.96 -6.55
N PHE A 9 2.74 3.86 -5.89
CA PHE A 9 2.57 4.50 -4.61
C PHE A 9 1.72 3.57 -3.74
N ILE A 10 2.10 3.23 -2.49
CA ILE A 10 1.24 2.34 -1.72
C ILE A 10 0.70 2.87 -0.39
N VAL A 11 -0.61 3.09 -0.36
CA VAL A 11 -1.29 3.58 0.85
C VAL A 11 -1.92 2.38 1.53
N ILE A 12 -1.42 2.10 2.75
CA ILE A 12 -1.88 0.93 3.53
C ILE A 12 -2.53 1.27 4.86
N ASP A 13 -3.71 0.74 5.05
CA ASP A 13 -4.44 0.91 6.28
C ASP A 13 -5.20 -0.41 6.57
N GLY A 14 -5.54 -0.63 7.81
CA GLY A 14 -6.15 -1.88 8.27
C GLY A 14 -7.54 -2.25 7.69
N SER A 15 -8.37 -1.27 7.40
CA SER A 15 -9.69 -1.48 6.90
C SER A 15 -9.82 -0.69 5.66
N GLY A 16 -9.07 -1.15 4.72
CA GLY A 16 -9.08 -0.62 3.36
C GLY A 16 -7.75 -0.01 2.97
N ALA A 17 -7.52 0.07 1.66
CA ALA A 17 -6.26 0.62 1.16
C ALA A 17 -6.46 1.25 -0.24
N LEU A 18 -5.64 2.26 -0.50
CA LEU A 18 -5.66 2.93 -1.81
C LEU A 18 -4.30 2.75 -2.48
N PHE A 19 -4.22 2.19 -3.69
CA PHE A 19 -2.91 2.08 -4.31
C PHE A 19 -2.77 3.00 -5.50
N GLY A 20 -1.89 3.98 -5.40
CA GLY A 20 -1.75 4.98 -6.45
C GLY A 20 -0.41 4.92 -7.15
N THR A 21 -0.27 5.85 -8.07
CA THR A 21 0.93 5.97 -8.85
C THR A 21 1.34 7.44 -9.03
N LEU A 22 2.64 7.66 -9.23
CA LEU A 22 3.15 9.01 -9.46
C LEU A 22 3.89 9.05 -10.79
N GLN A 23 3.45 9.91 -11.70
CA GLN A 23 4.13 10.05 -12.98
C GLN A 23 4.37 11.53 -13.28
N GLY A 24 5.62 11.91 -13.49
CA GLY A 24 5.93 13.32 -13.79
C GLY A 24 5.46 14.20 -12.65
N ASN A 25 4.82 15.31 -12.99
CA ASN A 25 4.34 16.26 -12.00
C ASN A 25 2.88 15.98 -11.62
N THR A 26 2.33 14.87 -12.10
CA THR A 26 0.91 14.54 -11.84
C THR A 26 0.76 13.16 -11.23
N ARG A 27 -0.41 12.91 -10.65
CA ARG A 27 -0.70 11.63 -9.99
C ARG A 27 -2.04 11.03 -10.42
N GLU A 28 -2.08 9.71 -10.44
CA GLU A 28 -3.29 9.00 -10.80
C GLU A 28 -3.57 7.85 -9.82
N VAL A 29 -4.86 7.60 -9.61
CA VAL A 29 -5.28 6.54 -8.69
C VAL A 29 -5.18 5.21 -9.43
N LEU A 30 -4.47 4.24 -8.83
CA LEU A 30 -4.36 2.93 -9.48
C LEU A 30 -5.44 1.98 -9.02
N HIS A 31 -5.58 1.79 -7.69
CA HIS A 31 -6.62 0.89 -7.21
C HIS A 31 -7.19 1.25 -5.85
N LYS A 32 -8.50 1.44 -5.84
CA LYS A 32 -9.21 1.80 -4.62
C LYS A 32 -10.00 0.60 -4.15
N PHE A 33 -9.96 0.35 -2.84
CA PHE A 33 -10.69 -0.75 -2.27
C PHE A 33 -10.92 -0.66 -0.77
N THR A 34 -11.84 -1.50 -0.34
CA THR A 34 -12.09 -1.70 1.09
C THR A 34 -12.02 -3.20 1.35
N VAL A 35 -11.25 -3.65 2.34
CA VAL A 35 -11.13 -5.09 2.56
C VAL A 35 -11.54 -5.55 3.95
N ASP A 36 -12.40 -6.54 4.00
CA ASP A 36 -12.89 -7.10 5.25
C ASP A 36 -11.92 -8.14 5.79
N LEU A 37 -11.42 -7.84 7.00
CA LEU A 37 -10.49 -8.68 7.76
C LEU A 37 -11.05 -10.16 7.86
N PRO A 38 -10.59 -11.07 8.75
CA PRO A 38 -10.97 -12.54 8.75
C PRO A 38 -12.27 -12.98 8.04
N LYS A 39 -12.41 -14.28 7.89
CA LYS A 39 -13.54 -14.88 7.18
C LYS A 39 -14.72 -15.29 8.07
N LYS A 40 -14.45 -15.76 9.28
CA LYS A 40 -15.54 -16.21 10.15
C LYS A 40 -16.44 -15.07 10.58
N HIS A 41 -17.73 -15.28 10.46
CA HIS A 41 -18.69 -14.27 10.84
C HIS A 41 -19.64 -14.79 11.93
N GLY A 42 -19.08 -15.63 12.80
CA GLY A 42 -19.83 -16.22 13.91
C GLY A 42 -20.32 -17.62 13.57
N ARG A 43 -20.19 -17.99 12.30
CA ARG A 43 -20.57 -19.32 11.84
C ARG A 43 -19.66 -20.33 12.53
N GLY A 44 -18.41 -19.96 12.62
CA GLY A 44 -17.35 -20.78 13.20
C GLY A 44 -17.26 -20.65 14.72
N GLY A 45 -16.17 -21.21 15.22
CA GLY A 45 -15.87 -21.23 16.65
C GLY A 45 -15.69 -19.81 17.19
N GLN A 46 -15.17 -18.91 16.37
CA GLN A 46 -14.90 -17.55 16.81
C GLN A 46 -16.21 -16.77 16.94
N SER A 47 -16.36 -16.10 18.09
CA SER A 47 -17.55 -15.32 18.39
C SER A 47 -17.62 -14.08 17.53
N ALA A 48 -18.81 -13.58 17.21
CA ALA A 48 -18.88 -12.36 16.42
C ALA A 48 -18.28 -11.17 17.19
N LEU A 49 -18.56 -11.10 18.50
CA LEU A 49 -17.99 -10.02 19.32
C LEU A 49 -16.48 -10.12 19.37
N ARG A 50 -16.00 -11.35 19.53
CA ARG A 50 -14.57 -11.64 19.62
C ARG A 50 -13.88 -11.37 18.29
N PHE A 51 -14.65 -11.36 17.23
CA PHE A 51 -14.10 -11.19 15.90
C PHE A 51 -13.35 -9.85 15.79
N ALA A 52 -13.96 -8.76 16.24
CA ALA A 52 -13.29 -7.48 16.09
C ALA A 52 -11.98 -7.47 16.91
N ARG A 53 -12.03 -8.05 18.10
CA ARG A 53 -10.83 -8.15 18.94
C ARG A 53 -9.77 -9.05 18.29
N LEU A 54 -10.27 -10.14 17.72
CA LEU A 54 -9.45 -11.19 17.09
C LEU A 54 -8.64 -10.74 15.86
N ARG A 55 -9.22 -9.92 15.01
CA ARG A 55 -8.51 -9.52 13.79
C ARG A 55 -7.21 -8.76 14.07
N MET A 56 -7.24 -7.89 15.04
CA MET A 56 -6.09 -7.00 15.27
C MET A 56 -4.75 -7.75 15.02
N GLU A 57 -4.63 -9.02 15.43
CA GLU A 57 -3.41 -9.83 15.14
C GLU A 57 -3.32 -10.12 13.63
N LYS A 58 -4.49 -10.34 13.08
CA LYS A 58 -4.72 -10.62 11.66
C LYS A 58 -4.35 -9.47 10.78
N ARG A 59 -3.90 -8.34 11.36
CA ARG A 59 -3.50 -7.20 10.55
C ARG A 59 -2.36 -7.63 9.65
N HIS A 60 -1.45 -8.43 10.21
CA HIS A 60 -0.29 -8.91 9.43
C HIS A 60 -0.77 -9.68 8.21
N ASN A 61 -1.80 -10.53 8.38
CA ASN A 61 -2.33 -11.30 7.24
C ASN A 61 -2.91 -10.30 6.22
N TYR A 62 -3.56 -9.31 6.79
CA TYR A 62 -4.13 -8.25 5.96
C TYR A 62 -2.98 -7.58 5.17
N VAL A 63 -1.88 -7.24 5.84
CA VAL A 63 -0.74 -6.62 5.17
C VAL A 63 -0.18 -7.54 4.09
N ARG A 64 -0.02 -8.84 4.39
CA ARG A 64 0.48 -9.75 3.37
C ARG A 64 -0.49 -9.71 2.19
N LYS A 65 -1.76 -9.75 2.52
CA LYS A 65 -2.81 -9.77 1.51
C LYS A 65 -2.67 -8.51 0.65
N VAL A 66 -2.46 -7.36 1.29
CA VAL A 66 -2.26 -6.13 0.54
C VAL A 66 -0.99 -6.24 -0.29
N ALA A 67 0.07 -6.79 0.28
CA ALA A 67 1.32 -6.94 -0.43
C ALA A 67 1.12 -7.85 -1.61
N GLU A 68 0.30 -8.88 -1.41
CA GLU A 68 0.02 -9.81 -2.48
C GLU A 68 -0.71 -9.06 -3.58
N THR A 69 -1.57 -8.14 -3.18
CA THR A 69 -2.30 -7.31 -4.11
C THR A 69 -1.34 -6.41 -4.89
N ALA A 70 -0.26 -5.92 -4.23
CA ALA A 70 0.68 -5.02 -4.92
C ALA A 70 1.35 -5.73 -6.10
N VAL A 71 1.72 -6.99 -5.90
CA VAL A 71 2.42 -7.74 -6.97
C VAL A 71 1.54 -7.86 -8.19
N GLN A 72 0.28 -8.18 -8.00
CA GLN A 72 -0.64 -8.29 -9.12
C GLN A 72 -0.79 -6.92 -9.77
N LEU A 73 -0.85 -5.90 -8.92
CA LEU A 73 -0.93 -4.52 -9.36
C LEU A 73 0.30 -4.06 -10.14
N PHE A 74 1.50 -4.45 -9.67
CA PHE A 74 2.74 -3.96 -10.30
C PHE A 74 3.54 -5.00 -11.10
N ILE A 75 3.12 -6.23 -11.03
CA ILE A 75 3.76 -7.30 -11.77
C ILE A 75 2.71 -8.06 -12.58
N SER A 76 3.02 -8.43 -13.82
CA SER A 76 2.09 -9.24 -14.59
C SER A 76 2.85 -10.28 -15.34
N GLY A 77 2.34 -11.50 -15.42
CA GLY A 77 3.05 -12.52 -16.17
C GLY A 77 4.52 -12.56 -15.75
N ASP A 78 5.26 -11.65 -16.37
CA ASP A 78 6.69 -11.45 -16.13
C ASP A 78 7.02 -9.96 -16.34
N LYS A 79 5.95 -9.18 -16.39
CA LYS A 79 6.00 -7.74 -16.54
C LYS A 79 6.28 -7.12 -15.20
N VAL A 80 6.84 -5.91 -15.22
CA VAL A 80 6.93 -5.10 -14.03
C VAL A 80 6.29 -3.78 -14.44
N ASN A 81 5.36 -3.23 -13.68
CA ASN A 81 4.68 -2.02 -14.10
C ASN A 81 5.23 -0.73 -13.48
N VAL A 82 6.42 -0.76 -12.86
CA VAL A 82 6.94 0.49 -12.25
C VAL A 82 8.40 0.82 -12.56
N ALA A 83 8.65 2.13 -12.52
CA ALA A 83 9.96 2.74 -12.70
C ALA A 83 10.56 2.91 -11.30
N GLY A 84 9.84 2.35 -10.35
CA GLY A 84 10.21 2.35 -8.94
C GLY A 84 8.97 2.33 -8.06
N LEU A 85 9.16 2.22 -6.73
CA LEU A 85 8.01 2.17 -5.83
C LEU A 85 8.12 3.15 -4.66
N VAL A 86 6.98 3.70 -4.25
CA VAL A 86 6.94 4.61 -3.09
C VAL A 86 5.94 3.99 -2.08
N LEU A 87 6.36 3.80 -0.83
CA LEU A 87 5.46 3.18 0.16
C LEU A 87 4.93 4.21 1.14
N ALA A 88 3.61 4.23 1.36
CA ALA A 88 3.05 5.16 2.34
C ALA A 88 2.07 4.46 3.29
N GLY A 89 2.19 4.75 4.57
CA GLY A 89 1.33 4.09 5.54
C GLY A 89 1.31 4.70 6.94
N SER A 90 0.31 4.25 7.72
CA SER A 90 0.18 4.66 9.12
C SER A 90 1.20 3.91 9.99
N ALA A 91 1.47 4.44 11.18
CA ALA A 91 2.41 3.79 12.10
C ALA A 91 3.69 3.36 11.40
N ASP A 92 4.04 4.06 10.32
CA ASP A 92 5.25 3.73 9.54
C ASP A 92 5.14 2.33 8.95
N PHE A 93 3.97 2.00 8.48
CA PHE A 93 3.72 0.67 7.92
C PHE A 93 4.65 0.44 6.75
N LYS A 94 4.80 1.44 5.92
CA LYS A 94 5.66 1.34 4.72
C LYS A 94 7.07 0.86 5.18
N THR A 95 7.51 1.52 6.22
CA THR A 95 8.86 1.25 6.74
C THR A 95 8.91 -0.24 7.15
N GLU A 96 7.92 -0.69 7.90
CA GLU A 96 7.78 -2.10 8.28
C GLU A 96 7.42 -2.99 7.09
N LEU A 97 6.65 -2.44 6.16
CA LEU A 97 6.16 -3.23 5.03
C LEU A 97 7.30 -3.76 4.24
N SER A 98 8.34 -2.92 4.00
CA SER A 98 9.51 -3.41 3.25
C SER A 98 9.69 -4.89 3.62
N GLN A 99 10.59 -5.22 4.57
CA GLN A 99 10.82 -6.64 4.93
C GLN A 99 10.47 -7.56 3.72
N SER A 100 11.48 -7.94 2.96
CA SER A 100 11.25 -8.70 1.74
C SER A 100 10.61 -10.08 1.91
N ASP A 101 10.67 -10.70 3.09
CA ASP A 101 10.08 -12.03 3.21
C ASP A 101 8.56 -12.00 3.00
N MET A 102 7.89 -10.96 3.51
CA MET A 102 6.45 -10.86 3.29
C MET A 102 6.15 -10.15 1.98
N PHE A 103 6.73 -8.96 1.78
CA PHE A 103 6.44 -8.19 0.58
C PHE A 103 6.71 -9.06 -0.65
N ASP A 104 7.90 -8.96 -1.26
CA ASP A 104 8.20 -9.83 -2.38
C ASP A 104 9.68 -9.69 -2.72
N GLN A 105 10.21 -10.70 -3.38
CA GLN A 105 11.59 -10.66 -3.80
C GLN A 105 11.81 -9.56 -4.83
N ARG A 106 10.83 -9.43 -5.72
CA ARG A 106 10.85 -8.49 -6.83
C ARG A 106 10.72 -6.98 -6.53
N LEU A 107 9.86 -6.53 -5.58
CA LEU A 107 9.68 -5.08 -5.39
C LEU A 107 10.67 -4.38 -4.46
N GLN A 108 11.33 -5.11 -3.57
CA GLN A 108 12.27 -4.49 -2.65
C GLN A 108 13.43 -3.92 -3.44
N SER A 109 13.67 -4.53 -4.60
CA SER A 109 14.74 -4.10 -5.49
C SER A 109 14.32 -2.86 -6.28
N LYS A 110 13.06 -2.46 -6.12
CA LYS A 110 12.48 -1.27 -6.76
C LYS A 110 12.20 -0.21 -5.69
N VAL A 111 12.83 -0.37 -4.53
CA VAL A 111 12.50 0.54 -3.42
C VAL A 111 13.15 1.92 -3.58
N LEU A 112 12.24 2.85 -3.89
CA LEU A 112 12.55 4.31 -4.07
C LEU A 112 12.39 5.30 -2.83
N LYS A 113 11.21 5.31 -2.20
CA LYS A 113 10.93 6.18 -1.06
C LYS A 113 9.84 5.65 -0.12
N LEU A 114 9.89 6.10 1.13
CA LEU A 114 8.85 5.81 2.09
C LEU A 114 8.36 7.16 2.66
N VAL A 115 7.06 7.46 2.66
CA VAL A 115 6.57 8.76 3.21
C VAL A 115 5.33 8.52 4.07
N ASP A 116 5.01 9.38 5.03
CA ASP A 116 3.79 9.22 5.84
C ASP A 116 2.63 9.75 5.03
N ILE A 117 1.39 9.72 5.53
CA ILE A 117 0.25 10.25 4.79
C ILE A 117 -0.47 11.24 5.71
N SER A 118 -1.02 12.33 5.20
CA SER A 118 -1.65 13.23 6.16
C SER A 118 -2.71 12.41 6.88
N TYR A 119 -3.50 11.68 6.11
CA TYR A 119 -4.48 10.76 6.66
C TYR A 119 -4.83 9.71 5.61
N GLY A 120 -5.33 8.56 6.02
CA GLY A 120 -5.80 7.54 5.08
C GLY A 120 -5.25 7.64 3.69
N GLY A 121 -6.18 7.62 2.74
CA GLY A 121 -5.81 7.60 1.34
C GLY A 121 -5.76 8.90 0.58
N GLU A 122 -6.88 9.44 0.12
CA GLU A 122 -6.74 10.56 -0.79
C GLU A 122 -6.04 11.81 -0.23
N ASN A 123 -6.42 12.33 0.91
CA ASN A 123 -5.73 13.57 1.30
C ASN A 123 -4.25 13.35 1.56
N GLY A 124 -3.92 12.25 2.21
CA GLY A 124 -2.50 11.94 2.46
C GLY A 124 -1.79 11.67 1.16
N PHE A 125 -2.51 10.96 0.32
CA PHE A 125 -1.97 10.55 -0.94
C PHE A 125 -1.64 11.78 -1.77
N ASN A 126 -2.55 12.76 -1.85
CA ASN A 126 -2.23 13.94 -2.64
C ASN A 126 -1.05 14.74 -2.06
N GLN A 127 -0.98 14.92 -0.74
CA GLN A 127 0.12 15.69 -0.11
C GLN A 127 1.50 15.07 -0.28
N ALA A 128 1.57 13.76 -0.15
CA ALA A 128 2.85 13.08 -0.22
C ALA A 128 3.45 13.27 -1.58
N ILE A 129 2.62 13.24 -2.59
CA ILE A 129 3.08 13.44 -3.94
C ILE A 129 3.62 14.87 -4.12
N GLU A 130 2.88 15.84 -3.59
CA GLU A 130 3.35 17.22 -3.78
C GLU A 130 4.71 17.30 -3.10
N LEU A 131 4.78 16.83 -1.87
CA LEU A 131 6.03 16.91 -1.11
C LEU A 131 7.09 16.10 -1.83
N SER A 132 6.67 14.94 -2.31
CA SER A 132 7.54 14.07 -3.09
C SER A 132 6.99 13.96 -4.50
N THR A 133 7.02 15.06 -5.26
CA THR A 133 6.67 15.06 -6.68
C THR A 133 7.97 15.26 -7.46
N GLU A 134 8.79 16.09 -6.83
CA GLU A 134 10.11 16.55 -7.27
C GLU A 134 11.19 15.48 -7.33
N VAL A 135 11.07 14.46 -6.50
CA VAL A 135 12.00 13.34 -6.41
C VAL A 135 11.68 12.26 -7.43
N LEU A 136 10.57 12.43 -8.17
CA LEU A 136 10.16 11.46 -9.15
C LEU A 136 9.87 12.16 -10.48
N LEU A 1 13.15 18.16 -21.41
CA LEU A 1 13.68 17.61 -20.13
C LEU A 1 13.71 16.08 -20.22
N SER A 2 14.00 15.42 -19.11
CA SER A 2 14.04 13.97 -19.10
C SER A 2 12.65 13.39 -19.23
N ASP A 3 12.57 12.17 -19.75
CA ASP A 3 11.29 11.50 -19.92
C ASP A 3 10.91 10.81 -18.62
N ASP A 4 9.80 11.23 -18.03
CA ASP A 4 9.37 10.65 -16.77
C ASP A 4 8.72 9.29 -16.99
N SER A 5 8.85 8.45 -15.98
CA SER A 5 8.31 7.09 -16.01
C SER A 5 7.54 6.83 -14.73
N LYS A 6 6.57 5.93 -14.78
CA LYS A 6 5.67 5.68 -13.66
C LYS A 6 6.35 5.04 -12.45
N PHE A 7 5.95 5.60 -11.30
CA PHE A 7 6.41 5.16 -9.99
C PHE A 7 5.20 4.85 -9.13
N GLY A 8 5.21 3.69 -8.48
CA GLY A 8 4.07 3.31 -7.67
C GLY A 8 3.95 4.07 -6.39
N PHE A 9 2.78 3.99 -5.81
CA PHE A 9 2.55 4.63 -4.55
C PHE A 9 1.69 3.70 -3.72
N ILE A 10 2.09 3.36 -2.48
CA ILE A 10 1.21 2.47 -1.72
C ILE A 10 0.72 3.03 -0.39
N VAL A 11 -0.56 3.33 -0.34
CA VAL A 11 -1.16 3.80 0.88
C VAL A 11 -1.78 2.55 1.48
N ILE A 12 -1.26 2.15 2.65
CA ILE A 12 -1.70 0.92 3.28
C ILE A 12 -2.30 1.15 4.67
N ASP A 13 -3.50 0.62 4.87
CA ASP A 13 -4.17 0.74 6.16
C ASP A 13 -4.89 -0.58 6.49
N GLY A 14 -5.10 -0.83 7.77
CA GLY A 14 -5.65 -2.10 8.27
C GLY A 14 -7.08 -2.47 7.83
N SER A 15 -7.96 -1.52 7.64
CA SER A 15 -9.34 -1.80 7.27
C SER A 15 -9.65 -1.09 6.01
N GLY A 16 -8.84 -1.34 5.03
CA GLY A 16 -9.02 -0.78 3.70
C GLY A 16 -7.71 -0.17 3.23
N ALA A 17 -7.50 -0.08 1.92
CA ALA A 17 -6.25 0.47 1.40
C ALA A 17 -6.44 1.11 0.03
N LEU A 18 -5.64 2.14 -0.24
CA LEU A 18 -5.67 2.83 -1.53
C LEU A 18 -4.31 2.68 -2.22
N PHE A 19 -4.25 2.16 -3.44
CA PHE A 19 -2.94 2.05 -4.09
C PHE A 19 -2.83 2.98 -5.29
N GLY A 20 -1.90 3.93 -5.21
CA GLY A 20 -1.75 4.96 -6.24
C GLY A 20 -0.41 4.89 -6.95
N THR A 21 -0.27 5.79 -7.91
CA THR A 21 0.93 5.89 -8.70
C THR A 21 1.34 7.34 -8.97
N LEU A 22 2.63 7.53 -9.19
CA LEU A 22 3.16 8.86 -9.47
C LEU A 22 3.89 8.83 -10.83
N GLN A 23 3.44 9.66 -11.77
CA GLN A 23 4.08 9.73 -13.08
C GLN A 23 4.35 11.19 -13.44
N GLY A 24 5.61 11.53 -13.70
CA GLY A 24 5.94 12.90 -14.03
C GLY A 24 5.53 13.81 -12.87
N ASN A 25 4.94 14.96 -13.18
CA ASN A 25 4.51 15.87 -12.13
C ASN A 25 3.03 15.68 -11.82
N THR A 26 2.45 14.66 -12.44
CA THR A 26 1.02 14.36 -12.27
C THR A 26 0.81 13.15 -11.35
N ARG A 27 -0.41 13.02 -10.86
CA ARG A 27 -0.76 11.91 -9.96
C ARG A 27 -1.97 11.13 -10.48
N GLU A 28 -1.93 9.83 -10.24
CA GLU A 28 -2.99 8.93 -10.67
C GLU A 28 -3.35 7.93 -9.58
N VAL A 29 -4.55 7.36 -9.69
CA VAL A 29 -5.03 6.39 -8.70
C VAL A 29 -5.02 5.01 -9.37
N LEU A 30 -4.39 4.03 -8.73
CA LEU A 30 -4.39 2.68 -9.30
C LEU A 30 -5.52 1.82 -8.77
N HIS A 31 -5.63 1.68 -7.45
CA HIS A 31 -6.71 0.86 -6.91
C HIS A 31 -7.22 1.26 -5.53
N LYS A 32 -8.51 1.54 -5.47
CA LYS A 32 -9.14 1.94 -4.23
C LYS A 32 -9.99 0.78 -3.72
N PHE A 33 -9.92 0.53 -2.41
CA PHE A 33 -10.71 -0.56 -1.84
C PHE A 33 -10.91 -0.52 -0.34
N THR A 34 -11.86 -1.35 0.05
CA THR A 34 -12.10 -1.59 1.46
C THR A 34 -12.05 -3.10 1.69
N VAL A 35 -11.26 -3.60 2.65
CA VAL A 35 -11.16 -5.04 2.84
C VAL A 35 -11.52 -5.51 4.23
N ASP A 36 -12.40 -6.48 4.26
CA ASP A 36 -12.81 -7.06 5.52
C ASP A 36 -11.76 -8.06 5.98
N LEU A 37 -11.23 -7.81 7.18
CA LEU A 37 -10.22 -8.67 7.82
C LEU A 37 -10.72 -10.16 7.82
N PRO A 38 -10.25 -11.13 8.63
CA PRO A 38 -10.61 -12.59 8.49
C PRO A 38 -11.85 -12.96 7.64
N LYS A 39 -11.88 -14.19 7.19
CA LYS A 39 -12.95 -14.67 6.31
C LYS A 39 -14.06 -15.47 6.96
N LYS A 40 -13.70 -16.28 7.96
CA LYS A 40 -14.66 -17.16 8.59
C LYS A 40 -15.72 -16.38 9.33
N HIS A 41 -16.95 -16.76 9.11
CA HIS A 41 -18.08 -16.10 9.72
C HIS A 41 -18.83 -17.06 10.63
N GLY A 42 -18.04 -17.96 11.25
CA GLY A 42 -18.56 -19.00 12.13
C GLY A 42 -18.71 -20.30 11.35
N ARG A 43 -18.51 -20.19 10.04
CA ARG A 43 -18.55 -21.35 9.16
C ARG A 43 -17.43 -22.33 9.51
N GLY A 44 -16.28 -21.75 9.82
CA GLY A 44 -15.06 -22.52 10.13
C GLY A 44 -14.94 -22.94 11.60
N GLY A 45 -13.79 -23.56 11.88
CA GLY A 45 -13.42 -24.08 13.20
C GLY A 45 -13.34 -22.98 14.25
N GLN A 46 -12.90 -21.80 13.83
CA GLN A 46 -12.71 -20.68 14.76
C GLN A 46 -14.07 -20.10 15.15
N SER A 47 -14.24 -19.88 16.46
CA SER A 47 -15.51 -19.38 16.99
C SER A 47 -15.82 -17.99 16.45
N ALA A 48 -17.09 -17.69 16.20
CA ALA A 48 -17.40 -16.35 15.69
C ALA A 48 -17.06 -15.28 16.74
N LEU A 49 -17.37 -15.58 18.02
CA LEU A 49 -17.07 -14.62 19.09
C LEU A 49 -15.58 -14.38 19.24
N ARG A 50 -14.81 -15.46 19.17
CA ARG A 50 -13.36 -15.40 19.29
C ARG A 50 -12.74 -14.71 18.10
N PHE A 51 -13.50 -14.70 17.03
CA PHE A 51 -13.04 -14.14 15.77
C PHE A 51 -12.68 -12.68 15.86
N ALA A 52 -13.53 -11.87 16.47
CA ALA A 52 -13.24 -10.46 16.50
C ALA A 52 -11.94 -10.19 17.28
N ARG A 53 -11.73 -10.92 18.37
CA ARG A 53 -10.49 -10.82 19.17
C ARG A 53 -9.28 -11.29 18.37
N LEU A 54 -9.50 -12.38 17.63
CA LEU A 54 -8.45 -13.04 16.85
C LEU A 54 -7.88 -12.15 15.72
N ARG A 55 -8.73 -11.41 15.01
CA ARG A 55 -8.29 -10.55 13.90
C ARG A 55 -7.01 -9.77 14.22
N MET A 56 -6.64 -9.68 15.47
CA MET A 56 -5.45 -8.93 15.83
C MET A 56 -4.17 -9.53 15.18
N GLU A 57 -4.05 -10.85 15.19
CA GLU A 57 -2.91 -11.55 14.56
C GLU A 57 -2.92 -11.40 13.03
N LYS A 58 -4.11 -11.44 12.51
CA LYS A 58 -4.43 -11.39 11.09
C LYS A 58 -4.06 -10.11 10.37
N ARG A 59 -3.56 -9.09 11.03
CA ARG A 59 -3.20 -7.89 10.32
C ARG A 59 -2.12 -8.27 9.31
N HIS A 60 -1.19 -9.12 9.75
CA HIS A 60 -0.10 -9.58 8.88
C HIS A 60 -0.67 -10.26 7.64
N ASN A 61 -1.68 -11.12 7.80
CA ASN A 61 -2.26 -11.78 6.64
C ASN A 61 -2.87 -10.70 5.75
N TYR A 62 -3.50 -9.74 6.42
CA TYR A 62 -4.11 -8.63 5.67
C TYR A 62 -2.98 -7.90 4.89
N VAL A 63 -1.86 -7.58 5.55
CA VAL A 63 -0.75 -6.89 4.90
C VAL A 63 -0.17 -7.76 3.78
N ARG A 64 0.01 -9.07 4.01
CA ARG A 64 0.54 -9.92 2.96
C ARG A 64 -0.40 -9.88 1.77
N LYS A 65 -1.69 -9.95 2.09
CA LYS A 65 -2.71 -9.95 1.04
C LYS A 65 -2.59 -8.65 0.26
N VAL A 66 -2.38 -7.54 0.97
CA VAL A 66 -2.16 -6.26 0.32
C VAL A 66 -0.90 -6.35 -0.53
N ALA A 67 0.14 -6.96 0.05
CA ALA A 67 1.40 -7.12 -0.66
C ALA A 67 1.23 -8.04 -1.87
N GLU A 68 0.38 -9.06 -1.71
CA GLU A 68 0.11 -9.99 -2.77
C GLU A 68 -0.59 -9.23 -3.87
N THR A 69 -1.43 -8.31 -3.45
CA THR A 69 -2.17 -7.46 -4.35
C THR A 69 -1.20 -6.54 -5.11
N ALA A 70 -0.17 -6.03 -4.43
CA ALA A 70 0.76 -5.10 -5.11
C ALA A 70 1.44 -5.79 -6.29
N VAL A 71 1.84 -7.05 -6.12
CA VAL A 71 2.53 -7.76 -7.20
C VAL A 71 1.65 -7.87 -8.44
N GLN A 72 0.38 -8.23 -8.25
CA GLN A 72 -0.53 -8.33 -9.39
C GLN A 72 -0.70 -6.94 -10.01
N LEU A 73 -0.79 -5.96 -9.12
CA LEU A 73 -0.93 -4.57 -9.53
C LEU A 73 0.32 -4.08 -10.30
N PHE A 74 1.51 -4.47 -9.81
CA PHE A 74 2.76 -3.97 -10.39
C PHE A 74 3.55 -4.98 -11.26
N ILE A 75 3.13 -6.22 -11.25
CA ILE A 75 3.76 -7.29 -12.06
C ILE A 75 2.75 -7.99 -12.93
N SER A 76 3.06 -8.20 -14.19
CA SER A 76 2.16 -8.97 -15.06
C SER A 76 2.98 -9.90 -15.92
N GLY A 77 2.49 -11.13 -16.11
CA GLY A 77 3.21 -12.08 -16.93
C GLY A 77 4.67 -12.15 -16.50
N ASP A 78 5.39 -11.18 -17.02
CA ASP A 78 6.83 -10.98 -16.76
C ASP A 78 7.17 -9.50 -16.89
N LYS A 79 6.11 -8.70 -16.88
CA LYS A 79 6.19 -7.26 -16.97
C LYS A 79 6.29 -6.72 -15.57
N VAL A 80 6.85 -5.55 -15.42
CA VAL A 80 6.83 -4.85 -14.15
C VAL A 80 6.17 -3.51 -14.47
N ASN A 81 5.18 -3.09 -13.71
CA ASN A 81 4.49 -1.84 -14.05
C ASN A 81 5.04 -0.62 -13.33
N VAL A 82 6.21 -0.71 -12.65
CA VAL A 82 6.76 0.45 -11.96
C VAL A 82 8.19 0.79 -12.35
N ALA A 83 8.41 2.07 -12.55
CA ALA A 83 9.72 2.63 -12.83
C ALA A 83 10.51 2.65 -11.52
N GLY A 84 9.83 2.39 -10.40
CA GLY A 84 10.42 2.36 -9.06
C GLY A 84 9.23 2.41 -8.10
N LEU A 85 9.43 2.32 -6.78
CA LEU A 85 8.27 2.33 -5.85
C LEU A 85 8.36 3.33 -4.69
N VAL A 86 7.18 3.83 -4.31
CA VAL A 86 7.04 4.73 -3.16
C VAL A 86 6.07 4.07 -2.17
N LEU A 87 6.46 3.92 -0.89
CA LEU A 87 5.60 3.26 0.11
C LEU A 87 5.05 4.24 1.16
N ALA A 88 3.72 4.24 1.40
CA ALA A 88 3.17 5.13 2.42
C ALA A 88 2.17 4.42 3.32
N GLY A 89 2.25 4.73 4.60
CA GLY A 89 1.38 4.07 5.58
C GLY A 89 1.35 4.77 6.93
N SER A 90 0.36 4.38 7.76
CA SER A 90 0.21 4.94 9.09
C SER A 90 1.27 4.38 10.04
N ALA A 91 1.51 5.09 11.14
CA ALA A 91 2.51 4.65 12.13
C ALA A 91 3.81 4.19 11.45
N ASP A 92 4.14 4.83 10.36
CA ASP A 92 5.35 4.49 9.61
C ASP A 92 5.31 3.05 9.10
N PHE A 93 4.14 2.65 8.64
CA PHE A 93 3.93 1.30 8.13
C PHE A 93 4.84 1.06 6.93
N LYS A 94 4.92 2.03 6.03
CA LYS A 94 5.71 1.87 4.81
C LYS A 94 7.04 1.18 5.17
N THR A 95 7.81 1.81 6.03
CA THR A 95 9.12 1.28 6.39
C THR A 95 8.91 -0.19 6.79
N GLU A 96 7.86 -0.44 7.53
CA GLU A 96 7.49 -1.79 7.94
C GLU A 96 7.07 -2.64 6.73
N LEU A 97 6.42 -2.02 5.73
CA LEU A 97 5.94 -2.78 4.56
C LEU A 97 7.10 -3.41 3.83
N SER A 98 8.21 -2.67 3.66
CA SER A 98 9.39 -3.23 2.96
C SER A 98 9.52 -4.67 3.42
N GLN A 99 10.34 -4.96 4.44
CA GLN A 99 10.44 -6.34 4.96
C GLN A 99 10.11 -7.41 3.89
N SER A 100 11.13 -8.01 3.31
CA SER A 100 10.92 -8.99 2.24
C SER A 100 10.16 -10.26 2.65
N ASP A 101 10.10 -10.61 3.93
CA ASP A 101 9.41 -11.85 4.30
C ASP A 101 7.91 -11.82 3.98
N MET A 102 7.26 -10.67 4.19
CA MET A 102 5.85 -10.54 3.81
C MET A 102 5.73 -9.94 2.41
N PHE A 103 6.52 -8.90 2.18
CA PHE A 103 6.52 -8.19 0.91
C PHE A 103 7.19 -9.06 -0.13
N ASP A 104 7.24 -8.59 -1.37
CA ASP A 104 7.80 -9.42 -2.42
C ASP A 104 9.27 -9.26 -2.48
N GLN A 105 9.92 -10.31 -2.93
CA GLN A 105 11.32 -10.21 -3.15
C GLN A 105 11.51 -9.23 -4.30
N ARG A 106 10.58 -9.33 -5.26
CA ARG A 106 10.59 -8.52 -6.46
C ARG A 106 10.38 -7.02 -6.26
N LEU A 107 9.49 -6.50 -5.39
CA LEU A 107 9.33 -5.06 -5.26
C LEU A 107 10.31 -4.50 -4.23
N GLN A 108 10.92 -5.41 -3.50
CA GLN A 108 11.94 -5.02 -2.51
C GLN A 108 13.13 -4.39 -3.25
N SER A 109 13.36 -4.89 -4.45
CA SER A 109 14.43 -4.48 -5.35
C SER A 109 14.16 -3.15 -6.08
N LYS A 110 12.97 -2.56 -5.92
CA LYS A 110 12.64 -1.29 -6.59
C LYS A 110 12.29 -0.25 -5.53
N VAL A 111 12.96 -0.39 -4.38
CA VAL A 111 12.64 0.48 -3.25
C VAL A 111 13.31 1.86 -3.41
N LEU A 112 12.42 2.82 -3.67
CA LEU A 112 12.77 4.27 -3.88
C LEU A 112 12.56 5.33 -2.72
N LYS A 113 11.31 5.43 -2.19
CA LYS A 113 10.97 6.40 -1.14
C LYS A 113 9.87 5.90 -0.21
N LEU A 114 9.86 6.38 1.04
CA LEU A 114 8.79 6.06 1.98
C LEU A 114 8.29 7.38 2.61
N VAL A 115 6.98 7.68 2.65
CA VAL A 115 6.49 8.92 3.26
C VAL A 115 5.24 8.60 4.10
N ASP A 116 4.84 9.42 5.08
CA ASP A 116 3.62 9.15 5.87
C ASP A 116 2.41 9.59 5.04
N ILE A 117 1.20 9.54 5.58
CA ILE A 117 0.00 10.00 4.88
C ILE A 117 -0.71 10.96 5.83
N SER A 118 -1.24 12.09 5.36
CA SER A 118 -1.86 12.98 6.34
C SER A 118 -2.95 12.18 7.03
N TYR A 119 -3.74 11.48 6.23
CA TYR A 119 -4.72 10.57 6.75
C TYR A 119 -5.05 9.56 5.67
N GLY A 120 -5.59 8.41 6.04
CA GLY A 120 -6.03 7.43 5.07
C GLY A 120 -5.42 7.59 3.70
N GLY A 121 -6.29 7.48 2.71
CA GLY A 121 -5.82 7.49 1.36
C GLY A 121 -5.78 8.80 0.60
N GLU A 122 -6.90 9.33 0.15
CA GLU A 122 -6.77 10.48 -0.77
C GLU A 122 -6.09 11.74 -0.22
N ASN A 123 -6.46 12.27 0.93
CA ASN A 123 -5.79 13.52 1.34
C ASN A 123 -4.30 13.33 1.61
N GLY A 124 -3.95 12.23 2.26
CA GLY A 124 -2.53 11.92 2.55
C GLY A 124 -1.79 11.66 1.27
N PHE A 125 -2.50 10.97 0.43
CA PHE A 125 -1.97 10.55 -0.84
C PHE A 125 -1.57 11.74 -1.69
N ASN A 126 -2.43 12.75 -1.80
CA ASN A 126 -2.04 13.90 -2.61
C ASN A 126 -0.83 14.65 -2.05
N GLN A 127 -0.76 14.84 -0.72
CA GLN A 127 0.34 15.59 -0.11
C GLN A 127 1.68 14.90 -0.26
N ALA A 128 1.71 13.57 -0.11
CA ALA A 128 2.98 12.87 -0.21
C ALA A 128 3.54 13.03 -1.59
N ILE A 129 2.66 12.99 -2.59
CA ILE A 129 3.11 13.17 -3.95
C ILE A 129 3.65 14.59 -4.14
N GLU A 130 2.90 15.54 -3.59
CA GLU A 130 3.32 16.93 -3.76
C GLU A 130 4.70 17.03 -3.11
N LEU A 131 4.80 16.49 -1.91
CA LEU A 131 6.04 16.56 -1.16
C LEU A 131 7.13 15.81 -1.93
N SER A 132 6.77 14.67 -2.50
CA SER A 132 7.73 13.91 -3.32
C SER A 132 7.24 13.87 -4.77
N THR A 133 7.29 15.01 -5.48
CA THR A 133 7.02 15.04 -6.91
C THR A 133 8.36 15.21 -7.62
N GLU A 134 9.15 16.00 -6.90
CA GLU A 134 10.48 16.48 -7.24
C GLU A 134 11.59 15.43 -7.30
N VAL A 135 11.52 14.41 -6.46
CA VAL A 135 12.51 13.33 -6.41
C VAL A 135 12.11 12.19 -7.33
N LEU A 136 10.95 12.32 -7.95
CA LEU A 136 10.46 11.30 -8.86
C LEU A 136 10.03 11.90 -10.19
N LEU A 1 6.36 14.47 -19.62
CA LEU A 1 5.39 13.35 -19.56
C LEU A 1 6.00 12.11 -20.21
N SER A 2 6.25 12.17 -21.51
CA SER A 2 6.84 11.05 -22.22
C SER A 2 8.22 10.73 -21.63
N ASP A 3 8.98 11.78 -21.34
CA ASP A 3 10.31 11.62 -20.77
C ASP A 3 10.21 10.99 -19.38
N ASP A 4 9.15 11.36 -18.67
CA ASP A 4 8.90 10.87 -17.32
C ASP A 4 8.35 9.45 -17.38
N SER A 5 8.55 8.70 -16.31
CA SER A 5 8.08 7.32 -16.23
C SER A 5 7.32 7.10 -14.94
N LYS A 6 6.37 6.17 -14.96
CA LYS A 6 5.46 5.94 -13.85
C LYS A 6 6.14 5.33 -12.62
N PHE A 7 5.75 5.86 -11.44
CA PHE A 7 6.32 5.41 -10.16
C PHE A 7 5.23 4.99 -9.16
N GLY A 8 5.42 3.81 -8.53
CA GLY A 8 4.44 3.24 -7.57
C GLY A 8 4.27 4.04 -6.30
N PHE A 9 3.05 3.97 -5.76
CA PHE A 9 2.76 4.63 -4.50
C PHE A 9 1.88 3.68 -3.70
N ILE A 10 2.23 3.32 -2.45
CA ILE A 10 1.34 2.40 -1.73
C ILE A 10 0.76 2.92 -0.40
N VAL A 11 -0.56 3.09 -0.37
CA VAL A 11 -1.24 3.56 0.83
C VAL A 11 -1.88 2.36 1.53
N ILE A 12 -1.41 2.06 2.74
CA ILE A 12 -1.89 0.91 3.52
C ILE A 12 -2.54 1.26 4.86
N ASP A 13 -3.72 0.73 5.08
CA ASP A 13 -4.43 0.89 6.32
C ASP A 13 -5.20 -0.41 6.60
N GLY A 14 -5.55 -0.64 7.85
CA GLY A 14 -6.21 -1.87 8.31
C GLY A 14 -7.61 -2.16 7.70
N SER A 15 -8.37 -1.14 7.42
CA SER A 15 -9.70 -1.25 6.91
C SER A 15 -9.74 -0.48 5.64
N GLY A 16 -9.02 -1.04 4.74
CA GLY A 16 -8.98 -0.56 3.34
C GLY A 16 -7.64 0.03 2.94
N ALA A 17 -7.40 0.10 1.61
CA ALA A 17 -6.17 0.65 1.08
C ALA A 17 -6.37 1.28 -0.29
N LEU A 18 -5.55 2.29 -0.56
CA LEU A 18 -5.59 2.97 -1.87
C LEU A 18 -4.23 2.79 -2.53
N PHE A 19 -4.16 2.24 -3.75
CA PHE A 19 -2.85 2.08 -4.39
C PHE A 19 -2.71 2.97 -5.61
N GLY A 20 -1.80 3.94 -5.53
CA GLY A 20 -1.65 4.91 -6.60
C GLY A 20 -0.29 4.86 -7.30
N THR A 21 -0.16 5.76 -8.27
CA THR A 21 1.06 5.90 -9.02
C THR A 21 1.37 7.36 -9.33
N LEU A 22 2.65 7.67 -9.51
CA LEU A 22 3.08 9.01 -9.84
C LEU A 22 3.82 8.98 -11.18
N GLN A 23 3.37 9.82 -12.10
CA GLN A 23 4.01 9.92 -13.42
C GLN A 23 4.29 11.39 -13.74
N GLY A 24 5.54 11.74 -13.99
CA GLY A 24 5.86 13.13 -14.33
C GLY A 24 5.36 14.02 -13.21
N ASN A 25 4.73 15.13 -13.57
CA ASN A 25 4.16 16.00 -12.56
C ASN A 25 2.69 15.65 -12.38
N THR A 26 2.20 14.69 -13.17
CA THR A 26 0.80 14.24 -13.08
C THR A 26 0.66 13.10 -12.09
N ARG A 27 -0.56 12.93 -11.57
CA ARG A 27 -0.77 11.90 -10.53
C ARG A 27 -1.95 11.01 -10.91
N GLU A 28 -1.88 9.75 -10.51
CA GLU A 28 -2.93 8.80 -10.85
C GLU A 28 -3.28 7.85 -9.72
N VAL A 29 -4.46 7.27 -9.83
CA VAL A 29 -4.94 6.29 -8.87
C VAL A 29 -4.95 4.93 -9.57
N LEU A 30 -4.32 3.93 -8.97
CA LEU A 30 -4.30 2.61 -9.57
C LEU A 30 -5.41 1.71 -9.08
N HIS A 31 -5.54 1.56 -7.76
CA HIS A 31 -6.59 0.70 -7.26
C HIS A 31 -7.15 1.11 -5.89
N LYS A 32 -8.44 1.33 -5.87
CA LYS A 32 -9.15 1.74 -4.67
C LYS A 32 -9.96 0.58 -4.17
N PHE A 33 -9.91 0.35 -2.86
CA PHE A 33 -10.67 -0.74 -2.29
C PHE A 33 -10.89 -0.64 -0.78
N THR A 34 -11.82 -1.46 -0.34
CA THR A 34 -12.08 -1.63 1.08
C THR A 34 -12.06 -3.11 1.39
N VAL A 35 -11.30 -3.56 2.42
CA VAL A 35 -11.23 -4.99 2.70
C VAL A 35 -11.63 -5.37 4.12
N ASP A 36 -12.54 -6.35 4.23
CA ASP A 36 -13.02 -6.81 5.52
C ASP A 36 -12.07 -7.85 6.11
N LEU A 37 -11.53 -7.51 7.28
CA LEU A 37 -10.62 -8.37 8.05
C LEU A 37 -11.29 -9.79 8.25
N PRO A 38 -10.88 -10.68 9.17
CA PRO A 38 -11.37 -12.10 9.25
C PRO A 38 -12.65 -12.47 8.53
N LYS A 39 -12.72 -13.74 8.25
CA LYS A 39 -13.84 -14.33 7.51
C LYS A 39 -14.93 -14.96 8.36
N LYS A 40 -14.71 -15.10 9.64
CA LYS A 40 -15.68 -15.82 10.48
C LYS A 40 -16.62 -14.92 11.26
N HIS A 41 -17.89 -14.99 10.91
CA HIS A 41 -18.92 -14.26 11.63
C HIS A 41 -20.22 -15.06 11.58
N GLY A 42 -20.89 -15.12 12.71
CA GLY A 42 -22.16 -15.83 12.84
C GLY A 42 -21.91 -17.33 12.99
N ARG A 43 -20.64 -17.72 12.97
CA ARG A 43 -20.27 -19.13 13.14
C ARG A 43 -20.66 -19.59 14.53
N GLY A 44 -20.41 -18.71 15.49
CA GLY A 44 -20.67 -18.96 16.90
C GLY A 44 -19.37 -19.40 17.57
N GLY A 45 -18.42 -19.82 16.75
CA GLY A 45 -17.11 -20.21 17.23
C GLY A 45 -16.41 -19.00 17.83
N GLN A 46 -16.60 -17.87 17.16
CA GLN A 46 -16.00 -16.60 17.56
C GLN A 46 -17.10 -15.64 18.00
N SER A 47 -16.96 -15.05 19.19
CA SER A 47 -17.98 -14.10 19.68
C SER A 47 -18.00 -12.87 18.78
N ALA A 48 -19.12 -12.17 18.67
CA ALA A 48 -19.12 -10.99 17.81
C ALA A 48 -18.14 -9.95 18.39
N LEU A 49 -18.15 -9.81 19.72
CA LEU A 49 -17.22 -8.91 20.39
C LEU A 49 -15.78 -9.36 20.18
N ARG A 50 -15.61 -10.66 20.28
CA ARG A 50 -14.31 -11.32 20.12
C ARG A 50 -13.74 -11.11 18.73
N PHE A 51 -14.59 -11.12 17.72
CA PHE A 51 -14.11 -11.00 16.35
C PHE A 51 -13.33 -9.69 16.18
N ALA A 52 -13.86 -8.58 16.64
CA ALA A 52 -13.14 -7.33 16.47
C ALA A 52 -11.80 -7.37 17.21
N ARG A 53 -11.79 -7.94 18.40
CA ARG A 53 -10.54 -8.10 19.17
C ARG A 53 -9.55 -9.04 18.48
N LEU A 54 -10.14 -10.09 17.90
CA LEU A 54 -9.42 -11.18 17.25
C LEU A 54 -8.58 -10.75 16.03
N ARG A 55 -9.10 -9.87 15.21
CA ARG A 55 -8.38 -9.44 14.00
C ARG A 55 -7.03 -8.76 14.29
N MET A 56 -6.99 -7.92 15.31
CA MET A 56 -5.79 -7.09 15.54
C MET A 56 -4.49 -7.88 15.20
N GLU A 57 -4.39 -9.17 15.54
CA GLU A 57 -3.21 -10.00 15.17
C GLU A 57 -3.16 -10.20 13.64
N LYS A 58 -4.35 -10.35 13.10
CA LYS A 58 -4.64 -10.57 11.70
C LYS A 58 -4.24 -9.38 10.82
N ARG A 59 -3.76 -8.28 11.40
CA ARG A 59 -3.34 -7.15 10.59
C ARG A 59 -2.21 -7.57 9.67
N HIS A 60 -1.29 -8.37 10.21
CA HIS A 60 -0.14 -8.84 9.44
C HIS A 60 -0.60 -9.62 8.21
N ASN A 61 -1.61 -10.47 8.38
CA ASN A 61 -2.14 -11.23 7.23
C ASN A 61 -2.74 -10.23 6.24
N TYR A 62 -3.39 -9.25 6.82
CA TYR A 62 -4.01 -8.20 6.00
C TYR A 62 -2.89 -7.50 5.18
N VAL A 63 -1.77 -7.14 5.84
CA VAL A 63 -0.65 -6.47 5.17
C VAL A 63 -0.05 -7.37 4.08
N ARG A 64 0.15 -8.65 4.36
CA ARG A 64 0.72 -9.53 3.33
C ARG A 64 -0.23 -9.52 2.13
N LYS A 65 -1.51 -9.63 2.45
CA LYS A 65 -2.52 -9.68 1.42
C LYS A 65 -2.43 -8.41 0.58
N VAL A 66 -2.26 -7.27 1.22
CA VAL A 66 -2.10 -6.03 0.49
C VAL A 66 -0.82 -6.12 -0.35
N ALA A 67 0.26 -6.64 0.25
CA ALA A 67 1.52 -6.80 -0.47
C ALA A 67 1.34 -7.78 -1.62
N GLU A 68 0.52 -8.81 -1.37
CA GLU A 68 0.26 -9.82 -2.38
C GLU A 68 -0.48 -9.15 -3.52
N THR A 69 -1.37 -8.23 -3.12
CA THR A 69 -2.14 -7.45 -4.07
C THR A 69 -1.19 -6.53 -4.85
N ALA A 70 -0.13 -6.01 -4.20
CA ALA A 70 0.77 -5.07 -4.88
C ALA A 70 1.46 -5.74 -6.08
N VAL A 71 1.86 -6.99 -5.91
CA VAL A 71 2.57 -7.69 -6.98
C VAL A 71 1.71 -7.83 -8.22
N GLN A 72 0.46 -8.17 -8.05
CA GLN A 72 -0.44 -8.29 -9.19
C GLN A 72 -0.61 -6.92 -9.81
N LEU A 73 -0.70 -5.92 -8.93
CA LEU A 73 -0.82 -4.53 -9.34
C LEU A 73 0.40 -4.02 -10.09
N PHE A 74 1.60 -4.39 -9.62
CA PHE A 74 2.85 -3.87 -10.23
C PHE A 74 3.62 -4.87 -11.09
N ILE A 75 3.21 -6.11 -11.05
CA ILE A 75 3.83 -7.16 -11.87
C ILE A 75 2.77 -7.91 -12.68
N SER A 76 3.07 -8.21 -13.93
CA SER A 76 2.16 -9.03 -14.71
C SER A 76 2.96 -9.99 -15.55
N GLY A 77 2.50 -11.22 -15.69
CA GLY A 77 3.21 -12.18 -16.52
C GLY A 77 4.68 -12.21 -16.12
N ASP A 78 5.38 -11.25 -16.71
CA ASP A 78 6.82 -11.02 -16.49
C ASP A 78 7.09 -9.52 -16.64
N LYS A 79 6.00 -8.79 -16.65
CA LYS A 79 5.99 -7.35 -16.77
C LYS A 79 6.23 -6.74 -15.40
N VAL A 80 6.74 -5.53 -15.38
CA VAL A 80 6.78 -4.75 -14.15
C VAL A 80 6.07 -3.46 -14.51
N ASN A 81 5.12 -3.01 -13.71
CA ASN A 81 4.37 -1.81 -14.07
C ASN A 81 4.91 -0.52 -13.44
N VAL A 82 6.09 -0.55 -12.82
CA VAL A 82 6.61 0.68 -12.20
C VAL A 82 8.09 0.96 -12.48
N ALA A 83 8.38 2.26 -12.40
CA ALA A 83 9.72 2.84 -12.55
C ALA A 83 10.36 2.94 -11.16
N GLY A 84 9.66 2.33 -10.19
CA GLY A 84 10.11 2.29 -8.80
C GLY A 84 8.91 2.33 -7.87
N LEU A 85 9.15 2.19 -6.56
CA LEU A 85 8.04 2.21 -5.60
C LEU A 85 8.23 3.19 -4.45
N VAL A 86 7.11 3.79 -4.06
CA VAL A 86 7.07 4.67 -2.91
C VAL A 86 6.05 4.05 -1.95
N LEU A 87 6.43 3.86 -0.67
CA LEU A 87 5.53 3.21 0.29
C LEU A 87 4.96 4.21 1.27
N ALA A 88 3.64 4.22 1.47
CA ALA A 88 3.04 5.13 2.45
C ALA A 88 2.08 4.39 3.38
N GLY A 89 2.21 4.66 4.67
CA GLY A 89 1.35 3.98 5.64
C GLY A 89 1.36 4.55 7.06
N SER A 90 0.37 4.08 7.82
CA SER A 90 0.23 4.42 9.23
C SER A 90 1.19 3.58 10.08
N ALA A 91 1.43 4.00 11.32
CA ALA A 91 2.31 3.27 12.23
C ALA A 91 3.62 2.88 11.55
N ASP A 92 3.98 3.63 10.52
CA ASP A 92 5.19 3.36 9.75
C ASP A 92 5.11 1.97 9.10
N PHE A 93 3.94 1.65 8.61
CA PHE A 93 3.71 0.36 7.99
C PHE A 93 4.63 0.22 6.79
N LYS A 94 4.75 1.30 6.02
CA LYS A 94 5.58 1.30 4.82
C LYS A 94 7.01 0.86 5.24
N THR A 95 7.41 1.45 6.32
CA THR A 95 8.75 1.19 6.85
C THR A 95 8.87 -0.30 7.19
N GLU A 96 7.85 -0.81 7.88
CA GLU A 96 7.73 -2.25 8.21
C GLU A 96 7.44 -3.10 6.97
N LEU A 97 6.73 -2.51 6.03
CA LEU A 97 6.26 -3.24 4.86
C LEU A 97 7.40 -3.77 4.07
N SER A 98 8.50 -3.01 3.88
CA SER A 98 9.62 -3.57 3.13
C SER A 98 9.76 -4.98 3.63
N GLN A 99 10.61 -5.28 4.62
CA GLN A 99 10.69 -6.67 5.11
C GLN A 99 10.45 -7.72 3.98
N SER A 100 11.46 -8.38 3.51
CA SER A 100 11.25 -9.28 2.37
C SER A 100 10.30 -10.50 2.60
N ASP A 101 10.04 -10.94 3.85
CA ASP A 101 9.18 -12.13 4.06
C ASP A 101 7.71 -11.96 3.59
N MET A 102 7.12 -10.80 3.84
CA MET A 102 5.76 -10.54 3.36
C MET A 102 5.85 -9.90 2.02
N PHE A 103 6.73 -8.91 1.96
CA PHE A 103 6.92 -8.14 0.77
C PHE A 103 7.67 -8.97 -0.22
N ASP A 104 7.43 -8.69 -1.46
CA ASP A 104 7.97 -9.47 -2.55
C ASP A 104 9.43 -9.25 -2.72
N GLN A 105 10.06 -10.31 -3.17
CA GLN A 105 11.46 -10.23 -3.47
C GLN A 105 11.64 -9.25 -4.61
N ARG A 106 10.72 -9.34 -5.59
CA ARG A 106 10.75 -8.48 -6.75
C ARG A 106 10.54 -6.98 -6.50
N LEU A 107 9.59 -6.55 -5.62
CA LEU A 107 9.36 -5.13 -5.26
C LEU A 107 10.49 -4.57 -4.44
N GLN A 108 11.02 -5.44 -3.59
CA GLN A 108 12.08 -5.05 -2.66
C GLN A 108 13.24 -4.51 -3.46
N SER A 109 13.40 -5.03 -4.66
CA SER A 109 14.45 -4.60 -5.59
C SER A 109 14.08 -3.29 -6.28
N LYS A 110 12.86 -2.80 -6.05
CA LYS A 110 12.37 -1.55 -6.63
C LYS A 110 12.12 -0.54 -5.52
N VAL A 111 12.80 -0.73 -4.41
CA VAL A 111 12.53 0.15 -3.26
C VAL A 111 13.19 1.52 -3.43
N LEU A 112 12.28 2.49 -3.59
CA LEU A 112 12.61 3.95 -3.78
C LEU A 112 12.45 4.98 -2.58
N LYS A 113 11.25 5.06 -1.97
CA LYS A 113 10.98 5.98 -0.87
C LYS A 113 9.91 5.49 0.09
N LEU A 114 9.94 5.99 1.33
CA LEU A 114 8.90 5.71 2.31
C LEU A 114 8.44 7.07 2.88
N VAL A 115 7.15 7.39 2.89
CA VAL A 115 6.69 8.68 3.43
C VAL A 115 5.45 8.45 4.28
N ASP A 116 5.12 9.34 5.23
CA ASP A 116 3.90 9.18 6.03
C ASP A 116 2.74 9.70 5.19
N ILE A 117 1.50 9.66 5.68
CA ILE A 117 0.34 10.17 4.94
C ILE A 117 -0.36 11.14 5.89
N SER A 118 -0.91 12.25 5.39
CA SER A 118 -1.54 13.14 6.38
C SER A 118 -2.60 12.33 7.09
N TYR A 119 -3.38 11.63 6.30
CA TYR A 119 -4.38 10.73 6.81
C TYR A 119 -4.67 9.67 5.76
N GLY A 120 -5.13 8.50 6.16
CA GLY A 120 -5.53 7.46 5.21
C GLY A 120 -4.98 7.61 3.79
N GLY A 121 -5.92 7.55 2.84
CA GLY A 121 -5.67 7.61 1.41
C GLY A 121 -5.61 9.02 0.81
N GLU A 122 -6.55 9.23 -0.10
CA GLU A 122 -6.66 10.44 -0.92
C GLU A 122 -5.99 11.70 -0.32
N ASN A 123 -6.45 12.26 0.79
CA ASN A 123 -5.78 13.49 1.27
C ASN A 123 -4.32 13.25 1.66
N GLY A 124 -4.04 12.13 2.34
CA GLY A 124 -2.64 11.81 2.68
C GLY A 124 -1.87 11.56 1.41
N PHE A 125 -2.60 10.86 0.56
CA PHE A 125 -2.07 10.45 -0.69
C PHE A 125 -1.69 11.66 -1.52
N ASN A 126 -2.57 12.66 -1.59
CA ASN A 126 -2.28 13.90 -2.34
C ASN A 126 -1.12 14.74 -1.77
N GLN A 127 -0.99 14.88 -0.42
CA GLN A 127 0.06 15.72 0.16
C GLN A 127 1.46 15.20 -0.12
N ALA A 128 1.61 13.90 -0.09
CA ALA A 128 2.91 13.27 -0.30
C ALA A 128 3.41 13.62 -1.67
N ILE A 129 2.49 13.69 -2.62
CA ILE A 129 2.83 14.00 -3.97
C ILE A 129 3.42 15.41 -4.05
N GLU A 130 2.76 16.34 -3.37
CA GLU A 130 3.23 17.73 -3.44
C GLU A 130 4.65 17.71 -2.92
N LEU A 131 4.80 17.05 -1.80
CA LEU A 131 6.10 16.98 -1.16
C LEU A 131 7.07 16.27 -2.10
N SER A 132 6.59 15.21 -2.73
CA SER A 132 7.40 14.48 -3.70
C SER A 132 6.70 14.48 -5.05
N THR A 133 6.70 15.62 -5.75
CA THR A 133 6.18 15.67 -7.10
C THR A 133 7.34 15.71 -8.10
N GLU A 134 8.28 16.55 -7.71
CA GLU A 134 9.48 16.90 -8.46
C GLU A 134 10.66 15.95 -8.29
N VAL A 135 10.64 15.04 -7.31
CA VAL A 135 11.70 14.07 -7.11
C VAL A 135 11.31 12.81 -7.90
N LEU A 136 10.09 12.85 -8.43
CA LEU A 136 9.51 11.75 -9.18
C LEU A 136 9.05 12.19 -10.57
N LEU A 1 14.66 12.11 -22.75
CA LEU A 1 14.63 11.79 -21.29
C LEU A 1 13.67 12.77 -20.61
N SER A 2 13.07 13.65 -21.41
CA SER A 2 12.14 14.64 -20.87
C SER A 2 10.95 13.97 -20.19
N ASP A 3 10.43 12.93 -20.81
CA ASP A 3 9.29 12.22 -20.24
C ASP A 3 9.64 11.53 -18.92
N ASP A 4 8.68 11.57 -18.00
CA ASP A 4 8.84 10.96 -16.68
C ASP A 4 8.62 9.46 -16.73
N SER A 5 9.23 8.75 -15.76
CA SER A 5 9.06 7.31 -15.66
C SER A 5 8.23 7.02 -14.42
N LYS A 6 7.28 6.09 -14.54
CA LYS A 6 6.30 5.84 -13.48
C LYS A 6 6.83 5.16 -12.23
N PHE A 7 6.37 5.71 -11.08
CA PHE A 7 6.73 5.18 -9.79
C PHE A 7 5.48 4.83 -8.97
N GLY A 8 5.42 3.64 -8.41
CA GLY A 8 4.25 3.24 -7.64
C GLY A 8 4.16 3.96 -6.32
N PHE A 9 2.99 3.89 -5.72
CA PHE A 9 2.81 4.51 -4.43
C PHE A 9 1.95 3.58 -3.62
N ILE A 10 2.35 3.15 -2.42
CA ILE A 10 1.46 2.25 -1.68
C ILE A 10 0.92 2.79 -0.35
N VAL A 11 -0.37 3.06 -0.37
CA VAL A 11 -1.03 3.58 0.82
C VAL A 11 -1.69 2.41 1.52
N ILE A 12 -1.20 2.15 2.74
CA ILE A 12 -1.69 1.01 3.53
C ILE A 12 -2.32 1.40 4.86
N ASP A 13 -3.50 0.90 5.06
CA ASP A 13 -4.20 1.08 6.30
C ASP A 13 -4.90 -0.27 6.60
N GLY A 14 -5.13 -0.55 7.86
CA GLY A 14 -5.69 -1.83 8.32
C GLY A 14 -7.11 -2.16 7.83
N SER A 15 -7.94 -1.16 7.66
CA SER A 15 -9.30 -1.29 7.29
C SER A 15 -9.48 -0.49 6.05
N GLY A 16 -8.76 -0.94 5.07
CA GLY A 16 -8.83 -0.41 3.72
C GLY A 16 -7.51 0.16 3.26
N ALA A 17 -7.32 0.23 1.93
CA ALA A 17 -6.06 0.75 1.38
C ALA A 17 -6.27 1.34 -0.01
N LEU A 18 -5.42 2.31 -0.36
CA LEU A 18 -5.48 2.94 -1.69
C LEU A 18 -4.16 2.71 -2.43
N PHE A 19 -4.16 2.18 -3.66
CA PHE A 19 -2.87 2.02 -4.35
C PHE A 19 -2.73 2.93 -5.55
N GLY A 20 -1.81 3.87 -5.43
CA GLY A 20 -1.64 4.92 -6.43
C GLY A 20 -0.30 4.86 -7.15
N THR A 21 -0.12 5.83 -8.04
CA THR A 21 1.12 5.97 -8.79
C THR A 21 1.47 7.45 -8.94
N LEU A 22 2.76 7.74 -9.09
CA LEU A 22 3.22 9.12 -9.28
C LEU A 22 4.03 9.15 -10.56
N GLN A 23 3.74 10.04 -11.51
CA GLN A 23 4.65 10.09 -12.64
C GLN A 23 4.68 11.39 -13.41
N GLY A 24 5.42 12.40 -12.94
CA GLY A 24 5.40 13.69 -13.62
C GLY A 24 4.74 14.65 -12.65
N ASN A 25 4.11 15.72 -13.12
CA ASN A 25 3.43 16.61 -12.19
C ASN A 25 2.00 16.13 -12.05
N THR A 26 1.74 14.98 -12.70
CA THR A 26 0.41 14.38 -12.72
C THR A 26 0.34 13.15 -11.83
N ARG A 27 -0.66 13.13 -10.97
CA ARG A 27 -0.90 12.02 -10.05
C ARG A 27 -1.94 11.06 -10.62
N GLU A 28 -1.74 9.76 -10.38
CA GLU A 28 -2.63 8.75 -10.94
C GLU A 28 -3.08 7.71 -9.91
N VAL A 29 -4.28 7.21 -10.12
CA VAL A 29 -4.88 6.19 -9.25
C VAL A 29 -5.00 4.87 -10.02
N LEU A 30 -4.50 3.79 -9.44
CA LEU A 30 -4.61 2.48 -10.09
C LEU A 30 -5.81 1.69 -9.58
N HIS A 31 -6.00 1.70 -8.26
CA HIS A 31 -7.12 1.00 -7.61
C HIS A 31 -7.38 1.65 -6.27
N LYS A 32 -8.57 1.46 -5.69
CA LYS A 32 -8.87 1.97 -4.36
C LYS A 32 -9.65 0.86 -3.67
N PHE A 33 -9.54 0.68 -2.36
CA PHE A 33 -10.34 -0.39 -1.76
C PHE A 33 -10.60 -0.31 -0.26
N THR A 34 -11.58 -1.12 0.11
CA THR A 34 -11.92 -1.34 1.52
C THR A 34 -11.92 -2.85 1.77
N VAL A 35 -11.21 -3.34 2.80
CA VAL A 35 -11.15 -4.77 3.03
C VAL A 35 -11.56 -5.17 4.45
N ASP A 36 -12.45 -6.15 4.57
CA ASP A 36 -12.91 -6.58 5.88
C ASP A 36 -11.94 -7.56 6.54
N LEU A 37 -11.43 -7.10 7.67
CA LEU A 37 -10.49 -7.83 8.54
C LEU A 37 -11.22 -9.07 9.19
N PRO A 38 -10.77 -9.70 10.30
CA PRO A 38 -11.33 -11.00 10.84
C PRO A 38 -12.77 -11.41 10.46
N LYS A 39 -13.10 -12.65 10.79
CA LYS A 39 -14.38 -13.25 10.42
C LYS A 39 -15.66 -12.63 11.02
N LYS A 40 -15.66 -12.33 12.31
CA LYS A 40 -16.87 -11.79 12.91
C LYS A 40 -17.10 -10.36 12.47
N HIS A 41 -18.32 -10.06 12.11
CA HIS A 41 -18.66 -8.72 11.66
C HIS A 41 -19.90 -8.26 12.41
N GLY A 42 -19.82 -8.30 13.73
CA GLY A 42 -20.95 -7.94 14.57
C GLY A 42 -21.89 -9.12 14.68
N ARG A 43 -21.39 -10.26 14.21
CA ARG A 43 -22.15 -11.51 14.25
C ARG A 43 -22.43 -11.90 15.70
N GLY A 44 -21.41 -11.71 16.54
CA GLY A 44 -21.51 -12.04 17.96
C GLY A 44 -20.43 -13.03 18.38
N GLY A 45 -20.22 -13.11 19.69
CA GLY A 45 -19.19 -13.98 20.27
C GLY A 45 -17.89 -13.21 20.42
N GLN A 46 -17.92 -11.97 19.95
CA GLN A 46 -16.78 -11.08 20.06
C GLN A 46 -17.30 -9.66 20.33
N SER A 47 -16.54 -8.82 21.01
CA SER A 47 -17.02 -7.45 21.23
C SER A 47 -16.86 -6.62 19.96
N ALA A 48 -17.82 -5.77 19.65
CA ALA A 48 -17.68 -4.96 18.44
C ALA A 48 -16.49 -3.99 18.57
N LEU A 49 -16.33 -3.37 19.74
CA LEU A 49 -15.19 -2.47 19.95
C LEU A 49 -13.87 -3.22 19.90
N ARG A 50 -13.87 -4.38 20.54
CA ARG A 50 -12.69 -5.23 20.63
C ARG A 50 -12.42 -5.98 19.34
N PHE A 51 -13.39 -6.05 18.43
CA PHE A 51 -13.14 -6.80 17.23
C PHE A 51 -11.94 -6.13 16.56
N ALA A 52 -11.95 -4.82 16.42
CA ALA A 52 -10.82 -4.15 15.77
C ALA A 52 -9.54 -4.35 16.61
N ARG A 53 -9.64 -4.30 17.93
CA ARG A 53 -8.48 -4.52 18.80
C ARG A 53 -7.95 -5.95 18.63
N LEU A 54 -8.91 -6.85 18.51
CA LEU A 54 -8.69 -8.30 18.38
C LEU A 54 -7.91 -8.69 17.10
N ARG A 55 -8.23 -8.03 15.99
CA ARG A 55 -7.56 -8.36 14.72
C ARG A 55 -6.05 -8.15 14.75
N MET A 56 -5.62 -7.05 15.36
CA MET A 56 -4.22 -6.61 15.22
C MET A 56 -3.22 -7.76 14.92
N GLU A 57 -3.40 -8.96 15.46
CA GLU A 57 -2.49 -10.07 15.07
C GLU A 57 -2.72 -10.42 13.57
N LYS A 58 -4.00 -10.38 13.20
CA LYS A 58 -4.52 -10.61 11.84
C LYS A 58 -4.09 -9.52 10.87
N ARG A 59 -3.56 -8.42 11.40
CA ARG A 59 -3.15 -7.31 10.57
C ARG A 59 -2.07 -7.80 9.60
N HIS A 60 -1.19 -8.64 10.10
CA HIS A 60 -0.12 -9.17 9.26
C HIS A 60 -0.70 -9.90 8.04
N ASN A 61 -1.77 -10.69 8.23
CA ASN A 61 -2.37 -11.38 7.08
C ASN A 61 -2.91 -10.32 6.13
N TYR A 62 -3.49 -9.31 6.74
CA TYR A 62 -4.05 -8.19 5.97
C TYR A 62 -2.92 -7.54 5.15
N VAL A 63 -1.77 -7.27 5.78
CA VAL A 63 -0.66 -6.63 5.09
C VAL A 63 -0.15 -7.52 3.94
N ARG A 64 -0.02 -8.82 4.17
CA ARG A 64 0.44 -9.72 3.10
C ARG A 64 -0.56 -9.64 1.96
N LYS A 65 -1.84 -9.64 2.33
CA LYS A 65 -2.91 -9.63 1.34
C LYS A 65 -2.73 -8.37 0.51
N VAL A 66 -2.43 -7.27 1.16
CA VAL A 66 -2.17 -6.04 0.45
C VAL A 66 -0.94 -6.22 -0.44
N ALA A 67 0.09 -6.86 0.10
CA ALA A 67 1.30 -7.06 -0.68
C ALA A 67 0.99 -7.94 -1.88
N GLU A 68 0.09 -8.90 -1.69
CA GLU A 68 -0.28 -9.77 -2.78
C GLU A 68 -0.98 -8.91 -3.82
N THR A 69 -1.76 -7.97 -3.33
CA THR A 69 -2.43 -7.03 -4.21
C THR A 69 -1.38 -6.16 -4.93
N ALA A 70 -0.32 -5.73 -4.22
CA ALA A 70 0.70 -4.89 -4.84
C ALA A 70 1.36 -5.57 -6.02
N VAL A 71 1.73 -6.84 -5.86
CA VAL A 71 2.41 -7.56 -6.95
C VAL A 71 1.52 -7.66 -8.16
N GLN A 72 0.26 -7.97 -7.94
CA GLN A 72 -0.68 -8.06 -9.05
C GLN A 72 -0.82 -6.69 -9.70
N LEU A 73 -0.88 -5.68 -8.83
CA LEU A 73 -0.94 -4.29 -9.26
C LEU A 73 0.33 -3.85 -10.00
N PHE A 74 1.49 -4.28 -9.49
CA PHE A 74 2.78 -3.84 -10.04
C PHE A 74 3.53 -4.87 -10.88
N ILE A 75 3.03 -6.06 -10.94
CA ILE A 75 3.60 -7.11 -11.76
C ILE A 75 2.53 -7.78 -12.63
N SER A 76 2.87 -8.10 -13.86
CA SER A 76 1.94 -8.83 -14.72
C SER A 76 2.67 -9.84 -15.52
N GLY A 77 2.11 -11.01 -15.74
CA GLY A 77 2.79 -12.01 -16.54
C GLY A 77 4.24 -12.14 -16.09
N ASP A 78 5.03 -11.23 -16.62
CA ASP A 78 6.47 -11.11 -16.33
C ASP A 78 6.86 -9.65 -16.44
N LYS A 79 5.83 -8.83 -16.46
CA LYS A 79 5.90 -7.38 -16.54
C LYS A 79 6.13 -6.81 -15.16
N VAL A 80 6.66 -5.61 -15.11
CA VAL A 80 6.72 -4.83 -13.91
C VAL A 80 6.04 -3.51 -14.28
N ASN A 81 5.10 -3.03 -13.51
CA ASN A 81 4.38 -1.82 -13.88
C ASN A 81 4.94 -0.55 -13.27
N VAL A 82 6.12 -0.66 -12.65
CA VAL A 82 6.73 0.49 -11.99
C VAL A 82 8.17 0.74 -12.39
N ALA A 83 8.46 2.02 -12.57
CA ALA A 83 9.81 2.45 -12.84
C ALA A 83 10.62 2.45 -11.54
N GLY A 84 9.94 2.35 -10.38
CA GLY A 84 10.59 2.31 -9.06
C GLY A 84 9.43 2.24 -8.05
N LEU A 85 9.69 2.09 -6.74
CA LEU A 85 8.55 2.00 -5.79
C LEU A 85 8.63 3.00 -4.62
N VAL A 86 7.45 3.53 -4.27
CA VAL A 86 7.32 4.43 -3.12
C VAL A 86 6.30 3.81 -2.14
N LEU A 87 6.65 3.70 -0.86
CA LEU A 87 5.76 3.09 0.14
C LEU A 87 5.22 4.12 1.13
N ALA A 88 3.91 4.19 1.36
CA ALA A 88 3.38 5.12 2.35
C ALA A 88 2.37 4.45 3.27
N GLY A 89 2.48 4.73 4.58
CA GLY A 89 1.57 4.08 5.52
C GLY A 89 1.59 4.69 6.92
N SER A 90 0.58 4.29 7.70
CA SER A 90 0.47 4.71 9.09
C SER A 90 1.41 3.88 9.96
N ALA A 91 1.68 4.37 11.18
CA ALA A 91 2.55 3.65 12.11
C ALA A 91 3.83 3.17 11.45
N ASP A 92 4.27 3.90 10.45
CA ASP A 92 5.50 3.55 9.72
C ASP A 92 5.40 2.17 9.07
N PHE A 93 4.22 1.86 8.57
CA PHE A 93 3.96 0.59 7.95
C PHE A 93 4.85 0.40 6.75
N LYS A 94 5.02 1.44 5.95
CA LYS A 94 5.82 1.33 4.73
C LYS A 94 7.21 0.78 5.14
N THR A 95 7.71 1.40 6.15
CA THR A 95 9.07 1.10 6.64
C THR A 95 9.11 -0.38 7.09
N GLU A 96 8.13 -0.79 7.88
CA GLU A 96 7.95 -2.18 8.31
C GLU A 96 7.56 -3.09 7.17
N LEU A 97 6.84 -2.53 6.22
CA LEU A 97 6.30 -3.33 5.14
C LEU A 97 7.42 -3.94 4.37
N SER A 98 8.52 -3.20 4.08
CA SER A 98 9.66 -3.77 3.36
C SER A 98 9.72 -5.25 3.71
N GLN A 99 10.54 -5.62 4.71
CA GLN A 99 10.65 -7.04 5.10
C GLN A 99 10.26 -7.98 3.94
N SER A 100 11.26 -8.43 3.21
CA SER A 100 11.03 -9.24 2.00
C SER A 100 10.35 -10.58 2.24
N ASP A 101 10.37 -11.13 3.45
CA ASP A 101 9.73 -12.42 3.64
C ASP A 101 8.21 -12.31 3.37
N MET A 102 7.61 -11.22 3.80
CA MET A 102 6.18 -11.04 3.56
C MET A 102 5.89 -10.34 2.23
N PHE A 103 6.50 -9.17 2.02
CA PHE A 103 6.22 -8.36 0.81
C PHE A 103 6.46 -9.16 -0.48
N ASP A 104 7.63 -9.00 -1.12
CA ASP A 104 7.93 -9.80 -2.32
C ASP A 104 9.38 -9.61 -2.67
N GLN A 105 9.95 -10.57 -3.37
CA GLN A 105 11.32 -10.43 -3.77
C GLN A 105 11.49 -9.29 -4.79
N ARG A 106 10.55 -9.20 -5.75
CA ARG A 106 10.61 -8.20 -6.83
C ARG A 106 10.48 -6.72 -6.47
N LEU A 107 9.56 -6.34 -5.59
CA LEU A 107 9.31 -4.95 -5.15
C LEU A 107 10.43 -4.32 -4.35
N GLN A 108 11.01 -5.16 -3.52
CA GLN A 108 12.04 -4.76 -2.58
C GLN A 108 13.27 -4.25 -3.33
N SER A 109 13.50 -4.81 -4.51
CA SER A 109 14.64 -4.41 -5.34
C SER A 109 14.36 -3.07 -6.05
N LYS A 110 13.14 -2.59 -5.90
CA LYS A 110 12.68 -1.31 -6.48
C LYS A 110 12.49 -0.28 -5.35
N VAL A 111 13.10 -0.57 -4.20
CA VAL A 111 12.87 0.30 -3.05
C VAL A 111 13.58 1.65 -3.19
N LEU A 112 12.70 2.63 -3.47
CA LEU A 112 13.06 4.08 -3.69
C LEU A 112 12.87 5.12 -2.50
N LYS A 113 11.62 5.25 -2.01
CA LYS A 113 11.29 6.17 -0.92
C LYS A 113 10.13 5.69 -0.06
N LEU A 114 10.09 6.14 1.20
CA LEU A 114 8.98 5.83 2.10
C LEU A 114 8.48 7.14 2.72
N VAL A 115 7.16 7.46 2.70
CA VAL A 115 6.65 8.72 3.28
C VAL A 115 5.36 8.48 4.08
N ASP A 116 5.00 9.31 5.05
CA ASP A 116 3.75 9.14 5.81
C ASP A 116 2.61 9.73 4.94
N ILE A 117 1.34 9.67 5.40
CA ILE A 117 0.21 10.23 4.64
C ILE A 117 -0.57 11.17 5.59
N SER A 118 -1.17 12.26 5.09
CA SER A 118 -1.86 13.09 6.08
C SER A 118 -2.93 12.22 6.74
N TYR A 119 -3.68 11.50 5.92
CA TYR A 119 -4.69 10.56 6.42
C TYR A 119 -5.00 9.52 5.36
N GLY A 120 -5.46 8.35 5.75
CA GLY A 120 -5.90 7.32 4.80
C GLY A 120 -5.29 7.38 3.44
N GLY A 121 -6.18 7.37 2.45
CA GLY A 121 -5.77 7.25 1.07
C GLY A 121 -5.70 8.49 0.23
N GLU A 122 -6.77 8.90 -0.45
CA GLU A 122 -6.59 9.98 -1.44
C GLU A 122 -6.05 11.29 -0.89
N ASN A 123 -6.62 11.86 0.15
CA ASN A 123 -6.10 13.16 0.58
C ASN A 123 -4.65 13.08 1.05
N GLY A 124 -4.30 12.04 1.81
CA GLY A 124 -2.90 11.89 2.22
C GLY A 124 -2.06 11.63 0.99
N PHE A 125 -2.62 10.80 0.16
CA PHE A 125 -1.97 10.41 -1.06
C PHE A 125 -1.70 11.61 -1.94
N ASN A 126 -2.71 12.47 -2.13
CA ASN A 126 -2.51 13.64 -2.96
C ASN A 126 -1.46 14.59 -2.38
N GLN A 127 -1.47 14.82 -1.06
CA GLN A 127 -0.49 15.71 -0.45
C GLN A 127 0.91 15.15 -0.58
N ALA A 128 1.01 13.84 -0.39
CA ALA A 128 2.30 13.18 -0.45
C ALA A 128 2.89 13.31 -1.83
N ILE A 129 2.05 13.21 -2.86
CA ILE A 129 2.56 13.35 -4.20
C ILE A 129 3.10 14.76 -4.42
N GLU A 130 2.33 15.74 -3.96
CA GLU A 130 2.79 17.11 -4.17
C GLU A 130 4.12 17.21 -3.44
N LEU A 131 4.09 16.78 -2.19
CA LEU A 131 5.30 16.88 -1.38
C LEU A 131 6.40 16.04 -2.00
N SER A 132 6.05 14.84 -2.45
CA SER A 132 7.02 13.96 -3.14
C SER A 132 7.52 14.60 -4.43
N THR A 133 6.59 15.23 -5.14
CA THR A 133 6.80 15.79 -6.46
C THR A 133 7.82 16.86 -6.36
N GLU A 134 7.71 17.67 -5.36
CA GLU A 134 8.72 18.65 -5.22
C GLU A 134 9.97 17.86 -4.97
N VAL A 135 9.87 16.81 -4.13
CA VAL A 135 11.11 16.07 -3.85
C VAL A 135 11.65 15.45 -5.13
N LEU A 136 10.76 14.83 -5.91
CA LEU A 136 11.17 14.21 -7.16
C LEU A 136 11.29 15.24 -8.27
N LEU A 1 15.47 15.53 -16.06
CA LEU A 1 14.81 14.28 -16.53
C LEU A 1 13.46 14.64 -17.15
N SER A 2 13.51 15.20 -18.37
CA SER A 2 12.29 15.59 -19.07
C SER A 2 11.39 14.38 -19.31
N ASP A 3 11.98 13.27 -19.72
CA ASP A 3 11.20 12.06 -19.99
C ASP A 3 10.96 11.25 -18.71
N ASP A 4 9.84 11.54 -18.05
CA ASP A 4 9.48 10.86 -16.82
C ASP A 4 8.89 9.50 -17.08
N SER A 5 9.01 8.66 -16.07
CA SER A 5 8.47 7.31 -16.13
C SER A 5 7.64 7.07 -14.87
N LYS A 6 6.66 6.19 -14.94
CA LYS A 6 5.70 5.98 -13.86
C LYS A 6 6.30 5.27 -12.65
N PHE A 7 5.88 5.78 -11.48
CA PHE A 7 6.32 5.24 -10.19
C PHE A 7 5.11 4.91 -9.32
N GLY A 8 5.12 3.73 -8.71
CA GLY A 8 4.01 3.30 -7.87
C GLY A 8 3.89 4.09 -6.60
N PHE A 9 2.71 4.05 -6.02
CA PHE A 9 2.48 4.71 -4.75
C PHE A 9 1.66 3.76 -3.91
N ILE A 10 2.07 3.44 -2.69
CA ILE A 10 1.25 2.52 -1.91
C ILE A 10 0.76 3.06 -0.56
N VAL A 11 -0.54 3.28 -0.51
CA VAL A 11 -1.17 3.74 0.71
C VAL A 11 -1.77 2.50 1.33
N ILE A 12 -1.27 2.15 2.51
CA ILE A 12 -1.68 0.91 3.16
C ILE A 12 -2.34 1.17 4.53
N ASP A 13 -3.54 0.62 4.73
CA ASP A 13 -4.24 0.75 5.98
C ASP A 13 -4.95 -0.58 6.29
N GLY A 14 -5.22 -0.84 7.56
CA GLY A 14 -5.81 -2.11 8.02
C GLY A 14 -7.21 -2.49 7.51
N SER A 15 -8.07 -1.53 7.29
CA SER A 15 -9.42 -1.75 6.89
C SER A 15 -9.65 -0.94 5.67
N GLY A 16 -8.93 -1.34 4.69
CA GLY A 16 -9.03 -0.77 3.35
C GLY A 16 -7.70 -0.15 2.97
N ALA A 17 -7.46 -0.03 1.66
CA ALA A 17 -6.21 0.52 1.19
C ALA A 17 -6.40 1.22 -0.14
N LEU A 18 -5.59 2.26 -0.40
CA LEU A 18 -5.64 2.99 -1.67
C LEU A 18 -4.29 2.84 -2.37
N PHE A 19 -4.26 2.33 -3.60
CA PHE A 19 -2.95 2.21 -4.25
C PHE A 19 -2.83 3.13 -5.47
N GLY A 20 -1.91 4.09 -5.40
CA GLY A 20 -1.76 5.10 -6.46
C GLY A 20 -0.47 5.03 -7.25
N THR A 21 -0.37 5.94 -8.20
CA THR A 21 0.82 6.02 -9.04
C THR A 21 1.26 7.46 -9.26
N LEU A 22 2.56 7.66 -9.44
CA LEU A 22 3.09 9.00 -9.72
C LEU A 22 3.86 8.99 -11.05
N GLN A 23 3.48 9.88 -11.96
CA GLN A 23 4.19 10.02 -13.24
C GLN A 23 4.50 11.49 -13.48
N GLY A 24 5.78 11.82 -13.69
CA GLY A 24 6.13 13.22 -13.92
C GLY A 24 5.66 14.02 -12.71
N ASN A 25 5.03 15.16 -12.98
CA ASN A 25 4.45 15.94 -11.89
C ASN A 25 2.95 15.63 -11.86
N THR A 26 2.55 14.67 -12.71
CA THR A 26 1.14 14.27 -12.80
C THR A 26 0.82 13.20 -11.77
N ARG A 27 -0.46 13.07 -11.45
CA ARG A 27 -0.83 12.12 -10.41
C ARG A 27 -1.97 11.24 -10.88
N GLU A 28 -1.90 9.96 -10.50
CA GLU A 28 -2.90 8.99 -10.91
C GLU A 28 -3.28 8.03 -9.77
N VAL A 29 -4.42 7.39 -9.95
CA VAL A 29 -4.91 6.42 -8.97
C VAL A 29 -4.83 5.03 -9.59
N LEU A 30 -4.18 4.10 -8.88
CA LEU A 30 -4.04 2.74 -9.39
C LEU A 30 -5.20 1.85 -8.96
N HIS A 31 -5.43 1.75 -7.65
CA HIS A 31 -6.52 0.91 -7.18
C HIS A 31 -7.07 1.23 -5.80
N LYS A 32 -8.38 1.41 -5.78
CA LYS A 32 -9.11 1.73 -4.56
C LYS A 32 -9.92 0.52 -4.11
N PHE A 33 -9.87 0.27 -2.80
CA PHE A 33 -10.63 -0.86 -2.24
C PHE A 33 -10.87 -0.78 -0.73
N THR A 34 -11.81 -1.61 -0.32
CA THR A 34 -12.09 -1.83 1.10
C THR A 34 -12.08 -3.33 1.38
N VAL A 35 -11.33 -3.78 2.39
CA VAL A 35 -11.24 -5.23 2.64
C VAL A 35 -11.68 -5.63 4.04
N ASP A 36 -12.57 -6.62 4.14
CA ASP A 36 -13.03 -7.04 5.45
C ASP A 36 -12.02 -8.00 6.09
N LEU A 37 -11.46 -7.53 7.19
CA LEU A 37 -10.46 -8.27 8.00
C LEU A 37 -11.11 -9.63 8.48
N PRO A 38 -10.59 -10.35 9.50
CA PRO A 38 -11.06 -11.72 9.89
C PRO A 38 -12.40 -12.27 9.41
N LYS A 39 -12.46 -13.56 9.55
CA LYS A 39 -13.58 -14.40 9.12
C LYS A 39 -14.90 -14.17 9.83
N LYS A 40 -14.87 -13.99 11.13
CA LYS A 40 -16.11 -13.88 11.87
C LYS A 40 -16.68 -12.46 11.95
N HIS A 41 -17.62 -12.18 11.07
CA HIS A 41 -18.32 -10.90 11.11
C HIS A 41 -19.82 -11.14 10.97
N GLY A 42 -20.52 -10.90 12.07
CA GLY A 42 -21.97 -11.07 12.13
C GLY A 42 -22.31 -12.50 12.55
N ARG A 43 -21.27 -13.34 12.64
CA ARG A 43 -21.46 -14.73 13.07
C ARG A 43 -21.98 -14.77 14.50
N GLY A 44 -21.41 -13.91 15.31
CA GLY A 44 -21.74 -13.80 16.73
C GLY A 44 -20.77 -14.62 17.58
N GLY A 45 -19.96 -15.44 16.91
CA GLY A 45 -18.96 -16.24 17.62
C GLY A 45 -17.92 -15.33 18.26
N GLN A 46 -17.58 -14.27 17.53
CA GLN A 46 -16.60 -13.30 17.97
C GLN A 46 -17.30 -12.01 18.38
N SER A 47 -16.91 -11.45 19.53
CA SER A 47 -17.54 -10.23 20.01
C SER A 47 -17.31 -9.11 19.00
N ALA A 48 -18.21 -8.16 18.88
CA ALA A 48 -17.94 -7.08 17.93
C ALA A 48 -16.72 -6.28 18.38
N LEU A 49 -16.60 -6.02 19.69
CA LEU A 49 -15.44 -5.31 20.22
C LEU A 49 -14.17 -6.11 20.01
N ARG A 50 -14.29 -7.41 20.25
CA ARG A 50 -13.18 -8.33 20.11
C ARG A 50 -12.70 -8.42 18.69
N PHE A 51 -13.60 -8.37 17.73
CA PHE A 51 -13.16 -8.55 16.37
C PHE A 51 -12.14 -7.46 16.07
N ALA A 52 -12.43 -6.20 16.37
CA ALA A 52 -11.47 -5.17 16.06
C ALA A 52 -10.16 -5.38 16.86
N ARG A 53 -10.27 -5.77 18.13
CA ARG A 53 -9.08 -6.04 18.94
C ARG A 53 -8.34 -7.33 18.49
N LEU A 54 -9.14 -8.33 18.16
CA LEU A 54 -8.70 -9.68 17.76
C LEU A 54 -7.86 -9.69 16.47
N ARG A 55 -8.25 -8.93 15.48
CA ARG A 55 -7.58 -8.94 14.20
C ARG A 55 -6.10 -8.53 14.31
N MET A 56 -5.82 -7.52 15.11
CA MET A 56 -4.47 -6.91 15.10
C MET A 56 -3.37 -7.96 14.77
N GLU A 57 -3.46 -9.20 15.26
CA GLU A 57 -2.47 -10.23 14.87
C GLU A 57 -2.64 -10.56 13.37
N LYS A 58 -3.88 -10.59 12.96
CA LYS A 58 -4.36 -10.84 11.60
C LYS A 58 -3.96 -9.74 10.63
N ARG A 59 -3.44 -8.63 11.13
CA ARG A 59 -3.06 -7.52 10.28
C ARG A 59 -1.98 -7.98 9.29
N HIS A 60 -1.07 -8.81 9.78
CA HIS A 60 0.01 -9.30 8.95
C HIS A 60 -0.55 -10.05 7.75
N ASN A 61 -1.58 -10.86 7.96
CA ASN A 61 -2.18 -11.58 6.84
C ASN A 61 -2.78 -10.56 5.87
N TYR A 62 -3.37 -9.55 6.48
CA TYR A 62 -3.95 -8.46 5.70
C TYR A 62 -2.83 -7.79 4.88
N VAL A 63 -1.68 -7.49 5.52
CA VAL A 63 -0.55 -6.88 4.83
C VAL A 63 -0.01 -7.79 3.72
N ARG A 64 0.12 -9.10 3.98
CA ARG A 64 0.62 -9.99 2.91
C ARG A 64 -0.36 -9.91 1.74
N LYS A 65 -1.63 -9.94 2.09
CA LYS A 65 -2.68 -9.90 1.09
C LYS A 65 -2.53 -8.61 0.31
N VAL A 66 -2.26 -7.54 1.03
CA VAL A 66 -2.02 -6.27 0.38
C VAL A 66 -0.76 -6.39 -0.49
N ALA A 67 0.26 -7.04 0.05
CA ALA A 67 1.48 -7.23 -0.71
C ALA A 67 1.16 -8.08 -1.93
N GLU A 68 0.26 -9.04 -1.72
CA GLU A 68 -0.15 -9.91 -2.82
C GLU A 68 -0.86 -9.02 -3.83
N THR A 69 -1.62 -8.07 -3.33
CA THR A 69 -2.30 -7.12 -4.18
C THR A 69 -1.27 -6.28 -4.94
N ALA A 70 -0.19 -5.84 -4.26
CA ALA A 70 0.80 -4.98 -4.95
C ALA A 70 1.46 -5.72 -6.13
N VAL A 71 1.82 -6.99 -5.96
CA VAL A 71 2.49 -7.72 -7.04
C VAL A 71 1.59 -7.84 -8.26
N GLN A 72 0.32 -8.15 -8.02
CA GLN A 72 -0.63 -8.24 -9.10
C GLN A 72 -0.79 -6.87 -9.74
N LEU A 73 -0.84 -5.86 -8.88
CA LEU A 73 -0.93 -4.46 -9.31
C LEU A 73 0.31 -4.02 -10.09
N PHE A 74 1.49 -4.43 -9.62
CA PHE A 74 2.74 -3.94 -10.20
C PHE A 74 3.53 -4.94 -11.04
N ILE A 75 3.10 -6.17 -11.05
CA ILE A 75 3.74 -7.21 -11.86
C ILE A 75 2.70 -7.98 -12.69
N SER A 76 3.03 -8.31 -13.93
CA SER A 76 2.15 -9.15 -14.75
C SER A 76 2.96 -10.11 -15.53
N GLY A 77 2.48 -11.35 -15.67
CA GLY A 77 3.23 -12.31 -16.45
C GLY A 77 4.68 -12.34 -15.96
N ASP A 78 5.43 -11.41 -16.55
CA ASP A 78 6.84 -11.17 -16.24
C ASP A 78 7.13 -9.68 -16.41
N LYS A 79 6.04 -8.94 -16.51
CA LYS A 79 6.03 -7.50 -16.66
C LYS A 79 6.20 -6.85 -15.31
N VAL A 80 6.66 -5.60 -15.31
CA VAL A 80 6.67 -4.78 -14.12
C VAL A 80 5.91 -3.52 -14.51
N ASN A 81 4.95 -3.09 -13.71
CA ASN A 81 4.16 -1.92 -14.10
C ASN A 81 4.70 -0.62 -13.51
N VAL A 82 5.90 -0.66 -12.91
CA VAL A 82 6.46 0.56 -12.34
C VAL A 82 7.91 0.82 -12.68
N ALA A 83 8.22 2.11 -12.69
CA ALA A 83 9.57 2.60 -12.92
C ALA A 83 10.38 2.57 -11.64
N GLY A 84 9.73 2.34 -10.49
CA GLY A 84 10.39 2.31 -9.18
C GLY A 84 9.21 2.29 -8.18
N LEU A 85 9.45 2.22 -6.87
CA LEU A 85 8.31 2.19 -5.92
C LEU A 85 8.38 3.22 -4.79
N VAL A 86 7.19 3.74 -4.43
CA VAL A 86 7.06 4.65 -3.30
C VAL A 86 6.07 3.99 -2.32
N LEU A 87 6.44 3.86 -1.03
CA LEU A 87 5.57 3.21 -0.06
C LEU A 87 4.97 4.20 0.96
N ALA A 88 3.64 4.18 1.15
CA ALA A 88 3.01 5.09 2.14
C ALA A 88 2.03 4.38 3.09
N GLY A 89 2.15 4.71 4.39
CA GLY A 89 1.31 4.07 5.40
C GLY A 89 1.32 4.79 6.76
N SER A 90 0.35 4.41 7.62
CA SER A 90 0.23 4.97 8.98
C SER A 90 1.30 4.38 9.93
N ALA A 91 1.55 5.04 11.05
CA ALA A 91 2.53 4.57 12.05
C ALA A 91 3.86 4.10 11.42
N ASP A 92 4.29 4.80 10.39
CA ASP A 92 5.52 4.47 9.70
C ASP A 92 5.47 3.07 9.09
N PHE A 93 4.30 2.72 8.62
CA PHE A 93 4.08 1.39 8.06
C PHE A 93 4.99 1.13 6.88
N LYS A 94 5.14 2.10 5.97
CA LYS A 94 5.90 1.77 4.76
C LYS A 94 7.30 1.20 5.12
N THR A 95 7.97 1.90 5.97
CA THR A 95 9.28 1.46 6.41
C THR A 95 9.11 0.02 6.87
N GLU A 96 8.02 -0.20 7.60
CA GLU A 96 7.64 -1.53 8.06
C GLU A 96 7.25 -2.43 6.90
N LEU A 97 6.63 -1.85 5.87
CA LEU A 97 6.16 -2.66 4.75
C LEU A 97 7.35 -3.33 4.09
N SER A 98 8.49 -2.58 3.91
CA SER A 98 9.69 -3.20 3.29
C SER A 98 9.71 -4.63 3.78
N GLN A 99 10.45 -4.93 4.85
CA GLN A 99 10.45 -6.31 5.38
C GLN A 99 10.21 -7.33 4.26
N SER A 100 11.26 -7.87 3.72
CA SER A 100 11.11 -8.76 2.57
C SER A 100 10.26 -9.98 2.79
N ASP A 101 10.30 -10.60 3.95
CA ASP A 101 9.51 -11.80 4.07
C ASP A 101 8.00 -11.57 3.81
N MET A 102 7.38 -10.59 4.47
CA MET A 102 5.96 -10.35 4.18
C MET A 102 5.80 -9.80 2.75
N PHE A 103 6.64 -8.82 2.44
CA PHE A 103 6.62 -8.10 1.17
C PHE A 103 7.23 -8.98 0.12
N ASP A 104 7.03 -8.62 -1.12
CA ASP A 104 7.51 -9.46 -2.19
C ASP A 104 8.99 -9.35 -2.32
N GLN A 105 9.60 -10.41 -2.73
CA GLN A 105 11.01 -10.38 -2.94
C GLN A 105 11.29 -9.43 -4.09
N ARG A 106 10.44 -9.52 -5.13
CA ARG A 106 10.58 -8.71 -6.32
C ARG A 106 10.40 -7.21 -6.16
N LEU A 107 9.41 -6.71 -5.38
CA LEU A 107 9.29 -5.27 -5.32
C LEU A 107 10.54 -4.74 -4.69
N GLN A 108 10.97 -5.38 -3.61
CA GLN A 108 12.11 -4.86 -2.86
C GLN A 108 13.23 -4.40 -3.77
N SER A 109 13.36 -4.96 -4.95
CA SER A 109 14.43 -4.55 -5.85
C SER A 109 14.08 -3.22 -6.55
N LYS A 110 12.85 -2.76 -6.33
CA LYS A 110 12.36 -1.48 -6.88
C LYS A 110 12.16 -0.45 -5.75
N VAL A 111 12.80 -0.69 -4.61
CA VAL A 111 12.56 0.18 -3.46
C VAL A 111 13.20 1.57 -3.60
N LEU A 112 12.29 2.51 -3.83
CA LEU A 112 12.62 3.98 -4.00
C LEU A 112 12.45 4.97 -2.78
N LYS A 113 11.25 5.00 -2.15
CA LYS A 113 10.97 5.89 -0.99
C LYS A 113 9.88 5.37 -0.06
N LEU A 114 9.91 5.80 1.20
CA LEU A 114 8.85 5.50 2.17
C LEU A 114 8.39 6.86 2.73
N VAL A 115 7.09 7.20 2.73
CA VAL A 115 6.64 8.51 3.28
C VAL A 115 5.38 8.33 4.12
N ASP A 116 5.07 9.22 5.08
CA ASP A 116 3.84 9.09 5.88
C ASP A 116 2.68 9.63 5.07
N ILE A 117 1.45 9.58 5.58
CA ILE A 117 0.28 10.11 4.88
C ILE A 117 -0.42 11.07 5.85
N SER A 118 -1.00 12.17 5.38
CA SER A 118 -1.62 13.05 6.37
C SER A 118 -2.69 12.20 7.07
N TYR A 119 -3.47 11.50 6.28
CA TYR A 119 -4.46 10.59 6.81
C TYR A 119 -4.79 9.54 5.76
N GLY A 120 -5.26 8.36 6.16
CA GLY A 120 -5.68 7.33 5.22
C GLY A 120 -5.11 7.50 3.84
N GLY A 121 -6.02 7.50 2.85
CA GLY A 121 -5.61 7.58 1.47
C GLY A 121 -5.70 8.93 0.78
N GLU A 122 -6.84 9.27 0.19
CA GLU A 122 -6.89 10.48 -0.64
C GLU A 122 -6.16 11.70 -0.08
N ASN A 123 -6.56 12.25 1.04
CA ASN A 123 -5.86 13.45 1.47
C ASN A 123 -4.38 13.19 1.79
N GLY A 124 -4.09 12.07 2.43
CA GLY A 124 -2.69 11.72 2.71
C GLY A 124 -1.97 11.49 1.41
N PHE A 125 -2.69 10.83 0.53
CA PHE A 125 -2.20 10.47 -0.78
C PHE A 125 -1.82 11.71 -1.56
N ASN A 126 -2.69 12.72 -1.58
CA ASN A 126 -2.34 13.91 -2.31
C ASN A 126 -1.14 14.64 -1.71
N GLN A 127 -1.07 14.73 -0.36
CA GLN A 127 0.02 15.44 0.31
C GLN A 127 1.42 14.83 0.15
N ALA A 128 1.51 13.49 0.22
CA ALA A 128 2.84 12.86 0.16
C ALA A 128 3.48 13.13 -1.19
N ILE A 129 2.68 13.09 -2.21
CA ILE A 129 3.16 13.36 -3.56
C ILE A 129 3.61 14.81 -3.68
N GLU A 130 2.82 15.73 -3.15
CA GLU A 130 3.24 17.12 -3.31
C GLU A 130 4.59 17.18 -2.62
N LEU A 131 4.64 16.62 -1.42
CA LEU A 131 5.89 16.63 -0.65
C LEU A 131 6.96 15.88 -1.44
N SER A 132 6.58 14.76 -2.03
CA SER A 132 7.50 14.00 -2.88
C SER A 132 6.91 13.92 -4.28
N THR A 133 6.92 15.04 -5.01
CA THR A 133 6.50 15.10 -6.40
C THR A 133 7.74 15.31 -7.26
N GLU A 134 8.63 16.11 -6.67
CA GLU A 134 9.88 16.58 -7.28
C GLU A 134 11.04 15.60 -7.19
N VAL A 135 10.94 14.59 -6.34
CA VAL A 135 11.97 13.55 -6.21
C VAL A 135 11.57 12.37 -7.09
N LEU A 136 10.40 12.51 -7.68
CA LEU A 136 9.83 11.48 -8.54
C LEU A 136 9.31 12.10 -9.84
N LEU A 1 15.80 19.59 -19.14
CA LEU A 1 14.58 18.85 -18.68
C LEU A 1 14.93 17.37 -18.61
N SER A 2 14.07 16.59 -17.94
CA SER A 2 14.30 15.16 -17.81
C SER A 2 13.00 14.40 -18.10
N ASP A 3 13.13 13.18 -18.60
CA ASP A 3 11.97 12.36 -18.92
C ASP A 3 11.51 11.58 -17.69
N ASP A 4 10.30 11.88 -17.23
CA ASP A 4 9.74 11.22 -16.07
C ASP A 4 9.21 9.83 -16.42
N SER A 5 9.25 8.95 -15.42
CA SER A 5 8.77 7.58 -15.59
C SER A 5 7.87 7.25 -14.43
N LYS A 6 6.93 6.33 -14.62
CA LYS A 6 5.92 6.04 -13.62
C LYS A 6 6.46 5.31 -12.39
N PHE A 7 6.01 5.81 -11.24
CA PHE A 7 6.41 5.25 -9.95
C PHE A 7 5.21 4.77 -9.15
N GLY A 8 5.32 3.57 -8.62
CA GLY A 8 4.23 2.99 -7.86
C GLY A 8 4.02 3.75 -6.60
N PHE A 9 2.81 3.67 -6.10
CA PHE A 9 2.51 4.32 -4.85
C PHE A 9 1.59 3.38 -4.07
N ILE A 10 1.95 3.11 -2.84
CA ILE A 10 1.14 2.26 -1.98
C ILE A 10 0.68 3.07 -0.80
N VAL A 11 -0.62 3.03 -0.47
CA VAL A 11 -1.08 3.71 0.72
C VAL A 11 -1.64 2.58 1.57
N ILE A 12 -1.16 2.44 2.82
CA ILE A 12 -1.59 1.31 3.67
C ILE A 12 -2.20 1.69 5.01
N ASP A 13 -3.35 1.08 5.23
CA ASP A 13 -4.09 1.20 6.47
C ASP A 13 -4.68 -0.19 6.77
N GLY A 14 -4.91 -0.49 8.02
CA GLY A 14 -5.38 -1.80 8.46
C GLY A 14 -6.77 -2.22 7.96
N SER A 15 -7.66 -1.26 7.78
CA SER A 15 -9.01 -1.48 7.38
C SER A 15 -9.25 -0.70 6.14
N GLY A 16 -8.46 -1.03 5.16
CA GLY A 16 -8.57 -0.48 3.82
C GLY A 16 -7.26 0.14 3.33
N ALA A 17 -7.09 0.18 2.00
CA ALA A 17 -5.87 0.73 1.38
C ALA A 17 -6.14 1.31 -0.02
N LEU A 18 -5.34 2.30 -0.42
CA LEU A 18 -5.46 2.90 -1.75
C LEU A 18 -4.18 2.72 -2.54
N PHE A 19 -4.19 2.14 -3.76
CA PHE A 19 -2.92 2.03 -4.48
C PHE A 19 -2.84 2.92 -5.70
N GLY A 20 -1.95 3.90 -5.59
CA GLY A 20 -1.81 4.95 -6.60
C GLY A 20 -0.47 4.90 -7.31
N THR A 21 -0.28 5.84 -8.22
CA THR A 21 0.96 5.92 -8.97
C THR A 21 1.42 7.38 -9.05
N LEU A 22 2.72 7.60 -9.23
CA LEU A 22 3.27 8.95 -9.38
C LEU A 22 4.07 9.03 -10.67
N GLN A 23 3.69 9.96 -11.56
CA GLN A 23 4.44 10.15 -12.81
C GLN A 23 4.80 11.62 -12.97
N GLY A 24 6.09 11.92 -13.02
CA GLY A 24 6.51 13.29 -13.20
C GLY A 24 5.93 14.16 -12.09
N ASN A 25 5.33 15.27 -12.48
CA ASN A 25 4.73 16.19 -11.53
C ASN A 25 3.24 15.87 -11.34
N THR A 26 2.79 14.76 -11.91
CA THR A 26 1.37 14.40 -11.83
C THR A 26 1.17 12.98 -11.29
N ARG A 27 -0.04 12.73 -10.78
CA ARG A 27 -0.36 11.46 -10.15
C ARG A 27 -1.61 10.79 -10.72
N GLU A 28 -1.61 9.45 -10.62
CA GLU A 28 -2.69 8.63 -11.16
C GLU A 28 -3.17 7.59 -10.13
N VAL A 29 -4.37 7.09 -10.38
CA VAL A 29 -5.03 6.11 -9.52
C VAL A 29 -5.08 4.75 -10.22
N LEU A 30 -4.65 3.69 -9.53
CA LEU A 30 -4.70 2.35 -10.10
C LEU A 30 -5.85 1.53 -9.52
N HIS A 31 -6.01 1.59 -8.19
CA HIS A 31 -7.08 0.85 -7.52
C HIS A 31 -7.37 1.48 -6.16
N LYS A 32 -8.54 1.23 -5.59
CA LYS A 32 -8.84 1.74 -4.26
C LYS A 32 -9.57 0.61 -3.54
N PHE A 33 -9.42 0.47 -2.22
CA PHE A 33 -10.16 -0.62 -1.57
C PHE A 33 -10.42 -0.49 -0.07
N THR A 34 -11.35 -1.36 0.32
CA THR A 34 -11.68 -1.59 1.72
C THR A 34 -11.62 -3.10 1.96
N VAL A 35 -10.88 -3.55 2.98
CA VAL A 35 -10.72 -5.00 3.22
C VAL A 35 -11.14 -5.42 4.64
N ASP A 36 -11.97 -6.46 4.74
CA ASP A 36 -12.42 -6.91 6.05
C ASP A 36 -11.38 -7.83 6.72
N LEU A 37 -10.91 -7.35 7.87
CA LEU A 37 -9.94 -8.01 8.73
C LEU A 37 -10.58 -9.35 9.28
N PRO A 38 -10.11 -10.01 10.37
CA PRO A 38 -10.59 -11.36 10.82
C PRO A 38 -11.93 -11.87 10.30
N LYS A 39 -12.03 -13.17 10.37
CA LYS A 39 -13.18 -13.92 9.88
C LYS A 39 -14.52 -13.63 10.55
N LYS A 40 -14.54 -13.53 11.88
CA LYS A 40 -15.83 -13.35 12.57
C LYS A 40 -16.32 -11.92 12.57
N HIS A 41 -17.50 -11.70 11.99
CA HIS A 41 -18.12 -10.40 12.02
C HIS A 41 -19.60 -10.50 11.69
N GLY A 42 -20.41 -9.73 12.42
CA GLY A 42 -21.86 -9.70 12.22
C GLY A 42 -22.56 -10.90 12.87
N ARG A 43 -21.81 -11.69 13.64
CA ARG A 43 -22.37 -12.85 14.33
C ARG A 43 -21.24 -13.82 14.65
N GLY A 44 -20.94 -14.00 15.93
CA GLY A 44 -19.89 -14.95 16.29
C GLY A 44 -19.41 -14.81 17.73
N GLY A 45 -18.40 -15.61 18.04
CA GLY A 45 -17.77 -15.63 19.35
C GLY A 45 -17.12 -14.29 19.62
N GLN A 46 -16.59 -13.70 18.56
CA GLN A 46 -15.90 -12.43 18.64
C GLN A 46 -16.87 -11.28 18.77
N SER A 47 -16.62 -10.39 19.72
CA SER A 47 -17.47 -9.23 19.90
C SER A 47 -17.23 -8.29 18.74
N ALA A 48 -18.20 -7.48 18.35
CA ALA A 48 -17.91 -6.58 17.25
C ALA A 48 -16.82 -5.58 17.65
N LEU A 49 -16.90 -5.07 18.91
CA LEU A 49 -15.89 -4.15 19.43
C LEU A 49 -14.52 -4.81 19.55
N ARG A 50 -14.55 -6.05 20.05
CA ARG A 50 -13.34 -6.85 20.29
C ARG A 50 -12.66 -7.28 19.00
N PHE A 51 -13.40 -7.30 17.90
CA PHE A 51 -12.84 -7.76 16.66
C PHE A 51 -11.65 -6.86 16.28
N ALA A 52 -11.82 -5.55 16.33
CA ALA A 52 -10.70 -4.68 15.96
C ALA A 52 -9.49 -4.83 16.91
N ARG A 53 -9.73 -4.97 18.20
CA ARG A 53 -8.62 -5.17 19.14
C ARG A 53 -7.90 -6.49 18.88
N LEU A 54 -8.71 -7.51 18.62
CA LEU A 54 -8.29 -8.89 18.40
C LEU A 54 -7.41 -9.09 17.16
N ARG A 55 -7.76 -8.42 16.09
CA ARG A 55 -7.05 -8.59 14.83
C ARG A 55 -5.57 -8.21 14.90
N MET A 56 -5.26 -7.15 15.58
CA MET A 56 -3.91 -6.55 15.46
C MET A 56 -2.81 -7.62 15.20
N GLU A 57 -2.89 -8.84 15.73
CA GLU A 57 -1.90 -9.88 15.34
C GLU A 57 -2.08 -10.24 13.85
N LYS A 58 -3.37 -10.30 13.45
CA LYS A 58 -3.82 -10.59 12.08
C LYS A 58 -3.43 -9.47 11.10
N ARG A 59 -2.97 -8.36 11.62
CA ARG A 59 -2.60 -7.22 10.79
C ARG A 59 -1.50 -7.68 9.83
N HIS A 60 -0.62 -8.53 10.32
CA HIS A 60 0.48 -9.04 9.48
C HIS A 60 -0.11 -9.75 8.25
N ASN A 61 -1.17 -10.52 8.44
CA ASN A 61 -1.80 -11.21 7.30
C ASN A 61 -2.36 -10.16 6.35
N TYR A 62 -2.93 -9.13 6.96
CA TYR A 62 -3.52 -8.02 6.17
C TYR A 62 -2.37 -7.43 5.32
N VAL A 63 -1.22 -7.18 5.95
CA VAL A 63 -0.08 -6.62 5.25
C VAL A 63 0.36 -7.56 4.12
N ARG A 64 0.43 -8.87 4.38
CA ARG A 64 0.79 -9.81 3.32
C ARG A 64 -0.26 -9.72 2.21
N LYS A 65 -1.52 -9.63 2.63
CA LYS A 65 -2.64 -9.59 1.69
C LYS A 65 -2.45 -8.36 0.80
N VAL A 66 -2.09 -7.24 1.40
CA VAL A 66 -1.80 -6.03 0.64
C VAL A 66 -0.60 -6.29 -0.26
N ALA A 67 0.42 -6.95 0.28
CA ALA A 67 1.63 -7.24 -0.51
C ALA A 67 1.25 -8.13 -1.68
N GLU A 68 0.33 -9.04 -1.46
CA GLU A 68 -0.10 -9.93 -2.54
C GLU A 68 -0.78 -9.05 -3.58
N THR A 69 -1.55 -8.08 -3.11
CA THR A 69 -2.22 -7.13 -4.00
C THR A 69 -1.20 -6.31 -4.78
N ALA A 70 -0.12 -5.87 -4.12
CA ALA A 70 0.86 -5.02 -4.81
C ALA A 70 1.51 -5.76 -6.00
N VAL A 71 1.84 -7.04 -5.81
CA VAL A 71 2.47 -7.76 -6.91
C VAL A 71 1.51 -7.84 -8.09
N GLN A 72 0.25 -8.14 -7.80
CA GLN A 72 -0.74 -8.24 -8.85
C GLN A 72 -0.93 -6.87 -9.51
N LEU A 73 -0.99 -5.84 -8.68
CA LEU A 73 -1.15 -4.48 -9.21
C LEU A 73 0.06 -4.04 -10.07
N PHE A 74 1.28 -4.36 -9.62
CA PHE A 74 2.48 -3.98 -10.36
C PHE A 74 2.91 -5.05 -11.34
N ILE A 75 3.13 -6.25 -10.86
CA ILE A 75 3.58 -7.31 -11.74
C ILE A 75 2.41 -7.85 -12.56
N SER A 76 2.71 -8.04 -13.83
CA SER A 76 1.77 -8.65 -14.76
C SER A 76 2.51 -9.62 -15.62
N GLY A 77 1.85 -10.73 -15.97
CA GLY A 77 2.48 -11.75 -16.80
C GLY A 77 3.94 -11.93 -16.41
N ASP A 78 4.75 -11.03 -16.92
CA ASP A 78 6.20 -10.95 -16.68
C ASP A 78 6.60 -9.47 -16.74
N LYS A 79 5.54 -8.66 -16.79
CA LYS A 79 5.57 -7.22 -16.87
C LYS A 79 5.78 -6.64 -15.48
N VAL A 80 6.29 -5.42 -15.42
CA VAL A 80 6.32 -4.65 -14.20
C VAL A 80 5.63 -3.33 -14.55
N ASN A 81 4.66 -2.87 -13.77
CA ASN A 81 3.95 -1.63 -14.16
C ASN A 81 4.56 -0.37 -13.56
N VAL A 82 5.73 -0.45 -12.91
CA VAL A 82 6.32 0.75 -12.32
C VAL A 82 7.81 0.93 -12.60
N ALA A 83 8.18 2.22 -12.63
CA ALA A 83 9.57 2.64 -12.81
C ALA A 83 10.36 2.56 -11.49
N GLY A 84 9.65 2.38 -10.36
CA GLY A 84 10.28 2.27 -9.03
C GLY A 84 9.13 2.18 -8.02
N LEU A 85 9.41 2.02 -6.73
CA LEU A 85 8.32 1.89 -5.74
C LEU A 85 8.36 2.91 -4.59
N VAL A 86 7.18 3.50 -4.29
CA VAL A 86 7.04 4.45 -3.19
C VAL A 86 5.99 3.89 -2.20
N LEU A 87 6.34 3.80 -0.91
CA LEU A 87 5.44 3.21 0.08
C LEU A 87 4.89 4.26 1.07
N ALA A 88 3.56 4.32 1.26
CA ALA A 88 2.98 5.28 2.22
C ALA A 88 2.00 4.63 3.18
N GLY A 89 2.07 4.98 4.47
CA GLY A 89 1.17 4.37 5.44
C GLY A 89 1.19 5.11 6.77
N SER A 90 0.23 4.80 7.62
CA SER A 90 0.14 5.40 8.92
C SER A 90 1.21 4.82 9.86
N ALA A 91 1.54 5.58 10.90
CA ALA A 91 2.53 5.14 11.90
C ALA A 91 3.72 4.44 11.25
N ASP A 92 4.12 4.90 10.07
CA ASP A 92 5.23 4.31 9.34
C ASP A 92 4.99 2.84 9.04
N PHE A 93 3.73 2.52 8.76
CA PHE A 93 3.35 1.14 8.51
C PHE A 93 4.12 0.60 7.31
N LYS A 94 4.22 1.38 6.26
CA LYS A 94 4.85 0.84 5.05
C LYS A 94 6.25 0.34 5.40
N THR A 95 6.96 1.11 6.18
CA THR A 95 8.33 0.72 6.52
C THR A 95 8.24 -0.74 6.98
N GLU A 96 7.19 -1.07 7.71
CA GLU A 96 6.92 -2.47 8.11
C GLU A 96 6.57 -3.30 6.87
N LEU A 97 5.92 -2.71 5.88
CA LEU A 97 5.54 -3.45 4.68
C LEU A 97 6.79 -3.93 3.99
N SER A 98 7.86 -3.10 3.89
CA SER A 98 9.09 -3.56 3.22
C SER A 98 9.30 -5.00 3.67
N GLN A 99 10.13 -5.27 4.69
CA GLN A 99 10.24 -6.68 5.12
C GLN A 99 10.24 -7.63 3.91
N SER A 100 11.40 -8.00 3.44
CA SER A 100 11.49 -8.79 2.22
C SER A 100 10.82 -10.15 2.23
N ASP A 101 10.91 -10.93 3.28
CA ASP A 101 10.31 -12.23 3.17
C ASP A 101 8.80 -12.17 2.87
N MET A 102 8.05 -11.38 3.62
CA MET A 102 6.62 -11.32 3.30
C MET A 102 6.42 -10.69 1.92
N PHE A 103 7.16 -9.60 1.69
CA PHE A 103 7.04 -8.81 0.46
C PHE A 103 7.74 -9.57 -0.65
N ASP A 104 7.54 -9.12 -1.86
CA ASP A 104 8.11 -9.82 -3.00
C ASP A 104 9.58 -9.53 -3.12
N GLN A 105 10.26 -10.49 -3.67
CA GLN A 105 11.66 -10.31 -3.88
C GLN A 105 11.85 -9.20 -4.90
N ARG A 106 11.00 -9.19 -5.94
CA ARG A 106 11.06 -8.18 -6.99
C ARG A 106 10.75 -6.73 -6.60
N LEU A 107 9.74 -6.45 -5.77
CA LEU A 107 9.39 -5.09 -5.33
C LEU A 107 10.43 -4.49 -4.40
N GLN A 108 10.99 -5.37 -3.59
CA GLN A 108 11.98 -4.97 -2.58
C GLN A 108 13.19 -4.34 -3.26
N SER A 109 13.48 -4.83 -4.44
CA SER A 109 14.61 -4.34 -5.24
C SER A 109 14.27 -3.01 -5.94
N LYS A 110 13.02 -2.60 -5.82
CA LYS A 110 12.52 -1.35 -6.41
C LYS A 110 12.31 -0.30 -5.33
N VAL A 111 12.89 -0.54 -4.17
CA VAL A 111 12.63 0.35 -3.04
C VAL A 111 13.34 1.71 -3.16
N LEU A 112 12.48 2.69 -3.45
CA LEU A 112 12.86 4.15 -3.63
C LEU A 112 12.65 5.19 -2.43
N LYS A 113 11.40 5.27 -1.91
CA LYS A 113 11.05 6.19 -0.80
C LYS A 113 9.89 5.70 0.04
N LEU A 114 9.79 6.17 1.30
CA LEU A 114 8.65 5.86 2.15
C LEU A 114 8.15 7.22 2.72
N VAL A 115 6.85 7.53 2.65
CA VAL A 115 6.35 8.81 3.19
C VAL A 115 5.04 8.57 3.98
N ASP A 116 4.66 9.42 4.95
CA ASP A 116 3.41 9.22 5.69
C ASP A 116 2.27 9.74 4.84
N ILE A 117 1.02 9.66 5.31
CA ILE A 117 -0.13 10.15 4.55
C ILE A 117 -0.90 11.11 5.45
N SER A 118 -1.43 12.22 4.96
CA SER A 118 -2.13 13.08 5.92
C SER A 118 -3.25 12.23 6.53
N TYR A 119 -3.97 11.55 5.68
CA TYR A 119 -5.01 10.64 6.13
C TYR A 119 -5.26 9.59 5.06
N GLY A 120 -5.72 8.41 5.46
CA GLY A 120 -6.09 7.35 4.50
C GLY A 120 -5.39 7.47 3.16
N GLY A 121 -6.21 7.48 2.11
CA GLY A 121 -5.70 7.52 0.75
C GLY A 121 -5.70 8.89 0.08
N GLU A 122 -6.67 9.12 -0.79
CA GLU A 122 -6.73 10.34 -1.59
C GLU A 122 -6.03 11.58 -0.98
N ASN A 123 -6.57 12.19 0.06
CA ASN A 123 -5.91 13.43 0.51
C ASN A 123 -4.49 13.19 1.01
N GLY A 124 -4.28 12.12 1.76
CA GLY A 124 -2.92 11.80 2.21
C GLY A 124 -2.08 11.50 0.99
N PHE A 125 -2.72 10.78 0.11
CA PHE A 125 -2.09 10.35 -1.13
C PHE A 125 -1.67 11.54 -1.96
N ASN A 126 -2.56 12.52 -2.13
CA ASN A 126 -2.18 13.71 -2.90
C ASN A 126 -1.08 14.52 -2.21
N GLN A 127 -1.16 14.65 -0.88
CA GLN A 127 -0.18 15.44 -0.13
C GLN A 127 1.23 14.84 -0.17
N ALA A 128 1.31 13.53 -0.07
CA ALA A 128 2.61 12.89 -0.06
C ALA A 128 3.30 13.13 -1.38
N ILE A 129 2.53 13.11 -2.46
CA ILE A 129 3.11 13.33 -3.77
C ILE A 129 3.67 14.75 -3.90
N GLU A 130 2.90 15.74 -3.45
CA GLU A 130 3.41 17.12 -3.61
C GLU A 130 4.70 17.18 -2.80
N LEU A 131 4.61 16.68 -1.58
CA LEU A 131 5.76 16.73 -0.69
C LEU A 131 6.89 15.91 -1.32
N SER A 132 6.52 14.76 -1.88
CA SER A 132 7.48 13.91 -2.57
C SER A 132 7.06 13.81 -4.05
N THR A 133 7.16 14.92 -4.79
CA THR A 133 6.94 14.91 -6.23
C THR A 133 8.30 15.06 -6.92
N GLU A 134 9.08 15.91 -6.27
CA GLU A 134 10.44 16.32 -6.63
C GLU A 134 11.51 15.24 -6.51
N VAL A 135 11.28 14.25 -5.68
CA VAL A 135 12.19 13.13 -5.46
C VAL A 135 11.82 11.98 -6.41
N LEU A 136 10.71 12.19 -7.10
CA LEU A 136 10.20 11.21 -8.05
C LEU A 136 9.85 11.87 -9.38
N LEU A 1 8.93 19.13 -21.87
CA LEU A 1 8.28 18.10 -22.72
C LEU A 1 9.01 16.77 -22.56
N SER A 2 9.62 16.58 -21.39
CA SER A 2 10.34 15.35 -21.12
C SER A 2 9.34 14.24 -20.92
N ASP A 3 9.75 13.00 -21.18
CA ASP A 3 8.84 11.88 -21.03
C ASP A 3 9.03 11.21 -19.66
N ASP A 4 8.02 11.37 -18.81
CA ASP A 4 8.05 10.79 -17.49
C ASP A 4 7.66 9.32 -17.51
N SER A 5 8.00 8.62 -16.44
CA SER A 5 7.67 7.21 -16.33
C SER A 5 6.99 6.97 -15.00
N LYS A 6 6.15 5.96 -14.96
CA LYS A 6 5.31 5.70 -13.77
C LYS A 6 6.06 5.13 -12.58
N PHE A 7 5.71 5.72 -11.42
CA PHE A 7 6.23 5.29 -10.12
C PHE A 7 5.04 4.95 -9.22
N GLY A 8 5.09 3.79 -8.58
CA GLY A 8 4.00 3.36 -7.73
C GLY A 8 3.92 4.12 -6.46
N PHE A 9 2.77 4.03 -5.82
CA PHE A 9 2.60 4.65 -4.54
C PHE A 9 1.79 3.68 -3.70
N ILE A 10 2.22 3.29 -2.50
CA ILE A 10 1.40 2.35 -1.73
C ILE A 10 0.87 2.87 -0.39
N VAL A 11 -0.46 3.01 -0.37
CA VAL A 11 -1.13 3.49 0.85
C VAL A 11 -1.79 2.30 1.57
N ILE A 12 -1.34 2.02 2.79
CA ILE A 12 -1.84 0.88 3.59
C ILE A 12 -2.51 1.25 4.91
N ASP A 13 -3.70 0.70 5.10
CA ASP A 13 -4.43 0.87 6.32
C ASP A 13 -5.20 -0.44 6.60
N GLY A 14 -5.59 -0.64 7.85
CA GLY A 14 -6.22 -1.90 8.32
C GLY A 14 -7.58 -2.29 7.69
N SER A 15 -8.41 -1.31 7.36
CA SER A 15 -9.73 -1.57 6.83
C SER A 15 -9.86 -0.73 5.62
N GLY A 16 -9.09 -1.16 4.68
CA GLY A 16 -9.07 -0.60 3.33
C GLY A 16 -7.70 -0.02 2.99
N ALA A 17 -7.43 0.09 1.68
CA ALA A 17 -6.15 0.62 1.21
C ALA A 17 -6.33 1.31 -0.13
N LEU A 18 -5.51 2.33 -0.38
CA LEU A 18 -5.55 3.05 -1.65
C LEU A 18 -4.19 2.86 -2.33
N PHE A 19 -4.14 2.30 -3.52
CA PHE A 19 -2.83 2.15 -4.15
C PHE A 19 -2.73 3.05 -5.36
N GLY A 20 -1.86 4.05 -5.29
CA GLY A 20 -1.78 5.05 -6.34
C GLY A 20 -0.49 5.01 -7.12
N THR A 21 -0.44 5.91 -8.08
CA THR A 21 0.72 6.04 -8.92
C THR A 21 1.13 7.49 -9.08
N LEU A 22 2.41 7.69 -9.34
CA LEU A 22 2.92 9.03 -9.57
C LEU A 22 3.62 9.07 -10.91
N GLN A 23 3.13 9.90 -11.82
CA GLN A 23 3.77 10.03 -13.13
C GLN A 23 3.99 11.51 -13.44
N GLY A 24 5.24 11.91 -13.67
CA GLY A 24 5.53 13.31 -14.01
C GLY A 24 5.08 14.23 -12.88
N ASN A 25 4.48 15.35 -13.23
CA ASN A 25 4.03 16.32 -12.24
C ASN A 25 2.56 16.09 -11.86
N THR A 26 1.99 14.99 -12.36
CA THR A 26 0.59 14.68 -12.11
C THR A 26 0.43 13.39 -11.31
N ARG A 27 -0.75 13.21 -10.73
CA ARG A 27 -1.02 12.06 -9.89
C ARG A 27 -2.24 11.28 -10.36
N GLU A 28 -2.18 9.96 -10.17
CA GLU A 28 -3.23 9.05 -10.61
C GLU A 28 -3.56 8.01 -9.54
N VAL A 29 -4.72 7.38 -9.70
CA VAL A 29 -5.17 6.36 -8.76
C VAL A 29 -5.03 4.99 -9.44
N LEU A 30 -4.33 4.08 -8.77
CA LEU A 30 -4.13 2.74 -9.32
C LEU A 30 -5.25 1.79 -8.90
N HIS A 31 -5.44 1.64 -7.59
CA HIS A 31 -6.51 0.78 -7.10
C HIS A 31 -7.11 1.21 -5.76
N LYS A 32 -8.41 1.40 -5.79
CA LYS A 32 -9.15 1.81 -4.59
C LYS A 32 -9.96 0.64 -4.11
N PHE A 33 -9.93 0.41 -2.80
CA PHE A 33 -10.69 -0.68 -2.23
C PHE A 33 -10.93 -0.59 -0.74
N THR A 34 -11.85 -1.42 -0.34
CA THR A 34 -12.11 -1.67 1.06
C THR A 34 -12.03 -3.16 1.26
N VAL A 35 -11.26 -3.63 2.25
CA VAL A 35 -11.10 -5.07 2.41
C VAL A 35 -11.53 -5.56 3.78
N ASP A 36 -12.38 -6.58 3.80
CA ASP A 36 -12.86 -7.12 5.04
C ASP A 36 -11.89 -8.15 5.62
N LEU A 37 -11.44 -7.85 6.83
CA LEU A 37 -10.53 -8.70 7.61
C LEU A 37 -11.18 -10.13 7.74
N PRO A 38 -10.82 -11.05 8.67
CA PRO A 38 -11.31 -12.47 8.70
C PRO A 38 -12.57 -12.81 7.90
N LYS A 39 -12.70 -14.07 7.57
CA LYS A 39 -13.84 -14.55 6.78
C LYS A 39 -14.99 -15.16 7.58
N LYS A 40 -14.77 -15.42 8.84
CA LYS A 40 -15.83 -16.00 9.63
C LYS A 40 -16.83 -14.94 10.05
N HIS A 41 -18.09 -15.26 9.90
CA HIS A 41 -19.14 -14.33 10.23
C HIS A 41 -20.12 -14.96 11.20
N GLY A 42 -19.57 -15.80 12.07
CA GLY A 42 -20.37 -16.51 13.08
C GLY A 42 -20.72 -17.91 12.59
N ARG A 43 -20.40 -18.18 11.33
CA ARG A 43 -20.64 -19.49 10.75
C ARG A 43 -19.80 -20.52 11.51
N GLY A 44 -18.57 -20.13 11.81
CA GLY A 44 -17.62 -20.98 12.50
C GLY A 44 -17.79 -20.92 14.02
N GLY A 45 -16.89 -21.57 14.71
CA GLY A 45 -16.93 -21.65 16.17
C GLY A 45 -16.55 -20.32 16.79
N GLN A 46 -16.22 -19.35 15.93
CA GLN A 46 -15.84 -18.03 16.41
C GLN A 46 -17.10 -17.23 16.77
N SER A 47 -17.08 -16.61 17.95
CA SER A 47 -18.23 -15.82 18.39
C SER A 47 -18.29 -14.53 17.58
N ALA A 48 -19.47 -13.96 17.36
CA ALA A 48 -19.50 -12.73 16.60
C ALA A 48 -18.78 -11.61 17.35
N LEU A 49 -18.94 -11.54 18.67
CA LEU A 49 -18.28 -10.52 19.48
C LEU A 49 -16.75 -10.67 19.45
N ARG A 50 -16.31 -11.93 19.56
CA ARG A 50 -14.89 -12.26 19.54
C ARG A 50 -14.27 -12.01 18.20
N PHE A 51 -15.08 -11.94 17.16
CA PHE A 51 -14.55 -11.76 15.82
C PHE A 51 -13.77 -10.44 15.76
N ALA A 52 -14.36 -9.36 16.26
CA ALA A 52 -13.68 -8.07 16.19
C ALA A 52 -12.38 -8.11 17.02
N ARG A 53 -12.40 -8.76 18.18
CA ARG A 53 -11.19 -8.89 18.98
C ARG A 53 -10.15 -9.74 18.24
N LEU A 54 -10.65 -10.80 17.59
CA LEU A 54 -9.84 -11.81 16.88
C LEU A 54 -9.03 -11.28 15.68
N ARG A 55 -9.60 -10.40 14.86
CA ARG A 55 -8.88 -9.92 13.68
C ARG A 55 -7.58 -9.19 14.02
N MET A 56 -7.64 -8.39 15.05
CA MET A 56 -6.51 -7.50 15.36
C MET A 56 -5.15 -8.20 15.04
N GLU A 57 -5.04 -9.52 15.27
CA GLU A 57 -3.82 -10.28 14.91
C GLU A 57 -3.63 -10.35 13.39
N LYS A 58 -4.76 -10.48 12.72
CA LYS A 58 -4.88 -10.60 11.27
C LYS A 58 -4.40 -9.38 10.51
N ARG A 59 -3.94 -8.31 11.14
CA ARG A 59 -3.49 -7.18 10.35
C ARG A 59 -2.35 -7.64 9.46
N HIS A 60 -1.47 -8.46 10.03
CA HIS A 60 -0.33 -8.98 9.29
C HIS A 60 -0.80 -9.76 8.06
N ASN A 61 -1.83 -10.60 8.22
CA ASN A 61 -2.36 -11.36 7.07
C ASN A 61 -2.92 -10.36 6.06
N TYR A 62 -3.57 -9.37 6.62
CA TYR A 62 -4.16 -8.31 5.78
C TYR A 62 -3.01 -7.64 4.98
N VAL A 63 -1.89 -7.29 5.65
CA VAL A 63 -0.76 -6.65 5.00
C VAL A 63 -0.17 -7.58 3.92
N ARG A 64 0.00 -8.87 4.21
CA ARG A 64 0.54 -9.77 3.19
C ARG A 64 -0.41 -9.77 2.03
N LYS A 65 -1.69 -9.82 2.35
CA LYS A 65 -2.73 -9.86 1.33
C LYS A 65 -2.58 -8.60 0.50
N VAL A 66 -2.35 -7.47 1.16
CA VAL A 66 -2.08 -6.22 0.45
C VAL A 66 -0.79 -6.38 -0.36
N ALA A 67 0.24 -6.99 0.25
CA ALA A 67 1.51 -7.19 -0.45
C ALA A 67 1.31 -8.12 -1.65
N GLU A 68 0.45 -9.12 -1.49
CA GLU A 68 0.16 -10.04 -2.58
C GLU A 68 -0.54 -9.25 -3.68
N THR A 69 -1.39 -8.34 -3.25
CA THR A 69 -2.13 -7.48 -4.16
C THR A 69 -1.16 -6.57 -4.93
N ALA A 70 -0.15 -6.04 -4.25
CA ALA A 70 0.77 -5.11 -4.92
C ALA A 70 1.47 -5.81 -6.10
N VAL A 71 1.87 -7.06 -5.93
CA VAL A 71 2.58 -7.76 -7.00
C VAL A 71 1.70 -7.91 -8.24
N GLN A 72 0.44 -8.27 -8.04
CA GLN A 72 -0.47 -8.40 -9.18
C GLN A 72 -0.64 -7.03 -9.83
N LEU A 73 -0.76 -6.03 -8.97
CA LEU A 73 -0.90 -4.65 -9.41
C LEU A 73 0.33 -4.15 -10.16
N PHE A 74 1.53 -4.52 -9.65
CA PHE A 74 2.77 -3.99 -10.23
C PHE A 74 3.59 -4.97 -11.07
N ILE A 75 3.19 -6.21 -11.07
CA ILE A 75 3.85 -7.23 -11.88
C ILE A 75 2.85 -7.99 -12.74
N SER A 76 3.22 -8.28 -13.98
CA SER A 76 2.35 -9.11 -14.82
C SER A 76 3.19 -10.06 -15.61
N GLY A 77 2.74 -11.30 -15.76
CA GLY A 77 3.52 -12.25 -16.54
C GLY A 77 4.96 -12.24 -16.06
N ASP A 78 5.68 -11.29 -16.63
CA ASP A 78 7.10 -11.03 -16.34
C ASP A 78 7.37 -9.54 -16.48
N LYS A 79 6.27 -8.81 -16.56
CA LYS A 79 6.25 -7.37 -16.68
C LYS A 79 6.40 -6.77 -15.30
N VAL A 80 6.88 -5.54 -15.24
CA VAL A 80 6.85 -4.77 -14.00
C VAL A 80 6.11 -3.48 -14.36
N ASN A 81 5.12 -3.07 -13.60
CA ASN A 81 4.37 -1.88 -13.97
C ASN A 81 4.87 -0.61 -13.30
N VAL A 82 6.04 -0.68 -12.65
CA VAL A 82 6.58 0.50 -11.97
C VAL A 82 7.99 0.86 -12.37
N ALA A 83 8.18 2.14 -12.56
CA ALA A 83 9.49 2.67 -12.85
C ALA A 83 10.32 2.68 -11.56
N GLY A 84 9.66 2.47 -10.40
CA GLY A 84 10.30 2.41 -9.09
C GLY A 84 9.14 2.39 -8.07
N LEU A 85 9.41 2.26 -6.76
CA LEU A 85 8.29 2.23 -5.79
C LEU A 85 8.41 3.23 -4.63
N VAL A 86 7.25 3.75 -4.22
CA VAL A 86 7.16 4.65 -3.06
C VAL A 86 6.20 3.98 -2.07
N LEU A 87 6.59 3.83 -0.80
CA LEU A 87 5.73 3.16 0.19
C LEU A 87 5.15 4.15 1.19
N ALA A 88 3.80 4.14 1.39
CA ALA A 88 3.22 5.06 2.37
C ALA A 88 2.22 4.35 3.30
N GLY A 89 2.31 4.66 4.59
CA GLY A 89 1.43 4.00 5.55
C GLY A 89 1.36 4.64 6.93
N SER A 90 0.35 4.22 7.68
CA SER A 90 0.14 4.68 9.05
C SER A 90 1.14 4.04 9.99
N ALA A 91 1.36 4.67 11.15
CA ALA A 91 2.31 4.14 12.13
C ALA A 91 3.59 3.65 11.48
N ASP A 92 3.94 4.28 10.37
CA ASP A 92 5.12 3.92 9.60
C ASP A 92 5.04 2.47 9.10
N PHE A 93 3.84 2.09 8.68
CA PHE A 93 3.60 0.73 8.19
C PHE A 93 4.47 0.47 6.97
N LYS A 94 4.53 1.45 6.07
CA LYS A 94 5.30 1.28 4.82
C LYS A 94 6.72 0.87 5.21
N THR A 95 7.23 1.58 6.16
CA THR A 95 8.60 1.35 6.57
C THR A 95 8.66 -0.12 7.00
N GLU A 96 7.65 -0.53 7.74
CA GLU A 96 7.48 -1.93 8.15
C GLU A 96 7.15 -2.82 6.95
N LEU A 97 6.44 -2.28 5.97
CA LEU A 97 6.01 -3.11 4.87
C LEU A 97 7.19 -3.66 4.15
N SER A 98 8.27 -2.86 3.93
CA SER A 98 9.47 -3.41 3.26
C SER A 98 9.59 -4.84 3.70
N GLN A 99 10.43 -5.15 4.69
CA GLN A 99 10.53 -6.55 5.17
C GLN A 99 10.30 -7.59 4.02
N SER A 100 11.32 -8.23 3.54
CA SER A 100 11.11 -9.11 2.39
C SER A 100 10.18 -10.34 2.62
N ASP A 101 9.93 -10.78 3.87
CA ASP A 101 9.09 -11.98 4.06
C ASP A 101 7.61 -11.82 3.59
N MET A 102 7.01 -10.67 3.85
CA MET A 102 5.65 -10.43 3.36
C MET A 102 5.75 -9.78 2.00
N PHE A 103 6.60 -8.77 1.97
CA PHE A 103 6.81 -7.97 0.80
C PHE A 103 7.58 -8.80 -0.19
N ASP A 104 7.39 -8.49 -1.42
CA ASP A 104 7.96 -9.29 -2.48
C ASP A 104 9.43 -9.07 -2.63
N GLN A 105 10.06 -10.11 -3.10
CA GLN A 105 11.46 -10.03 -3.38
C GLN A 105 11.61 -9.02 -4.51
N ARG A 106 10.70 -9.09 -5.50
CA ARG A 106 10.74 -8.20 -6.64
C ARG A 106 10.53 -6.71 -6.37
N LEU A 107 9.57 -6.30 -5.51
CA LEU A 107 9.32 -4.89 -5.16
C LEU A 107 10.44 -4.31 -4.34
N GLN A 108 10.97 -5.18 -3.49
CA GLN A 108 12.03 -4.78 -2.57
C GLN A 108 13.20 -4.24 -3.36
N SER A 109 13.40 -4.79 -4.54
CA SER A 109 14.49 -4.37 -5.44
C SER A 109 14.19 -3.07 -6.18
N LYS A 110 12.96 -2.56 -6.02
CA LYS A 110 12.52 -1.32 -6.65
C LYS A 110 12.28 -0.28 -5.57
N VAL A 111 12.96 -0.44 -4.45
CA VAL A 111 12.67 0.45 -3.33
C VAL A 111 13.34 1.84 -3.50
N LEU A 112 12.44 2.76 -3.81
CA LEU A 112 12.76 4.23 -4.02
C LEU A 112 12.60 5.25 -2.82
N LYS A 113 11.40 5.26 -2.19
CA LYS A 113 11.12 6.17 -1.06
C LYS A 113 10.10 5.61 -0.08
N LEU A 114 10.20 6.01 1.19
CA LEU A 114 9.24 5.63 2.22
C LEU A 114 8.71 6.95 2.82
N VAL A 115 7.40 7.23 2.83
CA VAL A 115 6.90 8.50 3.40
C VAL A 115 5.64 8.27 4.26
N ASP A 116 5.32 9.15 5.23
CA ASP A 116 4.09 9.02 6.05
C ASP A 116 2.93 9.57 5.22
N ILE A 117 1.68 9.58 5.70
CA ILE A 117 0.57 10.11 4.94
C ILE A 117 -0.15 11.11 5.85
N SER A 118 -0.67 12.24 5.34
CA SER A 118 -1.32 13.15 6.31
C SER A 118 -2.44 12.36 6.97
N TYR A 119 -3.21 11.66 6.15
CA TYR A 119 -4.24 10.78 6.63
C TYR A 119 -4.54 9.74 5.57
N GLY A 120 -5.07 8.59 5.98
CA GLY A 120 -5.49 7.56 5.04
C GLY A 120 -4.90 7.67 3.65
N GLY A 121 -5.80 7.52 2.68
CA GLY A 121 -5.47 7.55 1.26
C GLY A 121 -5.46 8.93 0.61
N GLU A 122 -6.39 9.07 -0.34
CA GLU A 122 -6.50 10.25 -1.19
C GLU A 122 -5.89 11.55 -0.64
N ASN A 123 -6.41 12.14 0.42
CA ASN A 123 -5.81 13.40 0.85
C ASN A 123 -4.36 13.23 1.32
N GLY A 124 -4.08 12.16 2.07
CA GLY A 124 -2.69 11.90 2.50
C GLY A 124 -1.85 11.60 1.28
N PHE A 125 -2.50 10.87 0.42
CA PHE A 125 -1.91 10.39 -0.80
C PHE A 125 -1.48 11.57 -1.67
N ASN A 126 -2.34 12.58 -1.80
CA ASN A 126 -1.98 13.76 -2.61
C ASN A 126 -0.79 14.52 -1.99
N GLN A 127 -0.74 14.68 -0.66
CA GLN A 127 0.34 15.42 -0.01
C GLN A 127 1.71 14.76 -0.19
N ALA A 128 1.74 13.44 -0.12
CA ALA A 128 3.01 12.71 -0.26
C ALA A 128 3.59 12.96 -1.63
N ILE A 129 2.74 13.04 -2.63
CA ILE A 129 3.17 13.29 -3.99
C ILE A 129 3.77 14.70 -4.07
N GLU A 130 3.08 15.63 -3.42
CA GLU A 130 3.56 17.03 -3.49
C GLU A 130 4.97 17.02 -2.91
N LEU A 131 5.11 16.32 -1.81
CA LEU A 131 6.39 16.29 -1.11
C LEU A 131 7.43 15.67 -2.06
N SER A 132 7.06 14.62 -2.78
CA SER A 132 7.94 14.04 -3.80
C SER A 132 7.14 14.08 -5.09
N THR A 133 7.00 15.26 -5.68
CA THR A 133 6.29 15.40 -6.95
C THR A 133 7.26 15.76 -8.03
N GLU A 134 8.25 16.55 -7.64
CA GLU A 134 9.17 17.08 -8.60
C GLU A 134 9.99 15.99 -9.20
N VAL A 135 10.47 15.08 -8.41
CA VAL A 135 11.36 14.00 -8.86
C VAL A 135 10.64 12.72 -9.28
N LEU A 136 9.31 12.75 -9.31
CA LEU A 136 8.56 11.56 -9.68
C LEU A 136 7.52 11.89 -10.74
N LEU A 1 15.85 13.80 -16.63
CA LEU A 1 14.81 12.91 -17.18
C LEU A 1 13.64 13.74 -17.68
N SER A 2 13.78 14.26 -18.89
CA SER A 2 12.73 15.08 -19.48
C SER A 2 11.45 14.26 -19.61
N ASP A 3 11.60 13.01 -20.04
CA ASP A 3 10.45 12.13 -20.19
C ASP A 3 10.21 11.39 -18.87
N ASP A 4 9.08 11.69 -18.22
CA ASP A 4 8.75 11.06 -16.96
C ASP A 4 8.18 9.66 -17.20
N SER A 5 8.37 8.81 -16.18
CA SER A 5 7.90 7.42 -16.23
C SER A 5 7.13 7.14 -14.96
N LYS A 6 6.18 6.20 -15.02
CA LYS A 6 5.28 5.96 -13.91
C LYS A 6 5.99 5.29 -12.72
N PHE A 7 5.66 5.81 -11.52
CA PHE A 7 6.23 5.31 -10.26
C PHE A 7 5.15 4.88 -9.28
N GLY A 8 5.34 3.70 -8.67
CA GLY A 8 4.38 3.15 -7.72
C GLY A 8 4.25 3.93 -6.44
N PHE A 9 3.05 3.88 -5.88
CA PHE A 9 2.78 4.54 -4.64
C PHE A 9 1.86 3.64 -3.83
N ILE A 10 2.18 3.30 -2.58
CA ILE A 10 1.24 2.46 -1.83
C ILE A 10 0.73 3.05 -0.52
N VAL A 11 -0.55 3.39 -0.52
CA VAL A 11 -1.19 3.92 0.68
C VAL A 11 -1.97 2.76 1.28
N ILE A 12 -1.60 2.39 2.52
CA ILE A 12 -2.22 1.24 3.16
C ILE A 12 -2.77 1.46 4.57
N ASP A 13 -3.93 0.87 4.79
CA ASP A 13 -4.56 0.87 6.09
C ASP A 13 -5.17 -0.51 6.32
N GLY A 14 -5.34 -0.85 7.58
CA GLY A 14 -5.83 -2.17 8.01
C GLY A 14 -7.26 -2.53 7.58
N SER A 15 -8.12 -1.55 7.48
CA SER A 15 -9.49 -1.72 7.11
C SER A 15 -9.65 -0.92 5.89
N GLY A 16 -8.95 -1.39 4.91
CA GLY A 16 -8.98 -0.86 3.54
C GLY A 16 -7.62 -0.30 3.14
N ALA A 17 -7.37 -0.25 1.84
CA ALA A 17 -6.10 0.25 1.34
C ALA A 17 -6.26 0.94 -0.04
N LEU A 18 -5.48 1.99 -0.28
CA LEU A 18 -5.53 2.71 -1.57
C LEU A 18 -4.16 2.61 -2.24
N PHE A 19 -4.09 2.13 -3.49
CA PHE A 19 -2.77 2.04 -4.14
C PHE A 19 -2.69 2.98 -5.32
N GLY A 20 -1.81 3.96 -5.22
CA GLY A 20 -1.69 4.98 -6.25
C GLY A 20 -0.39 4.91 -7.02
N THR A 21 -0.27 5.83 -7.95
CA THR A 21 0.94 5.93 -8.76
C THR A 21 1.33 7.38 -8.99
N LEU A 22 2.63 7.62 -9.25
CA LEU A 22 3.14 8.99 -9.51
C LEU A 22 3.81 9.05 -10.88
N GLN A 23 3.32 9.94 -11.74
CA GLN A 23 3.93 10.12 -13.05
C GLN A 23 4.22 11.61 -13.27
N GLY A 24 5.47 11.96 -13.48
CA GLY A 24 5.83 13.35 -13.72
C GLY A 24 5.41 14.21 -12.53
N ASN A 25 4.77 15.35 -12.82
CA ASN A 25 4.33 16.27 -11.76
C ASN A 25 2.89 15.99 -11.30
N THR A 26 2.32 14.90 -11.78
CA THR A 26 0.95 14.54 -11.44
C THR A 26 0.86 13.10 -10.95
N ARG A 27 -0.21 12.75 -10.22
CA ARG A 27 -0.38 11.38 -9.73
C ARG A 27 -1.78 10.87 -10.05
N GLU A 28 -1.90 9.58 -10.31
CA GLU A 28 -3.20 8.97 -10.58
C GLU A 28 -3.46 7.80 -9.62
N VAL A 29 -4.67 7.72 -9.13
CA VAL A 29 -5.06 6.64 -8.22
C VAL A 29 -5.11 5.35 -9.00
N LEU A 30 -4.53 4.27 -8.47
CA LEU A 30 -4.53 3.00 -9.18
C LEU A 30 -5.59 2.01 -8.67
N HIS A 31 -5.65 1.75 -7.35
CA HIS A 31 -6.68 0.82 -6.87
C HIS A 31 -7.23 1.14 -5.49
N LYS A 32 -8.54 1.31 -5.47
CA LYS A 32 -9.25 1.64 -4.24
C LYS A 32 -10.10 0.46 -3.79
N PHE A 33 -10.06 0.20 -2.49
CA PHE A 33 -10.85 -0.88 -1.93
C PHE A 33 -11.01 -0.83 -0.40
N THR A 34 -11.93 -1.67 0.05
CA THR A 34 -12.12 -1.90 1.48
C THR A 34 -12.07 -3.40 1.75
N VAL A 35 -11.27 -3.88 2.72
CA VAL A 35 -11.16 -5.32 2.94
C VAL A 35 -11.56 -5.76 4.34
N ASP A 36 -12.45 -6.75 4.41
CA ASP A 36 -12.88 -7.26 5.68
C ASP A 36 -11.88 -8.31 6.19
N LEU A 37 -11.23 -7.96 7.28
CA LEU A 37 -10.23 -8.79 7.93
C LEU A 37 -10.84 -10.19 8.31
N PRO A 38 -10.29 -11.03 9.21
CA PRO A 38 -10.74 -12.44 9.43
C PRO A 38 -12.11 -12.88 8.89
N LYS A 39 -12.15 -14.15 8.66
CA LYS A 39 -13.29 -14.87 8.09
C LYS A 39 -14.56 -14.86 8.94
N LYS A 40 -14.40 -15.12 10.23
CA LYS A 40 -15.57 -15.22 11.10
C LYS A 40 -16.20 -13.86 11.33
N HIS A 41 -17.49 -13.79 11.13
CA HIS A 41 -18.24 -12.55 11.31
C HIS A 41 -19.27 -12.70 12.44
N GLY A 42 -18.95 -13.61 13.37
CA GLY A 42 -19.78 -13.89 14.52
C GLY A 42 -20.64 -15.14 14.32
N ARG A 43 -20.75 -15.59 13.08
CA ARG A 43 -21.48 -16.83 12.80
C ARG A 43 -20.76 -18.00 13.46
N GLY A 44 -19.44 -17.93 13.36
CA GLY A 44 -18.52 -18.94 13.87
C GLY A 44 -18.18 -18.77 15.35
N GLY A 45 -17.13 -19.49 15.73
CA GLY A 45 -16.61 -19.52 17.08
C GLY A 45 -16.14 -18.14 17.52
N GLN A 46 -15.61 -17.36 16.58
CA GLN A 46 -15.10 -16.04 16.91
C GLN A 46 -16.26 -15.10 17.20
N SER A 47 -16.16 -14.39 18.32
CA SER A 47 -17.21 -13.47 18.73
C SER A 47 -17.21 -12.24 17.83
N ALA A 48 -18.36 -11.61 17.61
CA ALA A 48 -18.35 -10.43 16.77
C ALA A 48 -17.52 -9.34 17.46
N LEU A 49 -17.68 -9.24 18.78
CA LEU A 49 -16.93 -8.27 19.57
C LEU A 49 -15.43 -8.55 19.50
N ARG A 50 -15.12 -9.84 19.59
CA ARG A 50 -13.73 -10.33 19.57
C ARG A 50 -13.06 -10.11 18.21
N PHE A 51 -13.85 -9.93 17.17
CA PHE A 51 -13.27 -9.78 15.85
C PHE A 51 -12.35 -8.56 15.83
N ALA A 52 -12.79 -7.42 16.34
CA ALA A 52 -11.90 -6.28 16.28
C ALA A 52 -10.61 -6.54 17.10
N ARG A 53 -10.75 -7.16 18.28
CA ARG A 53 -9.56 -7.48 19.08
C ARG A 53 -8.73 -8.63 18.47
N LEU A 54 -9.45 -9.63 17.98
CA LEU A 54 -8.85 -10.86 17.42
C LEU A 54 -7.98 -10.65 16.16
N ARG A 55 -8.44 -9.82 15.25
CA ARG A 55 -7.73 -9.63 13.99
C ARG A 55 -6.32 -9.07 14.14
N MET A 56 -6.17 -8.11 15.03
CA MET A 56 -4.91 -7.36 15.10
C MET A 56 -3.68 -8.29 14.81
N GLU A 57 -3.69 -9.54 15.26
CA GLU A 57 -2.58 -10.48 14.90
C GLU A 57 -2.62 -10.80 13.40
N LYS A 58 -3.85 -10.92 12.92
CA LYS A 58 -4.20 -11.21 11.53
C LYS A 58 -3.80 -10.09 10.60
N ARG A 59 -3.31 -8.96 11.12
CA ARG A 59 -2.93 -7.86 10.26
C ARG A 59 -1.81 -8.30 9.31
N HIS A 60 -0.89 -9.10 9.82
CA HIS A 60 0.22 -9.57 9.01
C HIS A 60 -0.30 -10.34 7.80
N ASN A 61 -1.31 -11.19 8.01
CA ASN A 61 -1.88 -11.95 6.87
C ASN A 61 -2.48 -10.94 5.88
N TYR A 62 -3.11 -9.95 6.47
CA TYR A 62 -3.71 -8.85 5.68
C TYR A 62 -2.57 -8.18 4.88
N VAL A 63 -1.44 -7.88 5.55
CA VAL A 63 -0.30 -7.25 4.89
C VAL A 63 0.26 -8.16 3.78
N ARG A 64 0.39 -9.46 4.03
CA ARG A 64 0.89 -10.35 2.98
C ARG A 64 -0.10 -10.26 1.81
N LYS A 65 -1.37 -10.30 2.17
CA LYS A 65 -2.44 -10.23 1.17
C LYS A 65 -2.28 -8.92 0.42
N VAL A 66 -2.00 -7.86 1.16
CA VAL A 66 -1.74 -6.55 0.54
C VAL A 66 -0.51 -6.67 -0.35
N ALA A 67 0.53 -7.33 0.15
CA ALA A 67 1.75 -7.50 -0.60
C ALA A 67 1.47 -8.30 -1.86
N GLU A 68 0.60 -9.29 -1.74
CA GLU A 68 0.25 -10.13 -2.89
C GLU A 68 -0.48 -9.26 -3.90
N THR A 69 -1.31 -8.35 -3.38
CA THR A 69 -2.07 -7.41 -4.18
C THR A 69 -1.13 -6.46 -4.95
N ALA A 70 -0.08 -5.95 -4.30
CA ALA A 70 0.81 -5.00 -4.95
C ALA A 70 1.48 -5.65 -6.18
N VAL A 71 1.90 -6.91 -6.08
CA VAL A 71 2.59 -7.57 -7.17
C VAL A 71 1.70 -7.70 -8.39
N GLN A 72 0.44 -8.05 -8.19
CA GLN A 72 -0.49 -8.17 -9.30
C GLN A 72 -0.68 -6.79 -9.91
N LEU A 73 -0.74 -5.81 -9.04
CA LEU A 73 -0.87 -4.42 -9.44
C LEU A 73 0.35 -3.90 -10.22
N PHE A 74 1.54 -4.29 -9.76
CA PHE A 74 2.78 -3.79 -10.36
C PHE A 74 3.58 -4.79 -11.18
N ILE A 75 3.16 -6.03 -11.17
CA ILE A 75 3.80 -7.09 -11.95
C ILE A 75 2.75 -7.87 -12.76
N SER A 76 3.09 -8.24 -13.98
CA SER A 76 2.18 -9.07 -14.77
C SER A 76 2.96 -10.08 -15.53
N GLY A 77 2.47 -11.31 -15.62
CA GLY A 77 3.19 -12.30 -16.37
C GLY A 77 4.65 -12.31 -15.90
N ASP A 78 5.40 -11.43 -16.53
CA ASP A 78 6.83 -11.21 -16.26
C ASP A 78 7.13 -9.72 -16.46
N LYS A 79 6.07 -8.96 -16.54
CA LYS A 79 6.07 -7.52 -16.72
C LYS A 79 6.29 -6.85 -15.37
N VAL A 80 6.79 -5.62 -15.39
CA VAL A 80 6.84 -4.80 -14.20
C VAL A 80 6.12 -3.50 -14.59
N ASN A 81 5.18 -3.02 -13.80
CA ASN A 81 4.43 -1.82 -14.20
C ASN A 81 4.96 -0.55 -13.56
N VAL A 82 6.14 -0.60 -12.96
CA VAL A 82 6.67 0.62 -12.32
C VAL A 82 8.15 0.90 -12.61
N ALA A 83 8.43 2.20 -12.53
CA ALA A 83 9.76 2.78 -12.70
C ALA A 83 10.41 2.87 -11.31
N GLY A 84 9.69 2.31 -10.35
CA GLY A 84 10.11 2.26 -8.96
C GLY A 84 8.87 2.29 -8.05
N LEU A 85 9.07 2.11 -6.74
CA LEU A 85 7.96 2.10 -5.81
C LEU A 85 8.14 3.03 -4.62
N VAL A 86 7.03 3.61 -4.18
CA VAL A 86 7.00 4.45 -3.01
C VAL A 86 5.98 3.84 -2.03
N LEU A 87 6.36 3.61 -0.78
CA LEU A 87 5.44 3.01 0.19
C LEU A 87 4.91 4.04 1.16
N ALA A 88 3.57 4.09 1.33
CA ALA A 88 2.98 5.04 2.26
C ALA A 88 1.96 4.36 3.18
N GLY A 89 2.05 4.69 4.48
CA GLY A 89 1.15 4.05 5.45
C GLY A 89 1.10 4.76 6.81
N SER A 90 0.06 4.39 7.58
CA SER A 90 -0.16 4.92 8.94
C SER A 90 0.81 4.27 9.94
N ALA A 91 0.98 4.92 11.09
CA ALA A 91 1.87 4.36 12.12
C ALA A 91 3.19 3.86 11.51
N ASP A 92 3.61 4.57 10.47
CA ASP A 92 4.83 4.21 9.75
C ASP A 92 4.72 2.83 9.13
N PHE A 93 3.54 2.53 8.62
CA PHE A 93 3.28 1.22 8.01
C PHE A 93 4.21 1.03 6.84
N LYS A 94 4.36 2.06 6.04
CA LYS A 94 5.22 1.97 4.86
C LYS A 94 6.60 1.47 5.31
N THR A 95 7.03 2.09 6.37
CA THR A 95 8.35 1.77 6.92
C THR A 95 8.31 0.26 7.27
N GLU A 96 7.25 -0.18 7.91
CA GLU A 96 7.01 -1.58 8.22
C GLU A 96 6.76 -2.40 6.96
N LEU A 97 6.14 -1.79 5.98
CA LEU A 97 5.76 -2.50 4.77
C LEU A 97 6.98 -3.05 4.11
N SER A 98 8.08 -2.26 4.04
CA SER A 98 9.30 -2.78 3.41
C SER A 98 9.43 -4.20 3.92
N GLN A 99 10.27 -4.49 4.92
CA GLN A 99 10.35 -5.89 5.40
C GLN A 99 10.21 -6.88 4.22
N SER A 100 11.33 -7.33 3.68
CA SER A 100 11.28 -8.17 2.48
C SER A 100 10.54 -9.48 2.60
N ASP A 101 10.67 -10.22 3.67
CA ASP A 101 9.99 -11.50 3.68
C ASP A 101 8.46 -11.34 3.51
N MET A 102 7.82 -10.46 4.30
CA MET A 102 6.35 -10.34 4.12
C MET A 102 6.07 -9.80 2.72
N PHE A 103 6.84 -8.77 2.36
CA PHE A 103 6.72 -8.08 1.09
C PHE A 103 7.29 -8.95 -0.01
N ASP A 104 6.99 -8.60 -1.23
CA ASP A 104 7.42 -9.42 -2.34
C ASP A 104 8.91 -9.35 -2.44
N GLN A 105 9.47 -10.45 -2.83
CA GLN A 105 10.87 -10.46 -3.04
C GLN A 105 11.15 -9.54 -4.23
N ARG A 106 10.27 -9.63 -5.24
CA ARG A 106 10.38 -8.83 -6.45
C ARG A 106 10.22 -7.33 -6.31
N LEU A 107 9.24 -6.81 -5.54
CA LEU A 107 9.15 -5.37 -5.52
C LEU A 107 10.41 -4.83 -4.93
N GLN A 108 10.86 -5.44 -3.83
CA GLN A 108 11.99 -4.91 -3.11
C GLN A 108 13.13 -4.51 -4.04
N SER A 109 13.22 -5.12 -5.21
CA SER A 109 14.29 -4.73 -6.13
C SER A 109 13.93 -3.42 -6.83
N LYS A 110 12.71 -2.95 -6.60
CA LYS A 110 12.21 -1.68 -7.15
C LYS A 110 11.99 -0.68 -6.01
N VAL A 111 12.66 -0.92 -4.89
CA VAL A 111 12.39 -0.06 -3.73
C VAL A 111 13.10 1.30 -3.84
N LEU A 112 12.22 2.29 -3.97
CA LEU A 112 12.60 3.75 -4.09
C LEU A 112 12.49 4.73 -2.86
N LYS A 113 11.29 4.80 -2.21
CA LYS A 113 11.07 5.69 -1.05
C LYS A 113 9.96 5.20 -0.10
N LEU A 114 10.03 5.64 1.15
CA LEU A 114 8.97 5.36 2.14
C LEU A 114 8.53 6.74 2.69
N VAL A 115 7.23 7.08 2.68
CA VAL A 115 6.79 8.37 3.20
C VAL A 115 5.51 8.21 4.02
N ASP A 116 5.16 9.10 4.96
CA ASP A 116 3.90 8.97 5.72
C ASP A 116 2.76 9.51 4.85
N ILE A 117 1.52 9.49 5.33
CA ILE A 117 0.39 10.04 4.57
C ILE A 117 -0.29 11.06 5.49
N SER A 118 -0.74 12.21 4.99
CA SER A 118 -1.36 13.12 5.94
C SER A 118 -2.54 12.40 6.57
N TYR A 119 -3.36 11.79 5.73
CA TYR A 119 -4.49 10.98 6.21
C TYR A 119 -4.89 9.95 5.14
N GLY A 120 -5.42 8.80 5.56
CA GLY A 120 -5.92 7.76 4.64
C GLY A 120 -5.31 7.73 3.26
N GLY A 121 -6.21 7.52 2.30
CA GLY A 121 -5.80 7.35 0.94
C GLY A 121 -5.67 8.62 0.11
N GLU A 122 -6.74 9.18 -0.36
CA GLU A 122 -6.55 10.33 -1.25
C GLU A 122 -5.92 11.56 -0.60
N ASN A 123 -6.37 11.99 0.58
CA ASN A 123 -5.80 13.21 1.17
C ASN A 123 -4.30 13.09 1.52
N GLY A 124 -3.88 11.97 2.09
CA GLY A 124 -2.46 11.76 2.40
C GLY A 124 -1.65 11.69 1.13
N PHE A 125 -2.29 11.01 0.22
CA PHE A 125 -1.72 10.69 -1.07
C PHE A 125 -1.38 11.96 -1.82
N ASN A 126 -2.26 12.95 -1.87
CA ASN A 126 -1.91 14.18 -2.59
C ASN A 126 -0.71 14.92 -1.95
N GLN A 127 -0.65 15.02 -0.61
CA GLN A 127 0.43 15.75 0.06
C GLN A 127 1.83 15.17 -0.10
N ALA A 128 1.97 13.86 -0.03
CA ALA A 128 3.30 13.26 -0.10
C ALA A 128 3.94 13.57 -1.44
N ILE A 129 3.14 13.56 -2.47
CA ILE A 129 3.61 13.84 -3.80
C ILE A 129 4.11 15.28 -3.93
N GLU A 130 3.37 16.21 -3.37
CA GLU A 130 3.84 17.60 -3.53
C GLU A 130 5.21 17.59 -2.87
N LEU A 131 5.27 17.01 -1.69
CA LEU A 131 6.54 16.94 -0.96
C LEU A 131 7.55 16.13 -1.77
N SER A 132 7.09 15.02 -2.36
CA SER A 132 7.95 14.20 -3.20
C SER A 132 7.33 14.11 -4.59
N THR A 133 7.38 15.23 -5.32
CA THR A 133 6.95 15.30 -6.70
C THR A 133 8.20 15.47 -7.57
N GLU A 134 9.14 16.21 -6.97
CA GLU A 134 10.41 16.60 -7.60
C GLU A 134 11.53 15.56 -7.52
N VAL A 135 11.41 14.55 -6.69
CA VAL A 135 12.39 13.48 -6.56
C VAL A 135 11.99 12.32 -7.46
N LEU A 136 10.82 12.47 -8.06
CA LEU A 136 10.27 11.44 -8.93
C LEU A 136 9.79 12.08 -10.25
N LEU A 1 13.87 19.32 -18.72
CA LEU A 1 12.64 18.74 -19.33
C LEU A 1 12.85 17.24 -19.55
N SER A 2 13.20 16.54 -18.48
CA SER A 2 13.44 15.10 -18.56
C SER A 2 12.14 14.33 -18.74
N ASP A 3 12.25 13.13 -19.32
CA ASP A 3 11.09 12.28 -19.55
C ASP A 3 10.79 11.45 -18.31
N ASP A 4 9.64 11.68 -17.71
CA ASP A 4 9.25 10.96 -16.51
C ASP A 4 8.70 9.59 -16.82
N SER A 5 8.80 8.71 -15.82
CA SER A 5 8.32 7.33 -15.93
C SER A 5 7.46 7.04 -14.71
N LYS A 6 6.51 6.14 -14.83
CA LYS A 6 5.55 5.90 -13.76
C LYS A 6 6.20 5.26 -12.52
N PHE A 7 5.82 5.81 -11.34
CA PHE A 7 6.33 5.33 -10.04
C PHE A 7 5.19 4.91 -9.11
N GLY A 8 5.33 3.73 -8.50
CA GLY A 8 4.31 3.19 -7.60
C GLY A 8 4.15 3.97 -6.33
N PHE A 9 2.93 3.93 -5.79
CA PHE A 9 2.66 4.57 -4.54
C PHE A 9 1.79 3.61 -3.72
N ILE A 10 2.16 3.25 -2.48
CA ILE A 10 1.28 2.33 -1.73
C ILE A 10 0.74 2.86 -0.40
N VAL A 11 -0.58 3.07 -0.40
CA VAL A 11 -1.25 3.58 0.79
C VAL A 11 -1.82 2.42 1.59
N ILE A 12 -1.30 2.21 2.80
CA ILE A 12 -1.70 1.08 3.64
C ILE A 12 -2.34 1.48 4.97
N ASP A 13 -3.51 0.95 5.20
CA ASP A 13 -4.23 1.11 6.45
C ASP A 13 -4.95 -0.22 6.75
N GLY A 14 -5.22 -0.47 8.01
CA GLY A 14 -5.82 -1.72 8.46
C GLY A 14 -7.23 -2.02 7.94
N SER A 15 -8.03 -1.00 7.74
CA SER A 15 -9.38 -1.12 7.30
C SER A 15 -9.48 -0.36 6.03
N GLY A 16 -8.75 -0.85 5.10
CA GLY A 16 -8.75 -0.35 3.73
C GLY A 16 -7.41 0.19 3.28
N ALA A 17 -7.22 0.19 1.95
CA ALA A 17 -5.96 0.66 1.37
C ALA A 17 -6.21 1.22 -0.03
N LEU A 18 -5.41 2.21 -0.42
CA LEU A 18 -5.51 2.80 -1.75
C LEU A 18 -4.18 2.61 -2.49
N PHE A 19 -4.16 2.05 -3.70
CA PHE A 19 -2.86 1.93 -4.38
C PHE A 19 -2.77 2.85 -5.58
N GLY A 20 -1.89 3.85 -5.45
CA GLY A 20 -1.77 4.89 -6.47
C GLY A 20 -0.45 4.85 -7.19
N THR A 21 -0.29 5.79 -8.12
CA THR A 21 0.94 5.88 -8.89
C THR A 21 1.38 7.34 -9.05
N LEU A 22 2.67 7.56 -9.24
CA LEU A 22 3.19 8.93 -9.44
C LEU A 22 3.95 9.03 -10.78
N GLN A 23 3.50 9.94 -11.65
CA GLN A 23 4.17 10.15 -12.94
C GLN A 23 4.46 11.65 -13.15
N GLY A 24 5.74 11.99 -13.30
CA GLY A 24 6.12 13.38 -13.52
C GLY A 24 5.61 14.23 -12.35
N ASN A 25 4.99 15.35 -12.69
CA ASN A 25 4.46 16.26 -11.69
C ASN A 25 2.99 15.94 -11.40
N THR A 26 2.50 14.83 -11.97
CA THR A 26 1.10 14.44 -11.81
C THR A 26 0.96 13.01 -11.27
N ARG A 27 -0.22 12.72 -10.71
CA ARG A 27 -0.48 11.43 -10.06
C ARG A 27 -1.71 10.71 -10.61
N GLU A 28 -1.67 9.38 -10.52
CA GLU A 28 -2.74 8.52 -11.03
C GLU A 28 -3.17 7.47 -10.01
N VAL A 29 -4.36 6.94 -10.21
CA VAL A 29 -4.94 5.92 -9.34
C VAL A 29 -4.99 4.58 -10.06
N LEU A 30 -4.47 3.53 -9.44
CA LEU A 30 -4.53 2.20 -10.03
C LEU A 30 -5.76 1.45 -9.54
N HIS A 31 -5.97 1.52 -8.23
CA HIS A 31 -7.08 0.86 -7.57
C HIS A 31 -7.38 1.57 -6.26
N LYS A 32 -8.59 1.40 -5.70
CA LYS A 32 -8.89 2.00 -4.42
C LYS A 32 -9.66 0.89 -3.66
N PHE A 33 -9.51 0.75 -2.36
CA PHE A 33 -10.28 -0.31 -1.72
C PHE A 33 -10.52 -0.22 -0.22
N THR A 34 -11.49 -1.05 0.15
CA THR A 34 -11.82 -1.30 1.54
C THR A 34 -11.77 -2.80 1.75
N VAL A 35 -11.04 -3.29 2.76
CA VAL A 35 -10.94 -4.73 2.97
C VAL A 35 -11.37 -5.18 4.36
N ASP A 36 -12.24 -6.19 4.42
CA ASP A 36 -12.73 -6.67 5.71
C ASP A 36 -11.75 -7.64 6.37
N LEU A 37 -11.30 -7.19 7.52
CA LEU A 37 -10.37 -7.90 8.40
C LEU A 37 -11.02 -9.23 8.93
N PRO A 38 -10.56 -9.90 10.01
CA PRO A 38 -11.05 -11.27 10.43
C PRO A 38 -12.40 -11.78 9.90
N LYS A 39 -12.43 -13.08 9.89
CA LYS A 39 -13.54 -13.89 9.35
C LYS A 39 -14.91 -13.81 10.03
N LYS A 40 -14.96 -13.88 11.35
CA LYS A 40 -16.28 -13.87 11.99
C LYS A 40 -16.92 -12.50 11.89
N HIS A 41 -18.16 -12.50 11.46
CA HIS A 41 -18.92 -11.30 11.31
C HIS A 41 -20.31 -11.50 11.91
N GLY A 42 -20.46 -11.14 13.18
CA GLY A 42 -21.75 -11.28 13.86
C GLY A 42 -21.98 -12.73 14.29
N ARG A 43 -20.95 -13.55 14.13
CA ARG A 43 -21.03 -14.96 14.48
C ARG A 43 -21.25 -15.17 15.98
N GLY A 44 -20.61 -14.35 16.80
CA GLY A 44 -20.73 -14.50 18.25
C GLY A 44 -19.61 -15.38 18.81
N GLY A 45 -18.73 -15.83 17.91
CA GLY A 45 -17.57 -16.61 18.33
C GLY A 45 -16.68 -15.72 19.19
N GLN A 46 -16.69 -14.44 18.80
CA GLN A 46 -15.93 -13.39 19.46
C GLN A 46 -16.85 -12.18 19.62
N SER A 47 -16.61 -11.32 20.63
CA SER A 47 -17.47 -10.15 20.78
C SER A 47 -17.32 -9.27 19.55
N ALA A 48 -18.41 -8.66 19.10
CA ALA A 48 -18.29 -7.84 17.89
C ALA A 48 -17.37 -6.65 18.12
N LEU A 49 -17.47 -5.98 19.28
CA LEU A 49 -16.57 -4.86 19.55
C LEU A 49 -15.13 -5.32 19.68
N ARG A 50 -14.98 -6.43 20.36
CA ARG A 50 -13.69 -7.05 20.62
C ARG A 50 -13.06 -7.65 19.38
N PHE A 51 -13.88 -7.95 18.38
CA PHE A 51 -13.34 -8.61 17.20
C PHE A 51 -12.29 -7.75 16.53
N ALA A 52 -12.58 -6.48 16.33
CA ALA A 52 -11.61 -5.64 15.66
C ALA A 52 -10.31 -5.54 16.50
N ARG A 53 -10.45 -5.48 17.83
CA ARG A 53 -9.31 -5.40 18.76
C ARG A 53 -8.45 -6.68 18.67
N LEU A 54 -9.18 -7.78 18.50
CA LEU A 54 -8.63 -9.14 18.40
C LEU A 54 -7.75 -9.29 17.16
N ARG A 55 -8.16 -8.64 16.07
CA ARG A 55 -7.47 -8.77 14.78
C ARG A 55 -6.01 -8.34 14.83
N MET A 56 -5.70 -7.27 15.53
CA MET A 56 -4.38 -6.65 15.37
C MET A 56 -3.27 -7.67 15.05
N GLU A 57 -3.33 -8.91 15.53
CA GLU A 57 -2.33 -9.91 15.11
C GLU A 57 -2.52 -10.24 13.61
N LYS A 58 -3.78 -10.29 13.22
CA LYS A 58 -4.28 -10.53 11.85
C LYS A 58 -3.87 -9.42 10.89
N ARG A 59 -3.35 -8.31 11.42
CA ARG A 59 -2.97 -7.19 10.57
C ARG A 59 -1.90 -7.69 9.60
N HIS A 60 -1.03 -8.57 10.09
CA HIS A 60 0.02 -9.11 9.25
C HIS A 60 -0.58 -9.84 8.03
N ASN A 61 -1.65 -10.61 8.24
CA ASN A 61 -2.28 -11.30 7.11
C ASN A 61 -2.81 -10.24 6.15
N TYR A 62 -3.37 -9.21 6.76
CA TYR A 62 -3.90 -8.10 5.96
C TYR A 62 -2.74 -7.52 5.12
N VAL A 63 -1.58 -7.30 5.75
CA VAL A 63 -0.41 -6.76 5.05
C VAL A 63 0.01 -7.73 3.92
N ARG A 64 0.05 -9.04 4.20
CA ARG A 64 0.41 -10.00 3.17
C ARG A 64 -0.62 -9.90 2.04
N LYS A 65 -1.87 -9.78 2.45
CA LYS A 65 -2.98 -9.71 1.52
C LYS A 65 -2.72 -8.50 0.64
N VAL A 66 -2.29 -7.41 1.25
CA VAL A 66 -1.95 -6.21 0.51
C VAL A 66 -0.76 -6.49 -0.41
N ALA A 67 0.25 -7.21 0.10
CA ALA A 67 1.44 -7.51 -0.69
C ALA A 67 1.07 -8.34 -1.90
N GLU A 68 0.13 -9.26 -1.73
CA GLU A 68 -0.29 -10.09 -2.85
C GLU A 68 -0.95 -9.18 -3.87
N THR A 69 -1.69 -8.21 -3.37
CA THR A 69 -2.36 -7.25 -4.23
C THR A 69 -1.32 -6.43 -4.99
N ALA A 70 -0.22 -6.01 -4.31
CA ALA A 70 0.78 -5.16 -4.97
C ALA A 70 1.41 -5.86 -6.18
N VAL A 71 1.74 -7.13 -6.05
CA VAL A 71 2.38 -7.85 -7.16
C VAL A 71 1.48 -7.91 -8.39
N GLN A 72 0.22 -8.21 -8.18
CA GLN A 72 -0.70 -8.26 -9.30
C GLN A 72 -0.85 -6.87 -9.92
N LEU A 73 -0.91 -5.87 -9.03
CA LEU A 73 -1.01 -4.48 -9.43
C LEU A 73 0.23 -3.98 -10.18
N PHE A 74 1.41 -4.39 -9.69
CA PHE A 74 2.67 -3.89 -10.25
C PHE A 74 3.46 -4.88 -11.09
N ILE A 75 3.01 -6.09 -11.12
CA ILE A 75 3.62 -7.13 -11.95
C ILE A 75 2.57 -7.82 -12.82
N SER A 76 2.95 -8.14 -14.06
CA SER A 76 2.04 -8.92 -14.91
C SER A 76 2.83 -9.91 -15.70
N GLY A 77 2.30 -11.11 -15.89
CA GLY A 77 3.04 -12.07 -16.69
C GLY A 77 4.49 -12.16 -16.20
N ASP A 78 5.26 -11.24 -16.74
CA ASP A 78 6.68 -11.08 -16.42
C ASP A 78 7.02 -9.59 -16.54
N LYS A 79 5.96 -8.81 -16.60
CA LYS A 79 5.98 -7.36 -16.70
C LYS A 79 6.16 -6.75 -15.32
N VAL A 80 6.64 -5.51 -15.29
CA VAL A 80 6.65 -4.73 -14.08
C VAL A 80 5.92 -3.43 -14.46
N ASN A 81 4.95 -2.99 -13.67
CA ASN A 81 4.19 -1.80 -14.05
C ASN A 81 4.71 -0.50 -13.43
N VAL A 82 5.87 -0.55 -12.77
CA VAL A 82 6.41 0.67 -12.15
C VAL A 82 7.87 0.93 -12.46
N ALA A 83 8.19 2.23 -12.50
CA ALA A 83 9.55 2.69 -12.72
C ALA A 83 10.38 2.60 -11.43
N GLY A 84 9.72 2.38 -10.29
CA GLY A 84 10.37 2.25 -8.98
C GLY A 84 9.23 2.20 -7.96
N LEU A 85 9.50 2.06 -6.66
CA LEU A 85 8.39 1.99 -5.67
C LEU A 85 8.46 3.04 -4.57
N VAL A 86 7.30 3.68 -4.32
CA VAL A 86 7.17 4.65 -3.22
C VAL A 86 6.10 4.07 -2.28
N LEU A 87 6.40 3.97 -0.98
CA LEU A 87 5.46 3.35 -0.05
C LEU A 87 4.92 4.37 0.96
N ALA A 88 3.59 4.42 1.16
CA ALA A 88 3.02 5.39 2.12
C ALA A 88 2.10 4.70 3.13
N GLY A 89 2.25 5.02 4.42
CA GLY A 89 1.41 4.34 5.40
C GLY A 89 1.42 5.00 6.78
N SER A 90 0.44 4.56 7.60
CA SER A 90 0.29 5.04 8.96
C SER A 90 1.32 4.40 9.90
N ALA A 91 1.54 5.04 11.03
CA ALA A 91 2.48 4.51 12.03
C ALA A 91 3.77 3.99 11.41
N ASP A 92 4.20 4.63 10.35
CA ASP A 92 5.43 4.23 9.65
C ASP A 92 5.34 2.79 9.14
N PHE A 93 4.15 2.43 8.71
CA PHE A 93 3.89 1.09 8.21
C PHE A 93 4.75 0.78 7.00
N LYS A 94 4.86 1.71 6.06
CA LYS A 94 5.59 1.37 4.84
C LYS A 94 7.01 0.88 5.20
N THR A 95 7.69 1.61 6.05
CA THR A 95 9.06 1.24 6.40
C THR A 95 8.98 -0.25 6.80
N GLU A 96 7.93 -0.61 7.53
CA GLU A 96 7.65 -2.00 7.90
C GLU A 96 7.29 -2.85 6.68
N LEU A 97 6.60 -2.27 5.69
CA LEU A 97 6.15 -3.05 4.53
C LEU A 97 7.35 -3.61 3.80
N SER A 98 8.46 -2.83 3.62
CA SER A 98 9.63 -3.38 2.94
C SER A 98 9.76 -4.82 3.39
N GLN A 99 10.56 -5.14 4.42
CA GLN A 99 10.63 -6.54 4.89
C GLN A 99 10.46 -7.53 3.72
N SER A 100 11.57 -8.00 3.19
CA SER A 100 11.51 -8.87 2.03
C SER A 100 10.77 -10.18 2.21
N ASP A 101 10.89 -10.87 3.31
CA ASP A 101 10.21 -12.14 3.36
C ASP A 101 8.70 -12.01 3.13
N MET A 102 8.02 -11.12 3.86
CA MET A 102 6.57 -11.01 3.60
C MET A 102 6.32 -10.46 2.20
N PHE A 103 7.07 -9.41 1.86
CA PHE A 103 6.91 -8.71 0.61
C PHE A 103 7.44 -9.60 -0.48
N ASP A 104 7.36 -9.11 -1.71
CA ASP A 104 7.80 -9.91 -2.83
C ASP A 104 9.27 -9.80 -3.03
N GLN A 105 9.84 -10.82 -3.61
CA GLN A 105 11.25 -10.80 -3.88
C GLN A 105 11.53 -9.68 -4.88
N ARG A 106 10.61 -9.54 -5.84
CA ARG A 106 10.68 -8.55 -6.90
C ARG A 106 10.55 -7.05 -6.50
N LEU A 107 9.66 -6.65 -5.55
CA LEU A 107 9.42 -5.21 -5.26
C LEU A 107 10.35 -4.53 -4.26
N GLN A 108 10.91 -5.30 -3.34
CA GLN A 108 11.81 -4.73 -2.34
C GLN A 108 13.05 -4.19 -3.01
N SER A 109 13.37 -4.77 -4.17
CA SER A 109 14.53 -4.36 -4.94
C SER A 109 14.24 -3.07 -5.72
N LYS A 110 12.99 -2.62 -5.66
CA LYS A 110 12.52 -1.38 -6.29
C LYS A 110 12.28 -0.33 -5.20
N VAL A 111 12.85 -0.58 -4.03
CA VAL A 111 12.56 0.30 -2.89
C VAL A 111 13.27 1.66 -3.03
N LEU A 112 12.41 2.61 -3.36
CA LEU A 112 12.78 4.06 -3.56
C LEU A 112 12.58 5.09 -2.35
N LYS A 113 11.35 5.16 -1.80
CA LYS A 113 11.01 6.07 -0.71
C LYS A 113 9.87 5.57 0.17
N LEU A 114 9.84 6.04 1.42
CA LEU A 114 8.72 5.75 2.30
C LEU A 114 8.28 7.11 2.90
N VAL A 115 6.99 7.46 2.86
CA VAL A 115 6.53 8.75 3.42
C VAL A 115 5.24 8.55 4.22
N ASP A 116 4.87 9.42 5.17
CA ASP A 116 3.63 9.26 5.92
C ASP A 116 2.50 9.81 5.04
N ILE A 117 1.24 9.76 5.49
CA ILE A 117 0.13 10.30 4.72
C ILE A 117 -0.62 11.26 5.63
N SER A 118 -1.17 12.37 5.13
CA SER A 118 -1.85 13.24 6.08
C SER A 118 -2.95 12.41 6.73
N TYR A 119 -3.70 11.70 5.89
CA TYR A 119 -4.72 10.78 6.35
C TYR A 119 -4.98 9.72 5.29
N GLY A 120 -5.46 8.54 5.70
CA GLY A 120 -5.85 7.51 4.75
C GLY A 120 -5.21 7.59 3.36
N GLY A 121 -6.09 7.55 2.36
CA GLY A 121 -5.74 7.59 0.94
C GLY A 121 -5.74 8.97 0.31
N GLU A 122 -6.65 9.14 -0.65
CA GLU A 122 -6.73 10.34 -1.48
C GLU A 122 -6.11 11.60 -0.87
N ASN A 123 -6.65 12.20 0.17
CA ASN A 123 -6.02 13.45 0.62
C ASN A 123 -4.59 13.23 1.12
N GLY A 124 -4.35 12.16 1.87
CA GLY A 124 -2.99 11.88 2.30
C GLY A 124 -2.15 11.58 1.09
N PHE A 125 -2.78 10.83 0.23
CA PHE A 125 -2.19 10.37 -0.98
C PHE A 125 -1.79 11.58 -1.83
N ASN A 126 -2.70 12.54 -1.99
CA ASN A 126 -2.36 13.73 -2.76
C ASN A 126 -1.24 14.55 -2.08
N GLN A 127 -1.28 14.70 -0.75
CA GLN A 127 -0.25 15.48 -0.05
C GLN A 127 1.14 14.87 -0.14
N ALA A 128 1.21 13.55 -0.02
CA ALA A 128 2.50 12.89 -0.05
C ALA A 128 3.17 13.09 -1.38
N ILE A 129 2.38 13.06 -2.44
CA ILE A 129 2.92 13.27 -3.77
C ILE A 129 3.47 14.69 -3.90
N GLU A 130 2.71 15.67 -3.41
CA GLU A 130 3.19 17.05 -3.57
C GLU A 130 4.51 17.12 -2.81
N LEU A 131 4.48 16.61 -1.57
CA LEU A 131 5.68 16.67 -0.75
C LEU A 131 6.77 15.88 -1.44
N SER A 132 6.40 14.73 -1.99
CA SER A 132 7.35 13.89 -2.72
C SER A 132 6.91 13.80 -4.18
N THR A 133 6.95 14.94 -4.90
CA THR A 133 6.80 14.96 -6.35
C THR A 133 8.08 15.56 -6.88
N GLU A 134 8.41 16.64 -6.16
CA GLU A 134 9.56 17.50 -6.37
C GLU A 134 10.87 16.81 -6.04
N VAL A 135 10.86 15.95 -5.04
CA VAL A 135 12.10 15.32 -4.65
C VAL A 135 12.59 14.52 -5.85
N LEU A 136 11.70 13.77 -6.48
CA LEU A 136 12.08 13.01 -7.64
C LEU A 136 12.54 13.94 -8.75
N LEU A 1 6.13 13.78 -17.59
CA LEU A 1 6.44 13.95 -19.03
C LEU A 1 7.10 12.69 -19.57
N SER A 2 7.60 12.76 -20.80
CA SER A 2 8.24 11.61 -21.43
C SER A 2 9.48 11.19 -20.64
N ASP A 3 10.19 12.17 -20.10
CA ASP A 3 11.40 11.87 -19.34
C ASP A 3 11.03 11.08 -18.08
N ASP A 4 9.88 11.39 -17.49
CA ASP A 4 9.43 10.69 -16.31
C ASP A 4 8.78 9.36 -16.66
N SER A 5 8.82 8.47 -15.70
CA SER A 5 8.24 7.13 -15.82
C SER A 5 7.40 6.85 -14.58
N LYS A 6 6.40 5.99 -14.70
CA LYS A 6 5.45 5.78 -13.62
C LYS A 6 6.10 5.12 -12.39
N PHE A 7 5.79 5.68 -11.22
CA PHE A 7 6.32 5.19 -9.95
C PHE A 7 5.18 4.78 -9.01
N GLY A 8 5.31 3.61 -8.42
CA GLY A 8 4.29 3.14 -7.53
C GLY A 8 4.19 3.96 -6.28
N PHE A 9 2.99 4.01 -5.76
CA PHE A 9 2.78 4.70 -4.51
C PHE A 9 1.91 3.77 -3.71
N ILE A 10 2.28 3.40 -2.49
CA ILE A 10 1.39 2.51 -1.76
C ILE A 10 0.87 3.06 -0.43
N VAL A 11 -0.41 3.39 -0.45
CA VAL A 11 -1.07 3.89 0.74
C VAL A 11 -1.77 2.69 1.34
N ILE A 12 -1.31 2.31 2.54
CA ILE A 12 -1.81 1.12 3.20
C ILE A 12 -2.39 1.36 4.58
N ASP A 13 -3.60 0.86 4.79
CA ASP A 13 -4.25 0.93 6.09
C ASP A 13 -4.88 -0.42 6.40
N GLY A 14 -4.99 -0.74 7.66
CA GLY A 14 -5.48 -2.05 8.12
C GLY A 14 -6.93 -2.40 7.75
N SER A 15 -7.77 -1.38 7.71
CA SER A 15 -9.16 -1.52 7.39
C SER A 15 -9.35 -0.71 6.16
N GLY A 16 -8.66 -1.18 5.18
CA GLY A 16 -8.72 -0.66 3.83
C GLY A 16 -7.37 -0.09 3.42
N ALA A 17 -7.17 -0.02 2.12
CA ALA A 17 -5.91 0.49 1.61
C ALA A 17 -6.14 1.14 0.24
N LEU A 18 -5.35 2.18 -0.07
CA LEU A 18 -5.47 2.84 -1.36
C LEU A 18 -4.16 2.67 -2.12
N PHE A 19 -4.16 2.17 -3.36
CA PHE A 19 -2.89 2.04 -4.06
C PHE A 19 -2.79 2.96 -5.27
N GLY A 20 -1.88 3.93 -5.17
CA GLY A 20 -1.74 4.96 -6.19
C GLY A 20 -0.47 4.86 -6.99
N THR A 21 -0.34 5.78 -7.95
CA THR A 21 0.86 5.82 -8.74
C THR A 21 1.29 7.27 -8.97
N LEU A 22 2.58 7.47 -9.21
CA LEU A 22 3.09 8.82 -9.45
C LEU A 22 3.80 8.89 -10.79
N GLN A 23 3.32 9.75 -11.67
CA GLN A 23 3.96 9.94 -12.97
C GLN A 23 4.25 11.42 -13.20
N GLY A 24 5.51 11.75 -13.38
CA GLY A 24 5.90 13.12 -13.60
C GLY A 24 5.39 13.96 -12.42
N ASN A 25 4.78 15.08 -12.75
CA ASN A 25 4.26 16.00 -11.75
C ASN A 25 2.79 15.69 -11.44
N THR A 26 2.27 14.58 -11.98
CA THR A 26 0.86 14.22 -11.78
C THR A 26 0.70 12.80 -11.25
N ARG A 27 -0.46 12.54 -10.62
CA ARG A 27 -0.75 11.23 -10.01
C ARG A 27 -2.12 10.67 -10.37
N GLU A 28 -2.20 9.34 -10.50
CA GLU A 28 -3.46 8.67 -10.82
C GLU A 28 -3.70 7.43 -9.96
N VAL A 29 -4.93 7.26 -9.48
CA VAL A 29 -5.14 6.11 -8.59
C VAL A 29 -5.60 4.85 -9.33
N LEU A 30 -4.60 4.01 -9.59
CA LEU A 30 -4.80 2.75 -10.34
C LEU A 30 -5.72 1.77 -9.63
N HIS A 31 -5.57 1.63 -8.31
CA HIS A 31 -6.47 0.75 -7.56
C HIS A 31 -6.71 1.34 -6.19
N LYS A 32 -7.90 1.15 -5.64
CA LYS A 32 -8.15 1.63 -4.29
C LYS A 32 -9.04 0.57 -3.66
N PHE A 33 -8.99 0.38 -2.36
CA PHE A 33 -9.88 -0.63 -1.80
C PHE A 33 -10.20 -0.53 -0.30
N THR A 34 -11.24 -1.26 0.02
CA THR A 34 -11.64 -1.46 1.40
C THR A 34 -11.72 -2.96 1.64
N VAL A 35 -11.05 -3.48 2.68
CA VAL A 35 -11.05 -4.92 2.92
C VAL A 35 -11.53 -5.31 4.31
N ASP A 36 -12.46 -6.25 4.39
CA ASP A 36 -12.97 -6.67 5.69
C ASP A 36 -12.08 -7.75 6.31
N LEU A 37 -11.48 -7.36 7.43
CA LEU A 37 -10.59 -8.20 8.22
C LEU A 37 -11.39 -9.40 8.82
N PRO A 38 -10.99 -10.11 9.91
CA PRO A 38 -11.63 -11.37 10.41
C PRO A 38 -13.07 -11.72 9.96
N LYS A 39 -13.48 -12.94 10.25
CA LYS A 39 -14.78 -13.46 9.83
C LYS A 39 -16.03 -12.76 10.38
N LYS A 40 -16.06 -12.46 11.67
CA LYS A 40 -17.23 -11.84 12.25
C LYS A 40 -17.35 -10.40 11.80
N HIS A 41 -18.53 -9.98 11.46
CA HIS A 41 -18.74 -8.59 11.00
C HIS A 41 -19.90 -7.96 11.74
N GLY A 42 -19.88 -8.08 13.07
CA GLY A 42 -20.96 -7.54 13.90
C GLY A 42 -22.10 -8.55 13.98
N ARG A 43 -21.84 -9.73 13.43
CA ARG A 43 -22.81 -10.83 13.45
C ARG A 43 -23.08 -11.26 14.88
N GLY A 44 -22.00 -11.30 15.68
CA GLY A 44 -22.08 -11.73 17.06
C GLY A 44 -21.12 -12.88 17.33
N GLY A 45 -20.88 -13.14 18.61
CA GLY A 45 -19.95 -14.19 19.03
C GLY A 45 -18.58 -13.58 19.29
N GLN A 46 -18.46 -12.30 18.94
CA GLN A 46 -17.23 -11.55 19.18
C GLN A 46 -17.62 -10.13 19.59
N SER A 47 -16.80 -9.46 20.40
CA SER A 47 -17.15 -8.10 20.80
C SER A 47 -16.85 -7.13 19.66
N ALA A 48 -17.62 -6.06 19.52
CA ALA A 48 -17.31 -5.11 18.45
C ALA A 48 -15.95 -4.43 18.70
N LEU A 49 -15.68 -4.05 19.96
CA LEU A 49 -14.39 -3.40 20.29
C LEU A 49 -13.24 -4.35 20.07
N ARG A 50 -13.48 -5.57 20.51
CA ARG A 50 -12.56 -6.66 20.40
C ARG A 50 -12.28 -7.03 18.97
N PHE A 51 -13.28 -6.98 18.10
CA PHE A 51 -13.03 -7.48 16.77
C PHE A 51 -11.83 -6.73 16.18
N ALA A 52 -11.80 -5.41 16.18
CA ALA A 52 -10.63 -4.75 15.61
C ALA A 52 -9.36 -5.10 16.40
N ARG A 53 -9.48 -5.17 17.72
CA ARG A 53 -8.33 -5.55 18.58
C ARG A 53 -7.90 -7.00 18.33
N LEU A 54 -8.91 -7.85 18.14
CA LEU A 54 -8.76 -9.31 17.94
C LEU A 54 -7.98 -9.63 16.67
N ARG A 55 -8.24 -8.91 15.60
CA ARG A 55 -7.55 -9.14 14.33
C ARG A 55 -6.05 -8.94 14.44
N MET A 56 -5.65 -7.95 15.19
CA MET A 56 -4.25 -7.47 15.14
C MET A 56 -3.25 -8.63 14.84
N GLU A 57 -3.48 -9.85 15.30
CA GLU A 57 -2.57 -10.94 14.90
C GLU A 57 -2.72 -11.19 13.39
N LYS A 58 -3.96 -11.11 12.96
CA LYS A 58 -4.43 -11.24 11.57
C LYS A 58 -3.96 -10.10 10.69
N ARG A 59 -3.40 -9.04 11.27
CA ARG A 59 -2.94 -7.89 10.50
C ARG A 59 -1.88 -8.35 9.51
N HIS A 60 -1.02 -9.24 9.97
CA HIS A 60 0.06 -9.78 9.15
C HIS A 60 -0.49 -10.44 7.88
N ASN A 61 -1.54 -11.25 8.03
CA ASN A 61 -2.14 -11.90 6.85
C ASN A 61 -2.70 -10.81 5.93
N TYR A 62 -3.29 -9.83 6.58
CA TYR A 62 -3.88 -8.70 5.83
C TYR A 62 -2.74 -8.02 5.02
N VAL A 63 -1.60 -7.77 5.67
CA VAL A 63 -0.46 -7.14 5.00
C VAL A 63 0.02 -8.03 3.84
N ARG A 64 0.11 -9.34 4.06
CA ARG A 64 0.54 -10.24 2.97
C ARG A 64 -0.48 -10.10 1.85
N LYS A 65 -1.75 -10.07 2.23
CA LYS A 65 -2.84 -9.97 1.27
C LYS A 65 -2.64 -8.68 0.49
N VAL A 66 -2.28 -7.61 1.19
CA VAL A 66 -1.99 -6.34 0.54
C VAL A 66 -0.76 -6.52 -0.37
N ALA A 67 0.25 -7.23 0.14
CA ALA A 67 1.47 -7.47 -0.61
C ALA A 67 1.16 -8.27 -1.86
N GLU A 68 0.22 -9.21 -1.73
CA GLU A 68 -0.19 -10.03 -2.85
C GLU A 68 -0.86 -9.13 -3.88
N THR A 69 -1.61 -8.17 -3.38
CA THR A 69 -2.27 -7.21 -4.24
C THR A 69 -1.23 -6.36 -5.00
N ALA A 70 -0.14 -5.97 -4.32
CA ALA A 70 0.86 -5.12 -4.96
C ALA A 70 1.49 -5.81 -6.18
N VAL A 71 1.80 -7.10 -6.07
CA VAL A 71 2.42 -7.81 -7.19
C VAL A 71 1.51 -7.82 -8.42
N GLN A 72 0.23 -8.10 -8.20
CA GLN A 72 -0.70 -8.12 -9.33
C GLN A 72 -0.81 -6.71 -9.92
N LEU A 73 -0.85 -5.74 -9.02
CA LEU A 73 -0.89 -4.34 -9.40
C LEU A 73 0.37 -3.87 -10.15
N PHE A 74 1.53 -4.33 -9.66
CA PHE A 74 2.81 -3.88 -10.21
C PHE A 74 3.55 -4.89 -11.08
N ILE A 75 3.02 -6.06 -11.14
CA ILE A 75 3.57 -7.10 -11.99
C ILE A 75 2.47 -7.72 -12.86
N SER A 76 2.80 -8.05 -14.10
CA SER A 76 1.84 -8.74 -14.96
C SER A 76 2.56 -9.77 -15.76
N GLY A 77 1.96 -10.92 -15.97
CA GLY A 77 2.64 -11.93 -16.78
C GLY A 77 4.08 -12.09 -16.30
N ASP A 78 4.90 -11.20 -16.83
CA ASP A 78 6.33 -11.10 -16.51
C ASP A 78 6.76 -9.62 -16.64
N LYS A 79 5.73 -8.77 -16.69
CA LYS A 79 5.81 -7.32 -16.80
C LYS A 79 6.04 -6.72 -15.42
N VAL A 80 6.59 -5.52 -15.38
CA VAL A 80 6.67 -4.75 -14.14
C VAL A 80 6.00 -3.41 -14.48
N ASN A 81 5.08 -2.95 -13.67
CA ASN A 81 4.37 -1.72 -14.03
C ASN A 81 4.93 -0.46 -13.35
N VAL A 82 6.11 -0.57 -12.71
CA VAL A 82 6.71 0.58 -12.01
C VAL A 82 8.13 0.95 -12.38
N ALA A 83 8.28 2.25 -12.48
CA ALA A 83 9.55 2.91 -12.67
C ALA A 83 10.43 2.66 -11.47
N GLY A 84 9.79 2.61 -10.29
CA GLY A 84 10.45 2.38 -9.00
C GLY A 84 9.32 2.31 -7.97
N LEU A 85 9.59 2.06 -6.68
CA LEU A 85 8.48 1.97 -5.70
C LEU A 85 8.56 2.96 -4.55
N VAL A 86 7.42 3.63 -4.27
CA VAL A 86 7.32 4.55 -3.15
C VAL A 86 6.25 4.01 -2.18
N LEU A 87 6.59 3.86 -0.89
CA LEU A 87 5.64 3.29 0.09
C LEU A 87 5.13 4.31 1.12
N ALA A 88 3.80 4.41 1.31
CA ALA A 88 3.29 5.33 2.32
C ALA A 88 2.24 4.67 3.23
N GLY A 89 2.33 4.92 4.51
CA GLY A 89 1.40 4.29 5.44
C GLY A 89 1.41 4.85 6.86
N SER A 90 0.39 4.45 7.62
CA SER A 90 0.23 4.84 9.02
C SER A 90 1.19 4.04 9.93
N ALA A 91 1.38 4.52 11.14
CA ALA A 91 2.26 3.82 12.08
C ALA A 91 3.54 3.35 11.41
N ASP A 92 4.01 4.14 10.46
CA ASP A 92 5.22 3.80 9.73
C ASP A 92 5.06 2.46 9.00
N PHE A 93 3.89 2.26 8.46
CA PHE A 93 3.56 1.02 7.77
C PHE A 93 4.50 0.84 6.60
N LYS A 94 4.73 1.89 5.85
CA LYS A 94 5.59 1.80 4.67
C LYS A 94 6.94 1.22 5.12
N THR A 95 7.41 1.78 6.17
CA THR A 95 8.71 1.38 6.74
C THR A 95 8.60 -0.12 7.10
N GLU A 96 7.51 -0.48 7.75
CA GLU A 96 7.19 -1.88 8.10
C GLU A 96 6.89 -2.72 6.85
N LEU A 97 6.31 -2.11 5.84
CA LEU A 97 5.91 -2.83 4.65
C LEU A 97 7.12 -3.44 4.01
N SER A 98 8.27 -2.71 3.93
CA SER A 98 9.48 -3.31 3.35
C SER A 98 9.50 -4.75 3.80
N GLN A 99 10.25 -5.11 4.85
CA GLN A 99 10.24 -6.51 5.29
C GLN A 99 10.11 -7.47 4.09
N SER A 100 11.25 -7.89 3.57
CA SER A 100 11.28 -8.71 2.36
C SER A 100 10.55 -10.04 2.43
N ASP A 101 10.64 -10.79 3.50
CA ASP A 101 9.98 -12.07 3.48
C ASP A 101 8.46 -11.93 3.22
N MET A 102 7.79 -11.06 3.98
CA MET A 102 6.34 -10.91 3.74
C MET A 102 6.13 -10.33 2.34
N PHE A 103 6.94 -9.32 2.03
CA PHE A 103 6.85 -8.57 0.78
C PHE A 103 7.44 -9.40 -0.34
N ASP A 104 7.25 -8.94 -1.56
CA ASP A 104 7.70 -9.70 -2.71
C ASP A 104 9.16 -9.58 -2.91
N GLN A 105 9.72 -10.61 -3.52
CA GLN A 105 11.11 -10.59 -3.84
C GLN A 105 11.39 -9.48 -4.84
N ARG A 106 10.46 -9.32 -5.78
CA ARG A 106 10.58 -8.31 -6.83
C ARG A 106 10.41 -6.82 -6.44
N LEU A 107 9.44 -6.43 -5.57
CA LEU A 107 9.19 -5.02 -5.15
C LEU A 107 10.23 -4.33 -4.27
N GLN A 108 10.77 -5.10 -3.33
CA GLN A 108 11.73 -4.56 -2.37
C GLN A 108 13.01 -4.14 -3.07
N SER A 109 13.29 -4.75 -4.21
CA SER A 109 14.47 -4.40 -5.00
C SER A 109 14.22 -3.11 -5.80
N LYS A 110 12.99 -2.62 -5.72
CA LYS A 110 12.54 -1.38 -6.36
C LYS A 110 12.33 -0.33 -5.25
N VAL A 111 12.89 -0.61 -4.09
CA VAL A 111 12.64 0.27 -2.95
C VAL A 111 13.38 1.61 -3.08
N LEU A 112 12.54 2.59 -3.41
CA LEU A 112 12.96 4.03 -3.60
C LEU A 112 12.78 5.08 -2.42
N LYS A 113 11.52 5.22 -1.93
CA LYS A 113 11.20 6.15 -0.84
C LYS A 113 10.02 5.69 0.00
N LEU A 114 9.98 6.14 1.25
CA LEU A 114 8.84 5.87 2.12
C LEU A 114 8.39 7.22 2.74
N VAL A 115 7.10 7.57 2.70
CA VAL A 115 6.64 8.85 3.27
C VAL A 115 5.33 8.65 4.04
N ASP A 116 4.99 9.49 5.01
CA ASP A 116 3.73 9.35 5.75
C ASP A 116 2.59 9.92 4.90
N ILE A 117 1.34 9.88 5.37
CA ILE A 117 0.20 10.43 4.64
C ILE A 117 -0.56 11.39 5.58
N SER A 118 -1.09 12.51 5.10
CA SER A 118 -1.76 13.37 6.09
C SER A 118 -2.88 12.54 6.73
N TYR A 119 -3.64 11.87 5.88
CA TYR A 119 -4.69 10.99 6.37
C TYR A 119 -4.96 9.92 5.31
N GLY A 120 -5.44 8.74 5.71
CA GLY A 120 -5.82 7.70 4.76
C GLY A 120 -5.16 7.74 3.41
N GLY A 121 -6.04 7.75 2.41
CA GLY A 121 -5.70 7.73 1.00
C GLY A 121 -5.65 9.09 0.35
N GLU A 122 -6.53 9.27 -0.64
CA GLU A 122 -6.59 10.44 -1.48
C GLU A 122 -5.98 11.72 -0.90
N ASN A 123 -6.56 12.35 0.11
CA ASN A 123 -5.94 13.62 0.53
C ASN A 123 -4.52 13.43 1.04
N GLY A 124 -4.26 12.39 1.81
CA GLY A 124 -2.88 12.16 2.25
C GLY A 124 -2.04 11.84 1.04
N PHE A 125 -2.66 11.03 0.21
CA PHE A 125 -2.05 10.55 -0.99
C PHE A 125 -1.69 11.71 -1.91
N ASN A 126 -2.60 12.64 -2.14
CA ASN A 126 -2.26 13.76 -3.02
C ASN A 126 -1.14 14.65 -2.46
N GLN A 127 -1.20 14.96 -1.15
CA GLN A 127 -0.18 15.84 -0.56
C GLN A 127 1.22 15.25 -0.52
N ALA A 128 1.31 13.98 -0.20
CA ALA A 128 2.60 13.37 -0.09
C ALA A 128 3.28 13.36 -1.44
N ILE A 129 2.51 13.11 -2.47
CA ILE A 129 3.09 13.07 -3.79
C ILE A 129 3.61 14.44 -4.22
N GLU A 130 2.82 15.49 -3.99
CA GLU A 130 3.28 16.79 -4.48
C GLU A 130 4.54 17.20 -3.73
N LEU A 131 4.45 17.15 -2.40
CA LEU A 131 5.57 17.56 -1.55
C LEU A 131 6.79 16.67 -1.79
N SER A 132 6.52 15.39 -1.90
CA SER A 132 7.53 14.34 -2.08
C SER A 132 7.79 13.95 -3.53
N THR A 133 7.29 14.67 -4.54
CA THR A 133 7.58 14.33 -5.92
C THR A 133 8.83 15.07 -6.36
N GLU A 134 8.98 16.22 -5.72
CA GLU A 134 10.08 17.13 -5.98
C GLU A 134 11.39 16.49 -5.59
N VAL A 135 11.37 15.72 -4.51
CA VAL A 135 12.64 15.14 -4.07
C VAL A 135 13.17 14.23 -5.15
N LEU A 136 12.31 13.38 -5.74
CA LEU A 136 12.73 12.48 -6.79
C LEU A 136 13.41 13.24 -7.93
N LEU A 1 16.52 10.28 -20.92
CA LEU A 1 15.67 9.90 -19.77
C LEU A 1 14.87 11.13 -19.32
N SER A 2 14.78 12.13 -20.20
CA SER A 2 14.05 13.35 -19.90
C SER A 2 12.59 13.05 -19.62
N ASP A 3 12.00 12.15 -20.42
CA ASP A 3 10.60 11.79 -20.24
C ASP A 3 10.38 11.09 -18.91
N ASP A 4 9.24 11.38 -18.28
CA ASP A 4 8.89 10.79 -17.00
C ASP A 4 8.36 9.37 -17.16
N SER A 5 8.54 8.58 -16.12
CA SER A 5 8.09 7.20 -16.11
C SER A 5 7.30 6.97 -14.84
N LYS A 6 6.35 6.04 -14.87
CA LYS A 6 5.43 5.87 -13.76
C LYS A 6 6.10 5.23 -12.54
N PHE A 7 5.78 5.82 -11.37
CA PHE A 7 6.32 5.35 -10.08
C PHE A 7 5.20 4.93 -9.14
N GLY A 8 5.34 3.76 -8.55
CA GLY A 8 4.33 3.25 -7.64
C GLY A 8 4.24 4.04 -6.36
N PHE A 9 3.04 4.04 -5.79
CA PHE A 9 2.79 4.71 -4.54
C PHE A 9 1.93 3.77 -3.73
N ILE A 10 2.29 3.43 -2.48
CA ILE A 10 1.40 2.52 -1.73
C ILE A 10 0.88 3.06 -0.41
N VAL A 11 -0.41 3.29 -0.42
CA VAL A 11 -1.08 3.77 0.79
C VAL A 11 -1.67 2.52 1.43
N ILE A 12 -1.16 2.18 2.61
CA ILE A 12 -1.57 0.96 3.26
C ILE A 12 -2.19 1.23 4.64
N ASP A 13 -3.39 0.70 4.84
CA ASP A 13 -4.08 0.85 6.12
C ASP A 13 -4.81 -0.45 6.47
N GLY A 14 -5.05 -0.68 7.75
CA GLY A 14 -5.66 -1.92 8.27
C GLY A 14 -7.11 -2.19 7.81
N SER A 15 -7.89 -1.16 7.63
CA SER A 15 -9.28 -1.29 7.23
C SER A 15 -9.44 -0.51 5.98
N GLY A 16 -8.71 -0.98 5.02
CA GLY A 16 -8.76 -0.45 3.67
C GLY A 16 -7.42 0.07 3.20
N ALA A 17 -7.23 0.13 1.88
CA ALA A 17 -5.98 0.63 1.33
C ALA A 17 -6.19 1.25 -0.06
N LEU A 18 -5.38 2.25 -0.40
CA LEU A 18 -5.45 2.89 -1.72
C LEU A 18 -4.10 2.73 -2.42
N PHE A 19 -4.07 2.17 -3.63
CA PHE A 19 -2.76 2.06 -4.29
C PHE A 19 -2.66 2.95 -5.51
N GLY A 20 -1.76 3.93 -5.41
CA GLY A 20 -1.61 4.94 -6.46
C GLY A 20 -0.30 4.84 -7.19
N THR A 21 -0.13 5.74 -8.16
CA THR A 21 1.09 5.80 -8.94
C THR A 21 1.48 7.26 -9.17
N LEU A 22 2.77 7.53 -9.38
CA LEU A 22 3.22 8.90 -9.66
C LEU A 22 3.97 8.95 -10.99
N GLN A 23 3.52 9.84 -11.89
CA GLN A 23 4.18 10.01 -13.18
C GLN A 23 4.51 11.47 -13.41
N GLY A 24 5.80 11.79 -13.58
CA GLY A 24 6.20 13.17 -13.82
C GLY A 24 5.71 14.05 -12.70
N ASN A 25 5.10 15.18 -13.07
CA ASN A 25 4.59 16.13 -12.10
C ASN A 25 3.11 15.85 -11.80
N THR A 26 2.59 14.74 -12.33
CA THR A 26 1.18 14.40 -12.16
C THR A 26 1.01 13.01 -11.54
N ARG A 27 -0.18 12.77 -10.99
CA ARG A 27 -0.47 11.52 -10.26
C ARG A 27 -1.67 10.77 -10.81
N GLU A 28 -1.61 9.45 -10.64
CA GLU A 28 -2.66 8.54 -11.13
C GLU A 28 -3.07 7.51 -10.07
N VAL A 29 -4.27 6.97 -10.27
CA VAL A 29 -4.84 5.96 -9.36
C VAL A 29 -4.93 4.61 -10.07
N LEU A 30 -4.40 3.56 -9.43
CA LEU A 30 -4.50 2.22 -10.01
C LEU A 30 -5.73 1.47 -9.50
N HIS A 31 -5.92 1.55 -8.18
CA HIS A 31 -7.02 0.87 -7.51
C HIS A 31 -7.32 1.57 -6.19
N LYS A 32 -8.53 1.40 -5.63
CA LYS A 32 -8.82 1.95 -4.32
C LYS A 32 -9.62 0.86 -3.60
N PHE A 33 -9.51 0.69 -2.29
CA PHE A 33 -10.32 -0.37 -1.69
C PHE A 33 -10.59 -0.28 -0.19
N THR A 34 -11.58 -1.09 0.18
CA THR A 34 -11.91 -1.32 1.58
C THR A 34 -11.91 -2.83 1.79
N VAL A 35 -11.19 -3.33 2.79
CA VAL A 35 -11.11 -4.78 3.01
C VAL A 35 -11.52 -5.21 4.41
N ASP A 36 -12.40 -6.20 4.50
CA ASP A 36 -12.84 -6.69 5.80
C ASP A 36 -11.85 -7.73 6.37
N LEU A 37 -11.28 -7.38 7.51
CA LEU A 37 -10.34 -8.22 8.25
C LEU A 37 -11.02 -9.59 8.61
N PRO A 38 -10.54 -10.44 9.53
CA PRO A 38 -11.06 -11.82 9.78
C PRO A 38 -12.43 -12.21 9.22
N LYS A 39 -12.51 -13.45 8.94
CA LYS A 39 -13.69 -14.12 8.38
C LYS A 39 -14.91 -14.16 9.30
N LYS A 40 -14.64 -14.52 10.55
CA LYS A 40 -15.66 -14.72 11.55
C LYS A 40 -16.29 -13.42 12.02
N HIS A 41 -17.59 -13.45 12.16
CA HIS A 41 -18.34 -12.27 12.57
C HIS A 41 -19.32 -12.59 13.70
N GLY A 42 -20.35 -11.76 13.86
CA GLY A 42 -21.31 -11.96 14.95
C GLY A 42 -22.05 -13.30 14.83
N ARG A 43 -22.35 -13.71 13.60
CA ARG A 43 -23.07 -14.97 13.38
C ARG A 43 -22.20 -16.13 13.87
N GLY A 44 -20.91 -16.03 13.62
CA GLY A 44 -19.96 -17.07 14.00
C GLY A 44 -19.62 -17.02 15.50
N GLY A 45 -18.64 -17.85 15.86
CA GLY A 45 -18.17 -18.00 17.23
C GLY A 45 -17.60 -16.71 17.77
N GLN A 46 -16.97 -15.95 16.90
CA GLN A 46 -16.33 -14.71 17.30
C GLN A 46 -17.38 -13.64 17.52
N SER A 47 -17.26 -12.93 18.65
CA SER A 47 -18.21 -11.89 18.99
C SER A 47 -18.05 -10.73 18.01
N ALA A 48 -19.11 -9.99 17.73
CA ALA A 48 -18.94 -8.86 16.83
C ALA A 48 -18.00 -7.83 17.46
N LEU A 49 -18.16 -7.62 18.77
CA LEU A 49 -17.32 -6.68 19.50
C LEU A 49 -15.86 -7.10 19.50
N ARG A 50 -15.64 -8.41 19.71
CA ARG A 50 -14.30 -8.97 19.76
C ARG A 50 -13.62 -8.96 18.40
N PHE A 51 -14.40 -8.86 17.34
CA PHE A 51 -13.83 -8.86 16.00
C PHE A 51 -12.87 -7.69 15.86
N ALA A 52 -13.30 -6.49 16.25
CA ALA A 52 -12.40 -5.33 16.09
C ALA A 52 -11.12 -5.50 16.91
N ARG A 53 -11.24 -6.01 18.14
CA ARG A 53 -10.06 -6.24 18.98
C ARG A 53 -9.19 -7.40 18.47
N LEU A 54 -9.88 -8.45 18.02
CA LEU A 54 -9.27 -9.70 17.54
C LEU A 54 -8.38 -9.57 16.31
N ARG A 55 -8.81 -8.77 15.33
CA ARG A 55 -8.06 -8.69 14.07
C ARG A 55 -6.63 -8.16 14.22
N MET A 56 -6.45 -7.15 15.03
CA MET A 56 -5.15 -6.45 15.05
C MET A 56 -3.95 -7.45 14.84
N GLU A 57 -3.99 -8.66 15.39
CA GLU A 57 -2.91 -9.65 15.12
C GLU A 57 -2.96 -10.09 13.64
N LYS A 58 -4.18 -10.22 13.17
CA LYS A 58 -4.54 -10.60 11.80
C LYS A 58 -4.12 -9.53 10.82
N ARG A 59 -3.63 -8.40 11.32
CA ARG A 59 -3.21 -7.31 10.46
C ARG A 59 -2.06 -7.81 9.55
N HIS A 60 -1.18 -8.61 10.12
CA HIS A 60 -0.04 -9.13 9.35
C HIS A 60 -0.53 -9.91 8.12
N ASN A 61 -1.55 -10.72 8.30
CA ASN A 61 -2.09 -11.49 7.16
C ASN A 61 -2.65 -10.50 6.13
N TYR A 62 -3.28 -9.49 6.70
CA TYR A 62 -3.87 -8.42 5.87
C TYR A 62 -2.75 -7.76 5.06
N VAL A 63 -1.61 -7.44 5.70
CA VAL A 63 -0.50 -6.78 5.02
C VAL A 63 0.04 -7.69 3.89
N ARG A 64 0.19 -9.00 4.15
CA ARG A 64 0.67 -9.90 3.09
C ARG A 64 -0.34 -9.85 1.94
N LYS A 65 -1.61 -9.88 2.33
CA LYS A 65 -2.70 -9.87 1.35
C LYS A 65 -2.57 -8.60 0.51
N VAL A 66 -2.27 -7.50 1.17
CA VAL A 66 -2.03 -6.23 0.48
C VAL A 66 -0.81 -6.38 -0.42
N ALA A 67 0.22 -7.03 0.11
CA ALA A 67 1.45 -7.24 -0.64
C ALA A 67 1.17 -8.10 -1.86
N GLU A 68 0.28 -9.07 -1.69
CA GLU A 68 -0.10 -9.95 -2.79
C GLU A 68 -0.81 -9.12 -3.85
N THR A 69 -1.61 -8.16 -3.37
CA THR A 69 -2.34 -7.25 -4.25
C THR A 69 -1.36 -6.37 -5.06
N ALA A 70 -0.28 -5.91 -4.41
CA ALA A 70 0.67 -5.01 -5.08
C ALA A 70 1.31 -5.71 -6.30
N VAL A 71 1.65 -6.98 -6.18
CA VAL A 71 2.30 -7.70 -7.26
C VAL A 71 1.42 -7.79 -8.51
N GLN A 72 0.15 -8.07 -8.31
CA GLN A 72 -0.76 -8.13 -9.43
C GLN A 72 -0.86 -6.74 -10.04
N LEU A 73 -0.91 -5.76 -9.16
CA LEU A 73 -0.96 -4.36 -9.54
C LEU A 73 0.29 -3.88 -10.28
N PHE A 74 1.46 -4.31 -9.82
CA PHE A 74 2.73 -3.82 -10.38
C PHE A 74 3.51 -4.84 -11.22
N ILE A 75 3.01 -6.03 -11.26
CA ILE A 75 3.59 -7.10 -12.07
C ILE A 75 2.52 -7.76 -12.92
N SER A 76 2.86 -8.10 -14.17
CA SER A 76 1.93 -8.83 -15.03
C SER A 76 2.66 -9.87 -15.81
N GLY A 77 2.09 -11.04 -15.98
CA GLY A 77 2.77 -12.06 -16.78
C GLY A 77 4.21 -12.21 -16.28
N ASP A 78 5.03 -11.33 -16.82
CA ASP A 78 6.46 -11.21 -16.51
C ASP A 78 6.86 -9.74 -16.64
N LYS A 79 5.83 -8.92 -16.67
CA LYS A 79 5.92 -7.47 -16.76
C LYS A 79 6.18 -6.88 -15.40
N VAL A 80 6.74 -5.69 -15.41
CA VAL A 80 6.83 -4.87 -14.21
C VAL A 80 6.21 -3.53 -14.58
N ASN A 81 5.29 -2.99 -13.79
CA ASN A 81 4.63 -1.75 -14.16
C ASN A 81 5.22 -0.49 -13.51
N VAL A 82 6.40 -0.59 -12.88
CA VAL A 82 6.97 0.60 -12.22
C VAL A 82 8.46 0.88 -12.49
N ALA A 83 8.76 2.18 -12.39
CA ALA A 83 10.09 2.76 -12.53
C ALA A 83 10.68 2.89 -11.11
N GLY A 84 9.92 2.31 -10.19
CA GLY A 84 10.29 2.27 -8.77
C GLY A 84 9.05 2.30 -7.88
N LEU A 85 9.25 2.15 -6.57
CA LEU A 85 8.12 2.15 -5.65
C LEU A 85 8.28 3.11 -4.46
N VAL A 86 7.17 3.72 -4.08
CA VAL A 86 7.13 4.59 -2.91
C VAL A 86 6.11 4.00 -1.94
N LEU A 87 6.50 3.77 -0.68
CA LEU A 87 5.59 3.14 0.29
C LEU A 87 5.02 4.15 1.29
N ALA A 88 3.68 4.17 1.45
CA ALA A 88 3.09 5.09 2.44
C ALA A 88 2.08 4.40 3.36
N GLY A 89 2.19 4.72 4.66
CA GLY A 89 1.32 4.10 5.67
C GLY A 89 1.36 4.83 7.02
N SER A 90 0.41 4.52 7.90
CA SER A 90 0.33 5.13 9.23
C SER A 90 1.39 4.58 10.20
N ALA A 91 1.68 5.36 11.24
CA ALA A 91 2.64 4.96 12.26
C ALA A 91 3.92 4.34 11.67
N ASP A 92 4.38 4.89 10.56
CA ASP A 92 5.57 4.39 9.88
C ASP A 92 5.43 2.94 9.41
N PHE A 93 4.23 2.61 8.99
CA PHE A 93 3.90 1.25 8.54
C PHE A 93 4.79 0.86 7.34
N LYS A 94 4.95 1.76 6.39
CA LYS A 94 5.67 1.39 5.18
C LYS A 94 7.04 0.80 5.57
N THR A 95 7.68 1.47 6.45
CA THR A 95 9.04 1.06 6.83
C THR A 95 8.94 -0.45 7.14
N GLU A 96 7.89 -0.82 7.83
CA GLU A 96 7.58 -2.22 8.10
C GLU A 96 7.22 -2.97 6.81
N LEU A 97 6.62 -2.28 5.85
CA LEU A 97 6.17 -2.95 4.64
C LEU A 97 7.34 -3.55 3.90
N SER A 98 8.50 -2.85 3.80
CA SER A 98 9.62 -3.44 3.07
C SER A 98 9.71 -4.89 3.52
N GLN A 99 10.53 -5.23 4.52
CA GLN A 99 10.58 -6.62 4.98
C GLN A 99 10.33 -7.64 3.82
N SER A 100 11.40 -8.17 3.26
CA SER A 100 11.25 -9.09 2.12
C SER A 100 10.52 -10.40 2.46
N ASP A 101 10.46 -10.80 3.72
CA ASP A 101 9.77 -12.06 4.06
C ASP A 101 8.27 -11.99 3.73
N MET A 102 7.67 -10.82 3.99
CA MET A 102 6.24 -10.65 3.68
C MET A 102 6.05 -10.06 2.28
N PHE A 103 6.76 -8.97 2.02
CA PHE A 103 6.67 -8.25 0.75
C PHE A 103 7.30 -9.12 -0.33
N ASP A 104 7.15 -8.71 -1.57
CA ASP A 104 7.65 -9.53 -2.66
C ASP A 104 9.12 -9.38 -2.81
N GLN A 105 9.72 -10.41 -3.31
CA GLN A 105 11.11 -10.36 -3.58
C GLN A 105 11.37 -9.35 -4.67
N ARG A 106 10.49 -9.34 -5.69
CA ARG A 106 10.61 -8.45 -6.83
C ARG A 106 10.45 -6.94 -6.54
N LEU A 107 9.47 -6.53 -5.70
CA LEU A 107 9.25 -5.12 -5.32
C LEU A 107 10.33 -4.56 -4.46
N GLN A 108 10.85 -5.44 -3.62
CA GLN A 108 11.88 -5.06 -2.65
C GLN A 108 13.08 -4.53 -3.40
N SER A 109 13.31 -5.05 -4.59
CA SER A 109 14.43 -4.63 -5.43
C SER A 109 14.15 -3.29 -6.13
N LYS A 110 12.92 -2.79 -5.99
CA LYS A 110 12.51 -1.50 -6.57
C LYS A 110 12.24 -0.47 -5.46
N VAL A 111 12.81 -0.74 -4.29
CA VAL A 111 12.48 0.12 -3.15
C VAL A 111 13.21 1.47 -3.23
N LEU A 112 12.36 2.47 -3.43
CA LEU A 112 12.78 3.94 -3.55
C LEU A 112 12.59 4.93 -2.33
N LYS A 113 11.35 5.01 -1.77
CA LYS A 113 11.06 5.92 -0.65
C LYS A 113 9.92 5.45 0.23
N LEU A 114 9.89 5.91 1.48
CA LEU A 114 8.78 5.65 2.37
C LEU A 114 8.33 6.98 3.00
N VAL A 115 7.04 7.31 3.00
CA VAL A 115 6.58 8.58 3.59
C VAL A 115 5.30 8.36 4.41
N ASP A 116 4.97 9.22 5.37
CA ASP A 116 3.74 9.08 6.16
C ASP A 116 2.60 9.61 5.30
N ILE A 117 1.33 9.56 5.75
CA ILE A 117 0.22 10.10 4.97
C ILE A 117 -0.61 10.99 5.91
N SER A 118 -1.24 12.05 5.41
CA SER A 118 -2.01 12.85 6.36
C SER A 118 -3.09 11.94 6.96
N TYR A 119 -3.77 11.21 6.09
CA TYR A 119 -4.76 10.24 6.52
C TYR A 119 -4.98 9.22 5.40
N GLY A 120 -5.42 8.02 5.76
CA GLY A 120 -5.78 7.01 4.77
C GLY A 120 -5.11 7.20 3.41
N GLY A 121 -5.94 7.34 2.41
CA GLY A 121 -5.51 7.54 1.02
C GLY A 121 -5.81 8.94 0.50
N GLU A 122 -6.80 9.03 -0.37
CA GLU A 122 -7.24 10.24 -1.08
C GLU A 122 -6.93 11.63 -0.53
N ASN A 123 -6.68 11.88 0.76
CA ASN A 123 -6.26 13.25 1.11
C ASN A 123 -4.74 13.30 1.25
N GLY A 124 -4.23 12.32 2.02
CA GLY A 124 -2.80 12.16 2.25
C GLY A 124 -2.11 11.85 0.96
N PHE A 125 -2.82 11.10 0.15
CA PHE A 125 -2.30 10.70 -1.12
C PHE A 125 -1.97 11.92 -1.94
N ASN A 126 -2.87 12.90 -2.02
CA ASN A 126 -2.55 14.11 -2.77
C ASN A 126 -1.38 14.89 -2.13
N GLN A 127 -1.35 15.00 -0.79
CA GLN A 127 -0.27 15.75 -0.09
C GLN A 127 1.09 15.12 -0.25
N ALA A 128 1.14 13.80 -0.18
CA ALA A 128 2.44 13.12 -0.26
C ALA A 128 3.08 13.37 -1.61
N ILE A 129 2.26 13.40 -2.64
CA ILE A 129 2.77 13.64 -3.96
C ILE A 129 3.35 15.05 -4.08
N GLU A 130 2.63 16.03 -3.55
CA GLU A 130 3.15 17.39 -3.70
C GLU A 130 4.49 17.43 -2.96
N LEU A 131 4.50 16.90 -1.75
CA LEU A 131 5.71 16.92 -0.95
C LEU A 131 6.78 16.12 -1.68
N SER A 132 6.36 14.98 -2.23
CA SER A 132 7.24 14.14 -3.03
C SER A 132 6.70 14.10 -4.45
N THR A 133 6.77 15.22 -5.16
CA THR A 133 6.41 15.28 -6.58
C THR A 133 7.70 15.42 -7.39
N GLU A 134 8.62 16.18 -6.77
CA GLU A 134 9.92 16.56 -7.34
C GLU A 134 11.03 15.53 -7.15
N VAL A 135 10.85 14.56 -6.28
CA VAL A 135 11.81 13.50 -6.04
C VAL A 135 11.50 12.36 -6.98
N LEU A 136 10.41 12.56 -7.70
CA LEU A 136 9.94 11.59 -8.68
C LEU A 136 9.66 12.27 -10.00
N LEU A 1 13.22 16.53 -16.01
CA LEU A 1 11.74 16.71 -15.88
C LEU A 1 11.05 15.99 -17.04
N SER A 2 11.65 16.08 -18.22
CA SER A 2 11.11 15.44 -19.41
C SER A 2 11.38 13.94 -19.39
N ASP A 3 10.65 13.19 -20.21
CA ASP A 3 10.82 11.74 -20.29
C ASP A 3 10.54 11.07 -18.93
N ASP A 4 9.45 11.48 -18.28
CA ASP A 4 9.10 10.92 -17.00
C ASP A 4 8.51 9.53 -17.18
N SER A 5 8.65 8.71 -16.14
CA SER A 5 8.17 7.35 -16.17
C SER A 5 7.37 7.08 -14.92
N LYS A 6 6.42 6.16 -14.98
CA LYS A 6 5.51 5.91 -13.89
C LYS A 6 6.18 5.25 -12.69
N PHE A 7 5.79 5.77 -11.52
CA PHE A 7 6.29 5.28 -10.22
C PHE A 7 5.10 4.91 -9.31
N GLY A 8 5.17 3.75 -8.67
CA GLY A 8 4.07 3.30 -7.80
C GLY A 8 3.98 4.11 -6.52
N PHE A 9 2.81 4.04 -5.90
CA PHE A 9 2.60 4.71 -4.65
C PHE A 9 1.79 3.77 -3.77
N ILE A 10 2.21 3.46 -2.53
CA ILE A 10 1.37 2.55 -1.74
C ILE A 10 0.82 3.09 -0.42
N VAL A 11 -0.49 3.28 -0.39
CA VAL A 11 -1.15 3.73 0.83
C VAL A 11 -1.72 2.47 1.48
N ILE A 12 -1.20 2.14 2.66
CA ILE A 12 -1.57 0.92 3.33
C ILE A 12 -2.21 1.16 4.70
N ASP A 13 -3.40 0.59 4.88
CA ASP A 13 -4.11 0.73 6.15
C ASP A 13 -4.78 -0.61 6.49
N GLY A 14 -5.06 -0.85 7.75
CA GLY A 14 -5.59 -2.14 8.24
C GLY A 14 -6.98 -2.57 7.70
N SER A 15 -7.87 -1.63 7.44
CA SER A 15 -9.21 -1.93 7.00
C SER A 15 -9.45 -1.09 5.80
N GLY A 16 -8.72 -1.45 4.82
CA GLY A 16 -8.82 -0.87 3.47
C GLY A 16 -7.50 -0.24 3.04
N ALA A 17 -7.30 -0.14 1.73
CA ALA A 17 -6.05 0.44 1.24
C ALA A 17 -6.27 1.12 -0.11
N LEU A 18 -5.50 2.17 -0.37
CA LEU A 18 -5.57 2.87 -1.66
C LEU A 18 -4.21 2.73 -2.32
N PHE A 19 -4.11 2.20 -3.53
CA PHE A 19 -2.79 2.10 -4.15
C PHE A 19 -2.68 3.03 -5.34
N GLY A 20 -1.78 4.02 -5.27
CA GLY A 20 -1.69 5.04 -6.31
C GLY A 20 -0.41 5.00 -7.10
N THR A 21 -0.35 5.91 -8.07
CA THR A 21 0.82 6.00 -8.93
C THR A 21 1.28 7.45 -9.12
N LEU A 22 2.57 7.63 -9.39
CA LEU A 22 3.11 8.96 -9.67
C LEU A 22 3.81 8.95 -11.02
N GLN A 23 3.36 9.80 -11.94
CA GLN A 23 4.00 9.92 -13.25
C GLN A 23 4.21 11.38 -13.58
N GLY A 24 5.46 11.77 -13.84
CA GLY A 24 5.77 13.16 -14.14
C GLY A 24 5.38 14.04 -12.97
N ASN A 25 4.78 15.18 -13.26
CA ASN A 25 4.36 16.08 -12.19
C ASN A 25 2.89 15.89 -11.87
N THR A 26 2.28 14.86 -12.46
CA THR A 26 0.87 14.57 -12.26
C THR A 26 0.68 13.33 -11.39
N ARG A 27 -0.54 13.19 -10.88
CA ARG A 27 -0.86 12.07 -9.99
C ARG A 27 -2.01 11.23 -10.51
N GLU A 28 -1.89 9.92 -10.28
CA GLU A 28 -2.88 8.96 -10.73
C GLU A 28 -3.20 7.93 -9.63
N VAL A 29 -4.34 7.28 -9.79
CA VAL A 29 -4.79 6.27 -8.84
C VAL A 29 -4.70 4.90 -9.51
N LEU A 30 -4.03 3.95 -8.84
CA LEU A 30 -3.91 2.60 -9.38
C LEU A 30 -5.08 1.73 -8.95
N HIS A 31 -5.31 1.65 -7.64
CA HIS A 31 -6.41 0.83 -7.15
C HIS A 31 -6.95 1.21 -5.78
N LYS A 32 -8.26 1.40 -5.76
CA LYS A 32 -8.96 1.78 -4.54
C LYS A 32 -9.74 0.57 -4.04
N PHE A 33 -9.68 0.33 -2.73
CA PHE A 33 -10.42 -0.78 -2.19
C PHE A 33 -10.65 -0.70 -0.69
N THR A 34 -11.58 -1.54 -0.28
CA THR A 34 -11.84 -1.75 1.13
C THR A 34 -11.79 -3.25 1.37
N VAL A 35 -11.04 -3.74 2.35
CA VAL A 35 -10.95 -5.18 2.55
C VAL A 35 -11.38 -5.64 3.92
N ASP A 36 -12.26 -6.62 3.95
CA ASP A 36 -12.75 -7.14 5.21
C ASP A 36 -11.76 -8.18 5.78
N LEU A 37 -11.28 -7.86 6.97
CA LEU A 37 -10.34 -8.70 7.72
C LEU A 37 -10.96 -10.12 7.91
N PRO A 38 -10.54 -11.00 8.85
CA PRO A 38 -10.99 -12.44 8.96
C PRO A 38 -12.32 -12.88 8.29
N LYS A 39 -12.54 -14.18 8.23
CA LYS A 39 -13.73 -14.77 7.58
C LYS A 39 -14.89 -15.20 8.51
N LYS A 40 -14.57 -15.72 9.69
CA LYS A 40 -15.60 -16.21 10.59
C LYS A 40 -16.50 -15.10 11.11
N HIS A 41 -17.78 -15.32 11.05
CA HIS A 41 -18.76 -14.33 11.49
C HIS A 41 -19.64 -14.87 12.63
N GLY A 42 -19.01 -15.62 13.52
CA GLY A 42 -19.69 -16.19 14.69
C GLY A 42 -20.14 -17.62 14.45
N ARG A 43 -20.04 -18.08 13.21
CA ARG A 43 -20.39 -19.45 12.89
C ARG A 43 -19.46 -20.39 13.65
N GLY A 44 -18.20 -20.00 13.68
CA GLY A 44 -17.14 -20.76 14.31
C GLY A 44 -17.02 -20.48 15.82
N GLY A 45 -15.93 -21.01 16.38
CA GLY A 45 -15.63 -20.89 17.80
C GLY A 45 -15.42 -19.44 18.23
N GLN A 46 -14.86 -18.61 17.35
CA GLN A 46 -14.61 -17.21 17.72
C GLN A 46 -15.92 -16.43 17.71
N SER A 47 -16.11 -15.66 18.79
CA SER A 47 -17.33 -14.87 18.94
C SER A 47 -17.34 -13.73 17.95
N ALA A 48 -18.52 -13.25 17.56
CA ALA A 48 -18.52 -12.14 16.63
C ALA A 48 -17.88 -10.90 17.26
N LEU A 49 -18.18 -10.66 18.54
CA LEU A 49 -17.59 -9.53 19.24
C LEU A 49 -16.07 -9.71 19.36
N ARG A 50 -15.67 -10.95 19.68
CA ARG A 50 -14.27 -11.31 19.84
C ARG A 50 -13.53 -11.29 18.51
N PHE A 51 -14.30 -11.39 17.44
CA PHE A 51 -13.72 -11.44 16.11
C PHE A 51 -12.92 -10.18 15.83
N ALA A 52 -13.50 -9.03 16.11
CA ALA A 52 -12.80 -7.80 15.79
C ALA A 52 -11.51 -7.69 16.62
N ARG A 53 -11.56 -8.13 17.87
CA ARG A 53 -10.37 -8.13 18.74
C ARG A 53 -9.29 -9.07 18.20
N LEU A 54 -9.76 -10.20 17.70
CA LEU A 54 -8.95 -11.30 17.14
C LEU A 54 -8.14 -10.89 15.90
N ARG A 55 -8.72 -10.08 15.02
CA ARG A 55 -8.02 -9.74 13.78
C ARG A 55 -6.68 -9.05 14.04
N MET A 56 -6.65 -8.15 14.98
CA MET A 56 -5.44 -7.35 15.18
C MET A 56 -4.16 -8.20 14.92
N GLU A 57 -4.14 -9.48 15.31
CA GLU A 57 -3.00 -10.37 14.98
C GLU A 57 -2.95 -10.65 13.47
N LYS A 58 -4.13 -10.78 12.93
CA LYS A 58 -4.39 -11.04 11.51
C LYS A 58 -3.96 -9.89 10.61
N ARG A 59 -3.47 -8.78 11.16
CA ARG A 59 -3.06 -7.68 10.33
C ARG A 59 -1.95 -8.16 9.40
N HIS A 60 -1.08 -9.02 9.93
CA HIS A 60 0.00 -9.56 9.14
C HIS A 60 -0.57 -10.29 7.93
N ASN A 61 -1.65 -11.06 8.12
CA ASN A 61 -2.28 -11.76 6.99
C ASN A 61 -2.82 -10.72 5.99
N TYR A 62 -3.38 -9.69 6.59
CA TYR A 62 -3.91 -8.57 5.77
C TYR A 62 -2.75 -7.96 4.96
N VAL A 63 -1.60 -7.71 5.61
CA VAL A 63 -0.42 -7.14 4.95
C VAL A 63 0.08 -8.07 3.86
N ARG A 64 0.16 -9.38 4.11
CA ARG A 64 0.61 -10.31 3.07
C ARG A 64 -0.36 -10.17 1.90
N LYS A 65 -1.64 -10.12 2.24
CA LYS A 65 -2.69 -10.02 1.24
C LYS A 65 -2.46 -8.72 0.46
N VAL A 66 -2.12 -7.66 1.17
CA VAL A 66 -1.81 -6.40 0.53
C VAL A 66 -0.57 -6.57 -0.36
N ALA A 67 0.44 -7.28 0.15
CA ALA A 67 1.66 -7.50 -0.61
C ALA A 67 1.32 -8.30 -1.85
N GLU A 68 0.39 -9.25 -1.71
CA GLU A 68 -0.02 -10.07 -2.84
C GLU A 68 -0.70 -9.18 -3.85
N THR A 69 -1.46 -8.22 -3.34
CA THR A 69 -2.16 -7.26 -4.18
C THR A 69 -1.16 -6.39 -4.95
N ALA A 70 -0.08 -5.95 -4.29
CA ALA A 70 0.87 -5.06 -4.96
C ALA A 70 1.48 -5.76 -6.19
N VAL A 71 1.82 -7.04 -6.07
CA VAL A 71 2.46 -7.75 -7.18
C VAL A 71 1.53 -7.82 -8.40
N GLN A 72 0.26 -8.11 -8.18
CA GLN A 72 -0.68 -8.15 -9.29
C GLN A 72 -0.79 -6.76 -9.89
N LEU A 73 -0.82 -5.78 -8.99
CA LEU A 73 -0.89 -4.37 -9.36
C LEU A 73 0.36 -3.91 -10.15
N PHE A 74 1.53 -4.36 -9.70
CA PHE A 74 2.80 -3.90 -10.30
C PHE A 74 3.56 -4.91 -11.15
N ILE A 75 3.12 -6.13 -11.15
CA ILE A 75 3.74 -7.18 -11.96
C ILE A 75 2.69 -7.93 -12.76
N SER A 76 3.00 -8.24 -14.01
CA SER A 76 2.08 -9.05 -14.81
C SER A 76 2.87 -10.02 -15.63
N GLY A 77 2.37 -11.25 -15.78
CA GLY A 77 3.08 -12.22 -16.57
C GLY A 77 4.54 -12.27 -16.15
N ASP A 78 5.26 -11.32 -16.74
CA ASP A 78 6.70 -11.13 -16.48
C ASP A 78 7.03 -9.64 -16.63
N LYS A 79 5.97 -8.86 -16.64
CA LYS A 79 6.01 -7.41 -16.74
C LYS A 79 6.25 -6.82 -15.37
N VAL A 80 6.79 -5.60 -15.34
CA VAL A 80 6.84 -4.81 -14.12
C VAL A 80 6.16 -3.49 -14.50
N ASN A 81 5.21 -3.02 -13.74
CA ASN A 81 4.48 -1.82 -14.12
C ASN A 81 5.03 -0.52 -13.49
N VAL A 82 6.22 -0.55 -12.86
CA VAL A 82 6.74 0.67 -12.24
C VAL A 82 8.21 1.00 -12.53
N ALA A 83 8.47 2.31 -12.46
CA ALA A 83 9.78 2.93 -12.60
C ALA A 83 10.41 3.04 -11.22
N GLY A 84 9.72 2.44 -10.25
CA GLY A 84 10.15 2.39 -8.85
C GLY A 84 8.92 2.41 -7.94
N LEU A 85 9.15 2.34 -6.64
CA LEU A 85 8.04 2.33 -5.69
C LEU A 85 8.19 3.36 -4.58
N VAL A 86 7.05 3.93 -4.19
CA VAL A 86 6.99 4.87 -3.08
C VAL A 86 6.01 4.24 -2.08
N LEU A 87 6.41 4.09 -0.80
CA LEU A 87 5.54 3.44 0.17
C LEU A 87 4.96 4.44 1.17
N ALA A 88 3.63 4.39 1.37
CA ALA A 88 3.00 5.31 2.33
C ALA A 88 2.03 4.59 3.29
N GLY A 89 2.13 4.93 4.57
CA GLY A 89 1.28 4.29 5.58
C GLY A 89 1.25 5.01 6.92
N SER A 90 0.27 4.62 7.76
CA SER A 90 0.13 5.22 9.09
C SER A 90 1.23 4.73 10.04
N ALA A 91 1.50 5.50 11.08
CA ALA A 91 2.52 5.14 12.05
C ALA A 91 3.76 4.54 11.39
N ASP A 92 4.05 5.01 10.19
CA ASP A 92 5.22 4.53 9.44
C ASP A 92 5.17 3.03 9.20
N PHE A 93 3.95 2.53 9.03
CA PHE A 93 3.71 1.09 8.84
C PHE A 93 4.44 0.57 7.61
N LYS A 94 4.37 1.32 6.54
CA LYS A 94 4.95 0.87 5.29
C LYS A 94 6.43 0.54 5.52
N THR A 95 7.10 1.38 6.23
CA THR A 95 8.55 1.19 6.39
C THR A 95 8.70 -0.27 6.83
N GLU A 96 7.80 -0.72 7.70
CA GLU A 96 7.73 -2.10 8.14
C GLU A 96 7.32 -3.02 7.00
N LEU A 97 6.48 -2.54 6.06
CA LEU A 97 6.00 -3.41 5.02
C LEU A 97 7.19 -3.90 4.21
N SER A 98 8.20 -3.04 3.89
CA SER A 98 9.39 -3.52 3.15
C SER A 98 9.58 -4.96 3.54
N GLN A 99 10.48 -5.29 4.47
CA GLN A 99 10.61 -6.70 4.92
C GLN A 99 10.24 -7.73 3.82
N SER A 100 11.23 -8.33 3.20
CA SER A 100 10.96 -9.26 2.10
C SER A 100 10.15 -10.52 2.48
N ASP A 101 10.08 -10.92 3.75
CA ASP A 101 9.34 -12.16 4.06
C ASP A 101 7.83 -12.07 3.75
N MET A 102 7.21 -10.92 4.03
CA MET A 102 5.80 -10.75 3.64
C MET A 102 5.74 -10.10 2.27
N PHE A 103 6.54 -9.06 2.16
CA PHE A 103 6.65 -8.26 0.97
C PHE A 103 7.39 -9.04 -0.06
N ASP A 104 7.16 -8.67 -1.30
CA ASP A 104 7.72 -9.43 -2.40
C ASP A 104 9.18 -9.21 -2.56
N GLN A 105 9.81 -10.25 -3.04
CA GLN A 105 11.21 -10.19 -3.33
C GLN A 105 11.36 -9.18 -4.45
N ARG A 106 10.43 -9.24 -5.40
CA ARG A 106 10.46 -8.36 -6.56
C ARG A 106 10.27 -6.86 -6.30
N LEU A 107 9.34 -6.43 -5.42
CA LEU A 107 9.12 -5.01 -5.05
C LEU A 107 10.24 -4.46 -4.23
N GLN A 108 10.78 -5.34 -3.41
CA GLN A 108 11.86 -4.95 -2.50
C GLN A 108 13.03 -4.42 -3.31
N SER A 109 13.19 -4.94 -4.51
CA SER A 109 14.26 -4.53 -5.41
C SER A 109 13.93 -3.20 -6.12
N LYS A 110 12.71 -2.71 -5.91
CA LYS A 110 12.22 -1.46 -6.50
C LYS A 110 12.02 -0.44 -5.39
N VAL A 111 12.73 -0.62 -4.28
CA VAL A 111 12.49 0.27 -3.15
C VAL A 111 13.20 1.62 -3.33
N LEU A 112 12.30 2.58 -3.61
CA LEU A 112 12.64 4.03 -3.84
C LEU A 112 12.46 5.08 -2.66
N LYS A 113 11.25 5.15 -2.06
CA LYS A 113 10.95 6.11 -0.99
C LYS A 113 9.91 5.59 0.00
N LEU A 114 9.99 6.04 1.25
CA LEU A 114 9.00 5.73 2.27
C LEU A 114 8.51 7.09 2.81
N VAL A 115 7.19 7.41 2.81
CA VAL A 115 6.72 8.70 3.35
C VAL A 115 5.46 8.49 4.21
N ASP A 116 5.14 9.38 5.17
CA ASP A 116 3.92 9.25 5.97
C ASP A 116 2.75 9.80 5.14
N ILE A 117 1.51 9.79 5.63
CA ILE A 117 0.37 10.35 4.89
C ILE A 117 -0.35 11.33 5.83
N SER A 118 -0.89 12.45 5.33
CA SER A 118 -1.54 13.34 6.31
C SER A 118 -2.63 12.53 6.99
N TYR A 119 -3.39 11.83 6.18
CA TYR A 119 -4.41 10.93 6.69
C TYR A 119 -4.68 9.86 5.64
N GLY A 120 -5.13 8.69 6.06
CA GLY A 120 -5.53 7.63 5.13
C GLY A 120 -4.95 7.76 3.71
N GLY A 121 -5.87 7.70 2.75
CA GLY A 121 -5.58 7.76 1.33
C GLY A 121 -5.59 9.14 0.70
N GLU A 122 -6.56 9.32 -0.19
CA GLU A 122 -6.71 10.52 -1.00
C GLU A 122 -6.03 11.79 -0.43
N ASN A 123 -6.50 12.36 0.68
CA ASN A 123 -5.85 13.61 1.11
C ASN A 123 -4.39 13.37 1.50
N GLY A 124 -4.09 12.27 2.20
CA GLY A 124 -2.69 11.97 2.55
C GLY A 124 -1.92 11.68 1.27
N PHE A 125 -2.62 10.98 0.43
CA PHE A 125 -2.08 10.54 -0.83
C PHE A 125 -1.70 11.72 -1.70
N ASN A 126 -2.57 12.72 -1.81
CA ASN A 126 -2.24 13.87 -2.63
C ASN A 126 -1.05 14.65 -2.06
N GLN A 127 -0.99 14.81 -0.73
CA GLN A 127 0.10 15.57 -0.10
C GLN A 127 1.47 14.93 -0.27
N ALA A 128 1.54 13.62 -0.15
CA ALA A 128 2.82 12.94 -0.25
C ALA A 128 3.42 13.15 -1.63
N ILE A 129 2.56 13.12 -2.63
CA ILE A 129 3.01 13.34 -4.01
C ILE A 129 3.54 14.76 -4.16
N GLU A 130 2.80 15.71 -3.61
CA GLU A 130 3.21 17.11 -3.79
C GLU A 130 4.59 17.21 -3.14
N LEU A 131 4.69 16.67 -1.93
CA LEU A 131 5.94 16.75 -1.19
C LEU A 131 7.02 16.03 -1.98
N SER A 132 6.66 14.89 -2.55
CA SER A 132 7.58 14.14 -3.39
C SER A 132 6.97 14.08 -4.79
N THR A 133 6.97 15.21 -5.50
CA THR A 133 6.54 15.26 -6.89
C THR A 133 7.77 15.49 -7.79
N GLU A 134 8.66 16.31 -7.24
CA GLU A 134 9.88 16.79 -7.90
C GLU A 134 11.08 15.83 -7.82
N VAL A 135 11.03 14.85 -6.94
CA VAL A 135 12.08 13.85 -6.77
C VAL A 135 11.78 12.66 -7.68
N LEU A 136 10.63 12.74 -8.32
CA LEU A 136 10.15 11.70 -9.23
C LEU A 136 9.77 12.29 -10.58
N LEU A 1 13.66 17.36 -17.97
CA LEU A 1 13.84 17.43 -19.45
C LEU A 1 13.56 16.05 -20.04
N SER A 2 14.10 15.02 -19.41
CA SER A 2 13.86 13.66 -19.88
C SER A 2 12.41 13.26 -19.59
N ASP A 3 11.89 12.31 -20.36
CA ASP A 3 10.49 11.89 -20.19
C ASP A 3 10.28 11.22 -18.84
N ASP A 4 9.15 11.50 -18.22
CA ASP A 4 8.80 10.93 -16.93
C ASP A 4 8.29 9.51 -17.09
N SER A 5 8.48 8.72 -16.05
CA SER A 5 8.07 7.32 -16.05
C SER A 5 7.30 7.02 -14.77
N LYS A 6 6.40 6.04 -14.85
CA LYS A 6 5.51 5.76 -13.73
C LYS A 6 6.24 5.17 -12.51
N PHE A 7 5.89 5.73 -11.34
CA PHE A 7 6.48 5.30 -10.07
C PHE A 7 5.38 4.84 -9.10
N GLY A 8 5.60 3.69 -8.47
CA GLY A 8 4.61 3.13 -7.55
C GLY A 8 4.42 3.91 -6.30
N PHE A 9 3.19 3.85 -5.79
CA PHE A 9 2.88 4.52 -4.56
C PHE A 9 1.99 3.61 -3.75
N ILE A 10 2.34 3.27 -2.51
CA ILE A 10 1.43 2.42 -1.74
C ILE A 10 0.91 3.02 -0.43
N VAL A 11 -0.38 3.31 -0.44
CA VAL A 11 -1.02 3.85 0.75
C VAL A 11 -1.66 2.65 1.42
N ILE A 12 -1.21 2.33 2.64
CA ILE A 12 -1.70 1.11 3.32
C ILE A 12 -2.35 1.36 4.69
N ASP A 13 -3.54 0.81 4.87
CA ASP A 13 -4.25 0.89 6.15
C ASP A 13 -4.93 -0.46 6.47
N GLY A 14 -5.10 -0.75 7.74
CA GLY A 14 -5.65 -2.03 8.23
C GLY A 14 -7.09 -2.38 7.81
N SER A 15 -7.93 -1.39 7.68
CA SER A 15 -9.32 -1.55 7.32
C SER A 15 -9.53 -0.77 6.07
N GLY A 16 -8.77 -1.18 5.11
CA GLY A 16 -8.84 -0.63 3.76
C GLY A 16 -7.51 -0.07 3.32
N ALA A 17 -7.27 -0.04 2.01
CA ALA A 17 -6.02 0.48 1.47
C ALA A 17 -6.23 1.06 0.08
N LEU A 18 -5.42 2.06 -0.26
CA LEU A 18 -5.50 2.68 -1.59
C LEU A 18 -4.16 2.54 -2.31
N PHE A 19 -4.13 1.99 -3.55
CA PHE A 19 -2.83 1.87 -4.23
C PHE A 19 -2.74 2.75 -5.47
N GLY A 20 -1.85 3.74 -5.40
CA GLY A 20 -1.73 4.71 -6.47
C GLY A 20 -0.39 4.65 -7.16
N THR A 21 -0.24 5.55 -8.11
CA THR A 21 0.99 5.65 -8.87
C THR A 21 1.36 7.12 -9.13
N LEU A 22 2.65 7.38 -9.33
CA LEU A 22 3.11 8.74 -9.59
C LEU A 22 3.86 8.81 -10.92
N GLN A 23 3.40 9.69 -11.82
CA GLN A 23 4.09 9.87 -13.10
C GLN A 23 4.39 11.35 -13.33
N GLY A 24 5.64 11.69 -13.49
CA GLY A 24 6.01 13.08 -13.71
C GLY A 24 5.52 13.95 -12.56
N ASN A 25 4.91 15.08 -12.89
CA ASN A 25 4.41 16.00 -11.87
C ASN A 25 2.93 15.76 -11.58
N THR A 26 2.38 14.69 -12.14
CA THR A 26 0.95 14.39 -11.99
C THR A 26 0.74 13.02 -11.35
N ARG A 27 -0.48 12.81 -10.84
CA ARG A 27 -0.80 11.57 -10.13
C ARG A 27 -2.05 10.87 -10.65
N GLU A 28 -2.02 9.55 -10.53
CA GLU A 28 -3.11 8.71 -11.00
C GLU A 28 -3.49 7.65 -9.95
N VAL A 29 -4.69 7.13 -10.11
CA VAL A 29 -5.24 6.13 -9.21
C VAL A 29 -5.35 4.79 -9.93
N LEU A 30 -4.85 3.74 -9.30
CA LEU A 30 -4.93 2.41 -9.89
C LEU A 30 -6.04 1.59 -9.28
N HIS A 31 -6.14 1.61 -7.96
CA HIS A 31 -7.21 0.87 -7.28
C HIS A 31 -7.49 1.53 -5.95
N LYS A 32 -8.68 1.32 -5.38
CA LYS A 32 -8.97 1.87 -4.07
C LYS A 32 -9.76 0.76 -3.39
N PHE A 33 -9.66 0.59 -2.07
CA PHE A 33 -10.45 -0.49 -1.48
C PHE A 33 -10.72 -0.43 0.02
N THR A 34 -11.68 -1.27 0.36
CA THR A 34 -12.00 -1.55 1.75
C THR A 34 -11.96 -3.05 1.95
N VAL A 35 -11.22 -3.56 2.94
CA VAL A 35 -11.11 -5.01 3.12
C VAL A 35 -11.52 -5.49 4.51
N ASP A 36 -12.39 -6.50 4.56
CA ASP A 36 -12.82 -7.00 5.85
C ASP A 36 -11.81 -8.00 6.42
N LEU A 37 -11.27 -7.59 7.55
CA LEU A 37 -10.29 -8.32 8.33
C LEU A 37 -10.86 -9.73 8.72
N PRO A 38 -10.36 -10.48 9.74
CA PRO A 38 -10.74 -11.89 10.05
C PRO A 38 -12.04 -12.49 9.47
N LYS A 39 -12.03 -13.80 9.54
CA LYS A 39 -13.09 -14.66 9.02
C LYS A 39 -14.47 -14.56 9.67
N LYS A 40 -14.57 -14.50 11.00
CA LYS A 40 -15.90 -14.54 11.62
C LYS A 40 -16.61 -13.19 11.70
N HIS A 41 -17.75 -13.12 11.05
CA HIS A 41 -18.57 -11.91 11.06
C HIS A 41 -20.03 -12.29 10.84
N GLY A 42 -20.97 -11.41 11.18
CA GLY A 42 -22.37 -11.72 10.92
C GLY A 42 -22.96 -12.67 11.95
N ARG A 43 -22.35 -12.77 13.14
CA ARG A 43 -22.80 -13.66 14.23
C ARG A 43 -21.98 -14.96 14.26
N GLY A 44 -20.67 -14.77 14.21
CA GLY A 44 -19.74 -15.90 14.24
C GLY A 44 -19.42 -16.30 15.67
N GLY A 45 -18.55 -17.28 15.80
CA GLY A 45 -18.15 -17.81 17.11
C GLY A 45 -17.47 -16.71 17.93
N GLN A 46 -16.75 -15.86 17.24
CA GLN A 46 -16.03 -14.76 17.87
C GLN A 46 -17.00 -13.64 18.21
N SER A 47 -16.86 -13.06 19.40
CA SER A 47 -17.77 -12.01 19.82
C SER A 47 -17.65 -10.84 18.84
N ALA A 48 -18.73 -10.12 18.58
CA ALA A 48 -18.59 -9.02 17.64
C ALA A 48 -17.64 -7.95 18.19
N LEU A 49 -17.76 -7.67 19.49
CA LEU A 49 -16.85 -6.68 20.11
C LEU A 49 -15.40 -7.16 20.08
N ARG A 50 -15.23 -8.44 20.40
CA ARG A 50 -13.93 -9.08 20.45
C ARG A 50 -13.31 -9.24 19.09
N PHE A 51 -14.14 -9.25 18.05
CA PHE A 51 -13.60 -9.47 16.72
C PHE A 51 -12.62 -8.36 16.38
N ALA A 52 -13.01 -7.12 16.60
CA ALA A 52 -12.12 -6.02 16.23
C ALA A 52 -10.80 -6.05 17.02
N ARG A 53 -10.88 -6.36 18.30
CA ARG A 53 -9.67 -6.47 19.14
C ARG A 53 -8.79 -7.64 18.69
N LEU A 54 -9.46 -8.71 18.33
CA LEU A 54 -8.86 -9.99 17.93
C LEU A 54 -8.00 -9.91 16.65
N ARG A 55 -8.45 -9.15 15.67
CA ARG A 55 -7.71 -9.09 14.40
C ARG A 55 -6.28 -8.55 14.56
N MET A 56 -6.11 -7.54 15.36
CA MET A 56 -4.83 -6.82 15.39
C MET A 56 -3.64 -7.80 15.14
N GLU A 57 -3.67 -9.04 15.65
CA GLU A 57 -2.59 -10.01 15.30
C GLU A 57 -2.66 -10.37 13.80
N LYS A 58 -3.89 -10.50 13.33
CA LYS A 58 -4.28 -10.79 11.94
C LYS A 58 -3.92 -9.66 10.99
N ARG A 59 -3.46 -8.53 11.51
CA ARG A 59 -3.13 -7.38 10.68
C ARG A 59 -2.02 -7.77 9.70
N HIS A 60 -1.05 -8.52 10.17
CA HIS A 60 0.04 -8.97 9.33
C HIS A 60 -0.48 -9.79 8.15
N ASN A 61 -1.47 -10.66 8.39
CA ASN A 61 -2.03 -11.45 7.27
C ASN A 61 -2.67 -10.47 6.29
N TYR A 62 -3.32 -9.51 6.87
CA TYR A 62 -4.00 -8.49 6.07
C TYR A 62 -2.95 -7.79 5.20
N VAL A 63 -1.82 -7.40 5.81
CA VAL A 63 -0.74 -6.71 5.09
C VAL A 63 -0.21 -7.61 3.96
N ARG A 64 -0.02 -8.89 4.22
CA ARG A 64 0.49 -9.80 3.18
C ARG A 64 -0.51 -9.81 2.03
N LYS A 65 -1.79 -9.87 2.38
CA LYS A 65 -2.84 -9.93 1.38
C LYS A 65 -2.71 -8.69 0.50
N VAL A 66 -2.48 -7.55 1.12
CA VAL A 66 -2.26 -6.31 0.41
C VAL A 66 -1.00 -6.42 -0.45
N ALA A 67 0.06 -6.99 0.10
CA ALA A 67 1.33 -7.12 -0.62
C ALA A 67 1.12 -8.01 -1.84
N GLU A 68 0.29 -9.02 -1.70
CA GLU A 68 0.00 -9.93 -2.79
C GLU A 68 -0.70 -9.14 -3.90
N THR A 69 -1.56 -8.21 -3.50
CA THR A 69 -2.28 -7.37 -4.46
C THR A 69 -1.29 -6.48 -5.21
N ALA A 70 -0.24 -5.99 -4.54
CA ALA A 70 0.69 -5.07 -5.21
C ALA A 70 1.35 -5.76 -6.41
N VAL A 71 1.72 -7.02 -6.26
CA VAL A 71 2.39 -7.74 -7.33
C VAL A 71 1.52 -7.85 -8.57
N GLN A 72 0.25 -8.17 -8.38
CA GLN A 72 -0.66 -8.25 -9.51
C GLN A 72 -0.81 -6.87 -10.13
N LEU A 73 -0.91 -5.88 -9.25
CA LEU A 73 -1.01 -4.48 -9.69
C LEU A 73 0.25 -4.01 -10.41
N PHE A 74 1.42 -4.39 -9.89
CA PHE A 74 2.70 -3.89 -10.41
C PHE A 74 3.48 -4.88 -11.28
N ILE A 75 3.03 -6.09 -11.33
CA ILE A 75 3.67 -7.11 -12.17
C ILE A 75 2.62 -7.80 -13.04
N SER A 76 2.98 -8.09 -14.29
CA SER A 76 2.10 -8.84 -15.17
C SER A 76 2.91 -9.79 -15.98
N GLY A 77 2.42 -11.00 -16.19
CA GLY A 77 3.17 -11.95 -16.99
C GLY A 77 4.62 -12.00 -16.51
N ASP A 78 5.37 -11.05 -17.05
CA ASP A 78 6.79 -10.87 -16.74
C ASP A 78 7.13 -9.38 -16.83
N LYS A 79 6.05 -8.61 -16.87
CA LYS A 79 6.06 -7.16 -16.92
C LYS A 79 6.24 -6.61 -15.53
N VAL A 80 6.75 -5.39 -15.44
CA VAL A 80 6.74 -4.64 -14.19
C VAL A 80 6.04 -3.34 -14.54
N ASN A 81 5.05 -2.92 -13.79
CA ASN A 81 4.32 -1.70 -14.15
C ASN A 81 4.83 -0.44 -13.47
N VAL A 82 5.98 -0.54 -12.78
CA VAL A 82 6.53 0.62 -12.07
C VAL A 82 7.98 0.93 -12.42
N ALA A 83 8.22 2.22 -12.58
CA ALA A 83 9.57 2.71 -12.83
C ALA A 83 10.39 2.64 -11.54
N GLY A 84 9.72 2.44 -10.40
CA GLY A 84 10.38 2.33 -9.09
C GLY A 84 9.25 2.25 -8.06
N LEU A 85 9.52 2.08 -6.77
CA LEU A 85 8.39 2.01 -5.80
C LEU A 85 8.53 2.96 -4.60
N VAL A 86 7.39 3.54 -4.21
CA VAL A 86 7.31 4.42 -3.05
C VAL A 86 6.29 3.82 -2.06
N LEU A 87 6.65 3.65 -0.78
CA LEU A 87 5.74 3.04 0.19
C LEU A 87 5.18 4.07 1.17
N ALA A 88 3.85 4.12 1.35
CA ALA A 88 3.28 5.06 2.31
C ALA A 88 2.27 4.38 3.24
N GLY A 89 2.35 4.70 4.53
CA GLY A 89 1.46 4.08 5.52
C GLY A 89 1.42 4.75 6.86
N SER A 90 0.42 4.37 7.66
CA SER A 90 0.24 4.90 9.01
C SER A 90 1.26 4.30 9.99
N ALA A 91 1.49 4.96 11.11
CA ALA A 91 2.43 4.45 12.11
C ALA A 91 3.71 3.92 11.48
N ASP A 92 4.15 4.57 10.41
CA ASP A 92 5.35 4.14 9.71
C ASP A 92 5.22 2.72 9.14
N PHE A 93 4.03 2.42 8.65
CA PHE A 93 3.73 1.10 8.11
C PHE A 93 4.66 0.81 6.94
N LYS A 94 4.86 1.79 6.08
CA LYS A 94 5.67 1.62 4.86
C LYS A 94 7.04 1.05 5.27
N THR A 95 7.56 1.67 6.26
CA THR A 95 8.88 1.31 6.76
C THR A 95 8.77 -0.18 7.14
N GLU A 96 7.69 -0.51 7.82
CA GLU A 96 7.36 -1.91 8.17
C GLU A 96 7.01 -2.75 6.94
N LEU A 97 6.40 -2.13 5.94
CA LEU A 97 5.95 -2.85 4.75
C LEU A 97 7.13 -3.46 4.05
N SER A 98 8.26 -2.74 3.94
CA SER A 98 9.43 -3.32 3.26
C SER A 98 9.53 -4.75 3.74
N GLN A 99 10.33 -5.05 4.77
CA GLN A 99 10.37 -6.45 5.25
C GLN A 99 10.16 -7.46 4.12
N SER A 100 11.24 -7.99 3.60
CA SER A 100 11.13 -8.90 2.47
C SER A 100 10.36 -10.20 2.76
N ASP A 101 10.25 -10.60 4.03
CA ASP A 101 9.53 -11.85 4.29
C ASP A 101 8.04 -11.76 3.90
N MET A 102 7.42 -10.58 4.15
CA MET A 102 6.01 -10.41 3.75
C MET A 102 5.90 -9.81 2.36
N PHE A 103 6.66 -8.74 2.13
CA PHE A 103 6.64 -8.03 0.86
C PHE A 103 7.36 -8.88 -0.17
N ASP A 104 7.20 -8.53 -1.42
CA ASP A 104 7.76 -9.34 -2.49
C ASP A 104 9.23 -9.14 -2.65
N GLN A 105 9.87 -10.16 -3.16
CA GLN A 105 11.27 -10.08 -3.43
C GLN A 105 11.48 -9.04 -4.54
N ARG A 106 10.61 -9.08 -5.56
CA ARG A 106 10.69 -8.17 -6.70
C ARG A 106 10.46 -6.69 -6.41
N LEU A 107 9.46 -6.30 -5.59
CA LEU A 107 9.19 -4.91 -5.22
C LEU A 107 10.27 -4.32 -4.35
N GLN A 108 10.78 -5.20 -3.53
CA GLN A 108 11.80 -4.83 -2.56
C GLN A 108 13.03 -4.34 -3.29
N SER A 109 13.27 -4.89 -4.47
CA SER A 109 14.41 -4.51 -5.32
C SER A 109 14.15 -3.18 -6.05
N LYS A 110 12.93 -2.67 -5.91
CA LYS A 110 12.48 -1.41 -6.52
C LYS A 110 12.29 -0.36 -5.43
N VAL A 111 12.94 -0.58 -4.29
CA VAL A 111 12.70 0.32 -3.15
C VAL A 111 13.41 1.68 -3.31
N LEU A 112 12.53 2.64 -3.58
CA LEU A 112 12.90 4.11 -3.78
C LEU A 112 12.71 5.14 -2.60
N LYS A 113 11.48 5.23 -2.05
CA LYS A 113 11.17 6.17 -0.96
C LYS A 113 10.05 5.69 -0.06
N LEU A 114 10.04 6.17 1.18
CA LEU A 114 8.96 5.85 2.11
C LEU A 114 8.46 7.19 2.72
N VAL A 115 7.15 7.48 2.71
CA VAL A 115 6.65 8.73 3.29
C VAL A 115 5.37 8.45 4.09
N ASP A 116 5.01 9.29 5.07
CA ASP A 116 3.79 9.10 5.85
C ASP A 116 2.62 9.62 5.01
N ILE A 117 1.37 9.56 5.48
CA ILE A 117 0.23 10.08 4.73
C ILE A 117 -0.50 11.06 5.66
N SER A 118 -1.02 12.20 5.16
CA SER A 118 -1.67 13.08 6.13
C SER A 118 -2.80 12.29 6.77
N TYR A 119 -3.58 11.60 5.95
CA TYR A 119 -4.62 10.71 6.44
C TYR A 119 -4.93 9.68 5.37
N GLY A 120 -5.46 8.52 5.76
CA GLY A 120 -5.91 7.50 4.81
C GLY A 120 -5.30 7.59 3.43
N GLY A 121 -6.18 7.53 2.46
CA GLY A 121 -5.76 7.44 1.09
C GLY A 121 -5.71 8.71 0.26
N GLU A 122 -6.83 9.14 -0.33
CA GLU A 122 -6.68 10.21 -1.30
C GLU A 122 -6.08 11.52 -0.77
N ASN A 123 -6.55 12.10 0.32
CA ASN A 123 -5.94 13.37 0.70
C ASN A 123 -4.47 13.20 1.10
N GLY A 124 -4.15 12.11 1.82
CA GLY A 124 -2.75 11.86 2.20
C GLY A 124 -1.93 11.57 0.97
N PHE A 125 -2.55 10.81 0.11
CA PHE A 125 -1.91 10.36 -1.10
C PHE A 125 -1.53 11.54 -1.95
N ASN A 126 -2.41 12.50 -2.13
CA ASN A 126 -2.07 13.67 -2.92
C ASN A 126 -0.95 14.48 -2.27
N GLN A 127 -0.98 14.64 -0.94
CA GLN A 127 0.05 15.42 -0.23
C GLN A 127 1.41 14.77 -0.32
N ALA A 128 1.45 13.46 -0.23
CA ALA A 128 2.71 12.75 -0.28
C ALA A 128 3.35 12.98 -1.62
N ILE A 129 2.53 13.02 -2.66
CA ILE A 129 3.03 13.27 -4.00
C ILE A 129 3.60 14.68 -4.06
N GLU A 130 2.85 15.62 -3.48
CA GLU A 130 3.33 17.00 -3.54
C GLU A 130 4.66 17.00 -2.79
N LEU A 131 4.67 16.39 -1.62
CA LEU A 131 5.89 16.37 -0.82
C LEU A 131 6.98 15.61 -1.60
N SER A 132 6.59 14.50 -2.22
CA SER A 132 7.52 13.68 -3.02
C SER A 132 8.08 14.50 -4.19
N THR A 133 7.19 15.29 -4.76
CA THR A 133 7.40 16.05 -6.00
C THR A 133 8.54 16.99 -5.83
N GLU A 134 8.61 17.62 -4.71
CA GLU A 134 9.74 18.47 -4.50
C GLU A 134 10.91 17.50 -4.54
N VAL A 135 10.70 16.33 -3.94
CA VAL A 135 11.69 15.24 -3.84
C VAL A 135 11.77 14.39 -5.10
N LEU A 136 10.98 14.71 -6.11
CA LEU A 136 11.01 13.97 -7.36
C LEU A 136 10.97 14.90 -8.56
#